data_9ETU
#
_entry.id   9ETU
#
_cell.length_a   1.00
_cell.length_b   1.00
_cell.length_c   1.00
_cell.angle_alpha   90.00
_cell.angle_beta   90.00
_cell.angle_gamma   90.00
#
_symmetry.space_group_name_H-M   'P 1'
#
loop_
_entity.id
_entity.type
_entity.pdbx_description
1 polymer Archaellin
2 branched '3-O-sulfo-alpha-L-idopyranuronic acid-(1-4)-beta-D-glucopyranuronic acid-(1-4)-beta-D-glucopyranose'
#
_entity_poly.entity_id   1
_entity_poly.type   'polypeptide(L)'
_entity_poly.pdbx_seq_one_letter_code
;MFEFITDEDERGQVGIGTLIVFIAMVLVAAIAAGVLINTAGYLQSKGSATGEEASAQVSNRINIVSAYGNV(UNK)
(UNK)(UNK)(UNK)VDYVNLTVRQAAGADNINL(UNK)KSTIQWIGPD(UNK)ATTLTY(UNK)(UNK)(UNK)(UNK)
(UNK)(UNK)(UNK)(UNK)(UNK)ENFTT(UNK)SIKG(UNK)(UNK)(UNK)(UNK)VLVDQSDRIKVIMYA(UNK)
(UNK)V(UNK)(UNK)(UNK)L(UNK)(UNK)G(UNK)EVQLTVTTQYGSKTTYWAQVPESLKDKNAV(UNK)L
;
_entity_poly.pdbx_strand_id   A,B,C,D,E,F,G,H,I,J,K,L,M,N,O,P,Q,R,S,T,U,V,W,X,Y
#
# COMPACT_ATOMS: atom_id res chain seq x y z
N GLN A 13 2.56 10.82 1.43
CA GLN A 13 2.09 10.31 0.15
C GLN A 13 1.64 8.86 0.28
N VAL A 14 2.38 8.09 1.09
CA VAL A 14 1.98 6.71 1.36
C VAL A 14 0.69 6.69 2.16
N GLY A 15 0.54 7.63 3.09
CA GLY A 15 -0.71 7.74 3.83
C GLY A 15 -1.89 8.05 2.93
N ILE A 16 -1.65 8.86 1.90
CA ILE A 16 -2.71 9.20 0.95
C ILE A 16 -3.18 7.95 0.22
N GLY A 17 -2.24 7.10 -0.20
CA GLY A 17 -2.60 5.88 -0.90
C GLY A 17 -3.41 4.94 -0.05
N THR A 18 -3.06 4.81 1.23
CA THR A 18 -3.77 3.90 2.11
C THR A 18 -5.23 4.32 2.30
N LEU A 19 -5.46 5.63 2.45
CA LEU A 19 -6.81 6.11 2.73
C LEU A 19 -7.76 5.80 1.59
N ILE A 20 -7.33 6.02 0.35
CA ILE A 20 -8.17 5.73 -0.80
C ILE A 20 -8.44 4.23 -0.91
N VAL A 21 -7.40 3.42 -0.70
CA VAL A 21 -7.57 1.97 -0.72
C VAL A 21 -8.44 1.52 0.44
N PHE A 22 -8.31 2.16 1.60
CA PHE A 22 -9.15 1.80 2.74
C PHE A 22 -10.62 2.02 2.44
N ILE A 23 -10.95 3.11 1.74
CA ILE A 23 -12.33 3.33 1.32
C ILE A 23 -12.77 2.22 0.37
N ALA A 24 -11.90 1.83 -0.56
CA ALA A 24 -12.24 0.76 -1.49
C ALA A 24 -12.45 -0.55 -0.77
N MET A 25 -11.61 -0.85 0.23
CA MET A 25 -11.72 -2.11 0.95
C MET A 25 -13.03 -2.19 1.73
N VAL A 26 -13.51 -1.04 2.23
CA VAL A 26 -14.77 -1.03 2.97
C VAL A 26 -15.94 -1.27 2.02
N LEU A 27 -15.90 -0.64 0.85
CA LEU A 27 -17.01 -0.74 -0.09
C LEU A 27 -17.17 -2.17 -0.61
N VAL A 28 -16.06 -2.82 -0.97
CA VAL A 28 -16.15 -4.20 -1.46
C VAL A 28 -16.64 -5.13 -0.35
N ALA A 29 -16.22 -4.86 0.89
CA ALA A 29 -16.72 -5.64 2.01
C ALA A 29 -18.21 -5.42 2.21
N ALA A 30 -18.68 -4.18 2.00
CA ALA A 30 -20.11 -3.91 2.08
C ALA A 30 -20.87 -4.63 0.98
N ILE A 31 -20.29 -4.69 -0.22
CA ILE A 31 -20.91 -5.45 -1.32
C ILE A 31 -20.96 -6.93 -0.96
N ALA A 32 -19.89 -7.46 -0.39
CA ALA A 32 -19.85 -8.87 -0.03
C ALA A 32 -20.93 -9.20 1.01
N ALA A 33 -21.07 -8.34 2.02
CA ALA A 33 -22.11 -8.57 3.03
C ALA A 33 -23.50 -8.43 2.43
N GLY A 34 -23.64 -7.57 1.42
CA GLY A 34 -24.92 -7.36 0.78
C GLY A 34 -25.47 -8.57 0.07
N VAL A 35 -24.63 -9.25 -0.72
CA VAL A 35 -25.09 -10.38 -1.49
C VAL A 35 -25.41 -11.56 -0.58
N LEU A 36 -24.65 -11.72 0.50
CA LEU A 36 -24.88 -12.83 1.42
C LEU A 36 -26.24 -12.71 2.11
N ILE A 37 -26.54 -11.52 2.65
CA ILE A 37 -27.79 -11.34 3.38
C ILE A 37 -28.98 -11.37 2.43
N ASN A 38 -28.87 -10.69 1.28
CA ASN A 38 -29.98 -10.63 0.34
C ASN A 38 -30.34 -12.01 -0.20
N THR A 39 -29.32 -12.82 -0.54
CA THR A 39 -29.57 -14.19 -0.97
C THR A 39 -30.19 -15.01 0.14
N ALA A 40 -29.71 -14.80 1.38
CA ALA A 40 -30.30 -15.48 2.52
C ALA A 40 -31.74 -15.03 2.75
N GLY A 41 -32.05 -13.79 2.40
CA GLY A 41 -33.42 -13.32 2.51
C GLY A 41 -34.36 -14.06 1.57
N TYR A 42 -33.91 -14.30 0.34
CA TYR A 42 -34.71 -15.06 -0.61
C TYR A 42 -34.91 -16.49 -0.13
N LEU A 43 -33.82 -17.16 0.24
CA LEU A 43 -33.90 -18.58 0.60
C LEU A 43 -34.80 -18.80 1.81
N GLN A 44 -34.76 -17.89 2.78
CA GLN A 44 -35.64 -18.02 3.93
C GLN A 44 -37.10 -17.94 3.52
N SER A 45 -37.43 -17.02 2.61
CA SER A 45 -38.79 -16.93 2.11
C SER A 45 -39.20 -18.20 1.37
N LYS A 46 -38.30 -18.72 0.53
CA LYS A 46 -38.58 -19.98 -0.15
C LYS A 46 -38.66 -21.13 0.84
N GLY A 47 -37.76 -21.14 1.83
CA GLY A 47 -37.79 -22.21 2.82
C GLY A 47 -39.06 -22.19 3.66
N SER A 48 -39.50 -20.99 4.05
CA SER A 48 -40.72 -20.87 4.85
C SER A 48 -41.93 -21.35 4.07
N ALA A 49 -42.04 -20.94 2.81
CA ALA A 49 -43.19 -21.33 1.99
C ALA A 49 -43.22 -22.84 1.77
N THR A 50 -42.06 -23.43 1.53
CA THR A 50 -41.99 -24.88 1.29
C THR A 50 -42.40 -25.65 2.55
N GLY A 51 -42.00 -25.18 3.72
CA GLY A 51 -42.32 -25.88 4.95
C GLY A 51 -43.82 -25.97 5.19
N GLU A 52 -44.53 -24.86 5.00
CA GLU A 52 -45.97 -24.88 5.17
C GLU A 52 -46.65 -25.65 4.05
N GLU A 53 -46.17 -25.49 2.82
CA GLU A 53 -46.79 -26.16 1.69
C GLU A 53 -46.61 -27.67 1.77
N ALA A 54 -45.41 -28.13 2.14
CA ALA A 54 -45.17 -29.57 2.26
C ALA A 54 -46.02 -30.17 3.37
N SER A 55 -46.13 -29.47 4.51
CA SER A 55 -46.97 -29.95 5.58
C SER A 55 -48.44 -29.95 5.18
N ALA A 56 -48.84 -29.01 4.32
CA ALA A 56 -50.21 -28.97 3.85
C ALA A 56 -50.55 -30.21 3.02
N GLN A 57 -49.61 -30.65 2.17
CA GLN A 57 -49.87 -31.80 1.31
C GLN A 57 -50.11 -33.06 2.13
N VAL A 58 -49.34 -33.25 3.20
CA VAL A 58 -49.48 -34.44 4.03
C VAL A 58 -50.77 -34.39 4.84
N SER A 59 -51.12 -33.22 5.38
CA SER A 59 -52.21 -33.10 6.35
C SER A 59 -53.55 -32.82 5.72
N ASN A 60 -53.62 -31.91 4.75
CA ASN A 60 -54.89 -31.51 4.16
C ASN A 60 -55.43 -32.60 3.25
N ARG A 61 -56.19 -33.54 3.83
CA ARG A 61 -56.68 -34.71 3.14
C ARG A 61 -58.16 -34.87 3.43
N ILE A 62 -58.86 -35.63 2.59
CA ILE A 62 -60.30 -35.83 2.70
C ILE A 62 -60.56 -37.30 3.01
N ASN A 63 -61.39 -37.56 4.01
CA ASN A 63 -61.89 -38.91 4.27
C ASN A 63 -63.34 -39.03 3.83
N ILE A 64 -63.66 -40.18 3.22
CA ILE A 64 -65.01 -40.43 2.70
C ILE A 64 -65.74 -41.25 3.75
N VAL A 65 -66.79 -40.68 4.33
CA VAL A 65 -67.54 -41.37 5.38
C VAL A 65 -68.27 -42.59 4.82
N SER A 66 -69.00 -42.39 3.72
CA SER A 66 -69.80 -43.46 3.14
C SER A 66 -70.16 -43.08 1.71
N ALA A 67 -70.65 -44.07 0.97
CA ALA A 67 -71.10 -43.88 -0.40
C ALA A 67 -72.43 -44.58 -0.59
N TYR A 68 -73.40 -43.85 -1.12
CA TYR A 68 -74.73 -44.39 -1.40
C TYR A 68 -75.26 -43.77 -2.69
N GLY A 69 -76.22 -44.46 -3.31
CA GLY A 69 -76.73 -44.01 -4.58
C GLY A 69 -78.19 -44.34 -4.84
N ASN A 70 -78.91 -43.40 -5.44
CA ASN A 70 -80.29 -43.62 -5.84
C ASN A 70 -80.34 -44.62 -6.99
N VAL A 71 -81.43 -45.38 -7.04
CA VAL A 71 -81.61 -46.38 -8.09
C VAL A 71 -82.86 -46.08 -8.91
N UNK A 72 -82.67 -45.94 -10.22
CA UNK A 72 -83.77 -45.70 -11.14
C UNK A 72 -84.04 -46.95 -11.96
N UNK A 73 -85.28 -47.44 -11.91
CA UNK A 73 -85.67 -48.66 -12.61
C UNK A 73 -84.83 -49.85 -12.17
N UNK A 74 -83.65 -49.99 -12.78
CA UNK A 74 -82.74 -51.08 -12.44
C UNK A 74 -81.29 -50.66 -12.59
N UNK A 75 -81.07 -49.38 -12.90
CA UNK A 75 -79.72 -48.85 -13.06
C UNK A 75 -79.44 -47.76 -12.03
N VAL A 76 -78.26 -47.80 -11.44
CA VAL A 76 -77.86 -46.80 -10.46
C VAL A 76 -77.70 -45.46 -11.17
N ASP A 77 -78.59 -44.52 -10.88
CA ASP A 77 -78.60 -43.24 -11.56
C ASP A 77 -77.66 -42.22 -10.92
N TYR A 78 -77.56 -42.22 -9.60
CA TYR A 78 -76.73 -41.27 -8.87
C TYR A 78 -75.76 -42.00 -7.97
N VAL A 79 -74.60 -41.40 -7.75
CA VAL A 79 -73.63 -41.86 -6.76
C VAL A 79 -73.27 -40.66 -5.88
N ASN A 80 -73.44 -40.83 -4.57
CA ASN A 80 -73.24 -39.75 -3.62
C ASN A 80 -72.14 -40.12 -2.63
N LEU A 81 -71.22 -39.19 -2.41
CA LEU A 81 -70.14 -39.35 -1.43
C LEU A 81 -70.34 -38.35 -0.31
N THR A 82 -70.18 -38.82 0.93
CA THR A 82 -70.24 -37.94 2.10
C THR A 82 -68.82 -37.82 2.65
N VAL A 83 -68.15 -36.73 2.29
CA VAL A 83 -66.75 -36.54 2.65
C VAL A 83 -66.66 -35.81 3.99
N ARG A 84 -65.50 -35.93 4.63
CA ARG A 84 -65.24 -35.26 5.90
C ARG A 84 -63.80 -34.78 5.94
N GLN A 85 -63.55 -33.77 6.76
CA GLN A 85 -62.20 -33.26 6.95
C GLN A 85 -61.37 -34.29 7.71
N ALA A 86 -60.11 -34.45 7.34
CA ALA A 86 -59.25 -35.46 7.94
C ALA A 86 -58.80 -35.01 9.34
N ALA A 87 -57.93 -35.83 9.94
CA ALA A 87 -57.40 -35.52 11.26
C ALA A 87 -56.30 -34.47 11.15
N GLY A 88 -56.55 -33.29 11.70
CA GLY A 88 -55.59 -32.21 11.67
C GLY A 88 -55.56 -31.40 10.39
N ALA A 89 -56.39 -31.74 9.40
CA ALA A 89 -56.41 -31.00 8.16
C ALA A 89 -56.99 -29.61 8.36
N ASP A 90 -56.51 -28.66 7.56
CA ASP A 90 -57.03 -27.30 7.59
C ASP A 90 -58.23 -27.17 6.66
N ASN A 91 -58.62 -25.93 6.35
CA ASN A 91 -59.75 -25.68 5.46
C ASN A 91 -59.55 -26.40 4.13
N ILE A 92 -60.47 -27.30 3.80
CA ILE A 92 -60.44 -28.06 2.56
C ILE A 92 -61.51 -27.48 1.64
N ASN A 93 -61.09 -26.73 0.63
CA ASN A 93 -62.01 -26.15 -0.34
C ASN A 93 -62.31 -27.20 -1.40
N LEU A 94 -63.52 -27.75 -1.38
CA LEU A 94 -63.92 -28.79 -2.32
C LEU A 94 -64.14 -28.24 -3.73
N UNK A 95 -64.27 -26.92 -3.83
CA UNK A 95 -64.52 -26.29 -5.12
C UNK A 95 -63.27 -26.24 -5.98
N LYS A 96 -62.12 -26.55 -5.37
CA LYS A 96 -60.85 -26.51 -6.09
C LYS A 96 -60.30 -27.91 -6.30
N SER A 97 -60.86 -28.88 -5.57
CA SER A 97 -60.43 -30.26 -5.69
C SER A 97 -60.92 -30.87 -7.00
N THR A 98 -60.32 -32.00 -7.36
CA THR A 98 -60.67 -32.71 -8.58
C THR A 98 -60.85 -34.19 -8.27
N ILE A 99 -61.77 -34.82 -8.99
CA ILE A 99 -62.10 -36.22 -8.79
C ILE A 99 -61.84 -36.97 -10.09
N GLN A 100 -61.13 -38.09 -9.99
CA GLN A 100 -60.82 -38.91 -11.15
C GLN A 100 -61.69 -40.15 -11.14
N TRP A 101 -62.39 -40.38 -12.25
CA TRP A 101 -63.41 -41.43 -12.35
C TRP A 101 -62.92 -42.47 -13.36
N ILE A 102 -62.40 -43.58 -12.85
CA ILE A 102 -62.08 -44.73 -13.70
C ILE A 102 -63.21 -45.74 -13.54
N GLY A 103 -64.21 -45.66 -14.41
CA GLY A 103 -65.35 -46.55 -14.34
C GLY A 103 -65.20 -47.74 -15.27
N PRO A 104 -66.29 -48.50 -15.43
CA PRO A 104 -66.25 -49.63 -16.37
C PRO A 104 -65.97 -49.21 -17.80
N ASP A 105 -66.43 -48.04 -18.21
CA ASP A 105 -66.22 -47.55 -19.56
C ASP A 105 -65.20 -46.42 -19.61
N UNK A 106 -65.65 -45.20 -19.37
CA UNK A 106 -64.80 -44.03 -19.47
C UNK A 106 -63.82 -43.92 -18.29
N ALA A 107 -62.75 -43.15 -18.52
CA ALA A 107 -61.76 -42.87 -17.47
C ALA A 107 -61.42 -41.39 -17.48
N THR A 108 -62.31 -40.58 -16.90
CA THR A 108 -62.25 -39.14 -16.97
C THR A 108 -61.68 -38.54 -15.70
N THR A 109 -61.68 -37.21 -15.62
CA THR A 109 -61.23 -36.45 -14.46
C THR A 109 -62.30 -35.40 -14.16
N LEU A 110 -63.25 -35.75 -13.30
CA LEU A 110 -64.35 -34.86 -12.96
C LEU A 110 -63.86 -33.63 -12.20
N THR A 111 -64.26 -32.45 -12.65
CA THR A 111 -63.92 -31.21 -11.96
C THR A 111 -65.17 -30.59 -11.34
N TYR A 112 -64.99 -29.48 -10.63
CA TYR A 112 -66.07 -28.87 -9.88
C TYR A 112 -67.01 -28.03 -10.75
N UNK A 113 -68.26 -27.92 -10.32
CA UNK A 113 -69.23 -27.05 -10.98
C UNK A 113 -70.32 -26.63 -9.99
N UNK A 114 -71.43 -26.11 -10.52
CA UNK A 114 -72.53 -25.67 -9.68
C UNK A 114 -73.88 -26.10 -10.27
N UNK A 115 -74.74 -26.63 -9.41
CA UNK A 115 -76.08 -27.08 -9.80
C UNK A 115 -76.01 -28.10 -10.93
N UNK A 119 -76.35 -31.65 -11.70
CA UNK A 119 -75.08 -32.30 -11.44
C UNK A 119 -74.15 -32.18 -12.65
N UNK A 120 -74.47 -31.24 -13.54
CA UNK A 120 -73.70 -31.00 -14.75
C UNK A 120 -73.54 -32.28 -15.59
N UNK A 121 -72.49 -32.31 -16.41
CA UNK A 121 -72.26 -33.44 -17.30
C UNK A 121 -70.97 -34.15 -16.95
N GLU A 122 -69.86 -33.45 -17.16
CA GLU A 122 -68.54 -34.01 -16.94
C GLU A 122 -67.96 -33.42 -15.66
N ASN A 123 -68.84 -32.89 -14.82
CA ASN A 123 -68.43 -32.21 -13.60
C ASN A 123 -69.18 -32.80 -12.42
N PHE A 124 -68.80 -32.38 -11.22
CA PHE A 124 -69.44 -32.82 -9.99
C PHE A 124 -69.89 -31.62 -9.17
N THR A 125 -70.84 -31.88 -8.26
CA THR A 125 -71.48 -30.84 -7.46
C THR A 125 -71.35 -31.18 -5.99
N THR A 126 -71.46 -30.16 -5.14
CA THR A 126 -71.40 -30.36 -3.70
C THR A 126 -72.57 -29.67 -2.98
N UNK A 127 -73.30 -30.46 -2.21
CA UNK A 127 -74.40 -29.93 -1.39
C UNK A 127 -74.18 -30.34 0.06
N SER A 128 -74.12 -29.35 0.94
CA SER A 128 -73.81 -29.58 2.35
C SER A 128 -74.87 -30.43 3.05
N ILE A 129 -74.44 -31.23 4.00
CA ILE A 129 -75.34 -32.03 4.83
C ILE A 129 -75.23 -31.64 6.29
N LYS A 130 -74.16 -30.95 6.66
CA LYS A 130 -73.97 -30.42 8.01
C LYS A 130 -72.88 -29.35 7.98
N GLY A 131 -73.14 -28.25 8.65
CA GLY A 131 -72.17 -27.17 8.72
C GLY A 131 -72.69 -25.84 8.17
N UNK A 132 -71.81 -24.84 8.14
CA UNK A 132 -72.17 -23.51 7.66
C UNK A 132 -72.03 -23.41 6.14
N UNK A 133 -70.80 -23.50 5.66
CA UNK A 133 -70.51 -23.39 4.24
C UNK A 133 -70.83 -24.70 3.51
N UNK A 134 -71.08 -24.61 2.20
CA UNK A 134 -71.45 -25.77 1.41
C UNK A 134 -70.44 -26.04 0.30
N UNK A 135 -69.19 -25.64 0.53
CA UNK A 135 -68.15 -25.83 -0.48
C UNK A 135 -66.76 -25.87 0.14
N VAL A 136 -66.70 -25.91 1.47
CA VAL A 136 -65.42 -25.96 2.16
C VAL A 136 -65.60 -26.51 3.58
N LEU A 137 -64.72 -27.43 3.96
CA LEU A 137 -64.76 -28.04 5.30
C LEU A 137 -63.92 -27.19 6.24
N VAL A 138 -64.56 -26.62 7.27
CA VAL A 138 -63.88 -25.77 8.23
C VAL A 138 -63.56 -26.50 9.52
N ASP A 139 -64.49 -27.29 10.03
CA ASP A 139 -64.36 -27.98 11.30
C ASP A 139 -64.58 -29.47 11.08
N GLN A 140 -64.08 -30.28 12.02
CA GLN A 140 -64.21 -31.73 11.89
C GLN A 140 -65.66 -32.18 11.82
N SER A 141 -66.59 -31.36 12.31
CA SER A 141 -67.99 -31.78 12.39
C SER A 141 -68.69 -31.71 11.02
N ASP A 142 -68.30 -30.75 10.18
CA ASP A 142 -69.02 -30.53 8.93
C ASP A 142 -68.84 -31.70 7.97
N ARG A 143 -69.92 -32.05 7.28
CA ARG A 143 -69.92 -33.10 6.25
C ARG A 143 -70.59 -32.52 5.02
N ILE A 144 -69.91 -32.61 3.87
CA ILE A 144 -70.43 -32.14 2.60
C ILE A 144 -70.60 -33.32 1.66
N LYS A 145 -71.74 -33.38 0.98
CA LYS A 145 -72.08 -34.48 0.09
C LYS A 145 -71.60 -34.16 -1.32
N VAL A 146 -70.69 -34.97 -1.84
CA VAL A 146 -70.19 -34.81 -3.20
C VAL A 146 -71.20 -35.44 -4.16
N ILE A 147 -71.63 -34.67 -5.16
CA ILE A 147 -72.68 -35.08 -6.08
C ILE A 147 -72.05 -35.28 -7.45
N MET A 148 -72.21 -36.47 -8.01
CA MET A 148 -71.72 -36.80 -9.34
C MET A 148 -72.78 -37.59 -10.08
N TYR A 149 -73.10 -37.18 -11.31
CA TYR A 149 -74.13 -37.81 -12.11
C TYR A 149 -73.53 -38.98 -12.88
N ALA A 150 -74.12 -40.16 -12.71
CA ALA A 150 -73.59 -41.37 -13.32
C ALA A 150 -73.91 -41.43 -14.82
N UNK A 151 -75.14 -41.06 -15.18
CA UNK A 151 -75.57 -41.12 -16.57
C UNK A 151 -75.06 -39.93 -17.37
N UNK A 152 -74.26 -39.08 -16.74
CA UNK A 152 -73.71 -37.91 -17.40
C UNK A 152 -72.21 -38.09 -17.67
N VAL A 153 -71.63 -39.10 -17.04
CA VAL A 153 -70.21 -39.39 -17.23
C VAL A 153 -70.03 -40.75 -17.90
N UNK A 154 -71.09 -41.55 -17.89
CA UNK A 154 -71.06 -42.86 -18.51
C UNK A 154 -72.49 -43.35 -18.80
N UNK A 155 -72.60 -44.52 -19.40
CA UNK A 155 -73.92 -45.09 -19.71
C UNK A 155 -74.53 -45.73 -18.46
N UNK A 156 -74.79 -44.90 -17.45
CA UNK A 156 -75.36 -45.34 -16.18
C UNK A 156 -74.51 -46.41 -15.50
N LEU A 157 -75.05 -47.02 -14.45
CA LEU A 157 -74.35 -48.07 -13.72
C LEU A 157 -75.21 -49.32 -13.61
N UNK A 158 -74.61 -50.47 -13.86
CA UNK A 158 -75.31 -51.74 -13.76
C UNK A 158 -74.85 -52.51 -12.53
N UNK A 159 -75.58 -53.55 -12.16
CA UNK A 159 -75.27 -54.33 -10.96
C UNK A 159 -73.98 -55.12 -11.12
N GLY A 160 -72.96 -54.72 -10.37
CA GLY A 160 -71.68 -55.42 -10.37
C GLY A 160 -70.52 -54.63 -10.93
N UNK A 161 -70.77 -53.37 -11.30
CA UNK A 161 -69.73 -52.54 -11.89
C UNK A 161 -68.98 -51.74 -10.82
N GLU A 162 -67.66 -51.65 -10.95
CA GLU A 162 -66.85 -50.89 -10.00
C GLU A 162 -66.48 -49.53 -10.58
N VAL A 163 -66.24 -48.57 -9.70
CA VAL A 163 -65.76 -47.25 -10.10
C VAL A 163 -64.55 -46.90 -9.24
N GLN A 164 -63.47 -46.48 -9.88
CA GLN A 164 -62.27 -46.07 -9.15
C GLN A 164 -62.34 -44.57 -8.94
N LEU A 165 -62.45 -44.15 -7.68
CA LEU A 165 -62.53 -42.74 -7.33
C LEU A 165 -61.29 -42.34 -6.55
N THR A 166 -60.62 -41.30 -7.02
CA THR A 166 -59.49 -40.69 -6.33
C THR A 166 -59.80 -39.21 -6.20
N VAL A 167 -60.31 -38.80 -5.03
CA VAL A 167 -60.68 -37.42 -4.82
C VAL A 167 -59.42 -36.63 -4.49
N THR A 168 -58.78 -36.08 -5.52
CA THR A 168 -57.53 -35.36 -5.34
C THR A 168 -57.79 -33.99 -4.75
N THR A 169 -57.32 -33.79 -3.52
CA THR A 169 -57.44 -32.50 -2.86
C THR A 169 -56.47 -31.52 -3.53
N GLN A 170 -56.64 -30.23 -3.26
CA GLN A 170 -55.88 -29.21 -3.98
C GLN A 170 -54.38 -29.37 -3.76
N TYR A 171 -53.97 -29.65 -2.52
CA TYR A 171 -52.56 -29.69 -2.18
C TYR A 171 -51.89 -31.01 -2.54
N GLY A 172 -52.54 -31.85 -3.33
CA GLY A 172 -51.95 -33.08 -3.81
C GLY A 172 -52.34 -34.33 -3.04
N SER A 173 -52.92 -34.18 -1.85
CA SER A 173 -53.33 -35.34 -1.08
C SER A 173 -54.47 -36.07 -1.77
N LYS A 174 -54.33 -37.38 -1.92
CA LYS A 174 -55.28 -38.21 -2.66
C LYS A 174 -55.99 -39.17 -1.72
N THR A 175 -57.30 -39.30 -1.92
CA THR A 175 -58.11 -40.29 -1.21
C THR A 175 -58.75 -41.21 -2.24
N THR A 176 -58.52 -42.51 -2.09
CA THR A 176 -59.02 -43.50 -3.03
C THR A 176 -60.16 -44.28 -2.41
N TYR A 177 -61.26 -44.41 -3.16
CA TYR A 177 -62.43 -45.17 -2.73
C TYR A 177 -62.86 -46.08 -3.87
N TRP A 178 -63.03 -47.36 -3.55
CA TRP A 178 -63.47 -48.35 -4.52
C TRP A 178 -64.97 -48.55 -4.37
N ALA A 179 -65.75 -47.79 -5.15
CA ALA A 179 -67.21 -47.86 -5.07
C ALA A 179 -67.70 -48.95 -6.01
N GLN A 180 -68.35 -49.96 -5.45
CA GLN A 180 -68.84 -51.11 -6.21
C GLN A 180 -70.37 -51.16 -6.07
N VAL A 181 -71.04 -51.48 -7.17
CA VAL A 181 -72.50 -51.64 -7.13
C VAL A 181 -72.83 -52.98 -6.48
N PRO A 182 -73.91 -53.08 -5.71
CA PRO A 182 -74.28 -54.39 -5.13
C PRO A 182 -74.55 -55.42 -6.23
N GLU A 183 -74.26 -56.68 -5.90
CA GLU A 183 -74.41 -57.76 -6.87
C GLU A 183 -75.83 -57.87 -7.39
N SER A 184 -76.82 -57.71 -6.51
CA SER A 184 -78.22 -57.76 -6.89
C SER A 184 -78.86 -56.41 -6.66
N LEU A 185 -79.68 -55.97 -7.62
CA LEU A 185 -80.38 -54.69 -7.55
C LEU A 185 -81.89 -54.88 -7.63
N LYS A 186 -82.40 -55.95 -7.02
CA LYS A 186 -83.81 -56.28 -7.10
C LYS A 186 -84.57 -55.62 -5.94
N ASP A 187 -85.50 -54.72 -6.28
CA ASP A 187 -86.39 -54.08 -5.32
C ASP A 187 -85.61 -53.36 -4.22
N LYS A 188 -84.84 -52.36 -4.64
CA LYS A 188 -84.07 -51.53 -3.72
C LYS A 188 -84.08 -50.10 -4.25
N ASN A 189 -84.65 -49.18 -3.47
CA ASN A 189 -84.69 -47.78 -3.88
C ASN A 189 -83.28 -47.16 -3.81
N ALA A 190 -82.58 -47.39 -2.71
CA ALA A 190 -81.23 -46.85 -2.53
C ALA A 190 -80.31 -47.96 -2.06
N VAL A 191 -79.05 -47.88 -2.48
CA VAL A 191 -78.05 -48.87 -2.12
C VAL A 191 -76.75 -48.20 -1.70
N UNK A 192 -76.01 -48.85 -0.80
CA UNK A 192 -74.74 -48.34 -0.34
C UNK A 192 -73.60 -48.85 -1.21
N LEU A 193 -73.17 -48.03 -2.16
CA LEU A 193 -72.10 -48.42 -3.09
C LEU A 193 -70.76 -48.50 -2.37
N GLN B 13 13.18 22.71 -4.11
CA GLN B 13 12.99 21.79 -5.24
C GLN B 13 12.37 20.48 -4.77
N VAL B 14 12.67 20.10 -3.52
CA VAL B 14 12.14 18.86 -2.97
C VAL B 14 10.62 18.92 -2.89
N GLY B 15 10.08 20.08 -2.53
CA GLY B 15 8.63 20.23 -2.48
C GLY B 15 7.98 20.02 -3.84
N ILE B 16 8.64 20.50 -4.90
CA ILE B 16 8.11 20.32 -6.24
C ILE B 16 8.12 18.84 -6.62
N GLY B 17 9.20 18.14 -6.31
CA GLY B 17 9.27 16.72 -6.61
C GLY B 17 8.23 15.91 -5.86
N THR B 18 7.97 16.28 -4.61
CA THR B 18 6.96 15.57 -3.82
C THR B 18 5.57 15.71 -4.44
N LEU B 19 5.24 16.90 -4.94
CA LEU B 19 3.90 17.14 -5.45
C LEU B 19 3.61 16.29 -6.69
N ILE B 20 4.59 16.17 -7.60
CA ILE B 20 4.39 15.38 -8.81
C ILE B 20 4.18 13.91 -8.46
N VAL B 21 5.01 13.38 -7.57
CA VAL B 21 4.86 11.98 -7.14
C VAL B 21 3.54 11.82 -6.38
N PHE B 22 3.13 12.84 -5.64
CA PHE B 22 1.86 12.78 -4.90
C PHE B 22 0.69 12.52 -5.85
N ILE B 23 0.71 13.15 -7.03
CA ILE B 23 -0.36 12.93 -8.01
C ILE B 23 -0.37 11.49 -8.47
N ALA B 24 0.80 10.92 -8.75
CA ALA B 24 0.88 9.53 -9.20
C ALA B 24 0.35 8.57 -8.14
N MET B 25 0.74 8.80 -6.89
CA MET B 25 0.26 7.94 -5.80
C MET B 25 -1.25 8.04 -5.66
N VAL B 26 -1.82 9.22 -5.88
CA VAL B 26 -3.27 9.37 -5.85
C VAL B 26 -3.91 8.60 -6.99
N LEU B 27 -3.34 8.72 -8.20
CA LEU B 27 -3.91 8.04 -9.36
C LEU B 27 -3.72 6.53 -9.27
N VAL B 28 -2.57 6.08 -8.76
CA VAL B 28 -2.31 4.65 -8.65
C VAL B 28 -3.30 4.00 -7.68
N ALA B 29 -3.55 4.66 -6.54
CA ALA B 29 -4.51 4.13 -5.59
C ALA B 29 -5.91 4.08 -6.19
N ALA B 30 -6.24 5.05 -7.05
CA ALA B 30 -7.54 5.05 -7.70
C ALA B 30 -7.71 3.84 -8.61
N ILE B 31 -6.66 3.51 -9.37
CA ILE B 31 -6.72 2.35 -10.26
C ILE B 31 -6.89 1.06 -9.46
N ALA B 32 -6.12 0.93 -8.37
CA ALA B 32 -6.25 -0.25 -7.53
C ALA B 32 -7.62 -0.29 -6.86
N ALA B 33 -8.13 0.87 -6.45
CA ALA B 33 -9.47 0.93 -5.89
C ALA B 33 -10.51 0.50 -6.91
N GLY B 34 -10.39 0.99 -8.14
CA GLY B 34 -11.35 0.70 -9.19
C GLY B 34 -11.53 -0.77 -9.47
N VAL B 35 -10.43 -1.49 -9.74
CA VAL B 35 -10.53 -2.90 -10.11
C VAL B 35 -11.13 -3.71 -8.96
N LEU B 36 -10.86 -3.29 -7.72
CA LEU B 36 -11.40 -4.00 -6.57
C LEU B 36 -12.92 -3.94 -6.55
N ILE B 37 -13.49 -2.75 -6.79
CA ILE B 37 -14.94 -2.62 -6.82
C ILE B 37 -15.53 -3.28 -8.06
N ASN B 38 -14.91 -3.05 -9.22
CA ASN B 38 -15.45 -3.61 -10.47
C ASN B 38 -15.45 -5.13 -10.44
N THR B 39 -14.38 -5.74 -9.91
CA THR B 39 -14.37 -7.19 -9.77
C THR B 39 -15.47 -7.66 -8.83
N ALA B 40 -15.68 -6.94 -7.73
CA ALA B 40 -16.76 -7.28 -6.81
C ALA B 40 -18.12 -7.10 -7.48
N GLY B 41 -18.23 -6.12 -8.37
CA GLY B 41 -19.48 -5.90 -9.08
C GLY B 41 -19.87 -7.09 -9.94
N TYR B 42 -18.90 -7.64 -10.67
CA TYR B 42 -19.16 -8.82 -11.48
C TYR B 42 -19.47 -10.02 -10.58
N LEU B 43 -18.72 -10.16 -9.49
CA LEU B 43 -18.90 -11.33 -8.63
C LEU B 43 -20.27 -11.34 -7.96
N GLN B 44 -20.76 -10.17 -7.53
CA GLN B 44 -22.07 -10.12 -6.90
C GLN B 44 -23.18 -10.49 -7.89
N SER B 45 -23.05 -10.05 -9.14
CA SER B 45 -24.04 -10.41 -10.15
C SER B 45 -23.98 -11.90 -10.46
N LYS B 46 -22.77 -12.44 -10.58
CA LYS B 46 -22.63 -13.89 -10.77
C LYS B 46 -23.07 -14.64 -9.53
N GLY B 47 -22.74 -14.13 -8.34
CA GLY B 47 -23.16 -14.78 -7.12
C GLY B 47 -24.67 -14.72 -6.92
N SER B 48 -25.28 -13.58 -7.24
CA SER B 48 -26.73 -13.45 -7.11
C SER B 48 -27.44 -14.38 -8.08
N ALA B 49 -26.94 -14.49 -9.31
CA ALA B 49 -27.58 -15.35 -10.30
C ALA B 49 -27.56 -16.81 -9.86
N THR B 50 -26.46 -17.23 -9.22
CA THR B 50 -26.36 -18.62 -8.78
C THR B 50 -27.41 -18.94 -7.72
N GLY B 51 -27.63 -18.03 -6.78
CA GLY B 51 -28.57 -18.30 -5.69
C GLY B 51 -29.98 -18.56 -6.18
N GLU B 52 -30.46 -17.71 -7.09
CA GLU B 52 -31.79 -17.93 -7.67
C GLU B 52 -31.84 -19.23 -8.46
N GLU B 53 -30.82 -19.50 -9.27
CA GLU B 53 -30.87 -20.66 -10.16
C GLU B 53 -30.64 -21.96 -9.39
N ALA B 54 -29.73 -21.96 -8.42
CA ALA B 54 -29.48 -23.17 -7.64
C ALA B 54 -30.72 -23.57 -6.85
N SER B 55 -31.40 -22.61 -6.23
CA SER B 55 -32.61 -22.92 -5.48
C SER B 55 -33.74 -23.35 -6.42
N ALA B 56 -33.79 -22.75 -7.61
CA ALA B 56 -34.81 -23.15 -8.59
C ALA B 56 -34.62 -24.59 -9.02
N GLN B 57 -33.36 -25.01 -9.19
CA GLN B 57 -33.09 -26.39 -9.59
C GLN B 57 -33.59 -27.37 -8.53
N VAL B 58 -33.38 -27.05 -7.25
CA VAL B 58 -33.83 -27.92 -6.18
C VAL B 58 -35.36 -27.90 -6.05
N SER B 59 -35.96 -26.73 -6.21
CA SER B 59 -37.35 -26.52 -5.82
C SER B 59 -38.34 -26.77 -6.96
N ASN B 60 -38.04 -26.36 -8.18
CA ASN B 60 -39.01 -26.42 -9.28
C ASN B 60 -39.13 -27.86 -9.74
N ARG B 61 -39.93 -28.63 -9.00
CA ARG B 61 -40.09 -30.05 -9.21
C ARG B 61 -41.54 -30.37 -9.57
N ILE B 62 -41.72 -31.44 -10.34
CA ILE B 62 -43.04 -31.90 -10.75
C ILE B 62 -43.36 -33.20 -10.05
N ASN B 63 -44.56 -33.26 -9.47
CA ASN B 63 -45.06 -34.49 -8.85
C ASN B 63 -46.19 -35.04 -9.70
N ILE B 64 -46.09 -36.33 -10.04
CA ILE B 64 -47.07 -36.98 -10.91
C ILE B 64 -48.21 -37.49 -10.02
N VAL B 65 -49.40 -36.91 -10.20
CA VAL B 65 -50.54 -37.28 -9.36
C VAL B 65 -50.95 -38.73 -9.63
N SER B 66 -51.13 -39.07 -10.90
CA SER B 66 -51.63 -40.39 -11.26
C SER B 66 -51.35 -40.64 -12.73
N ALA B 67 -51.54 -41.90 -13.15
CA ALA B 67 -51.31 -42.31 -14.52
C ALA B 67 -52.33 -43.37 -14.91
N TYR B 68 -52.77 -43.35 -16.16
CA TYR B 68 -53.67 -44.34 -16.72
C TYR B 68 -53.45 -44.45 -18.22
N GLY B 69 -54.26 -45.26 -18.88
CA GLY B 69 -54.12 -45.45 -20.30
C GLY B 69 -55.28 -46.16 -20.98
N ASN B 70 -55.66 -45.70 -22.17
CA ASN B 70 -56.70 -46.34 -22.94
C ASN B 70 -56.24 -47.71 -23.44
N VAL B 71 -57.18 -48.65 -23.50
CA VAL B 71 -56.88 -50.00 -23.95
C VAL B 71 -57.60 -50.30 -25.26
N UNK B 72 -56.81 -50.63 -26.29
CA UNK B 72 -57.37 -51.05 -27.57
C UNK B 72 -56.96 -52.50 -27.83
N UNK B 73 -57.95 -53.35 -28.14
CA UNK B 73 -57.73 -54.77 -28.34
C UNK B 73 -57.07 -55.40 -27.10
N UNK B 74 -55.77 -55.19 -26.96
CA UNK B 74 -55.03 -55.69 -25.80
C UNK B 74 -53.79 -54.84 -25.56
N UNK B 75 -53.71 -53.70 -26.23
CA UNK B 75 -52.55 -52.83 -26.13
C UNK B 75 -52.94 -51.42 -25.68
N VAL B 76 -52.14 -50.85 -24.78
CA VAL B 76 -52.37 -49.50 -24.32
C VAL B 76 -51.75 -48.48 -25.29
N ASP B 77 -52.53 -48.11 -26.31
CA ASP B 77 -52.04 -47.22 -27.35
C ASP B 77 -51.70 -45.84 -26.77
N TYR B 78 -52.57 -45.32 -25.91
CA TYR B 78 -52.37 -44.01 -25.30
C TYR B 78 -52.01 -44.17 -23.84
N VAL B 79 -50.92 -43.53 -23.42
CA VAL B 79 -50.50 -43.52 -22.03
C VAL B 79 -50.29 -42.06 -21.64
N ASN B 80 -51.01 -41.61 -20.61
CA ASN B 80 -51.01 -40.22 -20.21
C ASN B 80 -50.91 -40.10 -18.70
N LEU B 81 -50.34 -38.99 -18.24
CA LEU B 81 -50.13 -38.73 -16.83
C LEU B 81 -50.89 -37.48 -16.42
N THR B 82 -50.94 -37.22 -15.11
CA THR B 82 -51.51 -36.01 -14.56
C THR B 82 -50.49 -35.42 -13.60
N VAL B 83 -49.85 -34.32 -13.98
CA VAL B 83 -48.75 -33.74 -13.23
C VAL B 83 -49.23 -32.52 -12.48
N ARG B 84 -48.46 -32.13 -11.47
CA ARG B 84 -48.77 -30.97 -10.63
C ARG B 84 -47.48 -30.42 -10.04
N GLN B 85 -47.56 -29.20 -9.52
CA GLN B 85 -46.39 -28.57 -8.91
C GLN B 85 -46.02 -29.27 -7.61
N ALA B 86 -44.75 -29.15 -7.24
CA ALA B 86 -44.26 -29.67 -5.98
C ALA B 86 -44.56 -28.67 -4.86
N ALA B 87 -44.01 -28.95 -3.68
CA ALA B 87 -44.24 -28.07 -2.54
C ALA B 87 -43.51 -26.75 -2.75
N GLY B 88 -44.28 -25.69 -2.99
CA GLY B 88 -43.70 -24.35 -3.10
C GLY B 88 -42.79 -24.15 -4.29
N ALA B 89 -43.18 -24.66 -5.46
CA ALA B 89 -42.40 -24.48 -6.67
C ALA B 89 -42.94 -23.32 -7.49
N ASP B 90 -42.04 -22.66 -8.23
CA ASP B 90 -42.44 -21.56 -9.08
C ASP B 90 -43.15 -22.08 -10.33
N ASN B 91 -43.41 -21.17 -11.27
CA ASN B 91 -44.07 -21.55 -12.51
C ASN B 91 -43.22 -22.55 -13.28
N ILE B 92 -43.83 -23.68 -13.64
CA ILE B 92 -43.14 -24.77 -14.32
C ILE B 92 -43.70 -24.87 -15.73
N ASN B 93 -42.81 -24.81 -16.72
CA ASN B 93 -43.19 -24.85 -18.12
C ASN B 93 -42.93 -26.25 -18.66
N LEU B 94 -43.98 -26.92 -19.13
CA LEU B 94 -43.85 -28.27 -19.69
C LEU B 94 -43.54 -28.23 -21.17
N UNK B 95 -43.21 -27.05 -21.69
CA UNK B 95 -42.79 -26.93 -23.08
C UNK B 95 -41.26 -26.97 -23.14
N LYS B 96 -40.63 -26.74 -21.99
CA LYS B 96 -39.19 -26.80 -21.89
C LYS B 96 -38.79 -27.98 -21.01
N SER B 97 -39.51 -29.09 -21.17
CA SER B 97 -39.26 -30.31 -20.40
C SER B 97 -39.21 -31.50 -21.34
N THR B 98 -38.32 -32.44 -21.01
CA THR B 98 -38.13 -33.64 -21.80
C THR B 98 -38.46 -34.86 -20.96
N ILE B 99 -39.03 -35.88 -21.59
CA ILE B 99 -39.44 -37.11 -20.92
C ILE B 99 -38.65 -38.26 -21.51
N GLN B 100 -37.93 -38.99 -20.66
CA GLN B 100 -37.25 -40.20 -21.08
C GLN B 100 -38.23 -41.37 -21.11
N TRP B 101 -38.10 -42.20 -22.14
CA TRP B 101 -38.98 -43.37 -22.33
C TRP B 101 -38.09 -44.59 -22.51
N ILE B 102 -37.66 -45.18 -21.39
CA ILE B 102 -36.93 -46.43 -21.43
C ILE B 102 -37.93 -47.57 -21.33
N GLY B 103 -38.48 -47.97 -22.48
CA GLY B 103 -39.47 -49.02 -22.52
C GLY B 103 -38.87 -50.38 -22.75
N PRO B 104 -39.68 -51.32 -23.23
CA PRO B 104 -39.16 -52.66 -23.50
C PRO B 104 -38.32 -52.73 -24.77
N ASP B 105 -38.67 -51.97 -25.80
CA ASP B 105 -37.99 -52.06 -27.08
C ASP B 105 -37.11 -50.85 -27.36
N UNK B 106 -37.54 -49.67 -26.90
CA UNK B 106 -36.84 -48.43 -27.21
C UNK B 106 -36.41 -47.66 -25.96
N ALA B 107 -35.58 -46.65 -26.17
CA ALA B 107 -35.10 -45.80 -25.07
C ALA B 107 -34.64 -44.46 -25.62
N THR B 108 -35.52 -43.46 -25.57
CA THR B 108 -35.22 -42.14 -26.10
C THR B 108 -35.83 -41.08 -25.17
N THR B 109 -35.68 -39.83 -25.58
CA THR B 109 -36.23 -38.69 -24.86
C THR B 109 -37.26 -37.98 -25.74
N LEU B 110 -38.41 -37.68 -25.16
CA LEU B 110 -39.50 -37.04 -25.88
C LEU B 110 -39.52 -35.54 -25.64
N THR B 111 -40.23 -34.83 -26.52
CA THR B 111 -40.32 -33.38 -26.48
C THR B 111 -41.73 -32.95 -26.85
N TYR B 112 -42.09 -31.73 -26.45
CA TYR B 112 -43.44 -31.21 -26.63
C TYR B 112 -43.66 -30.96 -28.12
N UNK B 113 -44.69 -31.59 -28.69
CA UNK B 113 -45.07 -31.37 -30.07
C UNK B 113 -46.17 -30.31 -30.17
N UNK B 114 -47.34 -30.73 -30.63
CA UNK B 114 -48.49 -29.84 -30.76
C UNK B 114 -49.75 -30.65 -31.05
N UNK B 115 -49.67 -31.49 -32.07
CA UNK B 115 -50.82 -32.30 -32.48
C UNK B 115 -51.06 -33.48 -31.53
N UNK B 116 -52.32 -33.82 -31.33
CA UNK B 116 -52.69 -34.92 -30.45
C UNK B 116 -52.60 -36.25 -31.18
N UNK B 119 -49.59 -36.12 -29.78
CA UNK B 119 -48.30 -36.77 -29.63
C UNK B 119 -47.75 -37.19 -30.99
N UNK B 120 -47.96 -38.46 -31.34
CA UNK B 120 -47.48 -39.06 -32.58
C UNK B 120 -45.96 -39.09 -32.66
N UNK B 121 -45.41 -40.30 -32.70
CA UNK B 121 -43.96 -40.52 -32.77
C UNK B 121 -43.24 -39.95 -31.54
N GLU B 122 -41.92 -39.86 -31.61
CA GLU B 122 -41.13 -39.39 -30.46
C GLU B 122 -41.46 -37.94 -30.09
N ASN B 123 -42.64 -37.74 -29.52
CA ASN B 123 -43.12 -36.42 -29.12
C ASN B 123 -44.28 -36.60 -28.15
N PHE B 124 -44.42 -35.66 -27.23
CA PHE B 124 -45.49 -35.68 -26.26
C PHE B 124 -46.27 -34.36 -26.29
N THR B 125 -47.55 -34.44 -25.92
CA THR B 125 -48.45 -33.31 -25.99
C THR B 125 -49.11 -33.11 -24.64
N THR B 126 -49.45 -31.86 -24.32
CA THR B 126 -50.10 -31.55 -23.06
C THR B 126 -51.48 -30.94 -23.25
N UNK B 127 -52.49 -31.55 -22.64
CA UNK B 127 -53.86 -31.04 -22.66
C UNK B 127 -54.34 -30.79 -21.25
N SER B 128 -54.74 -29.55 -20.96
CA SER B 128 -55.10 -29.15 -19.61
C SER B 128 -56.33 -29.87 -19.08
N ILE B 129 -56.42 -29.97 -17.76
CA ILE B 129 -57.57 -30.55 -17.07
C ILE B 129 -58.19 -29.56 -16.09
N LYS B 130 -57.36 -28.97 -15.23
CA LYS B 130 -57.80 -27.97 -14.26
C LYS B 130 -56.84 -26.80 -14.30
N GLY B 131 -57.38 -25.59 -14.44
CA GLY B 131 -56.56 -24.39 -14.48
C GLY B 131 -56.78 -23.57 -15.74
N UNK B 132 -55.93 -22.56 -15.93
CA UNK B 132 -56.06 -21.66 -17.08
C UNK B 132 -55.20 -22.13 -18.25
N UNK B 133 -53.89 -22.02 -18.08
CA UNK B 133 -52.94 -22.37 -19.14
C UNK B 133 -52.91 -23.89 -19.38
N UNK B 134 -52.57 -24.28 -20.60
CA UNK B 134 -52.52 -25.69 -20.96
C UNK B 134 -51.09 -26.12 -21.30
N UNK B 135 -50.12 -25.51 -20.62
CA UNK B 135 -48.72 -25.82 -20.87
C UNK B 135 -47.86 -25.52 -19.65
N VAL B 136 -48.16 -24.42 -18.97
CA VAL B 136 -47.35 -23.99 -17.83
C VAL B 136 -48.14 -24.06 -16.54
N LEU B 137 -47.51 -24.64 -15.50
CA LEU B 137 -48.10 -24.71 -14.18
C LEU B 137 -47.86 -23.39 -13.47
N VAL B 138 -48.93 -22.72 -13.05
CA VAL B 138 -48.84 -21.41 -12.43
C VAL B 138 -49.33 -21.41 -10.98
N ASP B 139 -50.47 -22.01 -10.71
CA ASP B 139 -50.98 -22.11 -9.34
C ASP B 139 -50.75 -23.52 -8.81
N GLN B 140 -50.92 -23.67 -7.50
CA GLN B 140 -50.84 -24.99 -6.87
C GLN B 140 -51.96 -25.91 -7.31
N SER B 141 -53.10 -25.36 -7.74
CA SER B 141 -54.32 -26.13 -7.95
C SER B 141 -54.43 -26.73 -9.36
N ASP B 142 -53.54 -26.39 -10.27
CA ASP B 142 -53.66 -26.90 -11.64
C ASP B 142 -53.16 -28.32 -11.75
N ARG B 143 -53.82 -29.10 -12.62
CA ARG B 143 -53.40 -30.47 -12.94
C ARG B 143 -53.48 -30.59 -14.46
N ILE B 144 -52.33 -30.58 -15.12
CA ILE B 144 -52.25 -30.66 -16.57
C ILE B 144 -51.85 -32.08 -16.96
N LYS B 145 -52.43 -32.57 -18.05
CA LYS B 145 -52.23 -33.94 -18.51
C LYS B 145 -51.26 -33.96 -19.68
N VAL B 146 -50.26 -34.82 -19.61
CA VAL B 146 -49.27 -34.98 -20.67
C VAL B 146 -49.65 -36.21 -21.48
N ILE B 147 -49.60 -36.11 -22.81
CA ILE B 147 -50.02 -37.18 -23.70
C ILE B 147 -48.78 -37.77 -24.35
N MET B 148 -48.63 -39.09 -24.27
CA MET B 148 -47.58 -39.80 -24.98
C MET B 148 -48.19 -41.00 -25.69
N TYR B 149 -48.03 -41.05 -27.01
CA TYR B 149 -48.55 -42.15 -27.81
C TYR B 149 -47.62 -43.33 -27.67
N ALA B 150 -48.10 -44.40 -27.03
CA ALA B 150 -47.27 -45.56 -26.75
C ALA B 150 -47.06 -46.43 -27.99
N UNK B 151 -48.02 -46.39 -28.91
CA UNK B 151 -47.94 -47.19 -30.11
C UNK B 151 -47.31 -46.41 -31.25
N UNK B 152 -46.48 -45.43 -30.91
CA UNK B 152 -45.82 -44.60 -31.90
C UNK B 152 -44.36 -44.36 -31.53
N VAL B 153 -44.08 -44.39 -30.23
CA VAL B 153 -42.72 -44.24 -29.75
C VAL B 153 -42.06 -45.60 -29.63
N UNK B 154 -42.90 -46.64 -29.59
CA UNK B 154 -42.42 -48.01 -29.49
C UNK B 154 -43.18 -48.91 -30.46
N UNK B 155 -44.05 -49.75 -29.91
CA UNK B 155 -44.85 -50.66 -30.72
C UNK B 155 -46.06 -51.18 -29.94
N UNK B 156 -46.73 -50.28 -29.22
CA UNK B 156 -47.91 -50.59 -28.42
C UNK B 156 -47.61 -51.60 -27.32
N LEU B 157 -47.52 -51.12 -26.09
CA LEU B 157 -47.26 -51.97 -24.93
C LEU B 157 -48.29 -53.08 -24.77
N UNK B 158 -47.86 -54.17 -24.15
CA UNK B 158 -48.75 -55.29 -23.85
C UNK B 158 -48.79 -55.53 -22.35
N UNK B 159 -49.06 -56.77 -21.96
CA UNK B 159 -49.17 -57.12 -20.54
C UNK B 159 -47.80 -57.19 -19.87
N GLY B 160 -47.71 -56.61 -18.68
CA GLY B 160 -46.50 -56.68 -17.87
C GLY B 160 -45.38 -55.77 -18.31
N UNK B 161 -45.37 -55.39 -19.58
CA UNK B 161 -44.32 -54.55 -20.12
C UNK B 161 -44.28 -53.18 -19.44
N GLU B 162 -43.32 -53.01 -18.53
CA GLU B 162 -43.18 -51.76 -17.79
C GLU B 162 -42.42 -50.73 -18.59
N VAL B 163 -42.63 -49.45 -18.26
CA VAL B 163 -41.92 -48.34 -18.88
C VAL B 163 -41.44 -47.41 -17.78
N GLN B 164 -40.17 -47.02 -17.84
CA GLN B 164 -39.59 -46.08 -16.89
C GLN B 164 -39.58 -44.69 -17.51
N LEU B 165 -40.22 -43.74 -16.84
CA LEU B 165 -40.33 -42.37 -17.33
C LEU B 165 -39.66 -41.42 -16.35
N THR B 166 -38.82 -40.52 -16.90
CA THR B 166 -38.10 -39.54 -16.10
C THR B 166 -38.44 -38.14 -16.63
N VAL B 167 -39.47 -37.54 -16.05
CA VAL B 167 -39.88 -36.19 -16.43
C VAL B 167 -38.93 -35.19 -15.77
N THR B 168 -38.21 -34.42 -16.58
CA THR B 168 -37.28 -33.43 -16.09
C THR B 168 -37.65 -32.06 -16.67
N THR B 169 -37.73 -31.06 -15.80
CA THR B 169 -38.11 -29.73 -16.24
C THR B 169 -36.90 -28.99 -16.82
N GLN B 170 -37.10 -27.70 -17.09
CA GLN B 170 -36.04 -26.89 -17.68
C GLN B 170 -34.88 -26.71 -16.70
N TYR B 171 -35.19 -26.57 -15.41
CA TYR B 171 -34.16 -26.24 -14.43
C TYR B 171 -33.39 -27.46 -13.93
N GLY B 172 -33.68 -28.66 -14.44
CA GLY B 172 -32.90 -29.84 -14.14
C GLY B 172 -33.53 -30.79 -13.15
N SER B 173 -34.55 -30.35 -12.40
CA SER B 173 -35.21 -31.23 -11.46
C SER B 173 -35.86 -32.40 -12.19
N LYS B 174 -35.64 -33.61 -11.65
CA LYS B 174 -36.08 -34.84 -12.30
C LYS B 174 -37.11 -35.56 -11.43
N THR B 175 -38.16 -36.06 -12.08
CA THR B 175 -39.16 -36.90 -11.44
C THR B 175 -39.23 -38.21 -12.21
N THR B 176 -39.08 -39.32 -11.50
CA THR B 176 -39.06 -40.64 -12.11
C THR B 176 -40.32 -41.41 -11.75
N TYR B 177 -41.02 -41.91 -12.76
CA TYR B 177 -42.22 -42.72 -12.57
C TYR B 177 -42.06 -44.03 -13.32
N TRP B 178 -42.31 -45.14 -12.64
CA TRP B 178 -42.23 -46.48 -13.24
C TRP B 178 -43.65 -46.92 -13.57
N ALA B 179 -44.10 -46.59 -14.78
CA ALA B 179 -45.43 -46.95 -15.25
C ALA B 179 -45.39 -48.36 -15.80
N GLN B 180 -46.04 -49.29 -15.13
CA GLN B 180 -46.09 -50.69 -15.53
C GLN B 180 -47.54 -51.05 -15.88
N VAL B 181 -47.72 -51.73 -17.01
CA VAL B 181 -49.07 -52.14 -17.41
C VAL B 181 -49.53 -53.28 -16.50
N PRO B 182 -50.81 -53.34 -16.14
CA PRO B 182 -51.30 -54.48 -15.36
C PRO B 182 -51.06 -55.80 -16.09
N GLU B 183 -50.76 -56.84 -15.31
CA GLU B 183 -50.37 -58.13 -15.88
C GLU B 183 -51.48 -58.72 -16.75
N SER B 184 -52.73 -58.37 -16.49
CA SER B 184 -53.86 -58.84 -17.27
C SER B 184 -54.70 -57.66 -17.72
N LEU B 185 -55.03 -57.63 -19.01
CA LEU B 185 -55.89 -56.60 -19.59
C LEU B 185 -57.18 -57.19 -20.16
N LYS B 186 -57.60 -58.36 -19.70
CA LYS B 186 -58.80 -58.99 -20.23
C LYS B 186 -60.04 -58.21 -19.81
N ASP B 187 -60.73 -57.64 -20.79
CA ASP B 187 -61.97 -56.89 -20.57
C ASP B 187 -61.77 -55.73 -19.60
N LYS B 188 -60.86 -54.83 -19.97
CA LYS B 188 -60.64 -53.58 -19.24
C LYS B 188 -60.50 -52.46 -20.27
N ASN B 189 -61.48 -51.56 -20.29
CA ASN B 189 -61.45 -50.45 -21.24
C ASN B 189 -60.29 -49.51 -20.94
N ALA B 190 -60.06 -49.22 -19.66
CA ALA B 190 -58.97 -48.36 -19.22
C ALA B 190 -58.29 -48.98 -18.02
N VAL B 191 -56.96 -48.87 -17.98
CA VAL B 191 -56.18 -49.41 -16.88
C VAL B 191 -55.46 -48.32 -16.13
N UNK B 192 -55.20 -48.56 -14.84
CA UNK B 192 -54.45 -47.62 -14.02
C UNK B 192 -53.00 -48.07 -13.90
N LEU B 193 -52.13 -47.49 -14.73
CA LEU B 193 -50.71 -47.86 -14.73
C LEU B 193 -50.04 -47.47 -13.42
N GLN C 13 24.04 33.89 -9.51
CA GLN C 13 24.53 32.66 -10.11
C GLN C 13 23.92 31.43 -9.44
N VAL C 14 23.73 31.51 -8.12
CA VAL C 14 23.07 30.43 -7.40
C VAL C 14 21.66 30.23 -7.94
N GLY C 15 21.02 31.31 -8.38
CA GLY C 15 19.75 31.18 -9.06
C GLY C 15 19.85 30.40 -10.35
N ILE C 16 20.92 30.64 -11.12
CA ILE C 16 21.12 29.90 -12.36
C ILE C 16 21.32 28.42 -12.06
N GLY C 17 22.06 28.11 -10.99
CA GLY C 17 22.29 26.72 -10.63
C GLY C 17 21.02 25.98 -10.25
N THR C 18 20.19 26.59 -9.41
CA THR C 18 19.01 25.90 -8.90
C THR C 18 17.97 25.69 -10.00
N LEU C 19 17.98 26.56 -11.02
CA LEU C 19 17.06 26.40 -12.14
C LEU C 19 17.30 25.07 -12.86
N ILE C 20 18.54 24.79 -13.22
CA ILE C 20 18.86 23.58 -13.96
C ILE C 20 18.59 22.34 -13.12
N VAL C 21 18.93 22.40 -11.83
CA VAL C 21 18.63 21.29 -10.93
C VAL C 21 17.12 21.10 -10.81
N PHE C 22 16.37 22.22 -10.83
CA PHE C 22 14.92 22.12 -10.77
C PHE C 22 14.36 21.39 -11.99
N ILE C 23 14.94 21.62 -13.16
CA ILE C 23 14.51 20.90 -14.37
C ILE C 23 14.78 19.41 -14.21
N ALA C 24 15.86 19.06 -13.52
CA ALA C 24 16.15 17.64 -13.28
C ALA C 24 15.08 17.01 -12.39
N MET C 25 14.66 17.72 -11.35
CA MET C 25 13.73 17.15 -10.38
C MET C 25 12.37 16.84 -11.00
N VAL C 26 11.85 17.75 -11.84
CA VAL C 26 10.57 17.49 -12.47
C VAL C 26 10.64 16.32 -13.43
N LEU C 27 11.77 16.14 -14.11
CA LEU C 27 11.96 15.00 -15.01
C LEU C 27 12.15 13.70 -14.24
N VAL C 28 12.94 13.73 -13.16
CA VAL C 28 13.15 12.53 -12.35
C VAL C 28 11.83 12.08 -11.73
N ALA C 29 11.06 13.02 -11.21
CA ALA C 29 9.76 12.68 -10.63
C ALA C 29 8.82 12.12 -11.71
N ALA C 30 8.87 12.70 -12.91
CA ALA C 30 8.00 12.24 -13.99
C ALA C 30 8.29 10.80 -14.36
N ILE C 31 9.57 10.43 -14.43
CA ILE C 31 9.93 9.05 -14.72
C ILE C 31 9.45 8.12 -13.61
N ALA C 32 9.67 8.53 -12.36
CA ALA C 32 9.20 7.74 -11.22
C ALA C 32 7.68 7.68 -11.19
N ALA C 33 7.03 8.82 -11.45
CA ALA C 33 5.57 8.84 -11.49
C ALA C 33 5.05 7.98 -12.64
N GLY C 34 5.71 8.05 -13.80
CA GLY C 34 5.23 7.33 -14.96
C GLY C 34 5.25 5.82 -14.77
N VAL C 35 6.40 5.28 -14.37
CA VAL C 35 6.52 3.83 -14.24
C VAL C 35 5.71 3.32 -13.05
N LEU C 36 5.36 4.21 -12.12
CA LEU C 36 4.48 3.83 -11.02
C LEU C 36 3.08 3.52 -11.53
N ILE C 37 2.69 4.17 -12.63
CA ILE C 37 1.32 4.01 -13.13
C ILE C 37 1.23 2.87 -14.13
N ASN C 38 2.18 2.79 -15.07
CA ASN C 38 2.13 1.71 -16.05
C ASN C 38 2.29 0.35 -15.40
N THR C 39 3.06 0.27 -14.30
CA THR C 39 3.12 -0.96 -13.54
C THR C 39 1.75 -1.32 -12.97
N ALA C 40 1.05 -0.32 -12.42
CA ALA C 40 -0.33 -0.55 -12.00
C ALA C 40 -1.23 -0.87 -13.18
N GLY C 41 -0.88 -0.36 -14.36
CA GLY C 41 -1.62 -0.64 -15.56
C GLY C 41 -1.60 -2.11 -15.95
N TYR C 42 -0.43 -2.73 -15.87
CA TYR C 42 -0.32 -4.15 -16.18
C TYR C 42 -1.06 -5.00 -15.14
N LEU C 43 -0.84 -4.71 -13.86
CA LEU C 43 -1.41 -5.56 -12.81
C LEU C 43 -2.93 -5.49 -12.80
N GLN C 44 -3.51 -4.31 -13.03
CA GLN C 44 -4.96 -4.20 -13.05
C GLN C 44 -5.56 -4.98 -14.21
N SER C 45 -4.88 -5.01 -15.36
CA SER C 45 -5.35 -5.83 -16.48
C SER C 45 -5.25 -7.31 -16.13
N LYS C 46 -4.13 -7.72 -15.54
CA LYS C 46 -3.98 -9.10 -15.10
C LYS C 46 -4.96 -9.41 -13.96
N GLY C 47 -5.12 -8.47 -13.04
CA GLY C 47 -6.03 -8.68 -11.92
C GLY C 47 -7.47 -8.83 -12.37
N SER C 48 -7.88 -8.01 -13.35
CA SER C 48 -9.23 -8.12 -13.89
C SER C 48 -9.46 -9.46 -14.58
N ALA C 49 -8.51 -9.85 -15.44
CA ALA C 49 -8.65 -11.11 -16.17
C ALA C 49 -8.64 -12.30 -15.22
N THR C 50 -7.79 -12.26 -14.21
CA THR C 50 -7.68 -13.37 -13.27
C THR C 50 -9.00 -13.60 -12.53
N GLY C 51 -9.66 -12.51 -12.13
CA GLY C 51 -10.93 -12.64 -11.44
C GLY C 51 -11.99 -13.28 -12.30
N GLU C 52 -12.03 -12.92 -13.58
CA GLU C 52 -13.04 -13.49 -14.49
C GLU C 52 -12.80 -14.97 -14.72
N GLU C 53 -11.54 -15.35 -15.00
CA GLU C 53 -11.25 -16.76 -15.28
C GLU C 53 -11.40 -17.61 -14.04
N ALA C 54 -11.01 -17.08 -12.87
CA ALA C 54 -11.14 -17.85 -11.63
C ALA C 54 -12.59 -18.15 -11.30
N SER C 55 -13.47 -17.17 -11.49
CA SER C 55 -14.90 -17.41 -11.26
C SER C 55 -15.47 -18.35 -12.31
N ALA C 56 -14.96 -18.30 -13.53
CA ALA C 56 -15.45 -19.19 -14.59
C ALA C 56 -15.12 -20.65 -14.26
N GLN C 57 -13.94 -20.88 -13.70
CA GLN C 57 -13.50 -22.22 -13.35
C GLN C 57 -14.43 -22.84 -12.31
N VAL C 58 -14.82 -22.04 -11.31
CA VAL C 58 -15.69 -22.54 -10.25
C VAL C 58 -17.11 -22.77 -10.77
N SER C 59 -17.62 -21.84 -11.58
CA SER C 59 -19.04 -21.80 -11.92
C SER C 59 -19.41 -22.60 -13.16
N ASN C 60 -18.65 -22.45 -14.25
CA ASN C 60 -19.04 -23.07 -15.52
C ASN C 60 -18.82 -24.57 -15.49
N ARG C 61 -19.80 -25.31 -14.97
CA ARG C 61 -19.67 -26.73 -14.72
C ARG C 61 -20.81 -27.48 -15.41
N ILE C 62 -20.58 -28.75 -15.73
CA ILE C 62 -21.53 -29.58 -16.44
C ILE C 62 -22.17 -30.53 -15.45
N ASN C 63 -23.50 -30.60 -15.48
CA ASN C 63 -24.25 -31.57 -14.70
C ASN C 63 -24.77 -32.68 -15.61
N ILE C 64 -24.60 -33.92 -15.17
CA ILE C 64 -24.96 -35.09 -15.96
C ILE C 64 -26.37 -35.51 -15.53
N VAL C 65 -27.35 -35.27 -16.41
CA VAL C 65 -28.74 -35.54 -16.05
C VAL C 65 -28.98 -37.04 -15.95
N SER C 66 -28.55 -37.80 -16.96
CA SER C 66 -28.79 -39.24 -17.00
C SER C 66 -27.86 -39.87 -18.02
N ALA C 67 -27.77 -41.20 -17.95
CA ALA C 67 -26.93 -41.97 -18.87
C ALA C 67 -27.55 -43.33 -19.10
N TYR C 68 -27.73 -43.70 -20.37
CA TYR C 68 -28.26 -44.99 -20.77
C TYR C 68 -27.32 -45.63 -21.78
N GLY C 69 -27.60 -46.88 -22.12
CA GLY C 69 -26.77 -47.60 -23.06
C GLY C 69 -27.48 -48.68 -23.84
N ASN C 70 -27.20 -48.74 -25.14
CA ASN C 70 -27.79 -49.78 -25.99
C ASN C 70 -27.18 -51.14 -25.65
N VAL C 71 -28.00 -52.18 -25.78
CA VAL C 71 -27.55 -53.53 -25.46
C VAL C 71 -27.70 -54.46 -26.65
N UNK C 72 -26.57 -54.90 -27.19
CA UNK C 72 -26.57 -55.86 -28.29
C UNK C 72 -26.10 -57.22 -27.79
N UNK C 73 -26.73 -58.28 -28.29
CA UNK C 73 -26.44 -59.64 -27.85
C UNK C 73 -26.61 -59.78 -26.34
N UNK C 74 -25.57 -59.40 -25.61
CA UNK C 74 -25.60 -59.43 -24.15
C UNK C 74 -24.54 -58.51 -23.57
N UNK C 75 -23.96 -57.67 -24.43
CA UNK C 75 -22.91 -56.75 -24.01
C UNK C 75 -23.24 -55.32 -24.42
N VAL C 76 -23.06 -54.38 -23.49
CA VAL C 76 -23.32 -52.97 -23.76
C VAL C 76 -22.27 -52.43 -24.73
N ASP C 77 -22.73 -51.90 -25.85
CA ASP C 77 -21.83 -51.41 -26.88
C ASP C 77 -21.71 -49.89 -26.89
N TYR C 78 -22.79 -49.17 -26.58
CA TYR C 78 -22.79 -47.72 -26.57
C TYR C 78 -23.04 -47.21 -25.15
N VAL C 79 -22.42 -46.07 -24.83
CA VAL C 79 -22.65 -45.37 -23.58
C VAL C 79 -22.98 -43.93 -23.92
N ASN C 80 -24.20 -43.50 -23.60
CA ASN C 80 -24.67 -42.17 -23.89
C ASN C 80 -24.92 -41.40 -22.60
N LEU C 81 -24.73 -40.08 -22.65
CA LEU C 81 -24.94 -39.24 -21.48
C LEU C 81 -25.69 -37.98 -21.91
N THR C 82 -26.76 -37.66 -21.19
CA THR C 82 -27.48 -36.41 -21.42
C THR C 82 -26.98 -35.37 -20.43
N VAL C 83 -26.29 -34.35 -20.92
CA VAL C 83 -25.62 -33.37 -20.08
C VAL C 83 -26.39 -32.06 -20.10
N ARG C 84 -26.32 -31.34 -18.98
CA ARG C 84 -26.97 -30.05 -18.82
C ARG C 84 -26.06 -29.14 -18.03
N GLN C 85 -25.97 -27.88 -18.46
CA GLN C 85 -25.12 -26.92 -17.77
C GLN C 85 -25.63 -26.67 -16.36
N ALA C 86 -24.69 -26.43 -15.44
CA ALA C 86 -25.03 -26.31 -14.04
C ALA C 86 -25.68 -24.96 -13.76
N ALA C 87 -26.00 -24.72 -12.49
CA ALA C 87 -26.62 -23.47 -12.09
C ALA C 87 -25.67 -22.31 -12.32
N GLY C 88 -26.16 -21.27 -12.98
CA GLY C 88 -25.37 -20.08 -13.26
C GLY C 88 -24.12 -20.38 -14.07
N ALA C 89 -24.29 -21.03 -15.21
CA ALA C 89 -23.19 -21.44 -16.06
C ALA C 89 -23.29 -20.74 -17.41
N ASP C 90 -22.19 -20.16 -17.85
CA ASP C 90 -22.13 -19.51 -19.15
C ASP C 90 -22.02 -20.59 -20.24
N ASN C 91 -21.81 -20.16 -21.48
CA ASN C 91 -21.72 -21.09 -22.61
C ASN C 91 -20.64 -22.14 -22.36
N ILE C 92 -20.98 -23.40 -22.61
CA ILE C 92 -20.08 -24.52 -22.41
C ILE C 92 -19.92 -25.24 -23.75
N ASN C 93 -18.68 -25.33 -24.22
CA ASN C 93 -18.40 -25.98 -25.50
C ASN C 93 -18.03 -27.44 -25.26
N LEU C 94 -18.74 -28.34 -25.93
CA LEU C 94 -18.52 -29.77 -25.76
C LEU C 94 -17.47 -30.30 -26.73
N UNK C 95 -16.66 -29.41 -27.27
CA UNK C 95 -15.58 -29.80 -28.17
C UNK C 95 -14.24 -29.41 -27.56
N LYS C 96 -14.29 -28.53 -26.57
CA LYS C 96 -13.10 -28.12 -25.83
C LYS C 96 -13.09 -28.80 -24.47
N SER C 97 -13.85 -29.90 -24.36
CA SER C 97 -13.95 -30.66 -23.13
C SER C 97 -13.49 -32.09 -23.37
N THR C 98 -12.83 -32.66 -22.37
CA THR C 98 -12.28 -34.00 -22.46
C THR C 98 -12.94 -34.90 -21.42
N ILE C 99 -13.31 -36.10 -21.86
CA ILE C 99 -13.92 -37.11 -21.00
C ILE C 99 -12.88 -38.19 -20.75
N GLN C 100 -12.60 -38.46 -19.48
CA GLN C 100 -11.59 -39.44 -19.09
C GLN C 100 -12.27 -40.75 -18.75
N TRP C 101 -11.93 -41.80 -19.48
CA TRP C 101 -12.56 -43.11 -19.36
C TRP C 101 -11.64 -44.00 -18.53
N ILE C 102 -11.99 -44.19 -17.26
CA ILE C 102 -11.29 -45.16 -16.41
C ILE C 102 -12.14 -46.43 -16.42
N GLY C 103 -11.86 -47.29 -17.38
CA GLY C 103 -12.61 -48.51 -17.56
C GLY C 103 -11.91 -49.71 -16.98
N PRO C 104 -12.44 -50.91 -17.27
CA PRO C 104 -11.83 -52.13 -16.75
C PRO C 104 -10.65 -52.64 -17.57
N ASP C 105 -10.48 -52.16 -18.80
CA ASP C 105 -9.39 -52.62 -19.66
C ASP C 105 -8.42 -51.50 -20.01
N UNK C 106 -8.97 -50.32 -20.32
CA UNK C 106 -8.14 -49.20 -20.73
C UNK C 106 -8.24 -48.03 -19.74
N ALA C 107 -7.68 -46.89 -20.13
CA ALA C 107 -7.71 -45.70 -19.28
C ALA C 107 -7.47 -44.43 -20.11
N THR C 108 -7.90 -44.46 -21.36
CA THR C 108 -7.69 -43.34 -22.27
C THR C 108 -8.58 -42.17 -21.90
N THR C 109 -8.24 -41.00 -22.43
CA THR C 109 -9.00 -39.77 -22.25
C THR C 109 -9.65 -39.43 -23.59
N LEU C 110 -10.97 -39.53 -23.64
CA LEU C 110 -11.70 -39.31 -24.89
C LEU C 110 -11.74 -37.82 -25.24
N THR C 111 -11.70 -37.53 -26.53
CA THR C 111 -11.81 -36.17 -27.07
C THR C 111 -12.95 -36.11 -28.07
N TYR C 112 -13.25 -34.90 -28.52
CA TYR C 112 -14.37 -34.69 -29.44
C TYR C 112 -14.06 -35.15 -30.85
N UNK C 113 -15.09 -35.50 -31.61
CA UNK C 113 -14.93 -35.88 -33.01
C UNK C 113 -16.19 -35.53 -33.80
N UNK C 114 -16.42 -36.28 -34.87
CA UNK C 114 -17.60 -36.06 -35.71
C UNK C 114 -18.03 -37.35 -36.40
N UNK C 115 -18.94 -38.08 -35.76
CA UNK C 115 -19.45 -39.35 -36.28
C UNK C 115 -18.32 -40.35 -36.55
N UNK C 119 -18.85 -41.95 -33.41
CA UNK C 119 -17.81 -41.88 -32.40
C UNK C 119 -16.60 -42.73 -32.81
N UNK C 120 -16.58 -43.97 -32.30
CA UNK C 120 -15.50 -44.92 -32.57
C UNK C 120 -14.14 -44.43 -32.07
N UNK C 121 -13.13 -45.29 -32.18
CA UNK C 121 -11.77 -44.97 -31.75
C UNK C 121 -11.75 -44.51 -30.29
N GLU C 122 -10.86 -43.57 -29.98
CA GLU C 122 -10.81 -42.99 -28.64
C GLU C 122 -11.41 -41.59 -28.65
N ASN C 123 -12.56 -41.44 -29.32
CA ASN C 123 -13.21 -40.15 -29.46
C ASN C 123 -14.71 -40.31 -29.20
N PHE C 124 -15.34 -39.20 -28.79
CA PHE C 124 -16.76 -39.18 -28.52
C PHE C 124 -17.44 -38.15 -29.43
N THR C 125 -18.71 -38.40 -29.72
CA THR C 125 -19.53 -37.56 -30.58
C THR C 125 -20.72 -37.05 -29.78
N THR C 126 -21.18 -35.84 -30.11
CA THR C 126 -22.31 -35.25 -29.41
C THR C 126 -23.50 -34.97 -30.32
N UNK C 127 -24.57 -35.74 -30.13
CA UNK C 127 -25.81 -35.51 -30.86
C UNK C 127 -26.75 -34.67 -30.01
N SER C 128 -27.64 -33.92 -30.63
CA SER C 128 -28.52 -33.00 -29.91
C SER C 128 -29.80 -33.67 -29.46
N ILE C 129 -30.42 -33.09 -28.41
CA ILE C 129 -31.69 -33.55 -27.87
C ILE C 129 -32.72 -32.43 -27.87
N LYS C 130 -32.37 -31.28 -27.27
CA LYS C 130 -33.26 -30.13 -27.19
C LYS C 130 -32.41 -28.86 -27.36
N GLY C 131 -32.42 -28.31 -28.57
CA GLY C 131 -31.68 -27.09 -28.84
C GLY C 131 -31.25 -26.93 -30.30
N UNK C 132 -30.59 -25.81 -30.58
CA UNK C 132 -30.14 -25.51 -31.93
C UNK C 132 -28.72 -26.03 -32.15
N UNK C 133 -27.80 -25.65 -31.27
CA UNK C 133 -26.42 -26.07 -31.36
C UNK C 133 -26.25 -27.47 -30.77
N UNK C 134 -25.61 -28.36 -31.54
CA UNK C 134 -25.43 -29.73 -31.10
C UNK C 134 -24.03 -29.97 -30.53
N UNK C 135 -23.47 -28.94 -29.92
CA UNK C 135 -22.13 -29.04 -29.34
C UNK C 135 -21.92 -28.00 -28.25
N VAL C 136 -22.86 -27.07 -28.12
CA VAL C 136 -22.75 -26.02 -27.11
C VAL C 136 -24.01 -26.00 -26.23
N LEU C 137 -23.82 -25.71 -24.94
CA LEU C 137 -24.93 -25.54 -24.01
C LEU C 137 -25.19 -24.04 -23.86
N VAL C 138 -26.12 -23.53 -24.66
CA VAL C 138 -26.35 -22.09 -24.69
C VAL C 138 -27.19 -21.64 -23.51
N ASP C 139 -28.37 -22.24 -23.31
CA ASP C 139 -29.27 -21.87 -22.24
C ASP C 139 -29.35 -22.98 -21.21
N GLN C 140 -30.13 -22.73 -20.16
CA GLN C 140 -30.32 -23.74 -19.11
C GLN C 140 -31.20 -24.90 -19.58
N SER C 141 -32.01 -24.69 -20.62
CA SER C 141 -33.01 -25.66 -21.04
C SER C 141 -32.59 -26.49 -22.25
N ASP C 142 -31.29 -26.65 -22.49
CA ASP C 142 -30.80 -27.48 -23.57
C ASP C 142 -30.13 -28.74 -23.03
N ARG C 143 -30.34 -29.85 -23.72
CA ARG C 143 -29.71 -31.13 -23.40
C ARG C 143 -29.01 -31.66 -24.63
N ILE C 144 -27.76 -32.11 -24.46
CA ILE C 144 -26.98 -32.70 -25.53
C ILE C 144 -26.58 -34.10 -25.12
N LYS C 145 -26.66 -35.04 -26.05
CA LYS C 145 -26.34 -36.44 -25.80
C LYS C 145 -24.91 -36.72 -26.23
N VAL C 146 -24.10 -37.20 -25.29
CA VAL C 146 -22.69 -37.48 -25.52
C VAL C 146 -22.58 -38.95 -25.92
N ILE C 147 -22.19 -39.20 -27.17
CA ILE C 147 -22.11 -40.56 -27.68
C ILE C 147 -20.71 -41.09 -27.42
N MET C 148 -20.63 -42.27 -26.79
CA MET C 148 -19.36 -42.90 -26.50
C MET C 148 -19.44 -44.36 -26.94
N TYR C 149 -18.49 -44.78 -27.78
CA TYR C 149 -18.49 -46.13 -28.34
C TYR C 149 -17.62 -47.01 -27.46
N ALA C 150 -18.26 -47.85 -26.67
CA ALA C 150 -17.53 -48.71 -25.73
C ALA C 150 -16.84 -49.86 -26.44
N UNK C 151 -17.40 -50.29 -27.55
CA UNK C 151 -16.83 -51.40 -28.31
C UNK C 151 -15.60 -50.97 -29.10
N UNK C 152 -15.41 -49.66 -29.22
CA UNK C 152 -14.28 -49.12 -29.96
C UNK C 152 -13.26 -48.48 -29.03
N VAL C 153 -13.58 -48.44 -27.74
CA VAL C 153 -12.67 -47.91 -26.74
C VAL C 153 -12.02 -49.04 -25.96
N UNK C 154 -12.86 -49.88 -25.37
CA UNK C 154 -12.38 -51.04 -24.62
C UNK C 154 -12.71 -52.32 -25.38
N UNK C 155 -13.41 -53.23 -24.71
CA UNK C 155 -13.87 -54.47 -25.33
C UNK C 155 -15.30 -54.74 -24.90
N UNK C 156 -16.24 -54.01 -25.51
CA UNK C 156 -17.65 -54.04 -25.11
C UNK C 156 -17.81 -53.68 -23.64
N LEU C 157 -18.94 -54.06 -23.06
CA LEU C 157 -19.21 -53.80 -21.65
C LEU C 157 -20.18 -54.82 -21.09
N UNK C 158 -19.64 -55.94 -20.60
CA UNK C 158 -20.46 -56.99 -20.03
C UNK C 158 -21.03 -56.59 -18.69
N UNK C 159 -21.79 -57.48 -18.07
CA UNK C 159 -22.48 -57.20 -16.81
C UNK C 159 -21.51 -56.90 -15.68
N GLY C 160 -21.86 -55.93 -14.85
CA GLY C 160 -21.07 -55.59 -13.67
C GLY C 160 -19.89 -54.68 -13.94
N UNK C 161 -19.35 -54.73 -15.15
CA UNK C 161 -18.18 -53.95 -15.51
C UNK C 161 -18.48 -52.45 -15.48
N GLU C 162 -18.12 -51.81 -14.36
CA GLU C 162 -18.34 -50.38 -14.20
C GLU C 162 -17.17 -49.57 -14.76
N VAL C 163 -17.45 -48.32 -15.15
CA VAL C 163 -16.43 -47.41 -15.63
C VAL C 163 -16.55 -46.11 -14.84
N GLN C 164 -15.47 -45.35 -14.75
CA GLN C 164 -15.46 -44.08 -14.06
C GLN C 164 -15.26 -42.96 -15.08
N LEU C 165 -16.28 -42.13 -15.25
CA LEU C 165 -16.24 -41.03 -16.22
C LEU C 165 -16.17 -39.71 -15.48
N THR C 166 -15.22 -38.87 -15.86
CA THR C 166 -15.10 -37.52 -15.33
C THR C 166 -15.03 -36.52 -16.49
N VAL C 167 -16.16 -35.85 -16.75
CA VAL C 167 -16.23 -34.88 -17.82
C VAL C 167 -15.63 -33.57 -17.33
N THR C 168 -14.63 -33.05 -18.06
CA THR C 168 -13.90 -31.86 -17.65
C THR C 168 -14.05 -30.80 -18.72
N THR C 169 -14.60 -29.65 -18.34
CA THR C 169 -14.72 -28.52 -19.25
C THR C 169 -13.35 -27.83 -19.39
N GLN C 170 -13.26 -26.89 -20.33
CA GLN C 170 -11.99 -26.25 -20.63
C GLN C 170 -11.48 -25.44 -19.43
N TYR C 171 -12.39 -24.80 -18.69
CA TYR C 171 -11.97 -24.03 -17.52
C TYR C 171 -11.37 -24.89 -16.43
N GLY C 172 -11.72 -26.18 -16.39
CA GLY C 172 -11.23 -27.08 -15.37
C GLY C 172 -12.30 -27.66 -14.47
N SER C 173 -13.57 -27.31 -14.67
CA SER C 173 -14.64 -27.91 -13.89
C SER C 173 -14.75 -29.39 -14.21
N LYS C 174 -14.87 -30.22 -13.18
CA LYS C 174 -14.87 -31.67 -13.32
C LYS C 174 -16.15 -32.24 -12.73
N THR C 175 -16.85 -33.06 -13.52
CA THR C 175 -18.03 -33.77 -13.07
C THR C 175 -17.80 -35.27 -13.24
N THR C 176 -17.95 -36.01 -12.14
CA THR C 176 -17.70 -37.44 -12.13
C THR C 176 -19.02 -38.21 -12.15
N TYR C 177 -19.00 -39.35 -12.85
CA TYR C 177 -20.18 -40.20 -12.95
C TYR C 177 -19.72 -41.65 -13.10
N TRP C 178 -20.14 -42.49 -12.16
CA TRP C 178 -19.80 -43.92 -12.19
C TRP C 178 -20.89 -44.66 -12.95
N ALA C 179 -20.61 -45.01 -14.21
CA ALA C 179 -21.56 -45.73 -15.04
C ALA C 179 -21.49 -47.20 -14.69
N GLN C 180 -22.42 -47.64 -13.84
CA GLN C 180 -22.48 -49.03 -13.40
C GLN C 180 -23.51 -49.76 -14.24
N VAL C 181 -23.05 -50.73 -15.04
CA VAL C 181 -23.97 -51.52 -15.85
C VAL C 181 -24.84 -52.37 -14.93
N PRO C 182 -26.11 -52.59 -15.25
CA PRO C 182 -26.94 -53.49 -14.44
C PRO C 182 -26.32 -54.88 -14.36
N GLU C 183 -26.54 -55.54 -13.22
CA GLU C 183 -25.87 -56.81 -12.97
C GLU C 183 -26.31 -57.89 -13.95
N SER C 184 -27.50 -57.74 -14.54
CA SER C 184 -27.98 -58.64 -15.56
C SER C 184 -28.36 -57.86 -16.81
N LEU C 185 -28.05 -58.42 -17.98
CA LEU C 185 -28.32 -57.77 -19.26
C LEU C 185 -29.24 -58.63 -20.12
N LYS C 186 -30.00 -59.50 -19.49
CA LYS C 186 -30.83 -60.46 -20.21
C LYS C 186 -32.20 -59.86 -20.51
N ASP C 187 -32.65 -59.99 -21.75
CA ASP C 187 -33.96 -59.51 -22.20
C ASP C 187 -34.12 -58.01 -21.92
N LYS C 188 -33.06 -57.25 -22.16
CA LYS C 188 -33.08 -55.79 -22.01
C LYS C 188 -32.50 -55.20 -23.29
N ASN C 189 -33.37 -54.59 -24.11
CA ASN C 189 -32.88 -53.94 -25.33
C ASN C 189 -32.02 -52.74 -24.99
N ALA C 190 -32.41 -51.97 -23.96
CA ALA C 190 -31.62 -50.85 -23.48
C ALA C 190 -31.78 -50.73 -21.98
N VAL C 191 -30.68 -50.37 -21.32
CA VAL C 191 -30.65 -50.26 -19.87
C VAL C 191 -30.20 -48.88 -19.43
N UNK C 192 -30.30 -48.61 -18.14
CA UNK C 192 -29.86 -47.34 -17.57
C UNK C 192 -28.62 -47.54 -16.71
N LEU C 193 -27.48 -47.06 -17.20
CA LEU C 193 -26.21 -47.21 -16.49
C LEU C 193 -26.19 -46.31 -15.26
N GLN D 13 14.65 14.05 -5.78
CA GLN D 13 15.10 12.70 -5.45
C GLN D 13 14.00 11.92 -4.76
N VAL D 14 12.87 12.59 -4.49
CA VAL D 14 11.75 11.93 -3.83
C VAL D 14 11.19 10.81 -4.70
N GLY D 15 11.26 10.99 -6.03
CA GLY D 15 10.81 9.93 -6.92
C GLY D 15 11.63 8.67 -6.81
N ILE D 16 12.92 8.81 -6.52
CA ILE D 16 13.80 7.65 -6.38
C ILE D 16 13.34 6.78 -5.22
N GLY D 17 13.02 7.40 -4.09
CA GLY D 17 12.62 6.64 -2.92
C GLY D 17 11.39 5.80 -3.15
N THR D 18 10.46 6.33 -3.96
CA THR D 18 9.26 5.57 -4.29
C THR D 18 9.61 4.28 -5.03
N LEU D 19 10.59 4.36 -5.94
CA LEU D 19 10.91 3.23 -6.81
C LEU D 19 11.28 1.98 -6.01
N ILE D 20 12.23 2.12 -5.08
CA ILE D 20 12.68 0.96 -4.32
C ILE D 20 11.60 0.49 -3.36
N VAL D 21 10.90 1.43 -2.73
CA VAL D 21 9.78 1.07 -1.87
C VAL D 21 8.69 0.39 -2.68
N PHE D 22 8.47 0.86 -3.90
CA PHE D 22 7.55 0.18 -4.80
C PHE D 22 7.97 -1.26 -5.02
N ILE D 23 9.26 -1.49 -5.27
CA ILE D 23 9.77 -2.85 -5.48
C ILE D 23 9.50 -3.72 -4.26
N ALA D 24 9.64 -3.12 -3.07
CA ALA D 24 9.44 -3.88 -1.83
C ALA D 24 8.01 -4.43 -1.75
N MET D 25 7.03 -3.61 -2.08
CA MET D 25 5.64 -4.05 -1.94
C MET D 25 5.29 -5.13 -2.95
N VAL D 26 5.95 -5.14 -4.11
CA VAL D 26 5.78 -6.25 -5.04
C VAL D 26 6.25 -7.56 -4.43
N LEU D 27 7.42 -7.52 -3.77
CA LEU D 27 7.97 -8.74 -3.20
C LEU D 27 7.14 -9.22 -2.01
N VAL D 28 6.81 -8.31 -1.08
CA VAL D 28 6.07 -8.73 0.11
C VAL D 28 4.69 -9.25 -0.27
N ALA D 29 4.06 -8.65 -1.29
CA ALA D 29 2.81 -9.22 -1.79
C ALA D 29 3.04 -10.60 -2.38
N ALA D 30 4.13 -10.78 -3.13
CA ALA D 30 4.45 -12.10 -3.66
C ALA D 30 4.75 -13.09 -2.54
N ILE D 31 5.49 -12.66 -1.52
CA ILE D 31 5.72 -13.51 -0.36
C ILE D 31 4.40 -13.79 0.36
N ALA D 32 3.60 -12.75 0.58
CA ALA D 32 2.32 -12.94 1.25
C ALA D 32 1.39 -13.81 0.41
N ALA D 33 1.40 -13.62 -0.91
CA ALA D 33 0.53 -14.40 -1.78
C ALA D 33 0.84 -15.88 -1.66
N GLY D 34 2.12 -16.24 -1.67
CA GLY D 34 2.52 -17.63 -1.65
C GLY D 34 2.04 -18.41 -0.45
N VAL D 35 2.12 -17.81 0.74
CA VAL D 35 1.84 -18.55 1.97
C VAL D 35 0.40 -19.06 1.97
N LEU D 36 -0.51 -18.34 1.31
CA LEU D 36 -1.89 -18.82 1.22
C LEU D 36 -2.01 -19.97 0.22
N ILE D 37 -1.37 -19.83 -0.95
CA ILE D 37 -1.57 -20.83 -2.01
C ILE D 37 -1.03 -22.20 -1.59
N ASN D 38 0.21 -22.24 -1.11
CA ASN D 38 0.80 -23.53 -0.75
C ASN D 38 0.11 -24.12 0.48
N THR D 39 -0.31 -23.26 1.42
CA THR D 39 -1.09 -23.76 2.55
C THR D 39 -2.40 -24.37 2.10
N ALA D 40 -3.16 -23.63 1.28
CA ALA D 40 -4.43 -24.15 0.78
C ALA D 40 -4.23 -25.41 -0.03
N GLY D 41 -3.03 -25.60 -0.61
CA GLY D 41 -2.72 -26.84 -1.28
C GLY D 41 -2.71 -28.02 -0.33
N TYR D 42 -2.23 -27.80 0.90
CA TYR D 42 -2.16 -28.89 1.87
C TYR D 42 -3.56 -29.32 2.28
N LEU D 43 -4.42 -28.36 2.65
CA LEU D 43 -5.80 -28.71 2.97
C LEU D 43 -6.53 -29.26 1.75
N GLN D 44 -6.10 -28.88 0.54
CA GLN D 44 -6.65 -29.48 -0.66
C GLN D 44 -6.37 -30.99 -0.69
N SER D 45 -5.11 -31.37 -0.50
CA SER D 45 -4.77 -32.79 -0.52
C SER D 45 -5.26 -33.49 0.73
N LYS D 46 -5.17 -32.82 1.88
CA LYS D 46 -5.60 -33.42 3.13
C LYS D 46 -7.12 -33.58 3.15
N GLY D 47 -7.84 -32.54 2.72
CA GLY D 47 -9.29 -32.62 2.73
C GLY D 47 -9.83 -33.69 1.80
N SER D 48 -9.20 -33.83 0.63
CA SER D 48 -9.62 -34.87 -0.31
C SER D 48 -9.40 -36.26 0.27
N ALA D 49 -8.25 -36.47 0.90
CA ALA D 49 -7.94 -37.78 1.49
C ALA D 49 -8.89 -38.09 2.64
N THR D 50 -9.20 -37.08 3.46
CA THR D 50 -10.08 -37.28 4.61
C THR D 50 -11.48 -37.70 4.15
N GLY D 51 -11.98 -37.08 3.09
CA GLY D 51 -13.32 -37.41 2.61
C GLY D 51 -13.43 -38.84 2.12
N GLU D 52 -12.43 -39.29 1.34
CA GLU D 52 -12.45 -40.66 0.84
C GLU D 52 -12.37 -41.67 1.98
N GLU D 53 -11.52 -41.41 2.97
CA GLU D 53 -11.39 -42.34 4.09
C GLU D 53 -12.64 -42.34 4.96
N ALA D 54 -13.21 -41.17 5.22
CA ALA D 54 -14.42 -41.09 6.05
C ALA D 54 -15.57 -41.83 5.38
N SER D 55 -15.72 -41.66 4.07
CA SER D 55 -16.71 -42.43 3.32
C SER D 55 -16.37 -43.92 3.35
N ALA D 56 -15.08 -44.25 3.30
CA ALA D 56 -14.68 -45.65 3.35
C ALA D 56 -14.88 -46.23 4.75
N GLN D 57 -14.73 -45.41 5.78
CA GLN D 57 -14.88 -45.91 7.15
C GLN D 57 -16.28 -46.47 7.38
N VAL D 58 -17.30 -45.79 6.84
CA VAL D 58 -18.68 -46.19 7.10
C VAL D 58 -19.19 -47.24 6.13
N SER D 59 -18.66 -47.28 4.90
CA SER D 59 -19.24 -48.10 3.84
C SER D 59 -18.71 -49.52 3.79
N ASN D 60 -17.39 -49.68 3.58
CA ASN D 60 -16.86 -51.02 3.34
C ASN D 60 -16.97 -51.88 4.59
N ARG D 61 -18.15 -52.47 4.79
CA ARG D 61 -18.42 -53.30 5.95
C ARG D 61 -18.31 -54.78 5.60
N ILE D 62 -18.55 -55.62 6.60
CA ILE D 62 -18.62 -57.07 6.44
C ILE D 62 -20.07 -57.47 6.68
N ASN D 63 -20.66 -58.17 5.73
CA ASN D 63 -21.95 -58.80 5.97
C ASN D 63 -21.78 -60.29 6.13
N ILE D 64 -22.22 -60.83 7.26
CA ILE D 64 -21.98 -62.22 7.62
C ILE D 64 -23.21 -63.02 7.21
N VAL D 65 -23.06 -63.88 6.19
CA VAL D 65 -24.19 -64.65 5.67
C VAL D 65 -24.70 -65.62 6.73
N SER D 66 -23.80 -66.41 7.31
CA SER D 66 -24.18 -67.44 8.26
C SER D 66 -22.92 -68.01 8.91
N ALA D 67 -23.12 -68.73 10.00
CA ALA D 67 -22.03 -69.37 10.72
C ALA D 67 -22.42 -70.81 11.00
N TYR D 68 -21.56 -71.75 10.61
CA TYR D 68 -21.74 -73.16 10.93
C TYR D 68 -20.41 -73.74 11.39
N GLY D 69 -20.49 -74.83 12.14
CA GLY D 69 -19.30 -75.43 12.70
C GLY D 69 -19.30 -76.94 12.74
N ASN D 70 -18.14 -77.54 12.53
CA ASN D 70 -17.98 -78.98 12.69
C ASN D 70 -18.18 -79.38 14.14
N VAL D 71 -18.69 -80.59 14.34
CA VAL D 71 -18.87 -81.12 15.68
C VAL D 71 -18.13 -82.45 15.83
N UNK D 72 -17.12 -82.45 16.70
CA UNK D 72 -16.37 -83.67 17.00
C UNK D 72 -16.71 -84.14 18.41
N UNK D 73 -16.73 -85.46 18.60
CA UNK D 73 -17.09 -86.07 19.89
C UNK D 73 -18.46 -85.61 20.35
N UNK D 74 -18.52 -84.44 20.98
CA UNK D 74 -19.78 -83.90 21.46
C UNK D 74 -19.71 -82.38 21.56
N UNK D 75 -18.54 -81.82 21.26
CA UNK D 75 -18.36 -80.37 21.35
C UNK D 75 -17.87 -79.81 20.03
N VAL D 76 -18.30 -78.59 19.72
CA VAL D 76 -17.90 -77.91 18.49
C VAL D 76 -16.43 -77.54 18.56
N ASP D 77 -15.68 -77.84 17.50
CA ASP D 77 -14.26 -77.54 17.44
C ASP D 77 -13.91 -76.47 16.42
N TYR D 78 -14.71 -76.31 15.38
CA TYR D 78 -14.45 -75.32 14.34
C TYR D 78 -15.62 -74.36 14.24
N VAL D 79 -15.31 -73.10 13.93
CA VAL D 79 -16.31 -72.06 13.71
C VAL D 79 -16.04 -71.45 12.34
N ASN D 80 -16.98 -71.63 11.42
CA ASN D 80 -16.83 -71.19 10.03
C ASN D 80 -17.87 -70.12 9.74
N LEU D 81 -17.43 -69.00 9.18
CA LEU D 81 -18.30 -67.88 8.86
C LEU D 81 -18.20 -67.58 7.37
N THR D 82 -19.35 -67.37 6.73
CA THR D 82 -19.38 -66.99 5.32
C THR D 82 -19.66 -65.50 5.23
N VAL D 83 -18.71 -64.74 4.69
CA VAL D 83 -18.81 -63.29 4.65
C VAL D 83 -18.97 -62.83 3.20
N ARG D 84 -19.54 -61.63 3.05
CA ARG D 84 -19.74 -61.04 1.73
C ARG D 84 -19.61 -59.53 1.84
N GLN D 85 -19.46 -58.88 0.69
CA GLN D 85 -19.37 -57.43 0.64
C GLN D 85 -20.69 -56.80 1.09
N ALA D 86 -20.57 -55.63 1.71
CA ALA D 86 -21.73 -54.87 2.16
C ALA D 86 -22.30 -54.06 0.99
N ALA D 87 -23.24 -53.17 1.28
CA ALA D 87 -23.82 -52.34 0.23
C ALA D 87 -22.80 -51.35 -0.27
N GLY D 88 -22.34 -51.55 -1.51
CA GLY D 88 -21.37 -50.66 -2.11
C GLY D 88 -19.96 -50.79 -1.60
N ALA D 89 -19.58 -51.93 -1.04
CA ALA D 89 -18.23 -52.13 -0.54
C ALA D 89 -17.22 -52.17 -1.68
N ASP D 90 -16.01 -51.70 -1.39
CA ASP D 90 -14.91 -51.73 -2.34
C ASP D 90 -14.12 -53.02 -2.17
N ASN D 91 -12.90 -53.06 -2.74
CA ASN D 91 -12.05 -54.25 -2.66
C ASN D 91 -11.51 -54.37 -1.24
N ILE D 92 -12.35 -54.91 -0.36
CA ILE D 92 -11.94 -55.14 1.03
C ILE D 92 -10.96 -56.30 1.07
N ASN D 93 -10.07 -56.28 2.07
CA ASN D 93 -9.04 -57.30 2.22
C ASN D 93 -9.19 -57.92 3.61
N LEU D 94 -9.25 -59.25 3.66
CA LEU D 94 -9.40 -59.96 4.93
C LEU D 94 -8.07 -60.28 5.61
N UNK D 95 -6.97 -59.96 4.96
CA UNK D 95 -5.66 -60.16 5.57
C UNK D 95 -5.36 -58.99 6.51
N LYS D 96 -6.09 -57.91 6.33
CA LYS D 96 -5.92 -56.71 7.14
C LYS D 96 -7.03 -56.59 8.18
N SER D 97 -7.93 -57.57 8.19
CA SER D 97 -9.03 -57.59 9.14
C SER D 97 -8.60 -58.27 10.43
N THR D 98 -9.16 -57.79 11.55
CA THR D 98 -8.82 -58.30 12.88
C THR D 98 -10.13 -58.72 13.57
N ILE D 99 -10.37 -60.03 13.60
CA ILE D 99 -11.54 -60.56 14.27
C ILE D 99 -11.30 -60.57 15.77
N GLN D 100 -12.25 -60.05 16.54
CA GLN D 100 -12.17 -60.03 17.98
C GLN D 100 -13.06 -61.12 18.57
N TRP D 101 -12.46 -61.97 19.40
CA TRP D 101 -13.11 -63.14 19.97
C TRP D 101 -13.31 -62.92 21.47
N ILE D 102 -14.56 -62.62 21.85
CA ILE D 102 -14.93 -62.59 23.26
C ILE D 102 -15.69 -63.87 23.57
N GLY D 103 -14.96 -64.91 23.97
CA GLY D 103 -15.55 -66.20 24.25
C GLY D 103 -15.89 -66.39 25.71
N PRO D 104 -16.39 -67.56 26.06
CA PRO D 104 -16.64 -67.86 27.48
C PRO D 104 -15.38 -67.80 28.33
N ASP D 105 -14.24 -68.18 27.75
CA ASP D 105 -12.97 -68.17 28.48
C ASP D 105 -12.09 -67.01 28.06
N UNK D 106 -11.32 -67.21 26.99
CA UNK D 106 -10.37 -66.21 26.54
C UNK D 106 -11.03 -65.02 25.87
N ALA D 107 -10.25 -64.00 25.56
CA ALA D 107 -10.74 -62.79 24.92
C ALA D 107 -9.67 -62.11 24.09
N THR D 108 -9.09 -62.84 23.15
CA THR D 108 -8.00 -62.35 22.33
C THR D 108 -8.54 -61.74 21.03
N THR D 109 -7.62 -61.28 20.19
CA THR D 109 -7.94 -60.65 18.90
C THR D 109 -7.18 -61.41 17.81
N LEU D 110 -7.93 -62.19 17.02
CA LEU D 110 -7.30 -63.02 16.01
C LEU D 110 -6.82 -62.20 14.82
N THR D 111 -5.84 -62.74 14.10
CA THR D 111 -5.30 -62.15 12.88
C THR D 111 -4.99 -63.27 11.90
N TYR D 112 -5.01 -62.94 10.62
CA TYR D 112 -4.81 -63.91 9.54
C TYR D 112 -3.41 -64.54 9.64
N UNK D 113 -3.38 -65.86 9.80
CA UNK D 113 -2.12 -66.60 9.79
C UNK D 113 -1.59 -66.78 8.36
N UNK D 114 -1.42 -68.03 7.94
CA UNK D 114 -1.01 -68.36 6.57
C UNK D 114 -1.15 -69.85 6.30
N UNK D 115 -2.35 -70.26 5.91
CA UNK D 115 -2.67 -71.66 5.63
C UNK D 115 -2.33 -72.58 6.81
N UNK D 116 -3.27 -72.70 7.74
CA UNK D 116 -3.07 -73.54 8.92
C UNK D 116 -4.34 -74.30 9.28
N UNK D 117 -4.53 -75.45 8.64
CA UNK D 117 -5.70 -76.31 8.88
C UNK D 117 -7.01 -75.54 8.67
N UNK D 119 -5.86 -71.61 10.48
CA UNK D 119 -6.27 -71.28 11.84
C UNK D 119 -5.10 -71.43 12.81
N UNK D 120 -5.24 -72.34 13.76
CA UNK D 120 -4.22 -72.63 14.77
C UNK D 120 -3.94 -71.44 15.68
N UNK D 121 -4.32 -71.58 16.95
CA UNK D 121 -4.13 -70.55 17.97
C UNK D 121 -4.84 -69.25 17.58
N GLU D 122 -4.31 -68.12 18.02
CA GLU D 122 -5.00 -66.83 17.87
C GLU D 122 -5.02 -66.31 16.41
N ASN D 123 -5.33 -67.21 15.49
CA ASN D 123 -5.31 -66.85 14.07
C ASN D 123 -6.54 -67.41 13.37
N PHE D 124 -6.84 -66.86 12.19
CA PHE D 124 -7.91 -67.34 11.34
C PHE D 124 -7.41 -67.46 9.92
N THR D 125 -8.06 -68.34 9.14
CA THR D 125 -7.68 -68.63 7.77
C THR D 125 -8.86 -68.38 6.86
N THR D 126 -8.59 -67.89 5.64
CA THR D 126 -9.65 -67.60 4.69
C THR D 126 -9.57 -68.49 3.44
N UNK D 127 -10.42 -69.50 3.38
CA UNK D 127 -10.50 -70.37 2.21
C UNK D 127 -11.69 -69.97 1.35
N SER D 128 -11.43 -69.69 0.07
CA SER D 128 -12.46 -69.19 -0.83
C SER D 128 -13.52 -70.22 -1.16
N ILE D 129 -14.75 -69.75 -1.30
CA ILE D 129 -15.89 -70.58 -1.69
C ILE D 129 -16.39 -70.22 -3.08
N LYS D 130 -16.66 -68.93 -3.31
CA LYS D 130 -17.06 -68.42 -4.61
C LYS D 130 -16.16 -67.26 -4.99
N GLY D 131 -15.64 -67.28 -6.22
CA GLY D 131 -14.81 -66.19 -6.70
C GLY D 131 -13.44 -66.63 -7.18
N UNK D 132 -12.54 -65.67 -7.34
CA UNK D 132 -11.19 -65.94 -7.82
C UNK D 132 -10.18 -65.90 -6.68
N UNK D 133 -10.16 -64.77 -5.97
CA UNK D 133 -9.23 -64.59 -4.86
C UNK D 133 -9.64 -65.42 -3.64
N UNK D 134 -8.76 -65.47 -2.64
CA UNK D 134 -9.03 -66.21 -1.42
C UNK D 134 -8.67 -65.38 -0.18
N UNK D 135 -8.67 -64.07 -0.34
CA UNK D 135 -8.36 -63.16 0.75
C UNK D 135 -8.90 -61.77 0.48
N VAL D 136 -9.42 -61.56 -0.72
CA VAL D 136 -9.95 -60.26 -1.13
C VAL D 136 -11.30 -60.43 -1.80
N LEU D 137 -12.25 -59.55 -1.46
CA LEU D 137 -13.57 -59.58 -2.07
C LEU D 137 -13.57 -58.62 -3.25
N VAL D 138 -13.63 -59.16 -4.46
CA VAL D 138 -13.56 -58.31 -5.65
C VAL D 138 -14.95 -57.85 -6.10
N ASP D 139 -15.92 -58.74 -6.18
CA ASP D 139 -17.27 -58.40 -6.59
C ASP D 139 -18.24 -58.69 -5.45
N GLN D 140 -19.53 -58.42 -5.71
CA GLN D 140 -20.55 -58.71 -4.72
C GLN D 140 -20.82 -60.20 -4.62
N SER D 141 -20.49 -60.96 -5.67
CA SER D 141 -20.82 -62.38 -5.71
C SER D 141 -19.88 -63.24 -4.87
N ASP D 142 -18.64 -62.81 -4.67
CA ASP D 142 -17.66 -63.66 -3.99
C ASP D 142 -18.03 -63.89 -2.53
N ARG D 143 -17.80 -65.11 -2.07
CA ARG D 143 -18.01 -65.48 -0.67
C ARG D 143 -16.81 -66.30 -0.23
N ILE D 144 -16.08 -65.81 0.77
CA ILE D 144 -14.92 -66.49 1.34
C ILE D 144 -15.20 -66.82 2.80
N LYS D 145 -14.76 -68.00 3.21
CA LYS D 145 -15.05 -68.54 4.53
C LYS D 145 -13.83 -68.35 5.43
N VAL D 146 -14.00 -67.58 6.50
CA VAL D 146 -12.95 -67.35 7.48
C VAL D 146 -12.93 -68.57 8.40
N ILE D 147 -11.76 -69.18 8.53
CA ILE D 147 -11.66 -70.46 9.24
C ILE D 147 -11.07 -70.21 10.62
N MET D 148 -11.82 -70.59 11.66
CA MET D 148 -11.47 -70.26 13.02
C MET D 148 -11.49 -71.51 13.88
N TYR D 149 -10.49 -71.64 14.74
CA TYR D 149 -10.30 -72.84 15.56
C TYR D 149 -10.76 -72.53 16.98
N ALA D 150 -11.73 -73.30 17.46
CA ALA D 150 -12.28 -73.09 18.80
C ALA D 150 -11.39 -73.74 19.86
N UNK D 151 -10.84 -74.90 19.53
CA UNK D 151 -9.96 -75.62 20.44
C UNK D 151 -8.52 -75.16 20.27
N UNK D 152 -8.34 -73.85 20.12
CA UNK D 152 -7.03 -73.26 19.95
C UNK D 152 -7.03 -71.83 20.47
N VAL D 153 -8.21 -71.24 20.53
CA VAL D 153 -8.39 -69.92 21.09
C VAL D 153 -9.10 -70.05 22.43
N UNK D 154 -9.67 -71.23 22.66
CA UNK D 154 -10.39 -71.52 23.89
C UNK D 154 -10.46 -73.03 24.11
N UNK D 155 -11.31 -73.46 25.04
CA UNK D 155 -11.49 -74.88 25.30
C UNK D 155 -12.62 -75.44 24.47
N UNK D 156 -12.35 -75.62 23.17
CA UNK D 156 -13.35 -76.08 22.21
C UNK D 156 -14.59 -75.19 22.25
N LEU D 157 -15.77 -75.80 22.18
CA LEU D 157 -17.03 -75.07 22.28
C LEU D 157 -18.12 -75.99 22.83
N UNK D 158 -18.52 -75.74 24.07
CA UNK D 158 -19.55 -76.54 24.72
C UNK D 158 -20.94 -76.09 24.29
N UNK D 159 -21.96 -76.82 24.76
CA UNK D 159 -23.34 -76.52 24.41
C UNK D 159 -23.84 -75.27 25.12
N GLY D 160 -24.51 -74.39 24.39
CA GLY D 160 -25.11 -73.20 24.96
C GLY D 160 -24.16 -72.04 25.13
N UNK D 161 -22.87 -72.28 24.91
CA UNK D 161 -21.86 -71.24 25.05
C UNK D 161 -22.05 -70.16 24.00
N GLU D 162 -21.86 -68.90 24.40
CA GLU D 162 -22.00 -67.78 23.48
C GLU D 162 -20.67 -67.08 23.26
N VAL D 163 -20.41 -66.74 21.99
CA VAL D 163 -19.17 -66.06 21.63
C VAL D 163 -19.52 -64.79 20.85
N GLN D 164 -18.90 -63.67 21.23
CA GLN D 164 -19.16 -62.38 20.60
C GLN D 164 -18.00 -62.07 19.65
N LEU D 165 -18.30 -62.04 18.35
CA LEU D 165 -17.31 -61.79 17.32
C LEU D 165 -17.60 -60.45 16.65
N THR D 166 -16.57 -59.61 16.56
CA THR D 166 -16.66 -58.30 15.92
C THR D 166 -15.62 -58.24 14.80
N VAL D 167 -16.04 -58.54 13.58
CA VAL D 167 -15.14 -58.52 12.43
C VAL D 167 -14.94 -57.07 12.00
N THR D 168 -13.71 -56.59 12.09
CA THR D 168 -13.38 -55.20 11.77
C THR D 168 -12.49 -55.17 10.54
N THR D 169 -12.89 -54.41 9.53
CA THR D 169 -12.07 -54.23 8.35
C THR D 169 -10.91 -53.28 8.67
N GLN D 170 -9.97 -53.18 7.73
CA GLN D 170 -8.83 -52.28 7.92
C GLN D 170 -9.29 -50.84 8.10
N TYR D 171 -10.30 -50.43 7.32
CA TYR D 171 -10.80 -49.06 7.43
C TYR D 171 -11.38 -48.80 8.82
N GLY D 172 -12.10 -49.76 9.37
CA GLY D 172 -12.61 -49.63 10.72
C GLY D 172 -14.05 -50.07 10.88
N SER D 173 -14.73 -50.34 9.77
CA SER D 173 -16.11 -50.80 9.82
C SER D 173 -16.19 -52.13 10.57
N LYS D 174 -17.13 -52.20 11.52
CA LYS D 174 -17.25 -53.34 12.43
C LYS D 174 -18.58 -54.03 12.20
N THR D 175 -18.54 -55.35 12.13
CA THR D 175 -19.75 -56.18 12.11
C THR D 175 -19.70 -57.14 13.28
N THR D 176 -20.75 -57.12 14.10
CA THR D 176 -20.81 -57.96 15.28
C THR D 176 -21.79 -59.11 15.06
N TYR D 177 -21.32 -60.33 15.30
CA TYR D 177 -22.14 -61.53 15.21
C TYR D 177 -22.07 -62.26 16.54
N TRP D 178 -23.23 -62.56 17.11
CA TRP D 178 -23.32 -63.27 18.38
C TRP D 178 -23.59 -64.74 18.09
N ALA D 179 -22.53 -65.45 17.73
CA ALA D 179 -22.64 -66.88 17.46
C ALA D 179 -23.00 -67.62 18.74
N GLN D 180 -24.11 -68.35 18.70
CA GLN D 180 -24.63 -69.06 19.86
C GLN D 180 -24.70 -70.54 19.54
N VAL D 181 -23.99 -71.34 20.33
CA VAL D 181 -24.04 -72.80 20.14
C VAL D 181 -25.43 -73.30 20.50
N PRO D 182 -25.98 -74.28 19.79
CA PRO D 182 -27.29 -74.81 20.16
C PRO D 182 -27.28 -75.39 21.57
N GLU D 183 -28.46 -75.37 22.22
CA GLU D 183 -28.55 -75.82 23.60
C GLU D 183 -28.17 -77.28 23.75
N SER D 184 -28.51 -78.13 22.78
CA SER D 184 -28.20 -79.55 22.81
C SER D 184 -27.44 -79.92 21.55
N LEU D 185 -26.39 -80.73 21.71
CA LEU D 185 -25.59 -81.22 20.59
C LEU D 185 -25.69 -82.73 20.44
N LYS D 186 -26.87 -83.29 20.70
CA LYS D 186 -27.05 -84.73 20.66
C LYS D 186 -27.15 -85.21 19.22
N ASP D 187 -26.16 -85.98 18.78
CA ASP D 187 -26.14 -86.63 17.48
C ASP D 187 -26.31 -85.63 16.34
N LYS D 188 -25.36 -84.71 16.21
CA LYS D 188 -25.35 -83.75 15.10
C LYS D 188 -23.92 -83.61 14.61
N ASN D 189 -23.68 -84.02 13.36
CA ASN D 189 -22.33 -83.96 12.80
C ASN D 189 -21.87 -82.50 12.66
N ALA D 190 -22.76 -81.63 12.22
CA ALA D 190 -22.45 -80.20 12.07
C ALA D 190 -23.72 -79.39 12.25
N VAL D 191 -23.61 -78.34 13.05
CA VAL D 191 -24.78 -77.51 13.37
C VAL D 191 -24.60 -76.09 12.83
N UNK D 192 -25.68 -75.31 12.86
CA UNK D 192 -25.65 -73.94 12.41
C UNK D 192 -25.47 -72.99 13.58
N LEU D 193 -24.27 -72.44 13.73
CA LEU D 193 -23.96 -71.54 14.82
C LEU D 193 -24.76 -70.24 14.71
N GLN E 13 26.68 25.04 -7.26
CA GLN E 13 26.87 24.53 -5.91
C GLN E 13 25.62 23.85 -5.39
N VAL E 14 24.48 24.19 -6.00
CA VAL E 14 23.19 23.64 -5.60
C VAL E 14 23.08 22.16 -5.96
N GLY E 15 23.82 21.71 -6.97
CA GLY E 15 23.72 20.34 -7.40
C GLY E 15 24.38 19.36 -6.46
N ILE E 16 25.28 19.84 -5.61
CA ILE E 16 25.95 18.98 -4.63
C ILE E 16 24.93 18.52 -3.59
N GLY E 17 24.02 19.41 -3.21
CA GLY E 17 23.07 19.08 -2.17
C GLY E 17 22.14 17.94 -2.54
N THR E 18 21.62 17.96 -3.78
CA THR E 18 20.66 16.94 -4.17
C THR E 18 21.33 15.58 -4.35
N LEU E 19 22.64 15.57 -4.59
CA LEU E 19 23.35 14.30 -4.74
C LEU E 19 23.40 13.53 -3.43
N ILE E 20 23.79 14.21 -2.34
CA ILE E 20 23.96 13.53 -1.06
C ILE E 20 22.61 13.10 -0.49
N VAL E 21 21.60 13.97 -0.63
CA VAL E 21 20.26 13.62 -0.16
C VAL E 21 19.71 12.45 -0.96
N PHE E 22 20.05 12.37 -2.25
CA PHE E 22 19.66 11.23 -3.06
C PHE E 22 20.21 9.93 -2.47
N ILE E 23 21.44 9.97 -1.95
CA ILE E 23 22.02 8.78 -1.31
C ILE E 23 21.23 8.40 -0.08
N ALA E 24 20.69 9.40 0.64
CA ALA E 24 19.89 9.11 1.83
C ALA E 24 18.62 8.34 1.47
N MET E 25 17.97 8.74 0.37
CA MET E 25 16.68 8.14 0.02
C MET E 25 16.81 6.66 -0.33
N VAL E 26 17.83 6.28 -1.10
CA VAL E 26 17.97 4.89 -1.52
C VAL E 26 18.23 4.00 -0.30
N LEU E 27 19.10 4.46 0.61
CA LEU E 27 19.31 3.70 1.84
C LEU E 27 18.06 3.66 2.71
N VAL E 28 17.38 4.81 2.86
CA VAL E 28 16.16 4.84 3.66
C VAL E 28 15.11 3.90 3.06
N ALA E 29 14.95 3.93 1.74
CA ALA E 29 14.07 2.98 1.09
C ALA E 29 14.53 1.55 1.31
N ALA E 30 15.83 1.30 1.20
CA ALA E 30 16.35 -0.06 1.43
C ALA E 30 16.14 -0.49 2.87
N ILE E 31 16.36 0.41 3.82
CA ILE E 31 16.09 0.10 5.23
C ILE E 31 14.62 -0.23 5.42
N ALA E 32 13.73 0.59 4.86
CA ALA E 32 12.30 0.32 4.97
C ALA E 32 11.92 -0.93 4.19
N ALA E 33 12.50 -1.10 2.99
CA ALA E 33 12.15 -2.25 2.15
C ALA E 33 12.40 -3.57 2.87
N GLY E 34 13.57 -3.68 3.51
CA GLY E 34 13.89 -4.91 4.22
C GLY E 34 12.92 -5.21 5.34
N VAL E 35 12.42 -4.16 6.01
CA VAL E 35 11.54 -4.35 7.16
C VAL E 35 10.34 -5.20 6.79
N LEU E 36 9.69 -4.87 5.67
CA LEU E 36 8.55 -5.66 5.22
C LEU E 36 8.97 -7.05 4.76
N ILE E 37 10.15 -7.15 4.13
CA ILE E 37 10.61 -8.45 3.64
C ILE E 37 10.80 -9.43 4.80
N ASN E 38 11.56 -9.03 5.82
CA ASN E 38 11.83 -9.93 6.94
C ASN E 38 10.58 -10.18 7.76
N THR E 39 9.75 -9.16 7.96
CA THR E 39 8.52 -9.35 8.71
C THR E 39 7.60 -10.33 8.00
N ALA E 40 7.44 -10.19 6.68
CA ALA E 40 6.63 -11.14 5.93
C ALA E 40 7.22 -12.55 6.01
N GLY E 41 8.53 -12.67 6.18
CA GLY E 41 9.13 -13.98 6.35
C GLY E 41 8.68 -14.67 7.63
N TYR E 42 8.55 -13.90 8.71
CA TYR E 42 8.14 -14.49 9.99
C TYR E 42 6.72 -15.05 9.89
N LEU E 43 5.77 -14.22 9.43
CA LEU E 43 4.40 -14.69 9.30
C LEU E 43 4.29 -15.81 8.28
N GLN E 44 5.19 -15.86 7.31
CA GLN E 44 5.22 -16.97 6.36
C GLN E 44 5.49 -18.29 7.10
N SER E 45 6.53 -18.31 7.93
CA SER E 45 6.81 -19.50 8.73
C SER E 45 5.78 -19.67 9.83
N LYS E 46 5.33 -18.57 10.42
CA LYS E 46 4.28 -18.63 11.43
C LYS E 46 2.97 -19.14 10.82
N GLY E 47 2.58 -18.58 9.67
CA GLY E 47 1.35 -19.00 9.04
C GLY E 47 1.39 -20.42 8.52
N SER E 48 2.50 -20.81 7.90
CA SER E 48 2.61 -22.17 7.35
C SER E 48 2.51 -23.21 8.46
N ALA E 49 3.28 -23.02 9.53
CA ALA E 49 3.25 -23.97 10.65
C ALA E 49 1.88 -24.02 11.29
N THR E 50 1.24 -22.86 11.45
CA THR E 50 -0.08 -22.79 12.06
C THR E 50 -1.08 -23.62 11.28
N GLY E 51 -1.03 -23.55 9.96
CA GLY E 51 -1.93 -24.34 9.14
C GLY E 51 -1.73 -25.83 9.33
N GLU E 52 -0.47 -26.25 9.47
CA GLU E 52 -0.17 -27.67 9.65
C GLU E 52 -0.77 -28.21 10.95
N GLU E 53 -0.46 -27.55 12.08
CA GLU E 53 -0.92 -28.09 13.36
C GLU E 53 -2.40 -27.85 13.59
N ALA E 54 -2.95 -26.76 13.06
CA ALA E 54 -4.39 -26.54 13.17
C ALA E 54 -5.16 -27.64 12.44
N SER E 55 -4.71 -28.00 11.24
CA SER E 55 -5.26 -29.16 10.56
C SER E 55 -4.95 -30.44 11.34
N ALA E 56 -3.74 -30.51 11.90
CA ALA E 56 -3.36 -31.67 12.70
C ALA E 56 -4.22 -31.79 13.95
N GLN E 57 -4.52 -30.67 14.59
CA GLN E 57 -5.33 -30.70 15.80
C GLN E 57 -6.71 -31.30 15.55
N VAL E 58 -7.26 -31.09 14.36
CA VAL E 58 -8.58 -31.62 14.03
C VAL E 58 -8.50 -33.00 13.39
N SER E 59 -7.36 -33.36 12.78
CA SER E 59 -7.28 -34.57 11.99
C SER E 59 -6.79 -35.79 12.77
N ASN E 60 -5.59 -35.74 13.32
CA ASN E 60 -5.00 -36.93 13.92
C ASN E 60 -5.72 -37.24 15.21
N ARG E 61 -6.72 -38.10 15.10
CA ARG E 61 -7.56 -38.53 16.21
C ARG E 61 -7.60 -40.04 16.22
N ILE E 62 -7.73 -40.62 17.41
CA ILE E 62 -7.71 -42.06 17.57
C ILE E 62 -9.09 -42.52 18.02
N ASN E 63 -9.74 -43.33 17.21
CA ASN E 63 -11.06 -43.88 17.52
C ASN E 63 -10.91 -45.20 18.24
N ILE E 64 -11.64 -45.35 19.34
CA ILE E 64 -11.58 -46.58 20.14
C ILE E 64 -12.39 -47.64 19.42
N VAL E 65 -11.72 -48.69 18.94
CA VAL E 65 -12.40 -49.75 18.22
C VAL E 65 -13.33 -50.52 19.15
N SER E 66 -12.82 -50.93 20.30
CA SER E 66 -13.61 -51.69 21.26
C SER E 66 -12.87 -51.70 22.59
N ALA E 67 -13.62 -51.98 23.65
CA ALA E 67 -13.08 -52.04 25.01
C ALA E 67 -13.45 -53.36 25.65
N TYR E 68 -12.44 -54.10 26.10
CA TYR E 68 -12.64 -55.34 26.83
C TYR E 68 -11.69 -55.36 28.03
N GLY E 69 -12.07 -56.10 29.06
CA GLY E 69 -11.30 -56.11 30.29
C GLY E 69 -11.28 -57.45 30.99
N ASN E 70 -10.11 -57.82 31.51
CA ASN E 70 -9.98 -59.07 32.25
C ASN E 70 -10.73 -58.99 33.57
N VAL E 71 -11.26 -60.13 34.01
CA VAL E 71 -12.02 -60.19 35.25
C VAL E 71 -11.46 -61.25 36.18
N UNK E 72 -11.16 -60.84 37.41
CA UNK E 72 -10.70 -61.76 38.45
C UNK E 72 -11.58 -61.60 39.69
N UNK E 73 -11.81 -62.70 40.39
CA UNK E 73 -12.68 -62.71 41.58
C UNK E 73 -14.06 -62.15 41.27
N UNK E 74 -14.26 -60.87 41.56
CA UNK E 74 -15.54 -60.23 41.31
C UNK E 74 -15.38 -58.74 41.03
N UNK E 75 -14.38 -58.40 40.23
CA UNK E 75 -14.12 -57.01 39.87
C UNK E 75 -13.27 -56.91 38.60
N VAL E 76 -13.58 -55.93 37.76
CA VAL E 76 -12.82 -55.71 36.53
C VAL E 76 -11.43 -55.21 36.86
N ASP E 77 -10.41 -55.98 36.47
CA ASP E 77 -9.03 -55.67 36.81
C ASP E 77 -8.34 -54.86 35.72
N TYR E 78 -8.56 -55.20 34.46
CA TYR E 78 -7.93 -54.53 33.33
C TYR E 78 -8.96 -53.77 32.51
N VAL E 79 -8.48 -52.72 31.83
CA VAL E 79 -9.30 -51.94 30.91
C VAL E 79 -8.48 -51.77 29.64
N ASN E 80 -8.71 -52.63 28.66
CA ASN E 80 -7.97 -52.58 27.40
C ASN E 80 -8.81 -51.95 26.31
N LEU E 81 -8.23 -50.95 25.63
CA LEU E 81 -8.92 -50.17 24.60
C LEU E 81 -8.15 -50.33 23.29
N THR E 82 -8.67 -51.15 22.39
CA THR E 82 -8.08 -51.25 21.06
C THR E 82 -8.22 -49.92 20.33
N VAL E 83 -7.10 -49.40 19.83
CA VAL E 83 -7.03 -48.03 19.32
C VAL E 83 -6.64 -48.06 17.85
N ARG E 84 -7.31 -47.21 17.08
CA ARG E 84 -7.14 -47.16 15.63
C ARG E 84 -7.00 -45.72 15.18
N GLN E 85 -6.45 -45.54 13.98
CA GLN E 85 -6.39 -44.21 13.37
C GLN E 85 -7.75 -43.82 12.80
N ALA E 86 -8.01 -42.52 12.78
CA ALA E 86 -9.25 -41.99 12.21
C ALA E 86 -9.05 -41.70 10.73
N ALA E 87 -10.02 -41.02 10.12
CA ALA E 87 -9.96 -40.73 8.69
C ALA E 87 -8.79 -39.80 8.38
N GLY E 88 -7.98 -40.20 7.39
CA GLY E 88 -6.86 -39.40 6.95
C GLY E 88 -5.81 -39.13 8.00
N ALA E 89 -5.77 -39.92 9.06
CA ALA E 89 -4.87 -39.66 10.17
C ALA E 89 -3.42 -39.91 9.78
N ASP E 90 -2.52 -39.10 10.35
CA ASP E 90 -1.09 -39.27 10.16
C ASP E 90 -0.57 -40.26 11.20
N ASN E 91 0.74 -40.28 11.44
CA ASN E 91 1.34 -41.19 12.42
C ASN E 91 1.08 -40.67 13.82
N ILE E 92 -0.04 -41.13 14.41
CA ILE E 92 -0.33 -40.80 15.80
C ILE E 92 0.69 -41.49 16.70
N ASN E 93 1.37 -40.71 17.53
CA ASN E 93 2.31 -41.24 18.50
C ASN E 93 1.60 -41.39 19.85
N LEU E 94 1.39 -42.63 20.27
CA LEU E 94 0.68 -42.91 21.51
C LEU E 94 1.54 -42.59 22.73
N UNK E 95 2.85 -42.44 22.51
CA UNK E 95 3.77 -42.16 23.60
C UNK E 95 3.68 -40.71 24.06
N LYS E 96 3.26 -39.84 23.15
CA LYS E 96 3.10 -38.43 23.48
C LYS E 96 1.63 -38.11 23.70
N SER E 97 0.90 -39.09 24.20
CA SER E 97 -0.54 -38.97 24.42
C SER E 97 -0.87 -39.24 25.89
N THR E 98 -1.95 -38.64 26.36
CA THR E 98 -2.39 -38.78 27.73
C THR E 98 -3.84 -39.21 27.76
N ILE E 99 -4.20 -39.97 28.80
CA ILE E 99 -5.57 -40.41 29.01
C ILE E 99 -6.05 -39.89 30.35
N GLN E 100 -7.24 -39.29 30.34
CA GLN E 100 -7.83 -38.72 31.54
C GLN E 100 -8.88 -39.69 32.11
N TRP E 101 -8.74 -39.99 33.40
CA TRP E 101 -9.60 -40.95 34.10
C TRP E 101 -10.42 -40.18 35.14
N ILE E 102 -11.73 -40.08 34.89
CA ILE E 102 -12.67 -39.61 35.88
C ILE E 102 -13.67 -40.75 36.08
N GLY E 103 -13.61 -41.37 37.26
CA GLY E 103 -14.44 -42.52 37.55
C GLY E 103 -15.15 -42.40 38.88
N PRO E 104 -15.54 -43.55 39.44
CA PRO E 104 -16.22 -43.52 40.75
C PRO E 104 -15.39 -42.92 41.86
N ASP E 105 -14.07 -43.09 41.82
CA ASP E 105 -13.21 -42.58 42.88
C ASP E 105 -12.23 -41.53 42.37
N UNK E 106 -11.01 -41.96 42.10
CA UNK E 106 -9.92 -41.05 41.74
C UNK E 106 -10.16 -40.34 40.41
N ALA E 107 -9.49 -39.20 40.24
CA ALA E 107 -9.56 -38.44 39.00
C ALA E 107 -8.18 -37.90 38.64
N THR E 108 -7.48 -38.60 37.76
CA THR E 108 -6.09 -38.28 37.42
C THR E 108 -5.94 -38.20 35.91
N THR E 109 -4.69 -38.08 35.47
CA THR E 109 -4.33 -38.00 34.05
C THR E 109 -3.16 -38.95 33.81
N LEU E 110 -3.44 -40.09 33.18
CA LEU E 110 -2.43 -41.12 33.01
C LEU E 110 -1.47 -40.78 31.89
N THR E 111 -0.30 -41.41 31.92
CA THR E 111 0.76 -41.19 30.94
C THR E 111 1.48 -42.51 30.68
N TYR E 112 2.17 -42.58 29.54
CA TYR E 112 2.84 -43.80 29.10
C TYR E 112 3.95 -44.21 30.07
N UNK E 113 3.87 -45.44 30.56
CA UNK E 113 4.99 -46.09 31.22
C UNK E 113 5.40 -47.30 30.40
N UNK E 114 6.71 -47.47 30.19
CA UNK E 114 7.23 -48.52 29.31
C UNK E 114 6.66 -49.90 29.63
N UNK E 115 6.53 -50.21 30.91
CA UNK E 115 5.96 -51.48 31.34
C UNK E 115 5.38 -51.36 32.74
N UNK E 119 2.14 -51.66 33.11
CA UNK E 119 1.54 -50.36 33.39
C UNK E 119 1.55 -50.06 34.89
N UNK E 120 0.45 -50.39 35.56
CA UNK E 120 0.26 -50.13 36.98
C UNK E 120 0.36 -48.65 37.30
N UNK E 121 0.30 -48.31 38.59
CA UNK E 121 0.33 -46.93 39.05
C UNK E 121 -0.71 -46.06 38.32
N GLU E 122 -0.37 -44.80 38.12
CA GLU E 122 -1.22 -43.88 37.36
C GLU E 122 -0.76 -43.79 35.91
N ASN E 123 -0.46 -44.94 35.30
CA ASN E 123 0.15 -44.98 33.99
C ASN E 123 -0.52 -46.04 33.13
N PHE E 124 -0.17 -46.04 31.84
CA PHE E 124 -0.72 -46.97 30.87
C PHE E 124 0.38 -47.47 29.94
N THR E 125 0.14 -48.60 29.31
CA THR E 125 1.12 -49.24 28.44
C THR E 125 0.43 -49.65 27.14
N THR E 126 1.19 -49.62 26.05
CA THR E 126 0.66 -49.95 24.73
C THR E 126 1.29 -51.19 24.13
N UNK E 127 0.47 -52.22 23.88
CA UNK E 127 0.93 -53.42 23.20
C UNK E 127 0.44 -53.40 21.75
N SER E 128 1.19 -54.04 20.86
CA SER E 128 0.87 -54.00 19.44
C SER E 128 0.02 -55.20 19.01
N ILE E 129 -1.28 -54.95 18.79
CA ILE E 129 -2.16 -56.01 18.32
C ILE E 129 -1.81 -56.39 16.88
N LYS E 130 -1.65 -55.39 16.01
CA LYS E 130 -1.34 -55.61 14.61
C LYS E 130 -0.50 -54.46 14.10
N GLY E 131 0.59 -54.79 13.40
CA GLY E 131 1.46 -53.78 12.82
C GLY E 131 2.91 -53.93 13.21
N UNK E 132 3.76 -53.03 12.70
CA UNK E 132 5.18 -53.08 12.96
C UNK E 132 5.52 -52.48 14.33
N UNK E 133 5.43 -51.16 14.43
CA UNK E 133 5.75 -50.45 15.66
C UNK E 133 4.74 -50.76 16.76
N UNK E 134 5.18 -50.64 18.01
CA UNK E 134 4.32 -50.94 19.16
C UNK E 134 4.12 -49.72 20.04
N UNK E 135 4.08 -48.54 19.42
CA UNK E 135 3.90 -47.30 20.17
C UNK E 135 3.36 -46.19 19.27
N VAL E 136 3.38 -46.42 17.96
CA VAL E 136 2.93 -45.41 17.01
C VAL E 136 2.21 -46.04 15.82
N LEU E 137 0.94 -45.68 15.65
CA LEU E 137 0.18 -46.13 14.49
C LEU E 137 0.72 -45.49 13.23
N VAL E 138 1.02 -46.31 12.23
CA VAL E 138 1.59 -45.85 10.97
C VAL E 138 0.58 -45.92 9.84
N ASP E 139 0.09 -47.13 9.55
CA ASP E 139 -0.89 -47.34 8.48
C ASP E 139 -2.30 -47.42 9.05
N GLN E 140 -3.28 -47.36 8.15
CA GLN E 140 -4.67 -47.36 8.58
C GLN E 140 -5.07 -48.69 9.22
N SER E 141 -4.39 -49.78 8.85
CA SER E 141 -4.71 -51.09 9.41
C SER E 141 -4.03 -51.35 10.75
N ASP E 142 -3.21 -50.42 11.23
CA ASP E 142 -2.52 -50.61 12.50
C ASP E 142 -3.50 -50.54 13.66
N ARG E 143 -3.39 -51.50 14.58
CA ARG E 143 -4.22 -51.53 15.78
C ARG E 143 -3.31 -51.74 16.99
N ILE E 144 -3.38 -50.82 17.95
CA ILE E 144 -2.59 -50.90 19.16
C ILE E 144 -3.52 -50.84 20.36
N LYS E 145 -3.32 -51.75 21.31
CA LYS E 145 -4.14 -51.86 22.50
C LYS E 145 -3.42 -51.20 23.67
N VAL E 146 -4.12 -50.30 24.36
CA VAL E 146 -3.55 -49.61 25.52
C VAL E 146 -3.88 -50.42 26.77
N ILE E 147 -2.86 -50.72 27.57
CA ILE E 147 -3.00 -51.52 28.77
C ILE E 147 -3.22 -50.57 29.95
N MET E 148 -4.31 -50.77 30.67
CA MET E 148 -4.69 -49.87 31.76
C MET E 148 -5.03 -50.71 32.99
N TYR E 149 -4.54 -50.27 34.15
CA TYR E 149 -4.76 -50.97 35.41
C TYR E 149 -5.90 -50.30 36.17
N ALA E 150 -6.85 -51.11 36.64
CA ALA E 150 -7.98 -50.57 37.37
C ALA E 150 -7.75 -50.62 38.89
N UNK E 151 -6.86 -51.50 39.32
CA UNK E 151 -6.58 -51.66 40.75
C UNK E 151 -5.37 -50.85 41.17
N UNK E 152 -4.93 -49.94 40.30
CA UNK E 152 -3.81 -49.06 40.63
C UNK E 152 -4.25 -47.61 40.62
N VAL E 153 -5.18 -47.29 39.73
CA VAL E 153 -5.72 -45.94 39.65
C VAL E 153 -6.88 -45.80 40.62
N UNK E 154 -7.40 -46.93 41.07
CA UNK E 154 -8.51 -46.96 42.02
C UNK E 154 -8.57 -48.32 42.72
N UNK E 155 -9.65 -48.56 43.46
CA UNK E 155 -9.86 -49.83 44.12
C UNK E 155 -10.58 -50.81 43.19
N UNK E 156 -9.84 -51.35 42.23
CA UNK E 156 -10.39 -52.24 41.21
C UNK E 156 -11.55 -51.57 40.48
N LEU E 157 -12.61 -52.33 40.23
CA LEU E 157 -13.80 -51.78 39.58
C LEU E 157 -15.02 -52.65 39.87
N UNK E 158 -15.97 -52.08 40.60
CA UNK E 158 -17.19 -52.79 40.96
C UNK E 158 -18.12 -52.91 39.76
N UNK E 159 -18.93 -53.96 39.75
CA UNK E 159 -19.86 -54.21 38.65
C UNK E 159 -20.96 -53.16 38.62
N GLY E 160 -21.00 -52.37 37.55
CA GLY E 160 -22.01 -51.33 37.39
C GLY E 160 -21.41 -49.94 37.36
N UNK E 161 -20.10 -49.85 37.59
CA UNK E 161 -19.42 -48.57 37.60
C UNK E 161 -19.25 -48.04 36.17
N GLU E 162 -18.95 -46.75 36.06
CA GLU E 162 -18.74 -46.12 34.77
C GLU E 162 -17.51 -45.22 34.81
N VAL E 163 -16.62 -45.39 33.84
CA VAL E 163 -15.36 -44.67 33.79
C VAL E 163 -15.37 -43.76 32.57
N GLN E 164 -15.04 -42.49 32.79
CA GLN E 164 -14.97 -41.50 31.71
C GLN E 164 -13.52 -41.41 31.26
N LEU E 165 -13.25 -41.84 30.03
CA LEU E 165 -11.91 -41.80 29.45
C LEU E 165 -11.89 -40.81 28.30
N THR E 166 -10.95 -39.86 28.34
CA THR E 166 -10.76 -38.88 27.29
C THR E 166 -9.31 -38.98 26.80
N VAL E 167 -9.08 -39.85 25.81
CA VAL E 167 -7.75 -40.04 25.25
C VAL E 167 -7.40 -38.83 24.39
N THR E 168 -6.41 -38.06 24.83
CA THR E 168 -5.98 -36.86 24.12
C THR E 168 -4.68 -37.16 23.38
N THR E 169 -4.68 -36.93 22.08
CA THR E 169 -3.50 -37.11 21.26
C THR E 169 -2.52 -35.96 21.51
N GLN E 170 -1.30 -36.11 20.99
CA GLN E 170 -0.26 -35.10 21.19
C GLN E 170 -0.69 -33.75 20.62
N TYR E 171 -1.28 -33.75 19.43
CA TYR E 171 -1.68 -32.50 18.80
C TYR E 171 -2.86 -31.86 19.54
N GLY E 172 -3.77 -32.67 20.06
CA GLY E 172 -4.85 -32.12 20.86
C GLY E 172 -6.20 -32.76 20.69
N SER E 173 -6.34 -33.65 19.70
CA SER E 173 -7.61 -34.30 19.45
C SER E 173 -7.99 -35.18 20.64
N LYS E 174 -9.26 -35.08 21.06
CA LYS E 174 -9.78 -35.83 22.19
C LYS E 174 -10.86 -36.80 21.72
N THR E 175 -10.80 -38.03 22.22
CA THR E 175 -11.79 -39.05 21.90
C THR E 175 -12.35 -39.59 23.22
N THR E 176 -13.44 -38.99 23.69
CA THR E 176 -14.06 -39.41 24.94
C THR E 176 -14.74 -40.76 24.75
N TYR E 177 -14.54 -41.66 25.71
CA TYR E 177 -15.17 -42.98 25.72
C TYR E 177 -15.73 -43.23 27.10
N TRP E 178 -17.03 -43.53 27.17
CA TRP E 178 -17.70 -43.77 28.45
C TRP E 178 -17.87 -45.27 28.65
N ALA E 179 -16.82 -45.90 29.16
CA ALA E 179 -16.88 -47.32 29.47
C ALA E 179 -17.78 -47.56 30.68
N GLN E 180 -18.71 -48.50 30.55
CA GLN E 180 -19.65 -48.83 31.61
C GLN E 180 -19.56 -50.33 31.89
N VAL E 181 -19.09 -50.66 33.10
CA VAL E 181 -19.01 -52.08 33.48
C VAL E 181 -20.42 -52.64 33.59
N PRO E 182 -20.67 -53.85 33.07
CA PRO E 182 -22.02 -54.42 33.17
C PRO E 182 -22.44 -54.62 34.62
N GLU E 183 -23.75 -54.53 34.85
CA GLU E 183 -24.28 -54.65 36.21
C GLU E 183 -24.01 -56.03 36.81
N SER E 184 -23.88 -57.04 35.97
CA SER E 184 -23.63 -58.41 36.42
C SER E 184 -22.38 -58.95 35.74
N LEU E 185 -21.53 -59.61 36.54
CA LEU E 185 -20.29 -60.21 36.06
C LEU E 185 -20.20 -61.65 36.51
N LYS E 186 -21.34 -62.26 36.80
CA LYS E 186 -21.39 -63.61 37.36
C LYS E 186 -20.82 -64.62 36.37
N ASP E 187 -19.71 -65.25 36.76
CA ASP E 187 -19.08 -66.32 35.99
C ASP E 187 -18.70 -65.84 34.59
N LYS E 188 -17.80 -64.85 34.57
CA LYS E 188 -17.29 -64.28 33.33
C LYS E 188 -15.79 -64.10 33.47
N ASN E 189 -15.02 -64.85 32.67
CA ASN E 189 -13.57 -64.68 32.68
C ASN E 189 -13.18 -63.29 32.16
N ALA E 190 -13.83 -62.85 31.08
CA ALA E 190 -13.62 -61.52 30.53
C ALA E 190 -14.94 -60.98 30.00
N VAL E 191 -15.04 -59.66 29.92
CA VAL E 191 -16.26 -59.03 29.46
C VAL E 191 -15.96 -57.68 28.79
N UNK E 192 -16.62 -57.43 27.67
CA UNK E 192 -16.45 -56.17 26.96
C UNK E 192 -17.24 -55.06 27.63
N LEU E 193 -16.54 -53.99 28.02
CA LEU E 193 -17.17 -52.86 28.68
C LEU E 193 -17.83 -51.93 27.65
N GLN F 13 37.44 37.43 -6.87
CA GLN F 13 36.92 37.44 -5.51
C GLN F 13 35.60 36.69 -5.42
N VAL F 14 34.86 36.66 -6.54
CA VAL F 14 33.57 36.00 -6.59
C VAL F 14 33.66 34.50 -6.42
N GLY F 15 34.80 33.90 -6.74
CA GLY F 15 34.98 32.47 -6.59
C GLY F 15 35.18 32.06 -5.14
N ILE F 16 35.75 32.95 -4.33
CA ILE F 16 36.03 32.67 -2.93
C ILE F 16 34.73 32.37 -2.19
N GLY F 17 33.69 33.16 -2.47
CA GLY F 17 32.42 32.94 -1.81
C GLY F 17 31.82 31.58 -2.12
N THR F 18 32.00 31.11 -3.36
CA THR F 18 31.39 29.85 -3.77
C THR F 18 31.93 28.69 -2.94
N LEU F 19 33.25 28.67 -2.70
CA LEU F 19 33.85 27.57 -1.93
C LEU F 19 33.29 27.52 -0.51
N ILE F 20 33.19 28.68 0.14
CA ILE F 20 32.74 28.71 1.53
C ILE F 20 31.28 28.26 1.62
N VAL F 21 30.44 28.76 0.72
CA VAL F 21 29.04 28.32 0.69
C VAL F 21 28.96 26.86 0.29
N PHE F 22 29.85 26.40 -0.59
CA PHE F 22 29.85 25.00 -0.99
C PHE F 22 30.03 24.09 0.20
N ILE F 23 30.95 24.42 1.10
CA ILE F 23 31.19 23.61 2.28
C ILE F 23 29.92 23.51 3.13
N ALA F 24 29.19 24.63 3.26
CA ALA F 24 27.99 24.63 4.09
C ALA F 24 26.93 23.69 3.52
N MET F 25 26.81 23.65 2.19
CA MET F 25 25.77 22.82 1.57
C MET F 25 26.02 21.34 1.83
N VAL F 26 27.29 20.92 1.84
CA VAL F 26 27.61 19.52 2.12
C VAL F 26 27.18 19.15 3.53
N LEU F 27 27.48 20.03 4.51
CA LEU F 27 27.08 19.75 5.88
C LEU F 27 25.57 19.71 6.04
N VAL F 28 24.86 20.64 5.39
CA VAL F 28 23.41 20.68 5.49
C VAL F 28 22.79 19.40 4.97
N ALA F 29 23.28 18.91 3.82
CA ALA F 29 22.77 17.66 3.27
C ALA F 29 23.04 16.50 4.22
N ALA F 30 24.23 16.45 4.82
CA ALA F 30 24.54 15.39 5.76
C ALA F 30 23.63 15.46 6.99
N ILE F 31 23.33 16.67 7.46
CA ILE F 31 22.39 16.82 8.56
C ILE F 31 21.01 16.32 8.15
N ALA F 32 20.55 16.72 6.96
CA ALA F 32 19.26 16.26 6.47
C ALA F 32 19.28 14.76 6.21
N ALA F 33 20.39 14.25 5.65
CA ALA F 33 20.49 12.82 5.40
C ALA F 33 20.45 12.02 6.69
N GLY F 34 21.13 12.52 7.72
CA GLY F 34 21.16 11.85 9.01
C GLY F 34 19.80 11.67 9.62
N VAL F 35 18.97 12.72 9.57
CA VAL F 35 17.64 12.67 10.20
C VAL F 35 16.82 11.54 9.62
N LEU F 36 16.84 11.39 8.30
CA LEU F 36 16.08 10.33 7.65
C LEU F 36 16.61 8.95 8.04
N ILE F 37 17.93 8.79 8.07
CA ILE F 37 18.51 7.47 8.32
C ILE F 37 18.22 7.02 9.75
N ASN F 38 18.50 7.88 10.73
CA ASN F 38 18.28 7.49 12.12
C ASN F 38 16.81 7.31 12.44
N THR F 39 15.95 8.17 11.87
CA THR F 39 14.51 8.01 12.08
C THR F 39 14.02 6.69 11.47
N ALA F 40 14.48 6.38 10.26
CA ALA F 40 14.10 5.11 9.65
C ALA F 40 14.61 3.93 10.46
N GLY F 41 15.80 4.06 11.04
CA GLY F 41 16.31 3.01 11.91
C GLY F 41 15.45 2.84 13.16
N TYR F 42 14.94 3.94 13.70
CA TYR F 42 14.05 3.86 14.85
C TYR F 42 12.74 3.18 14.46
N LEU F 43 12.13 3.63 13.36
CA LEU F 43 10.87 3.03 12.92
C LEU F 43 11.06 1.57 12.53
N GLN F 44 12.25 1.21 12.04
CA GLN F 44 12.51 -0.19 11.70
C GLN F 44 12.43 -1.08 12.95
N SER F 45 13.14 -0.69 14.01
CA SER F 45 13.07 -1.45 15.25
C SER F 45 11.69 -1.36 15.86
N LYS F 46 11.07 -0.17 15.80
CA LYS F 46 9.72 0.00 16.34
C LYS F 46 8.72 -0.84 15.55
N GLY F 47 8.80 -0.78 14.22
CA GLY F 47 7.87 -1.53 13.39
C GLY F 47 8.08 -3.03 13.48
N SER F 48 9.33 -3.48 13.47
CA SER F 48 9.61 -4.92 13.51
C SER F 48 9.11 -5.52 14.82
N ALA F 49 9.36 -4.86 15.94
CA ALA F 49 8.90 -5.36 17.23
C ALA F 49 7.39 -5.46 17.27
N THR F 50 6.70 -4.46 16.71
CA THR F 50 5.24 -4.48 16.69
C THR F 50 4.71 -5.70 15.94
N GLY F 51 5.37 -6.04 14.83
CA GLY F 51 4.96 -7.22 14.08
C GLY F 51 5.14 -8.50 14.88
N GLU F 52 6.21 -8.58 15.67
CA GLU F 52 6.49 -9.79 16.42
C GLU F 52 5.45 -10.03 17.50
N GLU F 53 5.17 -9.01 18.32
CA GLU F 53 4.25 -9.20 19.44
C GLU F 53 2.80 -9.29 18.97
N ALA F 54 2.42 -8.52 17.95
CA ALA F 54 1.06 -8.59 17.45
C ALA F 54 0.75 -9.98 16.88
N SER F 55 1.71 -10.58 16.18
CA SER F 55 1.54 -11.95 15.73
C SER F 55 1.41 -12.89 16.92
N ALA F 56 2.18 -12.65 17.98
CA ALA F 56 2.05 -13.42 19.20
C ALA F 56 0.69 -13.20 19.85
N GLN F 57 0.19 -11.96 19.82
CA GLN F 57 -1.11 -11.67 20.43
C GLN F 57 -2.21 -12.53 19.79
N VAL F 58 -2.08 -12.84 18.51
CA VAL F 58 -3.07 -13.66 17.82
C VAL F 58 -2.75 -15.15 17.95
N SER F 59 -1.49 -15.53 17.79
CA SER F 59 -1.12 -16.95 17.71
C SER F 59 -0.87 -17.54 19.09
N ASN F 60 -0.17 -16.82 19.95
CA ASN F 60 0.18 -17.34 21.27
C ASN F 60 -1.08 -17.36 22.13
N ARG F 61 -1.73 -18.51 22.20
CA ARG F 61 -2.99 -18.67 22.89
C ARG F 61 -2.96 -19.94 23.74
N ILE F 62 -3.84 -20.01 24.72
CA ILE F 62 -3.96 -21.15 25.62
C ILE F 62 -5.26 -21.86 25.29
N ASN F 63 -5.19 -23.17 25.05
CA ASN F 63 -6.38 -23.98 24.85
C ASN F 63 -6.59 -24.88 26.06
N ILE F 64 -7.81 -24.89 26.58
CA ILE F 64 -8.13 -25.65 27.79
C ILE F 64 -8.62 -27.03 27.33
N VAL F 65 -7.85 -28.06 27.65
CA VAL F 65 -8.21 -29.42 27.24
C VAL F 65 -9.47 -29.88 27.97
N SER F 66 -9.47 -29.74 29.30
CA SER F 66 -10.60 -30.18 30.10
C SER F 66 -10.49 -29.55 31.48
N ALA F 67 -11.61 -29.54 32.19
CA ALA F 67 -11.67 -29.06 33.56
C ALA F 67 -12.41 -30.06 34.42
N TYR F 68 -11.88 -30.34 35.61
CA TYR F 68 -12.48 -31.30 36.53
C TYR F 68 -12.29 -30.77 37.95
N GLY F 69 -13.38 -30.76 38.72
CA GLY F 69 -13.36 -30.21 40.06
C GLY F 69 -13.43 -31.30 41.12
N ASN F 70 -12.67 -31.10 42.19
CA ASN F 70 -12.74 -32.01 43.33
C ASN F 70 -14.01 -31.74 44.14
N VAL F 71 -14.56 -32.80 44.72
CA VAL F 71 -15.80 -32.68 45.48
C VAL F 71 -15.64 -33.24 46.89
N UNK F 72 -15.89 -32.38 47.88
CA UNK F 72 -15.89 -32.78 49.27
C UNK F 72 -17.20 -32.36 49.91
N UNK F 73 -17.68 -33.15 50.88
CA UNK F 73 -18.98 -32.92 51.53
C UNK F 73 -20.08 -32.84 50.49
N UNK F 74 -20.28 -31.65 49.92
CA UNK F 74 -21.28 -31.44 48.89
C UNK F 74 -20.98 -30.16 48.09
N UNK F 75 -19.70 -29.78 48.05
CA UNK F 75 -19.30 -28.57 47.37
C UNK F 75 -17.95 -28.74 46.68
N VAL F 76 -17.77 -28.04 45.56
CA VAL F 76 -16.54 -28.10 44.79
C VAL F 76 -15.48 -27.24 45.47
N ASP F 77 -14.28 -27.80 45.67
CA ASP F 77 -13.19 -27.11 46.34
C ASP F 77 -12.14 -26.62 45.35
N TYR F 78 -11.60 -27.50 44.52
CA TYR F 78 -10.55 -27.16 43.56
C TYR F 78 -11.14 -27.17 42.16
N VAL F 79 -10.84 -26.14 41.38
CA VAL F 79 -11.19 -26.10 39.97
C VAL F 79 -9.90 -26.23 39.18
N ASN F 80 -9.64 -27.44 38.67
CA ASN F 80 -8.39 -27.74 37.99
C ASN F 80 -8.60 -27.64 36.48
N LEU F 81 -7.66 -26.98 35.80
CA LEU F 81 -7.74 -26.74 34.37
C LEU F 81 -6.49 -27.33 33.70
N THR F 82 -6.68 -28.27 32.78
CA THR F 82 -5.58 -28.82 32.02
C THR F 82 -5.39 -28.00 30.74
N VAL F 83 -4.33 -27.21 30.68
CA VAL F 83 -4.11 -26.27 29.59
C VAL F 83 -3.13 -26.88 28.60
N ARG F 84 -3.16 -26.37 27.37
CA ARG F 84 -2.33 -26.88 26.29
C ARG F 84 -2.05 -25.75 25.31
N GLN F 85 -0.89 -25.83 24.66
CA GLN F 85 -0.53 -24.87 23.64
C GLN F 85 -1.54 -24.87 22.50
N ALA F 86 -1.79 -23.68 21.94
CA ALA F 86 -2.73 -23.54 20.84
C ALA F 86 -2.04 -23.94 19.54
N ALA F 87 -2.71 -23.68 18.41
CA ALA F 87 -2.16 -24.03 17.11
C ALA F 87 -0.98 -23.15 16.75
N GLY F 88 0.22 -23.71 16.77
CA GLY F 88 1.40 -22.97 16.38
C GLY F 88 1.86 -21.92 17.38
N ALA F 89 1.52 -22.08 18.65
CA ALA F 89 1.96 -21.13 19.66
C ALA F 89 3.44 -21.31 19.97
N ASP F 90 4.05 -20.27 20.51
CA ASP F 90 5.44 -20.31 20.95
C ASP F 90 5.49 -20.64 22.43
N ASN F 91 6.68 -20.54 23.03
CA ASN F 91 6.84 -20.83 24.45
C ASN F 91 5.91 -19.96 25.27
N ILE F 92 5.14 -20.58 26.15
CA ILE F 92 4.06 -19.93 26.88
C ILE F 92 4.41 -19.95 28.36
N ASN F 93 4.37 -18.79 28.99
CA ASN F 93 4.64 -18.68 30.42
C ASN F 93 3.33 -18.49 31.17
N LEU F 94 3.10 -19.35 32.17
CA LEU F 94 1.87 -19.31 32.94
C LEU F 94 2.08 -18.59 34.27
N UNK F 95 3.26 -18.02 34.45
CA UNK F 95 3.55 -17.22 35.63
C UNK F 95 3.22 -15.76 35.35
N LYS F 96 3.05 -15.45 34.07
CA LYS F 96 2.67 -14.10 33.64
C LYS F 96 1.28 -14.11 33.03
N SER F 97 0.35 -14.79 33.70
CA SER F 97 -1.02 -14.91 33.22
C SER F 97 -1.99 -14.60 34.35
N THR F 98 -3.11 -13.99 34.00
CA THR F 98 -4.15 -13.63 34.96
C THR F 98 -5.46 -14.28 34.53
N ILE F 99 -6.12 -14.93 35.47
CA ILE F 99 -7.40 -15.60 35.23
C ILE F 99 -8.48 -14.82 35.96
N GLN F 100 -9.48 -14.35 35.20
CA GLN F 100 -10.59 -13.62 35.79
C GLN F 100 -11.68 -14.58 36.25
N TRP F 101 -12.13 -14.39 37.49
CA TRP F 101 -13.15 -15.24 38.11
C TRP F 101 -14.42 -14.41 38.25
N ILE F 102 -15.35 -14.60 37.32
CA ILE F 102 -16.67 -14.01 37.44
C ILE F 102 -17.58 -15.09 38.03
N GLY F 103 -17.70 -15.10 39.36
CA GLY F 103 -18.48 -16.09 40.04
C GLY F 103 -19.83 -15.58 40.47
N PRO F 104 -20.60 -16.42 41.16
CA PRO F 104 -21.91 -15.96 41.66
C PRO F 104 -21.79 -15.03 42.85
N ASP F 105 -20.65 -15.04 43.55
CA ASP F 105 -20.49 -14.23 44.76
C ASP F 105 -19.29 -13.29 44.68
N UNK F 106 -18.37 -13.57 43.77
CA UNK F 106 -17.14 -12.78 43.68
C UNK F 106 -16.83 -12.33 42.26
N ALA F 107 -15.84 -11.45 42.14
CA ALA F 107 -15.42 -10.94 40.83
C ALA F 107 -14.02 -10.35 40.91
N THR F 108 -13.00 -11.20 40.73
CA THR F 108 -11.62 -10.77 40.78
C THR F 108 -10.83 -11.46 39.68
N THR F 109 -9.61 -10.97 39.46
CA THR F 109 -8.69 -11.55 38.48
C THR F 109 -7.53 -12.17 39.26
N LEU F 110 -7.47 -13.50 39.28
CA LEU F 110 -6.44 -14.19 40.04
C LEU F 110 -5.08 -14.02 39.41
N THR F 111 -4.03 -14.16 40.23
CA THR F 111 -2.66 -13.98 39.80
C THR F 111 -1.84 -15.22 40.19
N TYR F 112 -0.72 -15.42 39.50
CA TYR F 112 0.13 -16.58 39.74
C TYR F 112 0.68 -16.60 41.16
N UNK F 113 0.94 -17.80 41.67
CA UNK F 113 1.52 -17.97 43.00
C UNK F 113 2.39 -19.22 43.04
N UNK F 114 2.64 -19.73 44.24
CA UNK F 114 3.45 -20.92 44.42
C UNK F 114 3.11 -21.61 45.75
N UNK F 115 2.14 -22.51 45.70
CA UNK F 115 1.69 -23.26 46.87
C UNK F 115 1.27 -22.32 48.00
N UNK F 119 -1.77 -21.09 45.87
CA UNK F 119 -3.07 -21.61 45.44
C UNK F 119 -4.19 -21.08 46.34
N UNK F 120 -3.82 -20.67 47.54
CA UNK F 120 -4.79 -20.15 48.51
C UNK F 120 -5.20 -18.73 48.16
N UNK F 121 -6.40 -18.34 48.58
CA UNK F 121 -6.94 -17.00 48.34
C UNK F 121 -6.98 -16.67 46.84
N GLU F 122 -7.02 -15.38 46.51
CA GLU F 122 -7.04 -14.95 45.12
C GLU F 122 -5.70 -15.21 44.45
N ASN F 123 -5.43 -16.48 44.15
CA ASN F 123 -4.17 -16.88 43.52
C ASN F 123 -4.38 -18.25 42.89
N PHE F 124 -3.53 -18.57 41.92
CA PHE F 124 -3.56 -19.88 41.27
C PHE F 124 -2.16 -20.45 41.17
N THR F 125 -2.08 -21.78 41.22
CA THR F 125 -0.82 -22.52 41.18
C THR F 125 -0.86 -23.51 40.03
N THR F 126 0.24 -23.60 39.29
CA THR F 126 0.30 -24.49 38.14
C THR F 126 1.18 -25.72 38.41
N UNK F 127 0.54 -26.87 38.53
CA UNK F 127 1.26 -28.13 38.70
C UNK F 127 1.38 -28.82 37.35
N SER F 128 2.52 -29.45 37.10
CA SER F 128 2.80 -30.08 35.82
C SER F 128 2.05 -31.39 35.65
N ILE F 129 1.74 -31.74 34.40
CA ILE F 129 1.07 -32.98 34.07
C ILE F 129 1.92 -33.82 33.11
N LYS F 130 2.47 -33.19 32.07
CA LYS F 130 3.33 -33.87 31.11
C LYS F 130 4.32 -32.86 30.56
N GLY F 131 5.61 -33.18 30.67
CA GLY F 131 6.65 -32.30 30.19
C GLY F 131 7.74 -32.01 31.20
N UNK F 132 8.58 -31.03 30.88
CA UNK F 132 9.70 -30.67 31.75
C UNK F 132 9.32 -29.55 32.72
N UNK F 133 9.25 -28.32 32.21
CA UNK F 133 8.94 -27.16 33.02
C UNK F 133 7.52 -27.25 33.57
N UNK F 134 7.35 -26.84 34.83
CA UNK F 134 6.05 -26.90 35.49
C UNK F 134 5.38 -25.53 35.53
N UNK F 135 5.73 -24.69 34.56
CA UNK F 135 5.15 -23.35 34.48
C UNK F 135 5.23 -22.80 33.06
N VAL F 136 5.96 -23.52 32.20
CA VAL F 136 6.15 -23.09 30.82
C VAL F 136 5.81 -24.20 29.84
N LEU F 137 4.82 -23.97 28.99
CA LEU F 137 4.54 -24.88 27.89
C LEU F 137 5.51 -24.64 26.76
N VAL F 138 6.23 -25.68 26.36
CA VAL F 138 7.31 -25.58 25.38
C VAL F 138 6.91 -26.22 24.04
N ASP F 139 6.56 -27.50 24.05
CA ASP F 139 6.16 -28.21 22.85
C ASP F 139 4.65 -28.42 22.85
N GLN F 140 4.15 -28.95 21.73
CA GLN F 140 2.72 -29.18 21.58
C GLN F 140 2.24 -30.36 22.42
N SER F 141 3.15 -31.14 22.98
CA SER F 141 2.80 -32.36 23.70
C SER F 141 2.83 -32.19 25.22
N ASP F 142 2.98 -30.97 25.72
CA ASP F 142 3.04 -30.72 27.15
C ASP F 142 1.72 -30.18 27.67
N ARG F 143 1.31 -30.65 28.84
CA ARG F 143 0.09 -30.22 29.50
C ARG F 143 0.40 -29.76 30.90
N ILE F 144 -0.15 -28.62 31.29
CA ILE F 144 -0.02 -28.08 32.64
C ILE F 144 -1.40 -27.99 33.26
N LYS F 145 -1.46 -28.17 34.58
CA LYS F 145 -2.71 -28.13 35.32
C LYS F 145 -2.73 -26.90 36.21
N VAL F 146 -3.82 -26.14 36.15
CA VAL F 146 -3.95 -24.87 36.87
C VAL F 146 -4.81 -25.15 38.10
N ILE F 147 -4.28 -24.82 39.28
CA ILE F 147 -5.01 -25.05 40.51
C ILE F 147 -5.66 -23.76 40.99
N MET F 148 -6.97 -23.80 41.21
CA MET F 148 -7.71 -22.64 41.68
C MET F 148 -8.61 -23.08 42.82
N TYR F 149 -8.40 -22.52 44.01
CA TYR F 149 -9.19 -22.86 45.19
C TYR F 149 -10.49 -22.08 45.13
N ALA F 150 -11.60 -22.79 44.98
CA ALA F 150 -12.91 -22.15 44.83
C ALA F 150 -13.47 -21.70 46.17
N UNK F 151 -13.15 -22.45 47.22
CA UNK F 151 -13.67 -22.14 48.56
C UNK F 151 -12.86 -21.03 49.22
N UNK F 152 -11.83 -20.56 48.51
CA UNK F 152 -10.99 -19.49 49.03
C UNK F 152 -11.30 -18.16 48.34
N VAL F 153 -11.50 -18.22 47.03
CA VAL F 153 -11.80 -17.02 46.26
C VAL F 153 -13.26 -16.64 46.42
N UNK F 154 -14.06 -17.58 46.89
CA UNK F 154 -15.49 -17.33 47.10
C UNK F 154 -15.98 -18.08 48.33
N UNK F 155 -17.24 -18.52 48.28
CA UNK F 155 -17.82 -19.26 49.40
C UNK F 155 -18.15 -20.69 49.00
N UNK F 156 -17.24 -21.31 48.24
CA UNK F 156 -17.37 -22.69 47.75
C UNK F 156 -18.52 -22.86 46.75
N LEU F 157 -18.23 -23.53 45.65
CA LEU F 157 -19.21 -23.77 44.61
C LEU F 157 -20.25 -24.79 45.04
N UNK F 158 -21.53 -24.45 44.85
CA UNK F 158 -22.61 -25.36 45.20
C UNK F 158 -23.07 -26.12 43.96
N UNK F 159 -24.02 -27.04 44.15
CA UNK F 159 -24.51 -27.88 43.06
C UNK F 159 -25.34 -27.07 42.06
N GLY F 160 -24.75 -26.78 40.90
CA GLY F 160 -25.45 -26.08 39.84
C GLY F 160 -24.93 -24.68 39.56
N UNK F 161 -23.96 -24.23 40.38
CA UNK F 161 -23.40 -22.90 40.23
C UNK F 161 -22.61 -22.78 38.93
N GLU F 162 -22.30 -21.54 38.54
CA GLU F 162 -21.55 -21.30 37.31
C GLU F 162 -20.45 -20.26 37.54
N VAL F 163 -19.27 -20.52 36.99
CA VAL F 163 -18.12 -19.63 37.08
C VAL F 163 -17.62 -19.35 35.67
N GLN F 164 -17.42 -18.07 35.35
CA GLN F 164 -16.90 -17.67 34.04
C GLN F 164 -15.41 -17.40 34.19
N LEU F 165 -14.60 -18.18 33.47
CA LEU F 165 -13.16 -18.05 33.51
C LEU F 165 -12.62 -17.66 32.15
N THR F 166 -11.75 -16.65 32.12
CA THR F 166 -11.09 -16.19 30.91
C THR F 166 -9.59 -16.07 31.17
N VAL F 167 -8.86 -17.14 30.86
CA VAL F 167 -7.40 -17.13 31.05
C VAL F 167 -6.76 -16.25 30.01
N THR F 168 -5.93 -15.31 30.46
CA THR F 168 -5.25 -14.37 29.58
C THR F 168 -3.75 -14.56 29.73
N THR F 169 -3.08 -14.92 28.64
CA THR F 169 -1.64 -15.07 28.66
C THR F 169 -0.96 -13.71 28.75
N GLN F 170 0.38 -13.72 28.74
CA GLN F 170 1.14 -12.49 28.87
C GLN F 170 0.87 -11.56 27.69
N TYR F 171 0.81 -12.10 26.48
CA TYR F 171 0.69 -11.25 25.31
C TYR F 171 -0.74 -10.75 25.09
N GLY F 172 -1.74 -11.40 25.69
CA GLY F 172 -3.06 -10.84 25.69
C GLY F 172 -4.19 -11.70 25.16
N SER F 173 -3.86 -12.84 24.54
CA SER F 173 -4.90 -13.70 24.00
C SER F 173 -5.73 -14.30 25.13
N LYS F 174 -7.05 -14.27 24.97
CA LYS F 174 -7.98 -14.65 26.01
C LYS F 174 -8.73 -15.92 25.62
N THR F 175 -8.73 -16.91 26.51
CA THR F 175 -9.51 -18.13 26.34
C THR F 175 -10.57 -18.18 27.43
N THR F 176 -11.84 -18.25 27.03
CA THR F 176 -12.95 -18.18 27.96
C THR F 176 -13.54 -19.57 28.17
N TYR F 177 -13.68 -19.95 29.44
CA TYR F 177 -14.29 -21.22 29.82
C TYR F 177 -15.37 -20.94 30.86
N TRP F 178 -16.58 -21.45 30.61
CA TRP F 178 -17.69 -21.31 31.54
C TRP F 178 -17.80 -22.61 32.33
N ALA F 179 -17.42 -22.56 33.61
CA ALA F 179 -17.43 -23.74 34.45
C ALA F 179 -18.84 -23.99 34.95
N GLN F 180 -19.46 -25.09 34.52
CA GLN F 180 -20.81 -25.46 34.91
C GLN F 180 -20.71 -26.63 35.88
N VAL F 181 -21.01 -26.37 37.16
CA VAL F 181 -21.00 -27.44 38.15
C VAL F 181 -22.14 -28.40 37.85
N PRO F 182 -21.98 -29.71 38.04
CA PRO F 182 -23.08 -30.64 37.83
C PRO F 182 -24.26 -30.31 38.75
N GLU F 183 -25.47 -30.58 38.26
CA GLU F 183 -26.67 -30.22 39.01
C GLU F 183 -26.76 -30.97 40.34
N SER F 184 -26.33 -32.23 40.35
CA SER F 184 -26.31 -33.04 41.56
C SER F 184 -24.91 -33.61 41.76
N LEU F 185 -24.35 -33.39 42.96
CA LEU F 185 -23.02 -33.88 43.29
C LEU F 185 -23.05 -35.04 44.27
N LYS F 186 -24.15 -35.78 44.33
CA LYS F 186 -24.26 -36.86 45.32
C LYS F 186 -23.32 -38.02 44.96
N ASP F 187 -22.58 -38.48 45.97
CA ASP F 187 -21.75 -39.68 45.88
C ASP F 187 -20.80 -39.61 44.68
N LYS F 188 -20.05 -38.51 44.61
CA LYS F 188 -19.08 -38.29 43.55
C LYS F 188 -17.80 -37.75 44.18
N ASN F 189 -16.72 -38.54 44.10
CA ASN F 189 -15.44 -38.09 44.63
C ASN F 189 -14.96 -36.86 43.85
N ALA F 190 -15.09 -36.88 42.53
CA ALA F 190 -14.73 -35.76 41.68
C ALA F 190 -15.68 -35.71 40.49
N VAL F 191 -15.88 -34.51 39.97
CA VAL F 191 -16.79 -34.31 38.86
C VAL F 191 -16.08 -33.64 37.69
N UNK F 192 -16.71 -33.68 36.51
CA UNK F 192 -16.17 -33.03 35.32
C UNK F 192 -16.90 -31.71 35.09
N LEU F 193 -16.29 -30.62 35.56
CA LEU F 193 -16.89 -29.30 35.44
C LEU F 193 -17.06 -28.88 33.98
N GLN G 13 12.08 9.47 1.55
CA GLN G 13 11.06 9.71 2.57
C GLN G 13 9.89 8.75 2.40
N VAL G 14 9.76 8.18 1.20
CA VAL G 14 8.68 7.24 0.92
C VAL G 14 8.81 6.01 1.81
N GLY G 15 10.04 5.59 2.07
CA GLY G 15 10.25 4.46 2.97
C GLY G 15 9.84 4.77 4.39
N ILE G 16 9.98 6.03 4.81
CA ILE G 16 9.58 6.42 6.16
C ILE G 16 8.06 6.34 6.29
N GLY G 17 7.35 6.77 5.26
CA GLY G 17 5.89 6.77 5.31
C GLY G 17 5.31 5.37 5.42
N THR G 18 5.87 4.42 4.66
CA THR G 18 5.30 3.08 4.65
C THR G 18 5.56 2.35 5.96
N LEU G 19 6.60 2.76 6.69
CA LEU G 19 6.88 2.14 7.98
C LEU G 19 5.79 2.45 9.00
N ILE G 20 5.38 3.71 9.09
CA ILE G 20 4.35 4.09 10.05
C ILE G 20 3.01 3.47 9.70
N VAL G 21 2.67 3.46 8.41
CA VAL G 21 1.44 2.84 7.96
C VAL G 21 1.48 1.33 8.21
N PHE G 22 2.65 0.72 8.07
CA PHE G 22 2.78 -0.72 8.28
C PHE G 22 2.38 -1.11 9.70
N ILE G 23 2.75 -0.28 10.68
CA ILE G 23 2.39 -0.55 12.07
C ILE G 23 0.87 -0.60 12.22
N ALA G 24 0.18 0.33 11.56
CA ALA G 24 -1.28 0.35 11.65
C ALA G 24 -1.90 -0.91 11.06
N MET G 25 -1.37 -1.37 9.92
CA MET G 25 -1.94 -2.54 9.28
C MET G 25 -1.77 -3.79 10.13
N VAL G 26 -0.66 -3.91 10.86
CA VAL G 26 -0.47 -5.04 11.76
C VAL G 26 -1.42 -4.94 12.93
N LEU G 27 -1.66 -3.73 13.43
CA LEU G 27 -2.54 -3.55 14.58
C LEU G 27 -3.98 -3.88 14.23
N VAL G 28 -4.47 -3.37 13.09
CA VAL G 28 -5.87 -3.58 12.73
C VAL G 28 -6.12 -5.06 12.44
N ALA G 29 -5.14 -5.76 11.89
CA ALA G 29 -5.28 -7.20 11.69
C ALA G 29 -5.41 -7.92 13.03
N ALA G 30 -4.62 -7.50 14.02
CA ALA G 30 -4.74 -8.09 15.36
C ALA G 30 -6.10 -7.79 15.97
N ILE G 31 -6.60 -6.57 15.78
CA ILE G 31 -7.92 -6.22 16.29
C ILE G 31 -8.99 -7.06 15.60
N ALA G 32 -8.89 -7.19 14.29
CA ALA G 32 -9.84 -8.03 13.55
C ALA G 32 -9.72 -9.49 13.96
N ALA G 33 -8.50 -9.98 14.13
CA ALA G 33 -8.30 -11.36 14.55
C ALA G 33 -8.81 -11.57 15.97
N GLY G 34 -8.75 -10.52 16.80
CA GLY G 34 -9.28 -10.63 18.15
C GLY G 34 -10.76 -10.85 18.18
N VAL G 35 -11.51 -10.12 17.35
CA VAL G 35 -12.96 -10.23 17.33
C VAL G 35 -13.38 -11.63 16.89
N LEU G 36 -12.73 -12.14 15.85
CA LEU G 36 -13.09 -13.45 15.31
C LEU G 36 -12.88 -14.55 16.34
N ILE G 37 -11.74 -14.51 17.05
CA ILE G 37 -11.44 -15.55 18.02
C ILE G 37 -12.30 -15.41 19.27
N ASN G 38 -12.45 -14.17 19.76
CA ASN G 38 -13.26 -13.96 20.96
C ASN G 38 -14.72 -14.32 20.73
N THR G 39 -15.27 -13.93 19.57
CA THR G 39 -16.66 -14.27 19.27
C THR G 39 -16.84 -15.78 19.17
N ALA G 40 -15.89 -16.47 18.55
CA ALA G 40 -15.97 -17.92 18.46
C ALA G 40 -15.89 -18.55 19.85
N GLY G 41 -15.08 -17.96 20.74
CA GLY G 41 -14.97 -18.48 22.09
C GLY G 41 -16.28 -18.41 22.85
N TYR G 42 -16.98 -17.29 22.73
CA TYR G 42 -18.28 -17.15 23.40
C TYR G 42 -19.30 -18.12 22.83
N LEU G 43 -19.30 -18.28 21.50
CA LEU G 43 -20.24 -19.22 20.89
C LEU G 43 -19.90 -20.66 21.26
N GLN G 44 -18.62 -20.96 21.41
CA GLN G 44 -18.22 -22.32 21.80
C GLN G 44 -18.77 -22.68 23.17
N SER G 45 -18.68 -21.75 24.13
CA SER G 45 -19.26 -21.99 25.44
C SER G 45 -20.77 -22.13 25.36
N LYS G 46 -21.41 -21.27 24.57
CA LYS G 46 -22.86 -21.37 24.37
C LYS G 46 -23.21 -22.65 23.61
N GLY G 47 -22.46 -22.96 22.56
CA GLY G 47 -22.78 -24.12 21.74
C GLY G 47 -22.67 -25.43 22.50
N SER G 48 -21.62 -25.57 23.31
CA SER G 48 -21.48 -26.76 24.13
C SER G 48 -22.59 -26.84 25.16
N ALA G 49 -23.00 -25.70 25.71
CA ALA G 49 -24.05 -25.69 26.72
C ALA G 49 -25.38 -26.18 26.15
N THR G 50 -25.83 -25.58 25.04
CA THR G 50 -27.15 -25.90 24.52
C THR G 50 -27.23 -27.35 24.05
N GLY G 51 -26.12 -27.89 23.55
CA GLY G 51 -26.10 -29.29 23.17
C GLY G 51 -26.34 -30.21 24.34
N GLU G 52 -25.78 -29.87 25.50
CA GLU G 52 -25.99 -30.68 26.69
C GLU G 52 -27.39 -30.53 27.24
N GLU G 53 -27.90 -29.29 27.31
CA GLU G 53 -29.25 -29.07 27.82
C GLU G 53 -30.29 -29.71 26.91
N ALA G 54 -30.13 -29.58 25.59
CA ALA G 54 -31.07 -30.20 24.67
C ALA G 54 -31.05 -31.71 24.78
N SER G 55 -29.86 -32.31 24.91
CA SER G 55 -29.78 -33.73 25.19
C SER G 55 -30.35 -34.06 26.56
N ALA G 56 -30.12 -33.18 27.53
CA ALA G 56 -30.67 -33.40 28.87
C ALA G 56 -32.20 -33.38 28.86
N GLN G 57 -32.78 -32.45 28.09
CA GLN G 57 -34.24 -32.34 28.04
C GLN G 57 -34.87 -33.61 27.50
N VAL G 58 -34.30 -34.17 26.43
CA VAL G 58 -34.85 -35.38 25.83
C VAL G 58 -34.59 -36.60 26.72
N SER G 59 -33.39 -36.71 27.29
CA SER G 59 -32.96 -37.95 27.92
C SER G 59 -33.49 -38.08 29.34
N ASN G 60 -33.19 -37.11 30.20
CA ASN G 60 -33.53 -37.22 31.62
C ASN G 60 -35.03 -37.08 31.84
N ARG G 61 -35.71 -38.21 32.04
CA ARG G 61 -37.16 -38.25 32.11
C ARG G 61 -37.59 -39.09 33.31
N ILE G 62 -38.82 -38.84 33.76
CA ILE G 62 -39.42 -39.59 34.86
C ILE G 62 -40.35 -40.64 34.29
N ASN G 63 -40.19 -41.88 34.75
CA ASN G 63 -41.08 -42.98 34.36
C ASN G 63 -41.80 -43.48 35.62
N ILE G 64 -43.13 -43.49 35.56
CA ILE G 64 -43.95 -43.85 36.71
C ILE G 64 -44.18 -45.36 36.68
N VAL G 65 -43.59 -46.07 37.63
CA VAL G 65 -43.72 -47.53 37.68
C VAL G 65 -45.15 -47.92 38.03
N SER G 66 -45.70 -47.32 39.08
CA SER G 66 -47.03 -47.70 39.55
C SER G 66 -47.62 -46.55 40.36
N ALA G 67 -48.95 -46.59 40.49
CA ALA G 67 -49.69 -45.61 41.28
C ALA G 67 -50.70 -46.34 42.16
N TYR G 68 -50.80 -45.90 43.41
CA TYR G 68 -51.78 -46.46 44.34
C TYR G 68 -52.21 -45.38 45.32
N GLY G 69 -53.35 -45.60 45.96
CA GLY G 69 -53.92 -44.63 46.87
C GLY G 69 -54.46 -45.29 48.12
N ASN G 70 -54.72 -44.45 49.12
CA ASN G 70 -55.21 -44.91 50.42
C ASN G 70 -56.70 -44.65 50.52
N VAL G 71 -57.39 -45.47 51.31
CA VAL G 71 -58.82 -45.31 51.51
C VAL G 71 -59.16 -44.98 52.96
N UNK G 72 -59.69 -43.79 53.17
CA UNK G 72 -60.19 -43.40 54.48
C UNK G 72 -61.72 -43.33 54.42
N UNK G 73 -62.38 -44.07 55.31
CA UNK G 73 -63.83 -44.20 55.32
C UNK G 73 -64.33 -44.71 53.96
N UNK G 74 -64.43 -43.81 52.99
CA UNK G 74 -64.87 -44.18 51.65
C UNK G 74 -64.43 -43.15 50.62
N UNK G 75 -63.22 -42.61 50.81
CA UNK G 75 -62.70 -41.60 49.90
C UNK G 75 -61.18 -41.71 49.76
N VAL G 76 -60.71 -41.79 48.52
CA VAL G 76 -59.28 -41.86 48.25
C VAL G 76 -58.61 -40.55 48.63
N ASP G 77 -58.05 -40.49 49.83
CA ASP G 77 -57.52 -39.26 50.39
C ASP G 77 -56.04 -39.04 50.13
N TYR G 78 -55.27 -40.10 49.89
CA TYR G 78 -53.86 -39.97 49.56
C TYR G 78 -53.61 -40.51 48.15
N VAL G 79 -52.61 -39.91 47.49
CA VAL G 79 -52.17 -40.33 46.17
C VAL G 79 -50.67 -40.54 46.22
N ASN G 80 -50.22 -41.70 45.75
CA ASN G 80 -48.82 -42.08 45.77
C ASN G 80 -48.33 -42.34 44.35
N LEU G 81 -47.05 -42.02 44.11
CA LEU G 81 -46.45 -42.14 42.78
C LEU G 81 -45.02 -42.64 42.96
N THR G 82 -44.80 -43.92 42.67
CA THR G 82 -43.46 -44.49 42.71
C THR G 82 -42.80 -44.33 41.35
N VAL G 83 -41.87 -43.39 41.24
CA VAL G 83 -41.24 -43.05 39.98
C VAL G 83 -39.93 -43.81 39.84
N ARG G 84 -39.44 -43.85 38.60
CA ARG G 84 -38.22 -44.58 38.27
C ARG G 84 -37.47 -43.82 37.18
N GLN G 85 -36.14 -43.87 37.24
CA GLN G 85 -35.31 -43.20 36.24
C GLN G 85 -35.57 -43.79 34.85
N ALA G 86 -35.60 -42.93 33.84
CA ALA G 86 -35.85 -43.39 32.49
C ALA G 86 -34.59 -44.01 31.89
N ALA G 87 -34.75 -44.57 30.70
CA ALA G 87 -33.65 -45.26 30.02
C ALA G 87 -32.53 -44.29 29.66
N GLY G 88 -31.36 -44.46 30.29
CA GLY G 88 -30.20 -43.65 29.99
C GLY G 88 -30.17 -42.30 30.65
N ALA G 89 -31.11 -41.98 31.52
CA ALA G 89 -31.14 -40.67 32.16
C ALA G 89 -30.01 -40.53 33.16
N ASP G 90 -29.57 -39.29 33.37
CA ASP G 90 -28.56 -38.98 34.37
C ASP G 90 -29.26 -38.67 35.70
N ASN G 91 -28.54 -38.10 36.66
CA ASN G 91 -29.10 -37.83 37.98
C ASN G 91 -30.35 -36.96 37.86
N ILE G 92 -31.41 -37.38 38.55
CA ILE G 92 -32.70 -36.70 38.50
C ILE G 92 -33.01 -36.22 39.91
N ASN G 93 -33.23 -34.92 40.06
CA ASN G 93 -33.57 -34.33 41.36
C ASN G 93 -35.08 -34.08 41.39
N LEU G 94 -35.75 -34.74 42.32
CA LEU G 94 -37.20 -34.58 42.46
C LEU G 94 -37.56 -33.43 43.38
N UNK G 95 -36.65 -32.47 43.49
CA UNK G 95 -36.88 -31.28 44.31
C UNK G 95 -37.12 -30.07 43.44
N LYS G 96 -36.53 -30.10 42.24
CA LYS G 96 -36.71 -29.03 41.27
C LYS G 96 -37.72 -29.45 40.22
N SER G 97 -38.67 -30.30 40.62
CA SER G 97 -39.70 -30.82 39.74
C SER G 97 -41.07 -30.44 40.25
N THR G 98 -41.95 -30.08 39.31
CA THR G 98 -43.31 -29.66 39.62
C THR G 98 -44.29 -30.59 38.91
N ILE G 99 -45.34 -30.98 39.62
CA ILE G 99 -46.40 -31.83 39.07
C ILE G 99 -47.65 -30.98 38.93
N GLN G 100 -48.19 -30.91 37.72
CA GLN G 100 -49.42 -30.18 37.46
C GLN G 100 -50.61 -31.11 37.73
N TRP G 101 -51.46 -30.71 38.67
CA TRP G 101 -52.62 -31.50 39.06
C TRP G 101 -53.86 -30.92 38.38
N ILE G 102 -54.57 -31.76 37.65
CA ILE G 102 -55.85 -31.39 37.07
C ILE G 102 -56.86 -32.45 37.49
N GLY G 103 -57.60 -32.17 38.56
CA GLY G 103 -58.56 -33.12 39.10
C GLY G 103 -59.98 -32.79 38.72
N PRO G 104 -60.93 -33.37 39.46
CA PRO G 104 -62.35 -33.10 39.18
C PRO G 104 -62.89 -31.84 39.84
N ASP G 105 -62.09 -31.16 40.65
CA ASP G 105 -62.55 -29.96 41.35
C ASP G 105 -61.63 -28.77 41.12
N UNK G 106 -60.33 -28.99 41.26
CA UNK G 106 -59.36 -27.91 41.11
C UNK G 106 -58.32 -28.22 40.04
N ALA G 107 -57.41 -27.28 39.82
CA ALA G 107 -56.35 -27.44 38.83
C ALA G 107 -55.16 -26.55 39.15
N THR G 108 -54.22 -27.06 39.93
CA THR G 108 -53.04 -26.31 40.34
C THR G 108 -51.79 -27.13 40.06
N THR G 109 -50.64 -26.52 40.35
CA THR G 109 -49.33 -27.16 40.19
C THR G 109 -48.65 -27.21 41.55
N LEU G 110 -48.11 -28.38 41.90
CA LEU G 110 -47.53 -28.60 43.21
C LEU G 110 -46.01 -28.50 43.17
N THR G 111 -45.41 -28.35 44.35
CA THR G 111 -43.99 -28.18 44.53
C THR G 111 -43.55 -28.88 45.82
N TYR G 112 -42.24 -29.16 45.92
CA TYR G 112 -41.70 -29.89 47.06
C TYR G 112 -41.94 -29.15 48.37
N UNK G 113 -42.42 -29.88 49.38
CA UNK G 113 -42.56 -29.34 50.73
C UNK G 113 -41.71 -30.13 51.71
N UNK G 114 -42.28 -30.42 52.87
CA UNK G 114 -41.61 -31.21 53.90
C UNK G 114 -42.62 -31.70 54.94
N UNK G 115 -43.24 -32.84 54.67
CA UNK G 115 -44.25 -33.42 55.54
C UNK G 115 -45.39 -32.45 55.81
N UNK G 119 -46.56 -33.41 52.49
CA UNK G 119 -47.80 -33.18 51.77
C UNK G 119 -48.43 -31.86 52.19
N UNK G 120 -49.68 -31.92 52.66
CA UNK G 120 -50.43 -30.76 53.13
C UNK G 120 -50.65 -29.71 52.05
N UNK G 121 -51.86 -29.68 51.51
CA UNK G 121 -52.28 -28.69 50.51
C UNK G 121 -51.43 -28.71 49.25
N GLU G 122 -51.39 -27.57 48.56
CA GLU G 122 -50.69 -27.46 47.29
C GLU G 122 -49.20 -27.69 47.41
N ASN G 123 -48.80 -28.94 47.65
CA ASN G 123 -47.41 -29.31 47.84
C ASN G 123 -47.31 -30.83 47.84
N PHE G 124 -46.15 -31.34 47.41
CA PHE G 124 -45.89 -32.77 47.43
C PHE G 124 -44.57 -33.06 48.12
N THR G 125 -44.47 -34.27 48.67
CA THR G 125 -43.29 -34.72 49.40
C THR G 125 -42.82 -36.04 48.79
N THR G 126 -41.51 -36.26 48.79
CA THR G 126 -40.96 -37.48 48.22
C THR G 126 -40.35 -38.38 49.29
N UNK G 127 -41.06 -39.46 49.63
CA UNK G 127 -40.55 -40.46 50.56
C UNK G 127 -39.91 -41.60 49.76
N SER G 128 -38.77 -42.08 50.23
CA SER G 128 -38.01 -43.09 49.50
C SER G 128 -38.51 -44.50 49.78
N ILE G 129 -38.49 -45.34 48.75
CA ILE G 129 -38.86 -46.75 48.87
C ILE G 129 -37.63 -47.64 48.83
N LYS G 130 -36.75 -47.43 47.87
CA LYS G 130 -35.51 -48.21 47.77
C LYS G 130 -34.44 -47.33 47.11
N GLY G 131 -33.32 -47.19 47.79
CA GLY G 131 -32.23 -46.36 47.32
C GLY G 131 -31.62 -45.52 48.44
N UNK G 132 -30.55 -44.82 48.12
CA UNK G 132 -29.86 -44.00 49.11
C UNK G 132 -30.56 -42.67 49.32
N UNK G 133 -31.04 -42.08 48.23
CA UNK G 133 -31.67 -40.76 48.30
C UNK G 133 -33.16 -40.85 48.57
N UNK G 134 -33.73 -39.72 48.95
CA UNK G 134 -35.17 -39.59 49.10
C UNK G 134 -35.65 -38.42 48.25
N UNK G 135 -34.84 -38.06 47.25
CA UNK G 135 -35.14 -36.93 46.40
C UNK G 135 -34.38 -37.00 45.07
N VAL G 136 -33.41 -37.89 44.97
CA VAL G 136 -32.59 -37.99 43.77
C VAL G 136 -32.56 -39.40 43.20
N LEU G 137 -32.82 -39.54 41.90
CA LEU G 137 -32.72 -40.84 41.22
C LEU G 137 -31.30 -40.97 40.68
N VAL G 138 -30.39 -41.41 41.56
CA VAL G 138 -28.98 -41.49 41.18
C VAL G 138 -28.76 -42.59 40.15
N ASP G 139 -29.32 -43.77 40.39
CA ASP G 139 -29.14 -44.92 39.52
C ASP G 139 -30.50 -45.45 39.06
N GLN G 140 -30.45 -46.39 38.11
CA GLN G 140 -31.67 -46.97 37.57
C GLN G 140 -32.40 -47.79 38.61
N SER G 141 -31.70 -48.24 39.66
CA SER G 141 -32.32 -49.12 40.65
C SER G 141 -33.21 -48.36 41.61
N ASP G 142 -32.85 -47.12 41.95
CA ASP G 142 -33.57 -46.37 42.98
C ASP G 142 -35.00 -46.07 42.56
N ARG G 143 -35.92 -46.15 43.55
CA ARG G 143 -37.35 -45.91 43.33
C ARG G 143 -37.85 -45.07 44.51
N ILE G 144 -37.86 -43.75 44.33
CA ILE G 144 -38.46 -42.86 45.32
C ILE G 144 -39.91 -42.58 44.95
N LYS G 145 -40.73 -42.37 45.98
CA LYS G 145 -42.18 -42.29 45.83
C LYS G 145 -42.64 -40.85 45.99
N VAL G 146 -43.43 -40.37 45.03
CA VAL G 146 -44.01 -39.04 45.09
C VAL G 146 -45.34 -39.14 45.82
N ILE G 147 -45.57 -38.23 46.76
CA ILE G 147 -46.71 -38.32 47.66
C ILE G 147 -47.64 -37.14 47.41
N MET G 148 -48.92 -37.33 47.68
CA MET G 148 -49.92 -36.30 47.50
C MET G 148 -51.05 -36.49 48.51
N TYR G 149 -51.64 -35.38 48.93
CA TYR G 149 -52.75 -35.39 49.89
C TYR G 149 -53.94 -34.76 49.15
N ALA G 150 -54.94 -35.60 48.84
CA ALA G 150 -55.99 -35.20 47.91
C ALA G 150 -57.08 -34.37 48.57
N UNK G 151 -57.21 -34.48 49.90
CA UNK G 151 -58.32 -33.82 50.59
C UNK G 151 -58.06 -32.34 50.87
N UNK G 152 -56.96 -31.80 50.34
CA UNK G 152 -56.69 -30.37 50.46
C UNK G 152 -56.55 -29.73 49.08
N VAL G 153 -55.91 -30.46 48.17
CA VAL G 153 -55.70 -29.98 46.81
C VAL G 153 -57.02 -30.07 46.04
N UNK G 154 -57.91 -30.92 46.56
CA UNK G 154 -59.27 -31.01 46.05
C UNK G 154 -60.16 -31.28 47.26
N UNK G 155 -61.37 -31.79 47.02
CA UNK G 155 -62.24 -32.19 48.10
C UNK G 155 -62.31 -33.71 48.17
N UNK G 156 -61.20 -34.33 48.57
CA UNK G 156 -61.06 -35.79 48.58
C UNK G 156 -61.32 -36.37 47.20
N LEU G 157 -61.61 -37.67 47.14
CA LEU G 157 -61.89 -38.33 45.86
C LEU G 157 -62.99 -39.38 46.02
N UNK G 158 -63.85 -39.46 45.02
CA UNK G 158 -64.95 -40.43 45.02
C UNK G 158 -64.74 -41.46 43.91
N UNK G 159 -65.58 -42.48 43.89
CA UNK G 159 -65.47 -43.56 42.92
C UNK G 159 -65.82 -43.08 41.51
N GLY G 160 -64.80 -42.89 40.68
CA GLY G 160 -65.00 -42.51 39.30
C GLY G 160 -64.19 -41.31 38.85
N UNK G 161 -63.69 -40.53 39.82
CA UNK G 161 -62.93 -39.33 39.51
C UNK G 161 -61.62 -39.67 38.79
N GLU G 162 -61.27 -38.84 37.81
CA GLU G 162 -60.06 -39.06 37.02
C GLU G 162 -59.06 -37.93 37.16
N VAL G 163 -58.15 -38.06 38.13
CA VAL G 163 -57.11 -37.06 38.33
C VAL G 163 -56.05 -37.19 37.23
N GLN G 164 -55.68 -36.07 36.64
CA GLN G 164 -54.66 -36.03 35.59
C GLN G 164 -53.41 -35.37 36.16
N LEU G 165 -52.29 -36.09 36.12
CA LEU G 165 -51.02 -35.62 36.65
C LEU G 165 -49.98 -35.57 35.53
N THR G 166 -49.28 -34.44 35.43
CA THR G 166 -48.22 -34.25 34.45
C THR G 166 -46.94 -33.89 35.22
N VAL G 167 -46.17 -34.92 35.57
CA VAL G 167 -44.92 -34.69 36.29
C VAL G 167 -43.89 -34.09 35.33
N THR G 168 -43.34 -32.94 35.72
CA THR G 168 -42.39 -32.22 34.89
C THR G 168 -41.05 -32.17 35.62
N THR G 169 -40.01 -32.67 34.96
CA THR G 169 -38.66 -32.63 35.50
C THR G 169 -38.11 -31.20 35.40
N GLN G 170 -37.02 -30.93 36.11
CA GLN G 170 -36.40 -29.61 36.09
C GLN G 170 -36.07 -29.17 34.68
N TYR G 171 -35.48 -30.06 33.89
CA TYR G 171 -35.06 -29.69 32.54
C TYR G 171 -36.24 -29.49 31.61
N GLY G 172 -37.32 -30.26 31.79
CA GLY G 172 -38.50 -30.05 30.98
C GLY G 172 -39.16 -31.31 30.47
N SER G 173 -38.58 -32.47 30.75
CA SER G 173 -39.17 -33.73 30.32
C SER G 173 -40.46 -33.99 31.10
N LYS G 174 -41.56 -34.15 30.38
CA LYS G 174 -42.89 -34.27 30.97
C LYS G 174 -43.36 -35.71 30.90
N THR G 175 -43.86 -36.22 32.02
CA THR G 175 -44.51 -37.52 32.08
C THR G 175 -45.95 -37.34 32.54
N THR G 176 -46.88 -37.98 31.83
CA THR G 176 -48.30 -37.82 32.09
C THR G 176 -48.88 -39.13 32.61
N TYR G 177 -49.73 -39.02 33.64
CA TYR G 177 -50.40 -40.17 34.22
C TYR G 177 -51.83 -39.79 34.54
N TRP G 178 -52.77 -40.58 34.03
CA TRP G 178 -54.20 -40.36 34.26
C TRP G 178 -54.64 -41.32 35.37
N ALA G 179 -54.57 -40.86 36.61
CA ALA G 179 -54.95 -41.67 37.76
C ALA G 179 -56.46 -41.68 37.86
N GLN G 180 -57.07 -42.83 37.53
CA GLN G 180 -58.53 -42.97 37.57
C GLN G 180 -58.91 -43.75 38.81
N VAL G 181 -59.84 -43.21 39.59
CA VAL G 181 -60.39 -43.90 40.75
C VAL G 181 -61.34 -44.97 40.24
N PRO G 182 -61.31 -46.18 40.80
CA PRO G 182 -62.24 -47.23 40.33
C PRO G 182 -63.69 -46.84 40.47
N GLU G 183 -64.53 -47.36 39.57
CA GLU G 183 -65.95 -47.03 39.58
C GLU G 183 -66.63 -47.46 40.88
N SER G 184 -66.04 -48.39 41.62
CA SER G 184 -66.55 -48.81 42.92
C SER G 184 -65.37 -49.11 43.83
N LEU G 185 -65.24 -48.32 44.90
CA LEU G 185 -64.18 -48.52 45.89
C LEU G 185 -64.70 -49.14 47.17
N LYS G 186 -65.82 -49.84 47.11
CA LYS G 186 -66.44 -50.40 48.31
C LYS G 186 -65.56 -51.47 48.93
N ASP G 187 -65.33 -51.35 50.24
CA ASP G 187 -64.60 -52.34 51.05
C ASP G 187 -63.22 -52.65 50.46
N LYS G 188 -62.48 -51.57 50.19
CA LYS G 188 -61.09 -51.66 49.75
C LYS G 188 -60.23 -50.86 50.71
N ASN G 189 -59.23 -51.51 51.31
CA ASN G 189 -58.31 -50.80 52.18
C ASN G 189 -57.32 -49.96 51.36
N ALA G 190 -56.84 -50.50 50.25
CA ALA G 190 -55.94 -49.76 49.37
C ALA G 190 -56.42 -49.85 47.93
N VAL G 191 -56.06 -48.87 47.11
CA VAL G 191 -56.55 -48.80 45.74
C VAL G 191 -55.44 -48.54 44.74
N UNK G 192 -55.39 -49.38 43.71
CA UNK G 192 -54.47 -49.16 42.59
C UNK G 192 -55.13 -48.23 41.58
N LEU G 193 -54.81 -46.95 41.67
CA LEU G 193 -55.41 -45.94 40.80
C LEU G 193 -54.97 -46.13 39.35
N GLN H 13 20.93 23.83 0.52
CA GLN H 13 19.54 24.27 0.59
C GLN H 13 18.58 23.12 0.28
N VAL H 14 19.05 22.18 -0.54
CA VAL H 14 18.21 21.04 -0.91
C VAL H 14 17.90 20.19 0.31
N GLY H 15 18.88 20.02 1.19
CA GLY H 15 18.63 19.25 2.41
C GLY H 15 17.62 19.91 3.31
N ILE H 16 17.63 21.25 3.37
CA ILE H 16 16.68 21.96 4.21
C ILE H 16 15.26 21.73 3.73
N GLY H 17 15.06 21.74 2.41
CA GLY H 17 13.74 21.44 1.87
C GLY H 17 13.28 20.03 2.18
N THR H 18 14.24 19.09 2.26
CA THR H 18 13.90 17.71 2.55
C THR H 18 13.26 17.56 3.93
N LEU H 19 13.80 18.28 4.92
CA LEU H 19 13.32 18.12 6.29
C LEU H 19 11.87 18.54 6.44
N ILE H 20 11.49 19.67 5.81
CA ILE H 20 10.13 20.16 5.94
C ILE H 20 9.13 19.18 5.34
N VAL H 21 9.45 18.63 4.17
CA VAL H 21 8.60 17.61 3.57
C VAL H 21 8.60 16.35 4.42
N PHE H 22 9.73 16.04 5.06
CA PHE H 22 9.80 14.87 5.94
C PHE H 22 8.82 15.00 7.10
N ILE H 23 8.66 16.21 7.64
CA ILE H 23 7.68 16.42 8.71
C ILE H 23 6.28 16.15 8.18
N ALA H 24 5.97 16.62 6.97
CA ALA H 24 4.68 16.36 6.37
C ALA H 24 4.49 14.87 6.09
N MET H 25 5.56 14.19 5.69
CA MET H 25 5.48 12.75 5.41
C MET H 25 5.07 11.98 6.66
N VAL H 26 5.67 12.31 7.80
CA VAL H 26 5.37 11.60 9.04
C VAL H 26 3.96 11.95 9.52
N LEU H 27 3.60 13.22 9.44
CA LEU H 27 2.29 13.67 9.92
C LEU H 27 1.16 13.01 9.13
N VAL H 28 1.31 12.93 7.81
CA VAL H 28 0.27 12.31 6.97
C VAL H 28 0.11 10.84 7.32
N ALA H 29 1.22 10.13 7.52
CA ALA H 29 1.15 8.72 7.86
C ALA H 29 0.45 8.50 9.20
N ALA H 30 0.63 9.43 10.15
CA ALA H 30 -0.08 9.34 11.41
C ALA H 30 -1.58 9.50 11.21
N ILE H 31 -1.99 10.41 10.32
CA ILE H 31 -3.41 10.60 10.06
C ILE H 31 -4.02 9.36 9.42
N ALA H 32 -3.33 8.79 8.42
CA ALA H 32 -3.83 7.58 7.78
C ALA H 32 -3.88 6.42 8.76
N ALA H 33 -2.88 6.32 9.64
CA ALA H 33 -2.88 5.28 10.66
C ALA H 33 -4.06 5.47 11.62
N GLY H 34 -4.33 6.72 11.98
CA GLY H 34 -5.43 7.02 12.88
C GLY H 34 -6.78 6.57 12.37
N VAL H 35 -7.03 6.79 11.08
CA VAL H 35 -8.31 6.38 10.49
C VAL H 35 -8.46 4.87 10.57
N LEU H 36 -7.41 4.14 10.23
CA LEU H 36 -7.48 2.68 10.21
C LEU H 36 -7.78 2.11 11.60
N ILE H 37 -7.11 2.63 12.62
CA ILE H 37 -7.29 2.10 13.97
C ILE H 37 -8.68 2.45 14.50
N ASN H 38 -9.07 3.71 14.38
CA ASN H 38 -10.35 4.15 14.96
C ASN H 38 -11.52 3.48 14.27
N THR H 39 -11.47 3.34 12.94
CA THR H 39 -12.52 2.65 12.22
C THR H 39 -12.58 1.18 12.64
N ALA H 40 -11.42 0.55 12.82
CA ALA H 40 -11.38 -0.83 13.30
C ALA H 40 -11.96 -0.92 14.70
N GLY H 41 -11.69 0.07 15.54
CA GLY H 41 -12.26 0.07 16.88
C GLY H 41 -13.78 0.16 16.87
N TYR H 42 -14.33 0.97 15.96
CA TYR H 42 -15.78 1.07 15.84
C TYR H 42 -16.38 -0.26 15.38
N LEU H 43 -15.77 -0.89 14.38
CA LEU H 43 -16.28 -2.16 13.89
C LEU H 43 -16.10 -3.27 14.92
N GLN H 44 -15.06 -3.16 15.76
CA GLN H 44 -14.86 -4.13 16.83
C GLN H 44 -16.04 -4.12 17.81
N SER H 45 -16.48 -2.92 18.21
CA SER H 45 -17.62 -2.82 19.10
C SER H 45 -18.90 -3.26 18.40
N LYS H 46 -19.10 -2.80 17.16
CA LYS H 46 -20.29 -3.21 16.40
C LYS H 46 -20.27 -4.71 16.12
N GLY H 47 -19.11 -5.24 15.76
CA GLY H 47 -19.02 -6.66 15.46
C GLY H 47 -19.27 -7.52 16.68
N SER H 48 -18.69 -7.14 17.81
CA SER H 48 -18.90 -7.90 19.04
C SER H 48 -20.35 -7.81 19.50
N ALA H 49 -20.92 -6.61 19.47
CA ALA H 49 -22.29 -6.42 19.93
C ALA H 49 -23.27 -7.22 19.07
N THR H 50 -23.02 -7.27 17.77
CA THR H 50 -23.85 -8.08 16.88
C THR H 50 -23.75 -9.55 17.26
N GLY H 51 -22.55 -10.01 17.63
CA GLY H 51 -22.37 -11.41 17.93
C GLY H 51 -23.22 -11.91 19.08
N GLU H 52 -23.27 -11.14 20.17
CA GLU H 52 -24.05 -11.57 21.33
C GLU H 52 -25.55 -11.55 21.04
N GLU H 53 -26.05 -10.47 20.45
CA GLU H 53 -27.49 -10.37 20.21
C GLU H 53 -27.95 -11.37 19.15
N ALA H 54 -27.13 -11.61 18.12
CA ALA H 54 -27.47 -12.63 17.13
C ALA H 54 -27.55 -14.01 17.77
N SER H 55 -26.61 -14.33 18.66
CA SER H 55 -26.70 -15.59 19.40
C SER H 55 -27.83 -15.56 20.39
N ALA H 56 -28.15 -14.39 20.95
CA ALA H 56 -29.26 -14.28 21.89
C ALA H 56 -30.59 -14.59 21.21
N GLN H 57 -30.77 -14.13 19.97
CA GLN H 57 -32.03 -14.37 19.26
C GLN H 57 -32.28 -15.86 19.05
N VAL H 58 -31.26 -16.61 18.66
CA VAL H 58 -31.41 -18.05 18.45
C VAL H 58 -31.56 -18.80 19.77
N SER H 59 -30.83 -18.39 20.79
CA SER H 59 -30.75 -19.16 22.03
C SER H 59 -31.83 -18.78 23.04
N ASN H 60 -32.03 -17.49 23.29
CA ASN H 60 -32.96 -17.06 24.30
C ASN H 60 -34.40 -17.28 23.83
N ARG H 61 -34.98 -18.41 24.19
CA ARG H 61 -36.27 -18.85 23.68
C ARG H 61 -37.13 -19.34 24.83
N ILE H 62 -38.45 -19.32 24.61
CA ILE H 62 -39.43 -19.75 25.61
C ILE H 62 -40.03 -21.07 25.17
N ASN H 63 -40.16 -22.01 26.12
CA ASN H 63 -40.86 -23.26 25.90
C ASN H 63 -42.10 -23.29 26.78
N ILE H 64 -43.24 -23.59 26.19
CA ILE H 64 -44.52 -23.56 26.90
C ILE H 64 -44.80 -24.97 27.40
N VAL H 65 -44.82 -25.13 28.73
CA VAL H 65 -45.00 -26.46 29.32
C VAL H 65 -46.43 -26.96 29.09
N SER H 66 -47.41 -26.14 29.43
CA SER H 66 -48.80 -26.54 29.32
C SER H 66 -49.69 -25.31 29.43
N ALA H 67 -50.94 -25.47 29.02
CA ALA H 67 -51.94 -24.42 29.11
C ALA H 67 -53.25 -24.98 29.67
N TYR H 68 -53.95 -24.16 30.45
CA TYR H 68 -55.19 -24.57 31.07
C TYR H 68 -56.00 -23.31 31.38
N GLY H 69 -57.28 -23.50 31.67
CA GLY H 69 -58.15 -22.36 31.93
C GLY H 69 -59.34 -22.65 32.82
N ASN H 70 -59.82 -21.64 33.53
CA ASN H 70 -60.98 -21.77 34.39
C ASN H 70 -62.26 -21.82 33.57
N VAL H 71 -63.29 -22.44 34.16
CA VAL H 71 -64.58 -22.58 33.49
C VAL H 71 -65.69 -21.99 34.34
N UNK H 72 -66.23 -20.86 33.91
CA UNK H 72 -67.34 -20.23 34.61
C UNK H 72 -68.63 -20.43 33.82
N UNK H 73 -69.71 -20.77 34.52
CA UNK H 73 -71.01 -21.05 33.92
C UNK H 73 -70.90 -22.14 32.86
N UNK H 74 -70.45 -21.76 31.66
CA UNK H 74 -70.28 -22.71 30.57
C UNK H 74 -69.29 -22.19 29.54
N UNK H 75 -68.47 -21.23 29.94
CA UNK H 75 -67.50 -20.64 29.04
C UNK H 75 -66.17 -20.39 29.73
N VAL H 76 -65.08 -20.64 29.01
CA VAL H 76 -63.74 -20.42 29.55
C VAL H 76 -63.45 -18.93 29.65
N ASP H 77 -63.28 -18.44 30.87
CA ASP H 77 -63.05 -17.03 31.13
C ASP H 77 -61.59 -16.67 31.25
N TYR H 78 -60.80 -17.48 31.96
CA TYR H 78 -59.37 -17.27 32.10
C TYR H 78 -58.61 -18.30 31.29
N VAL H 79 -57.39 -17.94 30.89
CA VAL H 79 -56.48 -18.84 30.20
C VAL H 79 -55.12 -18.74 30.88
N ASN H 80 -54.57 -19.88 31.29
CA ASN H 80 -53.34 -19.96 32.04
C ASN H 80 -52.27 -20.50 31.12
N LEU H 81 -51.10 -19.88 31.11
CA LEU H 81 -49.95 -20.39 30.37
C LEU H 81 -48.78 -20.57 31.32
N THR H 82 -48.20 -21.77 31.33
CA THR H 82 -47.03 -22.07 32.16
C THR H 82 -45.81 -22.21 31.25
N VAL H 83 -44.93 -21.20 31.29
CA VAL H 83 -43.77 -21.16 30.42
C VAL H 83 -42.53 -21.53 31.21
N ARG H 84 -41.47 -21.88 30.48
CA ARG H 84 -40.21 -22.25 31.08
C ARG H 84 -39.08 -21.87 30.14
N GLN H 85 -37.88 -21.76 30.71
CA GLN H 85 -36.70 -21.43 29.92
C GLN H 85 -36.34 -22.58 28.98
N ALA H 86 -35.81 -22.24 27.81
CA ALA H 86 -35.44 -23.23 26.82
C ALA H 86 -34.04 -23.75 27.12
N ALA H 87 -33.45 -24.51 26.20
CA ALA H 87 -32.15 -25.12 26.42
C ALA H 87 -31.04 -24.11 26.16
N GLY H 88 -30.30 -23.76 27.21
CA GLY H 88 -29.16 -22.88 27.09
C GLY H 88 -29.47 -21.40 27.05
N ALA H 89 -30.73 -21.02 27.17
CA ALA H 89 -31.08 -19.60 27.14
C ALA H 89 -30.56 -18.88 28.37
N ASP H 90 -30.22 -17.61 28.20
CA ASP H 90 -29.76 -16.77 29.30
C ASP H 90 -30.99 -16.22 30.03
N ASN H 91 -30.79 -15.24 30.90
CA ASN H 91 -31.90 -14.63 31.64
C ASN H 91 -32.88 -13.98 30.67
N ILE H 92 -34.13 -14.43 30.71
CA ILE H 92 -35.20 -13.89 29.87
C ILE H 92 -36.16 -13.13 30.76
N ASN H 93 -36.69 -12.01 30.26
CA ASN H 93 -37.58 -11.16 31.03
C ASN H 93 -38.99 -11.27 30.45
N LEU H 94 -39.96 -11.58 31.30
CA LEU H 94 -41.34 -11.69 30.87
C LEU H 94 -42.08 -10.36 31.04
N UNK H 95 -41.31 -9.27 31.08
CA UNK H 95 -41.88 -7.94 31.12
C UNK H 95 -41.65 -7.26 29.79
N LYS H 96 -40.54 -7.59 29.15
CA LYS H 96 -40.20 -7.04 27.84
C LYS H 96 -40.60 -8.02 26.75
N SER H 97 -41.62 -8.83 27.03
CA SER H 97 -42.10 -9.85 26.12
C SER H 97 -43.55 -9.58 25.77
N THR H 98 -43.92 -9.86 24.53
CA THR H 98 -45.26 -9.60 24.03
C THR H 98 -45.84 -10.86 23.43
N ILE H 99 -47.13 -11.06 23.65
CA ILE H 99 -47.85 -12.23 23.14
C ILE H 99 -48.86 -11.76 22.11
N GLN H 100 -48.83 -12.40 20.94
CA GLN H 100 -49.78 -12.10 19.87
C GLN H 100 -50.97 -13.04 20.01
N TRP H 101 -52.15 -12.48 20.30
CA TRP H 101 -53.35 -13.26 20.48
C TRP H 101 -54.19 -13.18 19.21
N ILE H 102 -54.50 -14.34 18.62
CA ILE H 102 -55.40 -14.41 17.48
C ILE H 102 -56.51 -15.39 17.83
N GLY H 103 -57.69 -14.87 18.13
CA GLY H 103 -58.81 -15.69 18.54
C GLY H 103 -59.89 -15.74 17.50
N PRO H 104 -61.08 -16.20 17.90
CA PRO H 104 -62.19 -16.25 16.93
C PRO H 104 -62.76 -14.89 16.60
N ASP H 105 -62.94 -14.02 17.59
CA ASP H 105 -63.56 -12.73 17.38
C ASP H 105 -62.59 -11.56 17.55
N UNK H 106 -61.29 -11.86 17.61
CA UNK H 106 -60.29 -10.81 17.80
C UNK H 106 -58.89 -11.25 17.41
N ALA H 107 -58.02 -10.26 17.20
CA ALA H 107 -56.62 -10.51 16.91
C ALA H 107 -55.78 -9.28 17.28
N THR H 108 -55.04 -9.39 18.37
CA THR H 108 -54.30 -8.26 18.93
C THR H 108 -52.91 -8.71 19.36
N THR H 109 -52.22 -7.83 20.06
CA THR H 109 -50.86 -8.07 20.55
C THR H 109 -50.80 -7.66 22.02
N LEU H 110 -50.90 -8.64 22.92
CA LEU H 110 -50.93 -8.36 24.34
C LEU H 110 -49.56 -7.91 24.84
N THR H 111 -49.57 -7.04 25.85
CA THR H 111 -48.37 -6.47 26.45
C THR H 111 -48.48 -6.61 27.98
N TYR H 112 -47.33 -6.49 28.65
CA TYR H 112 -47.25 -6.68 30.10
C TYR H 112 -48.18 -5.73 30.88
N UNK H 113 -48.49 -6.10 32.12
CA UNK H 113 -49.20 -5.24 33.05
C UNK H 113 -48.79 -5.56 34.49
N UNK H 114 -49.71 -5.35 35.41
CA UNK H 114 -49.46 -5.65 36.82
C UNK H 114 -50.79 -5.76 37.57
N UNK H 115 -51.63 -6.69 37.14
CA UNK H 115 -52.96 -6.90 37.73
C UNK H 115 -53.78 -5.63 37.72
N UNK H 119 -57.06 -9.24 32.91
CA UNK H 119 -56.14 -8.26 33.49
C UNK H 119 -55.90 -7.11 32.52
N UNK H 120 -56.60 -6.01 32.74
CA UNK H 120 -56.49 -4.81 31.90
C UNK H 120 -56.79 -5.10 30.44
N UNK H 121 -57.64 -6.10 30.20
CA UNK H 121 -58.04 -6.51 28.86
C UNK H 121 -56.83 -6.83 27.97
N GLU H 122 -56.38 -5.83 27.21
CA GLU H 122 -55.31 -6.01 26.23
C GLU H 122 -53.93 -6.24 26.86
N ASN H 123 -53.90 -6.64 28.13
CA ASN H 123 -52.65 -6.80 28.86
C ASN H 123 -52.61 -8.21 29.43
N PHE H 124 -51.40 -8.66 29.76
CA PHE H 124 -51.18 -9.96 30.38
C PHE H 124 -50.35 -9.79 31.65
N THR H 125 -50.49 -10.76 32.55
CA THR H 125 -49.83 -10.75 33.85
C THR H 125 -49.02 -12.02 34.03
N THR H 126 -47.96 -11.95 34.82
CA THR H 126 -47.13 -13.12 35.08
C THR H 126 -47.00 -13.44 36.57
N UNK H 127 -47.81 -14.37 37.05
CA UNK H 127 -47.72 -14.84 38.42
C UNK H 127 -46.78 -16.05 38.47
N SER H 128 -45.78 -16.00 39.36
CA SER H 128 -44.77 -17.05 39.43
C SER H 128 -45.32 -18.35 39.99
N ILE H 129 -44.75 -19.47 39.53
CA ILE H 129 -45.11 -20.80 40.01
C ILE H 129 -43.99 -21.40 40.84
N LYS H 130 -42.75 -21.30 40.36
CA LYS H 130 -41.59 -21.77 41.11
C LYS H 130 -40.39 -20.91 40.74
N GLY H 131 -39.65 -20.47 41.74
CA GLY H 131 -38.49 -19.64 41.52
C GLY H 131 -38.48 -18.39 42.38
N UNK H 132 -37.43 -17.58 42.25
CA UNK H 132 -37.30 -16.36 43.04
C UNK H 132 -38.16 -15.24 42.47
N UNK H 133 -37.73 -14.69 41.34
CA UNK H 133 -38.44 -13.59 40.70
C UNK H 133 -39.76 -14.05 40.10
N UNK H 134 -40.65 -13.09 39.85
CA UNK H 134 -41.96 -13.40 39.28
C UNK H 134 -42.14 -12.72 37.93
N UNK H 135 -41.03 -12.48 37.24
CA UNK H 135 -41.06 -11.83 35.94
C UNK H 135 -39.83 -12.19 35.12
N VAL H 136 -38.85 -12.82 35.78
CA VAL H 136 -37.62 -13.20 35.12
C VAL H 136 -37.35 -14.70 35.31
N LEU H 137 -36.91 -15.37 34.26
CA LEU H 137 -36.57 -16.79 34.33
C LEU H 137 -35.05 -16.89 34.38
N VAL H 138 -34.52 -17.03 35.60
CA VAL H 138 -33.07 -17.00 35.81
C VAL H 138 -32.46 -18.38 35.64
N ASP H 139 -32.95 -19.37 36.37
CA ASP H 139 -32.41 -20.71 36.29
C ASP H 139 -33.22 -21.57 35.33
N GLN H 140 -32.72 -22.77 35.06
CA GLN H 140 -33.44 -23.71 34.21
C GLN H 140 -34.72 -24.22 34.83
N SER H 141 -34.90 -24.05 36.15
CA SER H 141 -35.98 -24.70 36.88
C SER H 141 -37.15 -23.77 37.18
N ASP H 142 -37.08 -22.50 36.83
CA ASP H 142 -38.17 -21.57 37.13
C ASP H 142 -39.34 -21.80 36.19
N ARG H 143 -40.55 -21.77 36.76
CA ARG H 143 -41.79 -21.86 36.00
C ARG H 143 -42.64 -20.65 36.38
N ILE H 144 -43.10 -19.90 35.38
CA ILE H 144 -43.91 -18.72 35.60
C ILE H 144 -45.18 -18.83 34.79
N LYS H 145 -46.31 -18.49 35.44
CA LYS H 145 -47.62 -18.62 34.84
C LYS H 145 -48.03 -17.30 34.21
N VAL H 146 -48.26 -17.32 32.89
CA VAL H 146 -48.68 -16.15 32.15
C VAL H 146 -50.20 -16.04 32.28
N ILE H 147 -50.68 -14.84 32.57
CA ILE H 147 -52.11 -14.63 32.86
C ILE H 147 -52.71 -13.74 31.79
N MET H 148 -53.79 -14.21 31.18
CA MET H 148 -54.55 -13.41 30.22
C MET H 148 -56.03 -13.69 30.42
N TYR H 149 -56.85 -12.64 30.32
CA TYR H 149 -58.29 -12.73 30.54
C TYR H 149 -58.99 -12.90 29.19
N ALA H 150 -59.59 -14.06 28.98
CA ALA H 150 -60.23 -14.37 27.71
C ALA H 150 -61.54 -13.62 27.52
N UNK H 151 -62.30 -13.47 28.61
CA UNK H 151 -63.59 -12.80 28.55
C UNK H 151 -63.43 -11.28 28.57
N UNK H 152 -62.22 -10.81 28.30
CA UNK H 152 -61.95 -9.38 28.23
C UNK H 152 -61.32 -9.02 26.89
N VAL H 153 -60.41 -9.88 26.43
CA VAL H 153 -59.76 -9.68 25.14
C VAL H 153 -60.75 -10.02 24.03
N UNK H 154 -61.75 -10.82 24.36
CA UNK H 154 -62.77 -11.22 23.39
C UNK H 154 -64.13 -11.28 24.07
N UNK H 155 -64.88 -12.34 23.77
CA UNK H 155 -66.17 -12.56 24.38
C UNK H 155 -66.26 -13.99 24.91
N UNK H 156 -65.63 -14.23 26.05
CA UNK H 156 -65.51 -15.57 26.63
C UNK H 156 -64.87 -16.53 25.64
N LEU H 157 -65.12 -17.82 25.82
CA LEU H 157 -64.58 -18.84 24.92
C LEU H 157 -65.49 -20.04 24.85
N UNK H 158 -66.26 -20.15 23.77
CA UNK H 158 -67.17 -21.27 23.57
C UNK H 158 -66.38 -22.55 23.31
N UNK H 159 -67.04 -23.68 23.48
CA UNK H 159 -66.39 -24.98 23.29
C UNK H 159 -66.05 -25.23 21.82
N GLY H 160 -64.79 -25.56 21.56
CA GLY H 160 -64.34 -25.85 20.21
C GLY H 160 -63.57 -24.71 19.58
N UNK H 161 -63.56 -23.57 20.26
CA UNK H 161 -62.86 -22.39 19.76
C UNK H 161 -61.36 -22.56 19.86
N GLU H 162 -60.63 -22.03 18.88
CA GLU H 162 -59.18 -22.11 18.87
C GLU H 162 -58.55 -20.73 18.85
N VAL H 163 -57.42 -20.58 19.56
CA VAL H 163 -56.67 -19.33 19.59
C VAL H 163 -55.20 -19.66 19.31
N GLN H 164 -54.52 -18.73 18.63
CA GLN H 164 -53.12 -18.89 18.30
C GLN H 164 -52.30 -17.88 19.09
N LEU H 165 -51.24 -18.37 19.75
CA LEU H 165 -50.39 -17.53 20.60
C LEU H 165 -48.94 -17.69 20.15
N THR H 166 -48.25 -16.57 19.97
CA THR H 166 -46.84 -16.54 19.63
C THR H 166 -46.11 -15.71 20.69
N VAL H 167 -45.68 -16.36 21.76
CA VAL H 167 -44.97 -15.68 22.84
C VAL H 167 -43.60 -15.27 22.31
N THR H 168 -43.40 -13.96 22.15
CA THR H 168 -42.18 -13.42 21.58
C THR H 168 -41.32 -12.82 22.69
N THR H 169 -40.10 -13.31 22.82
CA THR H 169 -39.16 -12.73 23.76
C THR H 169 -38.66 -11.38 23.24
N GLN H 170 -37.96 -10.65 24.10
CA GLN H 170 -37.48 -9.32 23.73
C GLN H 170 -36.49 -9.39 22.57
N TYR H 171 -35.78 -10.50 22.43
CA TYR H 171 -34.73 -10.59 21.42
C TYR H 171 -35.20 -11.12 20.08
N GLY H 172 -36.47 -11.51 19.95
CA GLY H 172 -37.05 -11.88 18.68
C GLY H 172 -37.47 -13.34 18.57
N SER H 173 -37.07 -14.18 19.52
CA SER H 173 -37.46 -15.59 19.46
C SER H 173 -38.96 -15.74 19.62
N LYS H 174 -39.56 -16.59 18.80
CA LYS H 174 -41.00 -16.78 18.76
C LYS H 174 -41.33 -18.23 19.08
N THR H 175 -42.22 -18.43 20.05
CA THR H 175 -42.75 -19.75 20.39
C THR H 175 -44.24 -19.75 20.13
N THR H 176 -44.69 -20.60 19.21
CA THR H 176 -46.08 -20.62 18.79
C THR H 176 -46.82 -21.78 19.45
N TYR H 177 -47.99 -21.47 20.02
CA TYR H 177 -48.83 -22.47 20.66
C TYR H 177 -50.27 -22.24 20.23
N TRP H 178 -50.92 -23.31 19.77
CA TRP H 178 -52.32 -23.27 19.36
C TRP H 178 -53.17 -23.91 20.44
N ALA H 179 -53.74 -23.09 21.32
CA ALA H 179 -54.66 -23.59 22.33
C ALA H 179 -56.00 -23.93 21.70
N GLN H 180 -56.59 -25.03 22.15
CA GLN H 180 -57.85 -25.53 21.58
C GLN H 180 -58.75 -25.91 22.75
N VAL H 181 -59.86 -25.18 22.89
CA VAL H 181 -60.85 -25.45 23.92
C VAL H 181 -61.48 -26.82 23.65
N PRO H 182 -61.70 -27.64 24.67
CA PRO H 182 -62.31 -28.95 24.45
C PRO H 182 -63.69 -28.82 23.82
N GLU H 183 -64.04 -29.79 22.98
CA GLU H 183 -65.29 -29.75 22.23
C GLU H 183 -66.50 -29.69 23.15
N SER H 184 -66.43 -30.28 24.34
CA SER H 184 -67.53 -30.26 25.29
C SER H 184 -67.03 -29.71 26.62
N LEU H 185 -67.77 -28.74 27.16
CA LEU H 185 -67.46 -28.16 28.47
C LEU H 185 -68.50 -28.55 29.52
N LYS H 186 -69.02 -29.76 29.42
CA LYS H 186 -70.12 -30.19 30.28
C LYS H 186 -69.59 -30.57 31.66
N ASP H 187 -69.88 -29.72 32.65
CA ASP H 187 -69.58 -29.99 34.06
C ASP H 187 -68.08 -30.24 34.28
N LYS H 188 -67.30 -29.22 33.96
CA LYS H 188 -65.86 -29.21 34.25
C LYS H 188 -65.50 -27.90 34.92
N ASN H 189 -64.79 -27.98 36.05
CA ASN H 189 -64.36 -26.76 36.73
C ASN H 189 -63.21 -26.10 36.00
N ALA H 190 -62.26 -26.91 35.52
CA ALA H 190 -61.13 -26.42 34.74
C ALA H 190 -60.76 -27.44 33.68
N VAL H 191 -60.34 -26.94 32.52
CA VAL H 191 -59.96 -27.80 31.41
C VAL H 191 -58.54 -27.49 30.95
N UNK H 192 -58.00 -28.35 30.09
CA UNK H 192 -56.67 -28.15 29.53
C UNK H 192 -56.77 -27.86 28.04
N LEU H 193 -56.46 -26.63 27.66
CA LEU H 193 -56.55 -26.21 26.27
C LEU H 193 -55.48 -26.88 25.42
N GLN I 13 28.78 38.26 -2.32
CA GLN I 13 27.86 38.27 -3.45
C GLN I 13 27.18 36.92 -3.62
N VAL I 14 27.98 35.86 -3.69
CA VAL I 14 27.42 34.51 -3.85
C VAL I 14 26.60 34.12 -2.63
N GLY I 15 27.07 34.52 -1.44
CA GLY I 15 26.31 34.25 -0.23
C GLY I 15 24.97 34.96 -0.23
N ILE I 16 24.92 36.17 -0.77
CA ILE I 16 23.66 36.91 -0.85
C ILE I 16 22.66 36.18 -1.73
N GLY I 17 23.13 35.66 -2.86
CA GLY I 17 22.26 34.86 -3.72
C GLY I 17 21.74 33.62 -3.03
N THR I 18 22.54 33.03 -2.15
CA THR I 18 22.12 31.84 -1.43
C THR I 18 20.93 32.13 -0.52
N LEU I 19 20.94 33.27 0.14
CA LEU I 19 19.90 33.58 1.13
C LEU I 19 18.53 33.72 0.47
N ILE I 20 18.48 34.44 -0.65
CA ILE I 20 17.19 34.67 -1.32
C ILE I 20 16.62 33.36 -1.84
N VAL I 21 17.46 32.52 -2.44
CA VAL I 21 17.02 31.20 -2.88
C VAL I 21 16.63 30.34 -1.69
N PHE I 22 17.32 30.51 -0.56
CA PHE I 22 16.98 29.76 0.65
C PHE I 22 15.55 30.07 1.09
N ILE I 23 15.17 31.36 1.06
CA ILE I 23 13.83 31.75 1.47
C ILE I 23 12.79 31.10 0.57
N ALA I 24 13.05 31.08 -0.73
CA ALA I 24 12.13 30.44 -1.67
C ALA I 24 12.03 28.95 -1.41
N MET I 25 13.16 28.30 -1.10
CA MET I 25 13.16 26.86 -0.89
C MET I 25 12.33 26.47 0.33
N VAL I 26 12.30 27.30 1.36
CA VAL I 26 11.48 27.00 2.53
C VAL I 26 10.01 27.15 2.20
N LEU I 27 9.64 28.19 1.46
CA LEU I 27 8.24 28.43 1.14
C LEU I 27 7.67 27.32 0.26
N VAL I 28 8.42 26.89 -0.76
CA VAL I 28 7.92 25.84 -1.64
C VAL I 28 7.78 24.52 -0.89
N ALA I 29 8.69 24.25 0.05
CA ALA I 29 8.55 23.05 0.88
C ALA I 29 7.31 23.14 1.76
N ALA I 30 7.03 24.33 2.30
CA ALA I 30 5.84 24.48 3.13
C ALA I 30 4.56 24.29 2.31
N ILE I 31 4.55 24.78 1.06
CA ILE I 31 3.38 24.62 0.21
C ILE I 31 3.11 23.14 -0.06
N ALA I 32 4.17 22.38 -0.36
CA ALA I 32 4.01 20.95 -0.55
C ALA I 32 3.55 20.27 0.73
N ALA I 33 4.04 20.73 1.88
CA ALA I 33 3.60 20.19 3.15
C ALA I 33 2.12 20.47 3.38
N GLY I 34 1.68 21.68 3.02
CA GLY I 34 0.28 22.03 3.21
C GLY I 34 -0.66 21.17 2.38
N VAL I 35 -0.29 20.90 1.13
CA VAL I 35 -1.14 20.10 0.24
C VAL I 35 -1.31 18.70 0.79
N LEU I 36 -0.22 18.09 1.26
CA LEU I 36 -0.27 16.72 1.74
C LEU I 36 -1.20 16.59 2.95
N ILE I 37 -1.10 17.52 3.90
CA ILE I 37 -1.91 17.44 5.11
C ILE I 37 -3.37 17.71 4.79
N ASN I 38 -3.64 18.76 4.01
CA ASN I 38 -5.02 19.13 3.71
C ASN I 38 -5.73 18.03 2.93
N THR I 39 -5.04 17.43 1.96
CA THR I 39 -5.60 16.30 1.25
C THR I 39 -5.83 15.12 2.19
N ALA I 40 -4.88 14.87 3.09
CA ALA I 40 -5.06 13.81 4.08
C ALA I 40 -6.22 14.14 5.02
N GLY I 41 -6.39 15.42 5.34
CA GLY I 41 -7.50 15.81 6.20
C GLY I 41 -8.85 15.56 5.54
N TYR I 42 -8.97 15.91 4.26
CA TYR I 42 -10.22 15.68 3.54
C TYR I 42 -10.50 14.20 3.40
N LEU I 43 -9.46 13.41 3.09
CA LEU I 43 -9.64 11.96 3.00
C LEU I 43 -10.01 11.37 4.35
N GLN I 44 -9.48 11.93 5.43
CA GLN I 44 -9.82 11.45 6.77
C GLN I 44 -11.32 11.60 7.05
N SER I 45 -11.88 12.76 6.71
CA SER I 45 -13.32 12.96 6.91
C SER I 45 -14.14 12.05 6.00
N LYS I 46 -13.75 11.97 4.73
CA LYS I 46 -14.46 11.10 3.79
C LYS I 46 -14.28 9.64 4.16
N GLY I 47 -13.07 9.26 4.56
CA GLY I 47 -12.82 7.86 4.92
C GLY I 47 -13.59 7.44 6.16
N SER I 48 -13.58 8.29 7.19
CA SER I 48 -14.29 7.96 8.41
C SER I 48 -15.79 7.86 8.17
N ALA I 49 -16.36 8.77 7.38
CA ALA I 49 -17.78 8.75 7.09
C ALA I 49 -18.16 7.47 6.34
N THR I 50 -17.27 6.98 5.48
CA THR I 50 -17.54 5.75 4.75
C THR I 50 -17.63 4.56 5.70
N GLY I 51 -16.78 4.53 6.73
CA GLY I 51 -16.79 3.42 7.66
C GLY I 51 -18.09 3.32 8.44
N GLU I 52 -18.61 4.47 8.91
CA GLU I 52 -19.83 4.44 9.70
C GLU I 52 -21.04 4.09 8.85
N GLU I 53 -21.14 4.65 7.65
CA GLU I 53 -22.34 4.46 6.84
C GLU I 53 -22.39 3.07 6.23
N ALA I 54 -21.24 2.52 5.85
CA ALA I 54 -21.22 1.16 5.32
C ALA I 54 -21.57 0.14 6.40
N SER I 55 -21.09 0.36 7.63
CA SER I 55 -21.46 -0.51 8.74
C SER I 55 -22.96 -0.41 9.04
N ALA I 56 -23.50 0.82 9.00
CA ALA I 56 -24.94 0.99 9.21
C ALA I 56 -25.74 0.33 8.12
N GLN I 57 -25.22 0.30 6.89
CA GLN I 57 -25.92 -0.37 5.79
C GLN I 57 -26.06 -1.86 6.06
N VAL I 58 -25.03 -2.49 6.59
CA VAL I 58 -25.08 -3.93 6.85
C VAL I 58 -25.81 -4.25 8.15
N SER I 59 -25.65 -3.42 9.19
CA SER I 59 -26.15 -3.73 10.53
C SER I 59 -27.59 -3.27 10.75
N ASN I 60 -27.93 -2.06 10.33
CA ASN I 60 -29.26 -1.52 10.60
C ASN I 60 -30.29 -2.19 9.70
N ARG I 61 -30.92 -3.26 10.20
CA ARG I 61 -31.86 -4.05 9.43
C ARG I 61 -33.13 -4.23 10.25
N ILE I 62 -34.22 -4.55 9.55
CA ILE I 62 -35.53 -4.72 10.16
C ILE I 62 -35.93 -6.19 10.05
N ASN I 63 -36.35 -6.77 11.17
CA ASN I 63 -36.87 -8.14 11.19
C ASN I 63 -38.36 -8.08 11.43
N ILE I 64 -39.12 -8.82 10.62
CA ILE I 64 -40.57 -8.81 10.67
C ILE I 64 -41.02 -9.97 11.56
N VAL I 65 -41.63 -9.64 12.70
CA VAL I 65 -42.04 -10.68 13.65
C VAL I 65 -43.19 -11.50 13.06
N SER I 66 -44.20 -10.82 12.53
CA SER I 66 -45.40 -11.50 12.04
C SER I 66 -46.14 -10.59 11.08
N ALA I 67 -47.28 -11.07 10.60
CA ALA I 67 -48.12 -10.32 9.67
C ALA I 67 -49.53 -10.87 9.72
N TYR I 68 -50.48 -10.03 10.06
CA TYR I 68 -51.90 -10.40 10.10
C TYR I 68 -52.71 -9.36 9.34
N GLY I 69 -54.03 -9.50 9.40
CA GLY I 69 -54.90 -8.57 8.70
C GLY I 69 -56.37 -8.73 9.01
N ASN I 70 -57.07 -7.60 9.15
CA ASN I 70 -58.51 -7.64 9.38
C ASN I 70 -59.23 -8.16 8.14
N VAL I 71 -60.38 -8.78 8.36
CA VAL I 71 -61.15 -9.35 7.26
C VAL I 71 -62.57 -8.81 7.27
N UNK I 72 -62.99 -8.23 6.14
CA UNK I 72 -64.34 -7.74 5.98
C UNK I 72 -65.04 -8.53 4.87
N UNK I 73 -66.27 -8.95 5.13
CA UNK I 73 -67.05 -9.76 4.19
C UNK I 73 -66.30 -11.03 3.81
N UNK I 74 -65.40 -10.92 2.84
CA UNK I 74 -64.60 -12.05 2.40
C UNK I 74 -63.31 -11.59 1.72
N UNK I 75 -62.77 -10.46 2.19
CA UNK I 75 -61.55 -9.92 1.62
C UNK I 75 -60.72 -9.19 2.66
N VAL I 76 -59.41 -9.40 2.62
CA VAL I 76 -58.50 -8.76 3.56
C VAL I 76 -58.32 -7.29 3.19
N ASP I 77 -58.81 -6.41 4.07
CA ASP I 77 -58.76 -4.97 3.79
C ASP I 77 -57.44 -4.35 4.26
N TYR I 78 -57.10 -4.56 5.53
CA TYR I 78 -55.83 -4.09 6.07
C TYR I 78 -54.82 -5.24 6.12
N VAL I 79 -53.58 -4.91 5.79
CA VAL I 79 -52.44 -5.81 5.95
C VAL I 79 -51.40 -5.07 6.77
N ASN I 80 -51.19 -5.49 8.01
CA ASN I 80 -50.32 -4.78 8.94
C ASN I 80 -49.30 -5.74 9.53
N LEU I 81 -48.04 -5.34 9.49
CA LEU I 81 -46.92 -6.14 9.96
C LEU I 81 -46.54 -5.74 11.38
N THR I 82 -45.65 -6.51 11.98
CA THR I 82 -45.05 -6.19 13.27
C THR I 82 -43.54 -6.31 13.13
N VAL I 83 -42.85 -5.17 13.05
CA VAL I 83 -41.42 -5.13 12.76
C VAL I 83 -40.64 -4.85 14.03
N ARG I 84 -39.36 -5.19 14.01
CA ARG I 84 -38.47 -4.98 15.14
C ARG I 84 -37.04 -4.79 14.63
N GLN I 85 -36.17 -4.34 15.53
CA GLN I 85 -34.76 -4.18 15.20
C GLN I 85 -34.11 -5.54 14.93
N ALA I 86 -33.07 -5.52 14.10
CA ALA I 86 -32.26 -6.70 13.87
C ALA I 86 -31.18 -6.81 14.94
N ALA I 87 -30.24 -7.74 14.76
CA ALA I 87 -29.17 -7.89 15.74
C ALA I 87 -28.12 -6.81 15.56
N GLY I 88 -27.79 -6.15 16.67
CA GLY I 88 -26.75 -5.14 16.67
C GLY I 88 -26.99 -3.95 15.77
N ALA I 89 -28.20 -3.40 15.80
CA ALA I 89 -28.56 -2.24 15.00
C ALA I 89 -28.74 -1.01 15.88
N ASP I 90 -28.63 0.16 15.25
CA ASP I 90 -28.86 1.42 15.93
C ASP I 90 -30.33 1.82 15.79
N ASN I 91 -30.62 3.07 16.11
CA ASN I 91 -31.98 3.59 16.00
C ASN I 91 -32.45 3.53 14.55
N ILE I 92 -33.55 2.81 14.32
CA ILE I 92 -34.13 2.65 12.99
C ILE I 92 -35.35 3.55 12.91
N ASN I 93 -35.24 4.63 12.15
CA ASN I 93 -36.35 5.56 12.00
C ASN I 93 -37.32 5.04 10.94
N LEU I 94 -38.52 4.67 11.37
CA LEU I 94 -39.53 4.12 10.47
C LEU I 94 -40.29 5.23 9.76
N UNK I 95 -39.58 6.30 9.38
CA UNK I 95 -40.20 7.39 8.65
C UNK I 95 -39.50 7.58 7.31
N LYS I 96 -38.20 7.26 7.29
CA LYS I 96 -37.40 7.42 6.09
C LYS I 96 -37.19 6.07 5.43
N SER I 97 -38.12 5.16 5.67
CA SER I 97 -38.09 3.82 5.11
C SER I 97 -39.23 3.65 4.10
N THR I 98 -38.94 2.95 3.01
CA THR I 98 -39.90 2.72 1.94
C THR I 98 -40.23 1.24 1.86
N ILE I 99 -41.49 0.94 1.55
CA ILE I 99 -41.97 -0.42 1.43
C ILE I 99 -42.43 -0.63 -0.02
N GLN I 100 -41.89 -1.67 -0.66
CA GLN I 100 -42.32 -2.03 -1.99
C GLN I 100 -43.47 -3.03 -1.93
N TRP I 101 -44.45 -2.85 -2.81
CA TRP I 101 -45.63 -3.70 -2.87
C TRP I 101 -45.73 -4.25 -4.28
N ILE I 102 -45.18 -5.45 -4.49
CA ILE I 102 -45.38 -6.18 -5.75
C ILE I 102 -46.52 -7.16 -5.47
N GLY I 103 -47.74 -6.67 -5.66
CA GLY I 103 -48.93 -7.44 -5.36
C GLY I 103 -49.49 -8.14 -6.58
N PRO I 104 -50.74 -8.61 -6.48
CA PRO I 104 -51.35 -9.28 -7.61
C PRO I 104 -51.70 -8.34 -8.75
N ASP I 105 -51.95 -7.06 -8.46
CA ASP I 105 -52.32 -6.09 -9.48
C ASP I 105 -51.27 -5.00 -9.63
N UNK I 106 -50.98 -4.31 -8.53
CA UNK I 106 -50.07 -3.17 -8.56
C UNK I 106 -48.63 -3.55 -8.19
N ALA I 107 -47.70 -2.66 -8.55
CA ALA I 107 -46.29 -2.84 -8.20
C ALA I 107 -45.68 -1.48 -7.88
N THR I 108 -45.90 -1.02 -6.65
CA THR I 108 -45.57 0.33 -6.25
C THR I 108 -44.59 0.35 -5.07
N THR I 109 -44.33 1.55 -4.56
CA THR I 109 -43.45 1.78 -3.41
C THR I 109 -44.17 2.69 -2.43
N LEU I 110 -44.50 2.15 -1.26
CA LEU I 110 -45.25 2.91 -0.27
C LEU I 110 -44.31 3.65 0.68
N THR I 111 -44.68 4.89 1.00
CA THR I 111 -43.96 5.71 1.97
C THR I 111 -44.88 6.12 3.11
N TYR I 112 -44.39 7.00 3.98
CA TYR I 112 -45.13 7.42 5.18
C TYR I 112 -46.37 8.26 4.86
N UNK I 113 -47.40 8.11 5.68
CA UNK I 113 -48.56 9.00 5.66
C UNK I 113 -48.67 9.79 6.96
N UNK I 114 -49.88 9.81 7.51
CA UNK I 114 -50.17 10.46 8.78
C UNK I 114 -51.61 10.11 9.18
N UNK I 115 -51.83 8.84 9.51
CA UNK I 115 -53.16 8.33 9.85
C UNK I 115 -54.17 8.61 8.74
N UNK I 119 -53.87 4.67 6.59
CA UNK I 119 -52.89 5.20 5.66
C UNK I 119 -53.56 5.51 4.32
N UNK I 120 -54.19 4.50 3.74
CA UNK I 120 -54.93 4.62 2.47
C UNK I 120 -54.03 5.02 1.30
N UNK I 121 -54.63 5.03 0.11
CA UNK I 121 -53.93 5.42 -1.11
C UNK I 121 -52.67 4.60 -1.36
N GLU I 122 -51.52 5.27 -1.24
CA GLU I 122 -50.22 4.66 -1.51
C GLU I 122 -49.22 4.94 -0.41
N ASN I 123 -49.67 4.81 0.84
CA ASN I 123 -48.84 5.17 1.99
C ASN I 123 -48.97 4.11 3.06
N PHE I 124 -48.08 4.17 4.05
CA PHE I 124 -48.13 3.28 5.20
C PHE I 124 -48.01 4.10 6.48
N THR I 125 -48.65 3.61 7.55
CA THR I 125 -48.69 4.27 8.84
C THR I 125 -48.05 3.34 9.87
N THR I 126 -47.36 3.93 10.85
CA THR I 126 -46.72 3.14 11.90
C THR I 126 -47.28 3.41 13.29
N UNK I 127 -48.16 2.53 13.76
CA UNK I 127 -48.69 2.63 15.12
C UNK I 127 -47.90 1.71 16.04
N SER I 128 -47.37 2.27 17.12
CA SER I 128 -46.50 1.53 18.03
C SER I 128 -47.26 0.43 18.78
N ILE I 129 -46.53 -0.59 19.20
CA ILE I 129 -47.08 -1.69 19.99
C ILE I 129 -46.42 -1.79 21.36
N LYS I 130 -45.09 -1.66 21.40
CA LYS I 130 -44.36 -1.68 22.66
C LYS I 130 -43.20 -0.69 22.55
N GLY I 131 -43.11 0.22 23.51
CA GLY I 131 -42.06 1.23 23.49
C GLY I 131 -42.57 2.63 23.72
N UNK I 132 -41.65 3.60 23.75
CA UNK I 132 -42.01 4.99 23.98
C UNK I 132 -42.42 5.68 22.68
N UNK I 133 -41.53 5.66 21.70
CA UNK I 133 -41.77 6.31 20.42
C UNK I 133 -42.63 5.44 19.51
N UNK I 134 -43.23 6.07 18.51
CA UNK I 134 -44.08 5.36 17.56
C UNK I 134 -43.58 5.53 16.14
N UNK I 135 -42.26 5.64 15.99
CA UNK I 135 -41.65 5.85 14.69
C UNK I 135 -40.20 5.38 14.68
N VAL I 136 -39.61 5.24 15.86
CA VAL I 136 -38.23 4.81 15.98
C VAL I 136 -38.11 3.62 16.93
N LEU I 137 -37.36 2.61 16.51
CA LEU I 137 -37.08 1.45 17.36
C LEU I 137 -35.74 1.64 18.07
N VAL I 138 -35.75 2.33 19.20
CA VAL I 138 -34.49 2.74 19.83
C VAL I 138 -33.82 1.57 20.55
N ASP I 139 -34.61 0.65 21.10
CA ASP I 139 -34.05 -0.51 21.80
C ASP I 139 -34.37 -1.79 21.04
N GLN I 140 -33.89 -2.91 21.59
CA GLN I 140 -34.15 -4.21 21.00
C GLN I 140 -35.55 -4.72 21.29
N SER I 141 -36.22 -4.14 22.29
CA SER I 141 -37.53 -4.62 22.74
C SER I 141 -38.66 -3.69 22.33
N ASP I 142 -38.57 -3.08 21.16
CA ASP I 142 -39.63 -2.23 20.63
C ASP I 142 -40.25 -2.88 19.41
N ARG I 143 -41.57 -3.01 19.41
CA ARG I 143 -42.32 -3.58 18.30
C ARG I 143 -43.22 -2.49 17.74
N ILE I 144 -43.16 -2.27 16.44
CA ILE I 144 -43.97 -1.26 15.76
C ILE I 144 -44.82 -1.93 14.69
N LYS I 145 -46.10 -1.59 14.66
CA LYS I 145 -47.05 -2.15 13.70
C LYS I 145 -47.11 -1.21 12.50
N VAL I 146 -46.65 -1.69 11.35
CA VAL I 146 -46.69 -0.92 10.11
C VAL I 146 -48.06 -1.14 9.48
N ILE I 147 -48.80 -0.06 9.25
CA ILE I 147 -50.17 -0.15 8.77
C ILE I 147 -50.19 0.08 7.27
N MET I 148 -50.88 -0.80 6.54
CA MET I 148 -50.96 -0.72 5.09
C MET I 148 -52.36 -1.11 4.65
N TYR I 149 -53.03 -0.21 3.93
CA TYR I 149 -54.42 -0.42 3.51
C TYR I 149 -54.39 -1.13 2.16
N ALA I 150 -54.64 -2.44 2.19
CA ALA I 150 -54.55 -3.26 0.98
C ALA I 150 -55.68 -2.94 0.00
N UNK I 151 -56.83 -2.55 0.54
CA UNK I 151 -57.98 -2.24 -0.30
C UNK I 151 -57.83 -0.87 -0.94
N UNK I 152 -56.79 -0.15 -0.55
CA UNK I 152 -56.53 1.18 -1.07
C UNK I 152 -55.36 1.16 -2.05
N VAL I 153 -54.29 0.46 -1.68
CA VAL I 153 -53.12 0.34 -2.56
C VAL I 153 -53.52 -0.42 -3.82
N UNK I 154 -54.19 -1.55 -3.63
CA UNK I 154 -54.72 -2.32 -4.74
C UNK I 154 -56.16 -2.71 -4.42
N UNK I 155 -56.65 -3.75 -5.06
CA UNK I 155 -57.96 -4.29 -4.73
C UNK I 155 -57.85 -5.07 -3.43
N UNK I 156 -58.95 -5.19 -2.70
CA UNK I 156 -58.98 -5.95 -1.46
C UNK I 156 -58.55 -7.39 -1.72
N LEU I 157 -57.47 -7.82 -1.08
CA LEU I 157 -56.90 -9.14 -1.31
C LEU I 157 -57.92 -10.25 -1.09
N UNK I 158 -58.10 -11.07 -2.11
CA UNK I 158 -59.08 -12.15 -2.06
C UNK I 158 -58.46 -13.42 -1.48
N UNK I 159 -59.22 -14.50 -1.53
CA UNK I 159 -58.79 -15.77 -0.97
C UNK I 159 -57.67 -16.40 -1.80
N GLY I 160 -56.48 -16.48 -1.22
CA GLY I 160 -55.34 -17.09 -1.89
C GLY I 160 -54.55 -16.14 -2.77
N UNK I 161 -54.02 -15.08 -2.17
CA UNK I 161 -53.23 -14.10 -2.90
C UNK I 161 -51.85 -13.92 -2.27
N GLU I 162 -50.91 -13.37 -3.04
CA GLU I 162 -49.55 -13.17 -2.55
C GLU I 162 -49.01 -11.80 -2.95
N VAL I 163 -48.45 -11.09 -1.98
CA VAL I 163 -47.79 -9.81 -2.20
C VAL I 163 -46.37 -9.92 -1.66
N GLN I 164 -45.43 -9.23 -2.30
CA GLN I 164 -44.03 -9.26 -1.91
C GLN I 164 -43.67 -7.91 -1.32
N LEU I 165 -43.36 -7.89 -0.03
CA LEU I 165 -43.00 -6.67 0.67
C LEU I 165 -41.51 -6.67 0.97
N THR I 166 -40.82 -5.60 0.56
CA THR I 166 -39.39 -5.43 0.80
C THR I 166 -39.21 -4.13 1.57
N VAL I 167 -39.26 -4.22 2.90
CA VAL I 167 -39.10 -3.03 3.73
C VAL I 167 -37.65 -2.57 3.65
N THR I 168 -37.43 -1.45 2.96
CA THR I 168 -36.10 -0.91 2.74
C THR I 168 -35.84 0.18 3.78
N THR I 169 -34.85 -0.04 4.63
CA THR I 169 -34.47 0.97 5.62
C THR I 169 -33.79 2.14 4.92
N GLN I 170 -33.59 3.23 5.69
CA GLN I 170 -33.01 4.43 5.13
C GLN I 170 -31.60 4.17 4.59
N TYR I 171 -30.79 3.44 5.35
CA TYR I 171 -29.40 3.23 4.97
C TYR I 171 -29.22 2.21 3.85
N GLY I 172 -30.28 1.47 3.49
CA GLY I 172 -30.25 0.60 2.33
C GLY I 172 -30.54 -0.85 2.62
N SER I 173 -30.50 -1.28 3.88
CA SER I 173 -30.76 -2.67 4.20
C SER I 173 -32.20 -3.04 3.87
N LYS I 174 -32.37 -4.20 3.22
CA LYS I 174 -33.66 -4.66 2.74
C LYS I 174 -34.08 -5.92 3.48
N THR I 175 -35.37 -6.00 3.80
CA THR I 175 -35.97 -7.21 4.37
C THR I 175 -37.18 -7.57 3.53
N THR I 176 -37.18 -8.78 3.00
CA THR I 176 -38.24 -9.25 2.11
C THR I 176 -39.17 -10.20 2.85
N TYR I 177 -40.48 -9.96 2.75
CA TYR I 177 -41.49 -10.82 3.35
C TYR I 177 -42.56 -11.10 2.30
N TRP I 178 -42.77 -12.37 1.98
CA TRP I 178 -43.78 -12.78 1.02
C TRP I 178 -45.07 -13.08 1.76
N ALA I 179 -45.92 -12.07 1.89
CA ALA I 179 -47.19 -12.26 2.56
C ALA I 179 -48.13 -13.10 1.70
N GLN I 180 -48.72 -14.12 2.31
CA GLN I 180 -49.64 -15.02 1.63
C GLN I 180 -50.94 -15.09 2.41
N VAL I 181 -52.03 -14.64 1.79
CA VAL I 181 -53.33 -14.69 2.46
C VAL I 181 -53.74 -16.14 2.66
N PRO I 182 -54.30 -16.52 3.80
CA PRO I 182 -54.91 -17.86 3.91
C PRO I 182 -55.96 -18.04 2.83
N GLU I 183 -55.82 -19.12 2.07
CA GLU I 183 -56.54 -19.23 0.80
C GLU I 183 -58.02 -19.54 1.01
N SER I 184 -58.44 -19.88 2.22
CA SER I 184 -59.85 -20.04 2.53
C SER I 184 -60.21 -19.04 3.62
N LEU I 185 -61.11 -18.12 3.30
CA LEU I 185 -61.49 -17.03 4.19
C LEU I 185 -62.89 -17.21 4.76
N LYS I 186 -63.37 -18.44 4.82
CA LYS I 186 -64.75 -18.70 5.23
C LYS I 186 -64.91 -18.47 6.73
N ASP I 187 -65.63 -17.41 7.08
CA ASP I 187 -65.97 -17.08 8.46
C ASP I 187 -64.71 -16.96 9.33
N LYS I 188 -63.87 -16.00 8.96
CA LYS I 188 -62.66 -15.68 9.72
C LYS I 188 -62.66 -14.18 9.99
N ASN I 189 -62.70 -13.82 11.27
CA ASN I 189 -62.69 -12.40 11.62
C ASN I 189 -61.35 -11.77 11.26
N ALA I 190 -60.26 -12.44 11.64
CA ALA I 190 -58.92 -11.97 11.32
C ALA I 190 -58.02 -13.17 11.05
N VAL I 191 -57.13 -13.00 10.08
CA VAL I 191 -56.24 -14.08 9.65
C VAL I 191 -54.78 -13.70 9.81
N UNK I 192 -53.90 -14.66 9.59
CA UNK I 192 -52.46 -14.43 9.71
C UNK I 192 -51.75 -14.76 8.40
N LEU I 193 -51.31 -13.73 7.68
CA LEU I 193 -50.60 -13.91 6.43
C LEU I 193 -49.24 -14.56 6.66
N GLN J 13 37.71 51.82 -8.16
CA GLN J 13 36.99 51.36 -9.34
C GLN J 13 36.50 49.94 -9.15
N VAL J 14 37.08 49.23 -8.19
CA VAL J 14 36.68 47.86 -7.91
C VAL J 14 35.46 47.82 -7.00
N GLY J 15 35.28 48.83 -6.15
CA GLY J 15 34.08 48.93 -5.35
C GLY J 15 32.85 49.18 -6.19
N ILE J 16 32.98 50.01 -7.22
CA ILE J 16 31.89 50.29 -8.14
C ILE J 16 31.49 49.02 -8.86
N GLY J 17 32.48 48.24 -9.30
CA GLY J 17 32.17 47.03 -10.04
C GLY J 17 31.43 46.01 -9.19
N THR J 18 31.79 45.90 -7.91
CA THR J 18 31.14 44.95 -7.03
C THR J 18 29.66 45.27 -6.85
N LEU J 19 29.34 46.56 -6.70
CA LEU J 19 27.96 46.94 -6.42
C LEU J 19 27.03 46.60 -7.58
N ILE J 20 27.48 46.85 -8.82
CA ILE J 20 26.65 46.57 -9.98
C ILE J 20 26.40 45.08 -10.13
N VAL J 21 27.45 44.27 -9.94
CA VAL J 21 27.28 42.82 -9.98
C VAL J 21 26.41 42.36 -8.82
N PHE J 22 26.52 43.02 -7.66
CA PHE J 22 25.69 42.68 -6.52
C PHE J 22 24.21 42.86 -6.85
N ILE J 23 23.87 43.93 -7.56
CA ILE J 23 22.49 44.17 -7.96
C ILE J 23 22.01 43.07 -8.90
N ALA J 24 22.86 42.68 -9.85
CA ALA J 24 22.50 41.63 -10.80
C ALA J 24 22.29 40.30 -10.09
N MET J 25 23.14 40.00 -9.11
CA MET J 25 23.01 38.75 -8.38
C MET J 25 21.69 38.68 -7.62
N VAL J 26 21.27 39.79 -7.03
CA VAL J 26 20.01 39.80 -6.28
C VAL J 26 18.83 39.56 -7.22
N LEU J 27 18.82 40.23 -8.38
CA LEU J 27 17.72 40.06 -9.32
C LEU J 27 17.67 38.64 -9.87
N VAL J 28 18.83 38.06 -10.18
CA VAL J 28 18.87 36.70 -10.70
C VAL J 28 18.35 35.72 -9.65
N ALA J 29 18.73 35.92 -8.38
CA ALA J 29 18.20 35.09 -7.31
C ALA J 29 16.69 35.25 -7.18
N ALA J 30 16.20 36.48 -7.36
CA ALA J 30 14.77 36.74 -7.30
C ALA J 30 14.02 35.99 -8.39
N ILE J 31 14.59 35.94 -9.59
CA ILE J 31 13.95 35.23 -10.70
C ILE J 31 13.84 33.74 -10.38
N ALA J 32 14.90 33.17 -9.82
CA ALA J 32 14.86 31.76 -9.42
C ALA J 32 13.81 31.54 -8.34
N ALA J 33 13.69 32.50 -7.41
CA ALA J 33 12.65 32.40 -6.40
C ALA J 33 11.26 32.43 -7.04
N GLY J 34 11.07 33.28 -8.04
CA GLY J 34 9.80 33.37 -8.73
C GLY J 34 9.37 32.08 -9.39
N VAL J 35 10.24 31.49 -10.21
CA VAL J 35 9.87 30.28 -10.93
C VAL J 35 9.63 29.12 -9.97
N LEU J 36 10.42 29.04 -8.90
CA LEU J 36 10.25 27.94 -7.94
C LEU J 36 8.89 28.02 -7.25
N ILE J 37 8.56 29.18 -6.69
CA ILE J 37 7.32 29.31 -5.94
C ILE J 37 6.11 29.28 -6.86
N ASN J 38 6.16 30.01 -7.97
CA ASN J 38 5.00 30.09 -8.86
C ASN J 38 4.67 28.74 -9.48
N THR J 39 5.70 27.95 -9.82
CA THR J 39 5.44 26.61 -10.30
C THR J 39 4.75 25.75 -9.24
N ALA J 40 5.18 25.86 -7.99
CA ALA J 40 4.54 25.13 -6.91
C ALA J 40 3.07 25.53 -6.77
N GLY J 41 2.73 26.76 -7.17
CA GLY J 41 1.34 27.16 -7.17
C GLY J 41 0.51 26.36 -8.15
N TYR J 42 1.08 26.06 -9.32
CA TYR J 42 0.38 25.24 -10.30
C TYR J 42 0.18 23.82 -9.79
N LEU J 43 1.22 23.22 -9.22
CA LEU J 43 1.12 21.85 -8.73
C LEU J 43 0.18 21.76 -7.54
N GLN J 44 0.18 22.77 -6.66
CA GLN J 44 -0.72 22.73 -5.51
C GLN J 44 -2.18 22.82 -5.96
N SER J 45 -2.44 23.55 -7.04
CA SER J 45 -3.80 23.59 -7.59
C SER J 45 -4.15 22.28 -8.27
N LYS J 46 -3.22 21.76 -9.08
CA LYS J 46 -3.46 20.47 -9.72
C LYS J 46 -3.48 19.33 -8.71
N GLY J 47 -2.63 19.39 -7.68
CA GLY J 47 -2.59 18.37 -6.67
C GLY J 47 -3.85 18.31 -5.83
N SER J 48 -4.35 19.48 -5.41
CA SER J 48 -5.57 19.52 -4.62
C SER J 48 -6.76 19.02 -5.44
N ALA J 49 -6.84 19.44 -6.70
CA ALA J 49 -7.94 19.01 -7.56
C ALA J 49 -7.90 17.50 -7.79
N THR J 50 -6.70 16.96 -8.03
CA THR J 50 -6.56 15.53 -8.28
C THR J 50 -6.99 14.71 -7.06
N GLY J 51 -6.61 15.16 -5.87
CA GLY J 51 -6.98 14.46 -4.65
C GLY J 51 -8.47 14.39 -4.42
N GLU J 52 -9.18 15.49 -4.67
CA GLU J 52 -10.62 15.51 -4.47
C GLU J 52 -11.33 14.69 -5.53
N GLU J 53 -10.92 14.83 -6.79
CA GLU J 53 -11.61 14.15 -7.89
C GLU J 53 -11.44 12.63 -7.79
N ALA J 54 -10.22 12.17 -7.47
CA ALA J 54 -9.99 10.73 -7.36
C ALA J 54 -10.78 10.13 -6.21
N SER J 55 -10.83 10.82 -5.06
CA SER J 55 -11.63 10.33 -3.95
C SER J 55 -13.11 10.30 -4.30
N ALA J 56 -13.58 11.30 -5.04
CA ALA J 56 -14.96 11.29 -5.51
C ALA J 56 -15.18 10.18 -6.53
N GLN J 57 -14.16 9.89 -7.34
CA GLN J 57 -14.27 8.82 -8.32
C GLN J 57 -14.56 7.47 -7.66
N VAL J 58 -14.10 7.28 -6.42
CA VAL J 58 -14.30 6.03 -5.70
C VAL J 58 -15.59 6.09 -4.90
N SER J 59 -15.77 7.17 -4.13
CA SER J 59 -16.85 7.25 -3.16
C SER J 59 -18.21 7.48 -3.84
N ASN J 60 -18.24 8.30 -4.88
CA ASN J 60 -19.51 8.69 -5.49
C ASN J 60 -20.06 7.55 -6.34
N ARG J 61 -20.70 6.57 -5.69
CA ARG J 61 -21.14 5.36 -6.36
C ARG J 61 -22.64 5.19 -6.17
N ILE J 62 -23.28 4.59 -7.16
CA ILE J 62 -24.72 4.37 -7.16
C ILE J 62 -25.00 2.92 -6.77
N ASN J 63 -25.88 2.74 -5.79
CA ASN J 63 -26.31 1.42 -5.36
C ASN J 63 -27.74 1.18 -5.81
N ILE J 64 -28.00 0.01 -6.37
CA ILE J 64 -29.30 -0.31 -6.94
C ILE J 64 -30.07 -1.13 -5.92
N VAL J 65 -31.22 -0.62 -5.48
CA VAL J 65 -32.00 -1.31 -4.46
C VAL J 65 -32.73 -2.50 -5.07
N SER J 66 -33.54 -2.26 -6.09
CA SER J 66 -34.33 -3.32 -6.72
C SER J 66 -34.80 -2.85 -8.07
N ALA J 67 -35.00 -3.80 -8.98
CA ALA J 67 -35.46 -3.52 -10.33
C ALA J 67 -36.71 -4.34 -10.61
N TYR J 68 -37.78 -3.68 -11.05
CA TYR J 68 -39.02 -4.33 -11.44
C TYR J 68 -39.41 -3.87 -12.83
N GLY J 69 -40.48 -4.46 -13.36
CA GLY J 69 -40.94 -4.12 -14.69
C GLY J 69 -42.40 -4.42 -14.94
N ASN J 70 -43.08 -3.53 -15.68
CA ASN J 70 -44.47 -3.72 -16.02
C ASN J 70 -44.61 -4.77 -17.11
N VAL J 71 -45.79 -5.39 -17.17
CA VAL J 71 -46.06 -6.43 -18.14
C VAL J 71 -47.31 -6.11 -18.95
N UNK J 72 -47.15 -6.02 -20.27
CA UNK J 72 -48.27 -5.81 -21.17
C UNK J 72 -48.40 -7.00 -22.10
N UNK J 73 -49.65 -7.38 -22.41
CA UNK J 73 -49.94 -8.54 -23.25
C UNK J 73 -49.27 -9.80 -22.71
N UNK J 74 -47.99 -9.97 -23.02
CA UNK J 74 -47.23 -11.12 -22.55
C UNK J 74 -45.73 -10.85 -22.60
N UNK J 75 -45.36 -9.58 -22.50
CA UNK J 75 -43.95 -9.20 -22.56
C UNK J 75 -43.66 -7.96 -21.71
N VAL J 76 -42.44 -7.89 -21.18
CA VAL J 76 -42.04 -6.77 -20.34
C VAL J 76 -41.67 -5.57 -21.20
N ASP J 77 -42.20 -4.40 -20.84
CA ASP J 77 -42.00 -3.18 -21.61
C ASP J 77 -41.17 -2.13 -20.88
N TYR J 78 -41.43 -1.88 -19.60
CA TYR J 78 -40.63 -0.95 -18.81
C TYR J 78 -39.64 -1.70 -17.93
N VAL J 79 -38.51 -1.06 -17.68
CA VAL J 79 -37.48 -1.59 -16.80
C VAL J 79 -37.15 -0.48 -15.81
N ASN J 80 -37.73 -0.54 -14.62
CA ASN J 80 -37.55 0.48 -13.60
C ASN J 80 -36.50 0.04 -12.59
N LEU J 81 -35.65 0.97 -12.18
CA LEU J 81 -34.63 0.72 -11.18
C LEU J 81 -34.73 1.82 -10.12
N THR J 82 -34.72 1.42 -8.85
CA THR J 82 -34.75 2.38 -7.74
C THR J 82 -33.36 2.47 -7.15
N VAL J 83 -32.61 3.50 -7.56
CA VAL J 83 -31.23 3.63 -7.17
C VAL J 83 -31.13 4.41 -5.86
N ARG J 84 -29.97 4.30 -5.21
CA ARG J 84 -29.71 4.99 -3.96
C ARG J 84 -28.23 5.33 -3.88
N GLN J 85 -27.91 6.28 -3.00
CA GLN J 85 -26.51 6.62 -2.74
C GLN J 85 -25.80 5.46 -2.06
N ALA J 86 -24.51 5.31 -2.38
CA ALA J 86 -23.69 4.31 -1.71
C ALA J 86 -23.21 4.84 -0.36
N ALA J 87 -22.29 4.13 0.28
CA ALA J 87 -21.80 4.53 1.60
C ALA J 87 -20.73 5.61 1.43
N GLY J 88 -21.04 6.83 1.86
CA GLY J 88 -20.11 7.93 1.83
C GLY J 88 -20.26 8.87 0.65
N ALA J 89 -21.07 8.52 -0.34
CA ALA J 89 -21.26 9.39 -1.49
C ALA J 89 -22.04 10.64 -1.11
N ASP J 90 -21.96 11.65 -1.97
CA ASP J 90 -22.61 12.94 -1.72
C ASP J 90 -23.03 13.57 -3.04
N ASN J 91 -24.31 13.89 -3.16
CA ASN J 91 -24.85 14.67 -4.29
C ASN J 91 -24.54 14.00 -5.63
N ILE J 92 -25.09 12.80 -5.79
CA ILE J 92 -24.94 12.04 -7.02
C ILE J 92 -26.01 12.53 -7.99
N ASN J 93 -25.58 13.29 -8.98
CA ASN J 93 -26.50 13.78 -10.01
C ASN J 93 -26.75 12.68 -11.04
N LEU J 94 -28.02 12.40 -11.31
CA LEU J 94 -28.39 11.35 -12.25
C LEU J 94 -28.59 11.90 -13.65
N UNK J 95 -28.37 13.20 -13.82
CA UNK J 95 -28.53 13.83 -15.13
C UNK J 95 -27.22 13.84 -15.89
N LYS J 96 -26.12 13.70 -15.16
CA LYS J 96 -24.80 13.67 -15.78
C LYS J 96 -24.31 12.23 -15.90
N SER J 97 -25.15 11.30 -15.46
CA SER J 97 -24.82 9.88 -15.49
C SER J 97 -25.28 9.26 -16.81
N THR J 98 -24.85 8.03 -17.05
CA THR J 98 -25.21 7.32 -18.27
C THR J 98 -25.36 5.84 -17.95
N ILE J 99 -26.19 5.16 -18.73
CA ILE J 99 -26.50 3.74 -18.54
C ILE J 99 -26.16 3.00 -19.81
N GLN J 100 -25.41 1.90 -19.68
CA GLN J 100 -25.06 1.07 -20.81
C GLN J 100 -25.98 -0.15 -20.85
N TRP J 101 -26.63 -0.36 -22.00
CA TRP J 101 -27.62 -1.42 -22.17
C TRP J 101 -27.04 -2.43 -23.15
N ILE J 102 -26.66 -3.60 -22.64
CA ILE J 102 -26.26 -4.73 -23.49
C ILE J 102 -27.35 -5.77 -23.35
N GLY J 103 -28.24 -5.81 -24.33
CA GLY J 103 -29.36 -6.71 -24.31
C GLY J 103 -29.23 -7.83 -25.32
N PRO J 104 -30.29 -8.64 -25.46
CA PRO J 104 -30.25 -9.71 -26.46
C PRO J 104 -30.07 -9.22 -27.88
N ASP J 105 -30.60 -8.04 -28.21
CA ASP J 105 -30.52 -7.51 -29.57
C ASP J 105 -29.49 -6.40 -29.68
N UNK J 106 -29.81 -5.23 -29.13
CA UNK J 106 -28.96 -4.06 -29.28
C UNK J 106 -27.89 -3.96 -28.19
N ALA J 107 -27.06 -2.94 -28.29
CA ALA J 107 -26.01 -2.67 -27.32
C ALA J 107 -25.65 -1.20 -27.32
N THR J 108 -26.47 -0.39 -26.63
CA THR J 108 -26.37 1.05 -26.71
C THR J 108 -26.05 1.64 -25.34
N THR J 109 -26.02 2.97 -25.29
CA THR J 109 -25.75 3.74 -24.07
C THR J 109 -26.82 4.81 -23.94
N LEU J 110 -27.62 4.72 -22.87
CA LEU J 110 -28.80 5.57 -22.72
C LEU J 110 -28.47 6.80 -21.89
N THR J 111 -28.88 7.96 -22.38
CA THR J 111 -28.73 9.23 -21.65
C THR J 111 -30.08 9.75 -21.19
N TYR J 112 -30.07 10.92 -20.56
CA TYR J 112 -31.26 11.49 -19.92
C TYR J 112 -32.07 12.29 -20.94
N UNK J 113 -33.38 12.02 -21.01
CA UNK J 113 -34.28 12.79 -21.85
C UNK J 113 -35.17 13.71 -21.02
N UNK J 114 -36.49 13.55 -21.18
CA UNK J 114 -37.49 14.32 -20.42
C UNK J 114 -38.89 13.82 -20.73
N UNK J 115 -39.25 12.66 -20.18
CA UNK J 115 -40.56 12.04 -20.41
C UNK J 115 -40.84 11.84 -21.89
N UNK J 119 -39.95 7.11 -21.75
CA UNK J 119 -38.61 7.67 -21.85
C UNK J 119 -38.09 7.60 -23.27
N UNK J 120 -39.00 7.46 -24.23
CA UNK J 120 -38.67 7.36 -25.65
C UNK J 120 -37.70 6.23 -25.93
N UNK J 121 -36.92 6.38 -26.99
CA UNK J 121 -35.99 5.33 -27.42
C UNK J 121 -34.72 5.32 -26.58
N GLU J 122 -33.63 5.83 -27.16
CA GLU J 122 -32.31 5.78 -26.53
C GLU J 122 -32.18 6.75 -25.36
N ASN J 123 -33.04 6.60 -24.36
CA ASN J 123 -33.04 7.53 -23.24
C ASN J 123 -33.61 6.84 -22.00
N PHE J 124 -33.32 7.42 -20.84
CA PHE J 124 -33.87 6.98 -19.57
C PHE J 124 -34.37 8.20 -18.80
N THR J 125 -35.54 8.08 -18.18
CA THR J 125 -36.15 9.18 -17.44
C THR J 125 -36.19 8.86 -15.95
N THR J 126 -35.95 9.87 -15.14
CA THR J 126 -35.95 9.68 -13.69
C THR J 126 -37.18 10.29 -13.01
N UNK J 127 -37.85 9.49 -12.19
CA UNK J 127 -38.99 9.96 -11.41
C UNK J 127 -38.77 9.60 -9.94
N SER J 128 -38.63 10.63 -9.10
CA SER J 128 -38.27 10.43 -7.70
C SER J 128 -39.32 9.65 -6.92
N ILE J 129 -38.84 8.75 -6.07
CA ILE J 129 -39.72 7.97 -5.20
C ILE J 129 -39.85 8.62 -3.83
N LYS J 130 -38.72 8.94 -3.20
CA LYS J 130 -38.71 9.58 -1.90
C LYS J 130 -37.66 10.67 -1.91
N GLY J 131 -38.00 11.84 -1.37
CA GLY J 131 -37.07 12.95 -1.31
C GLY J 131 -37.64 14.25 -1.83
N UNK J 132 -36.76 15.22 -2.09
CA UNK J 132 -37.18 16.53 -2.58
C UNK J 132 -36.83 16.68 -4.06
N UNK J 133 -35.59 16.34 -4.41
CA UNK J 133 -35.13 16.45 -5.79
C UNK J 133 -35.55 15.23 -6.60
N UNK J 134 -35.64 15.39 -7.92
CA UNK J 134 -36.08 14.30 -8.79
C UNK J 134 -35.05 14.02 -9.88
N UNK J 135 -33.79 14.35 -9.62
CA UNK J 135 -32.74 14.14 -10.59
C UNK J 135 -31.37 14.10 -9.91
N VAL J 136 -31.36 14.17 -8.59
CA VAL J 136 -30.12 14.15 -7.83
C VAL J 136 -30.40 13.71 -6.40
N LEU J 137 -29.55 12.84 -5.86
CA LEU J 137 -29.70 12.30 -4.53
C LEU J 137 -28.87 13.13 -3.56
N VAL J 138 -29.52 13.73 -2.57
CA VAL J 138 -28.85 14.60 -1.61
C VAL J 138 -28.50 13.86 -0.32
N ASP J 139 -29.46 13.16 0.28
CA ASP J 139 -29.24 12.39 1.50
C ASP J 139 -29.32 10.90 1.21
N GLN J 140 -29.01 10.10 2.23
CA GLN J 140 -29.09 8.65 2.09
C GLN J 140 -30.53 8.18 1.98
N SER J 141 -31.48 8.97 2.48
CA SER J 141 -32.87 8.53 2.49
C SER J 141 -33.51 8.57 1.11
N ASP J 142 -33.09 9.50 0.26
CA ASP J 142 -33.75 9.68 -1.04
C ASP J 142 -33.52 8.48 -1.95
N ARG J 143 -34.60 8.05 -2.60
CA ARG J 143 -34.57 6.97 -3.58
C ARG J 143 -35.19 7.49 -4.86
N ILE J 144 -34.50 7.28 -5.98
CA ILE J 144 -34.93 7.78 -7.28
C ILE J 144 -35.13 6.59 -8.22
N LYS J 145 -36.21 6.63 -8.98
CA LYS J 145 -36.55 5.58 -9.93
C LYS J 145 -36.24 6.06 -11.35
N VAL J 146 -35.45 5.27 -12.08
CA VAL J 146 -35.11 5.59 -13.47
C VAL J 146 -36.03 4.78 -14.37
N ILE J 147 -36.58 5.43 -15.40
CA ILE J 147 -37.55 4.81 -16.29
C ILE J 147 -36.84 4.48 -17.59
N MET J 148 -36.83 3.19 -17.94
CA MET J 148 -36.21 2.74 -19.18
C MET J 148 -37.23 1.93 -19.96
N TYR J 149 -37.51 2.36 -21.19
CA TYR J 149 -38.55 1.77 -22.02
C TYR J 149 -37.91 0.69 -22.90
N ALA J 150 -38.00 -0.55 -22.45
CA ALA J 150 -37.35 -1.67 -23.15
C ALA J 150 -37.97 -1.90 -24.53
N UNK J 151 -39.23 -1.52 -24.68
CA UNK J 151 -39.92 -1.70 -25.96
C UNK J 151 -39.38 -0.75 -27.02
N UNK J 152 -38.88 0.39 -26.59
CA UNK J 152 -38.38 1.41 -27.51
C UNK J 152 -36.86 1.32 -27.68
N VAL J 153 -36.16 0.97 -26.61
CA VAL J 153 -34.70 0.84 -26.65
C VAL J 153 -34.33 -0.29 -27.61
N UNK J 154 -34.92 -1.46 -27.39
CA UNK J 154 -34.69 -2.61 -28.25
C UNK J 154 -36.03 -3.18 -28.71
N UNK J 155 -36.54 -4.13 -27.95
CA UNK J 155 -37.84 -4.74 -28.23
C UNK J 155 -38.50 -5.20 -26.93
N UNK J 156 -39.75 -5.61 -27.01
CA UNK J 156 -40.47 -6.10 -25.83
C UNK J 156 -39.78 -7.33 -25.27
N LEU J 157 -39.20 -7.18 -24.09
CA LEU J 157 -38.44 -8.26 -23.46
C LEU J 157 -39.31 -9.49 -23.19
N UNK J 158 -39.01 -10.57 -23.91
CA UNK J 158 -39.72 -11.83 -23.71
C UNK J 158 -39.18 -12.55 -22.48
N UNK J 159 -39.90 -13.54 -22.00
CA UNK J 159 -39.51 -14.27 -20.80
C UNK J 159 -38.25 -15.09 -21.02
N GLY J 160 -37.22 -14.80 -20.22
CA GLY J 160 -35.96 -15.54 -20.30
C GLY J 160 -34.77 -14.72 -20.73
N UNK J 161 -35.04 -13.56 -21.33
CA UNK J 161 -33.98 -12.68 -21.83
C UNK J 161 -33.13 -12.11 -20.70
N GLU J 162 -31.99 -11.54 -21.04
CA GLU J 162 -31.10 -10.96 -20.04
C GLU J 162 -30.54 -9.64 -20.52
N VAL J 163 -30.54 -8.64 -19.64
CA VAL J 163 -30.05 -7.29 -19.94
C VAL J 163 -28.92 -6.97 -18.98
N GLN J 164 -27.80 -6.49 -19.52
CA GLN J 164 -26.64 -6.09 -18.72
C GLN J 164 -26.65 -4.57 -18.60
N LEU J 165 -26.81 -4.08 -17.38
CA LEU J 165 -26.89 -2.64 -17.11
C LEU J 165 -25.68 -2.22 -16.30
N THR J 166 -24.96 -1.22 -16.80
CA THR J 166 -23.82 -0.64 -16.11
C THR J 166 -24.09 0.85 -15.93
N VAL J 167 -24.69 1.22 -14.80
CA VAL J 167 -25.02 2.60 -14.52
C VAL J 167 -23.74 3.34 -14.15
N THR J 168 -23.24 4.17 -15.07
CA THR J 168 -21.99 4.88 -14.88
C THR J 168 -22.27 6.27 -14.34
N THR J 169 -21.76 6.55 -13.15
CA THR J 169 -21.92 7.84 -12.51
C THR J 169 -21.05 8.87 -13.27
N GLN J 170 -21.33 10.16 -13.03
CA GLN J 170 -20.63 11.21 -13.75
C GLN J 170 -19.13 11.15 -13.52
N TYR J 171 -18.70 10.85 -12.30
CA TYR J 171 -17.28 10.83 -11.95
C TYR J 171 -16.61 9.51 -12.31
N GLY J 172 -17.29 8.62 -13.02
CA GLY J 172 -16.70 7.40 -13.53
C GLY J 172 -16.99 6.16 -12.73
N SER J 173 -17.42 6.29 -11.48
CA SER J 173 -17.76 5.13 -10.67
C SER J 173 -18.97 4.41 -11.26
N LYS J 174 -18.77 3.17 -11.70
CA LYS J 174 -19.78 2.42 -12.41
C LYS J 174 -20.32 1.30 -11.53
N THR J 175 -21.61 1.01 -11.68
CA THR J 175 -22.28 -0.07 -10.98
C THR J 175 -22.96 -0.96 -12.01
N THR J 176 -22.75 -2.26 -11.91
CA THR J 176 -23.30 -3.21 -12.87
C THR J 176 -24.50 -3.93 -12.26
N TYR J 177 -25.45 -4.31 -13.12
CA TYR J 177 -26.64 -5.04 -12.69
C TYR J 177 -27.17 -5.84 -13.88
N TRP J 178 -27.39 -7.12 -13.66
CA TRP J 178 -27.89 -8.03 -14.69
C TRP J 178 -29.39 -8.22 -14.47
N ALA J 179 -30.19 -7.69 -15.38
CA ALA J 179 -31.64 -7.80 -15.29
C ALA J 179 -32.09 -9.10 -15.95
N GLN J 180 -32.70 -9.98 -15.17
CA GLN J 180 -33.16 -11.28 -15.63
C GLN J 180 -34.69 -11.30 -15.53
N VAL J 181 -35.36 -11.14 -16.66
CA VAL J 181 -36.83 -11.26 -16.67
C VAL J 181 -37.20 -12.69 -16.29
N PRO J 182 -38.25 -12.90 -15.50
CA PRO J 182 -38.60 -14.28 -15.10
C PRO J 182 -38.88 -15.15 -16.31
N GLU J 183 -38.57 -16.45 -16.17
CA GLU J 183 -38.67 -17.37 -17.29
C GLU J 183 -40.10 -17.54 -17.77
N SER J 184 -41.09 -17.14 -16.96
CA SER J 184 -42.49 -17.27 -17.31
C SER J 184 -43.23 -16.02 -16.83
N LEU J 185 -43.94 -15.36 -17.75
CA LEU J 185 -44.77 -14.21 -17.44
C LEU J 185 -46.26 -14.53 -17.48
N LYS J 186 -46.63 -15.79 -17.27
CA LYS J 186 -48.01 -16.20 -17.38
C LYS J 186 -48.83 -15.62 -16.23
N ASP J 187 -49.74 -14.71 -16.57
CA ASP J 187 -50.67 -14.10 -15.62
C ASP J 187 -49.93 -13.42 -14.47
N LYS J 188 -49.12 -12.43 -14.82
CA LYS J 188 -48.46 -11.56 -13.85
C LYS J 188 -48.57 -10.14 -14.35
N ASN J 189 -49.26 -9.29 -13.59
CA ASN J 189 -49.42 -7.90 -14.00
C ASN J 189 -48.08 -7.18 -14.02
N ALA J 190 -47.23 -7.43 -13.02
CA ALA J 190 -45.89 -6.87 -12.98
C ALA J 190 -44.95 -7.87 -12.33
N VAL J 191 -43.74 -7.97 -12.87
CA VAL J 191 -42.75 -8.91 -12.36
C VAL J 191 -41.52 -8.18 -11.81
N UNK J 192 -40.66 -8.91 -11.13
CA UNK J 192 -39.42 -8.36 -10.60
C UNK J 192 -38.22 -8.90 -11.36
N LEU J 193 -37.56 -8.02 -12.11
CA LEU J 193 -36.43 -8.42 -12.95
C LEU J 193 -35.20 -8.72 -12.10
N GLN K 13 47.09 63.65 -13.54
CA GLN K 13 47.54 62.57 -14.40
C GLN K 13 47.08 61.22 -13.88
N VAL K 14 47.39 60.96 -12.60
CA VAL K 14 46.88 59.75 -11.95
C VAL K 14 45.36 59.81 -11.86
N GLY K 15 44.82 60.99 -11.59
CA GLY K 15 43.38 61.14 -11.59
C GLY K 15 42.77 60.96 -12.97
N ILE K 16 43.44 61.51 -13.99
CA ILE K 16 42.95 61.38 -15.37
C ILE K 16 42.93 59.92 -15.78
N GLY K 17 43.98 59.18 -15.41
CA GLY K 17 44.01 57.76 -15.69
C GLY K 17 42.92 56.99 -14.98
N THR K 18 42.61 57.38 -13.75
CA THR K 18 41.58 56.69 -12.97
C THR K 18 40.21 56.81 -13.64
N LEU K 19 39.91 57.98 -14.19
CA LEU K 19 38.59 58.23 -14.75
C LEU K 19 38.31 57.31 -15.94
N ILE K 20 39.31 57.11 -16.81
CA ILE K 20 39.10 56.29 -18.01
C ILE K 20 38.86 54.83 -17.62
N VAL K 21 39.67 54.31 -16.69
CA VAL K 21 39.51 52.93 -16.26
C VAL K 21 38.22 52.76 -15.50
N PHE K 22 37.80 53.78 -14.74
CA PHE K 22 36.54 53.71 -14.01
C PHE K 22 35.38 53.55 -14.96
N ILE K 23 35.40 54.26 -16.10
CA ILE K 23 34.38 54.10 -17.12
C ILE K 23 34.41 52.68 -17.67
N ALA K 24 35.60 52.10 -17.80
CA ALA K 24 35.71 50.72 -18.23
C ALA K 24 35.11 49.77 -17.20
N MET K 25 35.30 50.08 -15.92
CA MET K 25 34.85 49.19 -14.85
C MET K 25 33.33 49.06 -14.84
N VAL K 26 32.61 50.17 -14.98
CA VAL K 26 31.15 50.10 -14.99
C VAL K 26 30.65 49.38 -16.24
N LEU K 27 31.34 49.59 -17.36
CA LEU K 27 30.93 48.94 -18.61
C LEU K 27 31.09 47.43 -18.53
N VAL K 28 32.25 46.96 -18.06
CA VAL K 28 32.48 45.51 -17.99
C VAL K 28 31.58 44.88 -16.94
N ALA K 29 31.31 45.59 -15.85
CA ALA K 29 30.40 45.08 -14.83
C ALA K 29 29.00 44.93 -15.40
N ALA K 30 28.55 45.90 -16.20
CA ALA K 30 27.24 45.80 -16.84
C ALA K 30 27.18 44.62 -17.79
N ILE K 31 28.28 44.36 -18.50
CA ILE K 31 28.34 43.20 -19.38
C ILE K 31 28.19 41.92 -18.59
N ALA K 32 28.91 41.81 -17.46
CA ALA K 32 28.76 40.65 -16.59
C ALA K 32 27.36 40.61 -15.99
N ALA K 33 26.82 41.78 -15.62
CA ALA K 33 25.46 41.85 -15.11
C ALA K 33 24.45 41.41 -16.16
N GLY K 34 24.65 41.84 -17.40
CA GLY K 34 23.74 41.53 -18.47
C GLY K 34 23.63 40.06 -18.80
N VAL K 35 24.77 39.37 -18.90
CA VAL K 35 24.74 37.97 -19.28
C VAL K 35 24.09 37.11 -18.21
N LEU K 36 24.18 37.53 -16.94
CA LEU K 36 23.60 36.73 -15.86
C LEU K 36 22.08 36.72 -15.94
N ILE K 37 21.45 37.88 -16.06
CA ILE K 37 19.99 37.95 -16.06
C ILE K 37 19.42 37.36 -17.35
N ASN K 38 20.03 37.67 -18.50
CA ASN K 38 19.53 37.13 -19.76
C ASN K 38 19.66 35.61 -19.79
N THR K 39 20.70 35.05 -19.18
CA THR K 39 20.78 33.60 -19.05
C THR K 39 19.67 33.08 -18.15
N ALA K 40 19.47 33.71 -16.99
CA ALA K 40 18.40 33.28 -16.09
C ALA K 40 17.03 33.47 -16.73
N GLY K 41 16.91 34.43 -17.65
CA GLY K 41 15.64 34.58 -18.36
C GLY K 41 15.32 33.37 -19.21
N TYR K 42 16.32 32.79 -19.86
CA TYR K 42 16.10 31.59 -20.64
C TYR K 42 15.71 30.42 -19.76
N LEU K 43 16.40 30.25 -18.63
CA LEU K 43 16.14 29.09 -17.78
C LEU K 43 14.73 29.12 -17.20
N GLN K 44 14.26 30.29 -16.76
CA GLN K 44 12.93 30.37 -16.17
C GLN K 44 11.85 30.04 -17.18
N SER K 45 12.06 30.44 -18.44
CA SER K 45 11.14 30.04 -19.50
C SER K 45 11.21 28.53 -19.73
N LYS K 46 12.41 27.97 -19.74
CA LYS K 46 12.58 26.53 -19.86
C LYS K 46 12.00 25.81 -18.64
N GLY K 47 12.25 26.35 -17.45
CA GLY K 47 11.75 25.75 -16.23
C GLY K 47 10.24 25.73 -16.13
N SER K 48 9.61 26.86 -16.48
CA SER K 48 8.15 26.93 -16.45
C SER K 48 7.53 25.96 -17.44
N ALA K 49 8.11 25.85 -18.63
CA ALA K 49 7.59 24.94 -19.64
C ALA K 49 7.66 23.49 -19.18
N THR K 50 8.79 23.10 -18.58
CA THR K 50 8.96 21.73 -18.14
C THR K 50 8.00 21.37 -17.01
N GLY K 51 7.82 22.29 -16.06
CA GLY K 51 6.96 22.00 -14.93
C GLY K 51 5.52 21.76 -15.32
N GLU K 52 4.97 22.62 -16.18
CA GLU K 52 3.60 22.45 -16.63
C GLU K 52 3.46 21.21 -17.52
N GLU K 53 4.44 20.97 -18.39
CA GLU K 53 4.38 19.85 -19.31
C GLU K 53 4.49 18.53 -18.56
N ALA K 54 5.44 18.44 -17.63
CA ALA K 54 5.64 17.20 -16.89
C ALA K 54 4.40 16.84 -16.08
N SER K 55 3.75 17.84 -15.49
CA SER K 55 2.49 17.60 -14.80
C SER K 55 1.42 17.10 -15.76
N ALA K 56 1.41 17.63 -16.98
CA ALA K 56 0.46 17.15 -17.99
C ALA K 56 0.73 15.69 -18.36
N GLN K 57 2.01 15.30 -18.37
CA GLN K 57 2.35 13.91 -18.67
C GLN K 57 1.79 12.98 -17.61
N VAL K 58 1.85 13.39 -16.35
CA VAL K 58 1.38 12.53 -15.25
C VAL K 58 -0.13 12.60 -15.06
N SER K 59 -0.72 13.80 -15.15
CA SER K 59 -2.12 14.00 -14.77
C SER K 59 -3.07 13.66 -15.93
N ASN K 60 -2.83 14.25 -17.10
CA ASN K 60 -3.75 14.06 -18.22
C ASN K 60 -3.68 12.62 -18.71
N ARG K 61 -4.71 11.83 -18.39
CA ARG K 61 -4.71 10.40 -18.64
C ARG K 61 -6.11 9.97 -19.06
N ILE K 62 -6.17 8.84 -19.76
CA ILE K 62 -7.41 8.34 -20.34
C ILE K 62 -7.80 7.08 -19.58
N ASN K 63 -8.94 7.13 -18.88
CA ASN K 63 -9.50 5.95 -18.27
C ASN K 63 -10.59 5.37 -19.15
N ILE K 64 -10.62 4.04 -19.24
CA ILE K 64 -11.56 3.33 -20.09
C ILE K 64 -12.71 2.84 -19.22
N VAL K 65 -13.93 3.25 -19.57
CA VAL K 65 -15.11 2.81 -18.83
C VAL K 65 -15.42 1.36 -19.15
N SER K 66 -15.63 1.06 -20.43
CA SER K 66 -15.96 -0.29 -20.85
C SER K 66 -15.71 -0.42 -22.34
N ALA K 67 -15.56 -1.66 -22.80
CA ALA K 67 -15.35 -1.96 -24.21
C ALA K 67 -16.29 -3.07 -24.63
N TYR K 68 -16.92 -2.90 -25.80
CA TYR K 68 -17.85 -3.88 -26.33
C TYR K 68 -17.65 -3.98 -27.83
N GLY K 69 -18.05 -5.12 -28.40
CA GLY K 69 -17.87 -5.35 -29.82
C GLY K 69 -19.06 -5.99 -30.49
N ASN K 70 -19.40 -5.52 -31.69
CA ASN K 70 -20.47 -6.12 -32.46
C ASN K 70 -20.09 -7.53 -32.89
N VAL K 71 -21.10 -8.40 -32.99
CA VAL K 71 -20.89 -9.78 -33.41
C VAL K 71 -21.64 -10.06 -34.71
N UNK K 72 -20.89 -10.27 -35.78
CA UNK K 72 -21.47 -10.58 -37.07
C UNK K 72 -21.18 -12.02 -37.47
N UNK K 73 -22.17 -12.70 -38.04
CA UNK K 73 -22.05 -14.10 -38.43
C UNK K 73 -21.64 -14.98 -37.26
N UNK K 74 -20.35 -14.96 -36.94
CA UNK K 74 -19.83 -15.73 -35.81
C UNK K 74 -18.51 -15.15 -35.32
N UNK K 75 -18.19 -13.95 -35.79
CA UNK K 75 -16.93 -13.30 -35.43
C UNK K 75 -17.13 -11.82 -35.13
N VAL K 76 -16.30 -11.28 -34.25
CA VAL K 76 -16.38 -9.88 -33.86
C VAL K 76 -15.76 -9.01 -34.95
N ASP K 77 -16.54 -8.05 -35.46
CA ASP K 77 -16.09 -7.18 -36.53
C ASP K 77 -15.66 -5.80 -36.04
N TYR K 78 -16.41 -5.21 -35.13
CA TYR K 78 -16.05 -3.91 -34.55
C TYR K 78 -15.59 -4.08 -33.11
N VAL K 79 -14.72 -3.17 -32.68
CA VAL K 79 -14.27 -3.09 -31.30
C VAL K 79 -14.46 -1.65 -30.86
N ASN K 80 -15.44 -1.42 -29.99
CA ASN K 80 -15.77 -0.08 -29.53
C ASN K 80 -15.21 0.14 -28.14
N LEU K 81 -14.82 1.38 -27.86
CA LEU K 81 -14.07 1.71 -26.64
C LEU K 81 -14.61 3.01 -26.08
N THR K 82 -15.29 2.93 -24.92
CA THR K 82 -15.80 4.11 -24.26
C THR K 82 -14.75 4.66 -23.30
N VAL K 83 -14.29 5.89 -23.54
CA VAL K 83 -13.20 6.47 -22.77
C VAL K 83 -13.71 7.69 -22.01
N ARG K 84 -12.95 8.08 -21.00
CA ARG K 84 -13.25 9.25 -20.18
C ARG K 84 -11.95 9.88 -19.69
N GLN K 85 -12.08 11.02 -19.02
CA GLN K 85 -10.93 11.68 -18.43
C GLN K 85 -10.53 11.00 -17.12
N ALA K 86 -9.27 11.17 -16.76
CA ALA K 86 -8.78 10.67 -15.49
C ALA K 86 -9.13 11.64 -14.37
N ALA K 87 -8.65 11.34 -13.16
CA ALA K 87 -8.90 12.21 -12.02
C ALA K 87 -8.08 13.48 -12.15
N GLY K 88 -8.76 14.59 -12.43
CA GLY K 88 -8.09 15.88 -12.55
C GLY K 88 -7.44 16.15 -13.89
N ALA K 89 -7.76 15.38 -14.92
CA ALA K 89 -7.15 15.58 -16.22
C ALA K 89 -7.65 16.87 -16.86
N ASP K 90 -6.79 17.47 -17.68
CA ASP K 90 -7.14 18.66 -18.44
C ASP K 90 -7.75 18.17 -19.76
N ASN K 91 -8.08 19.08 -20.66
CA ASN K 91 -8.67 18.72 -21.95
C ASN K 91 -7.79 17.71 -22.68
N ILE K 92 -8.41 16.63 -23.14
CA ILE K 92 -7.70 15.53 -23.80
C ILE K 92 -8.26 15.39 -25.21
N ASN K 93 -7.37 15.45 -26.21
CA ASN K 93 -7.76 15.38 -27.61
C ASN K 93 -7.48 13.97 -28.12
N LEU K 94 -8.49 13.34 -28.68
CA LEU K 94 -8.38 11.96 -29.14
C LEU K 94 -7.83 11.88 -30.56
N UNK K 95 -7.90 12.99 -31.29
CA UNK K 95 -7.39 13.02 -32.65
C UNK K 95 -5.87 13.14 -32.65
N LYS K 96 -5.30 13.46 -31.50
CA LYS K 96 -3.86 13.56 -31.35
C LYS K 96 -3.34 12.43 -30.48
N SER K 97 -3.97 11.26 -30.59
CA SER K 97 -3.61 10.09 -29.80
C SER K 97 -3.49 8.88 -30.71
N THR K 98 -2.56 8.00 -30.38
CA THR K 98 -2.32 6.78 -31.14
C THR K 98 -2.58 5.57 -30.25
N ILE K 99 -3.12 4.52 -30.85
CA ILE K 99 -3.45 3.29 -30.15
C ILE K 99 -2.64 2.14 -30.77
N GLN K 100 -1.99 1.36 -29.92
CA GLN K 100 -1.21 0.22 -30.36
C GLN K 100 -2.06 -1.04 -30.28
N TRP K 101 -2.17 -1.75 -31.39
CA TRP K 101 -3.02 -2.94 -31.50
C TRP K 101 -2.10 -4.15 -31.55
N ILE K 102 -1.94 -4.81 -30.41
CA ILE K 102 -1.16 -6.05 -30.33
C ILE K 102 -2.16 -7.19 -30.48
N GLY K 103 -2.40 -7.60 -31.72
CA GLY K 103 -3.40 -8.58 -32.02
C GLY K 103 -2.82 -9.97 -32.23
N PRO K 104 -3.70 -10.94 -32.47
CA PRO K 104 -3.21 -12.32 -32.66
C PRO K 104 -2.39 -12.49 -33.94
N ASP K 105 -2.72 -11.76 -35.00
CA ASP K 105 -2.04 -11.94 -36.28
C ASP K 105 -1.16 -10.74 -36.63
N UNK K 106 -1.60 -9.55 -36.22
CA UNK K 106 -0.86 -8.33 -36.53
C UNK K 106 -0.53 -7.54 -35.27
N ALA K 107 0.37 -6.58 -35.40
CA ALA K 107 0.76 -5.72 -34.28
C ALA K 107 1.24 -4.37 -34.78
N THR K 108 0.31 -3.46 -34.99
CA THR K 108 0.60 -2.14 -35.53
C THR K 108 0.13 -1.05 -34.56
N THR K 109 0.28 0.19 -34.99
CA THR K 109 -0.17 1.35 -34.24
C THR K 109 -1.19 2.10 -35.08
N LEU K 110 -2.33 2.44 -34.48
CA LEU K 110 -3.43 3.05 -35.18
C LEU K 110 -3.47 4.55 -34.94
N THR K 111 -4.10 5.27 -35.87
CA THR K 111 -4.21 6.71 -35.82
C THR K 111 -5.66 7.11 -36.07
N TYR K 112 -5.93 8.40 -36.03
CA TYR K 112 -7.29 8.91 -36.15
C TYR K 112 -7.69 9.10 -37.61
N UNK K 113 -8.95 8.76 -37.92
CA UNK K 113 -9.52 9.03 -39.22
C UNK K 113 -10.95 9.51 -39.04
N UNK K 114 -11.61 9.86 -40.15
CA UNK K 114 -12.98 10.35 -40.09
C UNK K 114 -13.89 9.49 -40.97
N UNK K 115 -14.34 8.37 -40.41
CA UNK K 115 -15.22 7.43 -41.12
C UNK K 115 -14.63 6.99 -42.45
N UNK K 119 -14.15 4.04 -39.74
CA UNK K 119 -12.72 3.92 -39.48
C UNK K 119 -12.02 3.20 -40.62
N UNK K 120 -12.11 1.87 -40.60
CA UNK K 120 -11.49 1.00 -41.60
C UNK K 120 -9.97 1.14 -41.63
N UNK K 121 -9.31 0.31 -42.44
CA UNK K 121 -7.85 0.29 -42.55
C UNK K 121 -7.21 0.13 -41.19
N GLU K 122 -6.07 0.80 -40.98
CA GLU K 122 -5.40 0.78 -39.68
C GLU K 122 -5.63 2.07 -38.91
N ASN K 123 -6.87 2.54 -38.88
CA ASN K 123 -7.21 3.78 -38.21
C ASN K 123 -8.37 3.55 -37.24
N PHE K 124 -8.56 4.51 -36.35
CA PHE K 124 -9.69 4.53 -35.43
C PHE K 124 -10.47 5.84 -35.60
N THR K 125 -11.77 5.76 -35.34
CA THR K 125 -12.67 6.89 -35.47
C THR K 125 -13.44 7.07 -34.18
N THR K 126 -13.60 8.32 -33.75
CA THR K 126 -14.30 8.61 -32.50
C THR K 126 -15.72 9.14 -32.75
N UNK K 127 -16.69 8.50 -32.10
CA UNK K 127 -18.08 8.95 -32.15
C UNK K 127 -18.54 9.31 -30.74
N SER K 128 -19.12 10.51 -30.60
CA SER K 128 -19.49 11.03 -29.30
C SER K 128 -20.64 10.27 -28.66
N ILE K 129 -20.65 10.27 -27.32
CA ILE K 129 -21.73 9.67 -26.53
C ILE K 129 -22.38 10.69 -25.62
N LYS K 130 -21.59 11.41 -24.84
CA LYS K 130 -22.10 12.43 -23.93
C LYS K 130 -21.15 13.62 -23.95
N GLY K 131 -21.68 14.80 -24.27
CA GLY K 131 -20.86 16.00 -24.32
C GLY K 131 -21.03 16.80 -25.60
N UNK K 132 -20.24 17.86 -25.73
CA UNK K 132 -20.33 18.75 -26.88
C UNK K 132 -19.58 18.19 -28.09
N UNK K 133 -18.25 18.31 -28.06
CA UNK K 133 -17.42 17.89 -29.19
C UNK K 133 -17.26 16.38 -29.24
N UNK K 134 -16.89 15.87 -30.40
CA UNK K 134 -16.75 14.43 -30.61
C UNK K 134 -15.31 14.02 -30.88
N UNK K 135 -14.37 14.80 -30.35
CA UNK K 135 -12.95 14.52 -30.58
C UNK K 135 -12.08 15.06 -29.45
N VAL K 136 -12.71 15.49 -28.37
CA VAL K 136 -11.97 16.01 -27.22
C VAL K 136 -12.82 15.93 -25.95
N LEU K 137 -12.21 15.47 -24.86
CA LEU K 137 -12.87 15.36 -23.58
C LEU K 137 -12.66 16.67 -22.82
N VAL K 138 -13.74 17.41 -22.57
CA VAL K 138 -13.65 18.72 -21.92
C VAL K 138 -14.01 18.64 -20.45
N ASP K 139 -15.17 18.09 -20.12
CA ASP K 139 -15.64 17.98 -18.74
C ASP K 139 -15.44 16.56 -18.22
N GLN K 140 -15.59 16.41 -16.90
CA GLN K 140 -15.44 15.10 -16.29
C GLN K 140 -16.53 14.14 -16.73
N SER K 141 -17.69 14.66 -17.13
CA SER K 141 -18.82 13.82 -17.50
C SER K 141 -18.83 13.44 -18.98
N ASP K 142 -17.81 13.84 -19.74
CA ASP K 142 -17.77 13.52 -21.16
C ASP K 142 -17.36 12.06 -21.37
N ARG K 143 -18.03 11.40 -22.31
CA ARG K 143 -17.71 10.04 -22.71
C ARG K 143 -17.68 9.98 -24.23
N ILE K 144 -16.61 9.41 -24.78
CA ILE K 144 -16.45 9.28 -26.22
C ILE K 144 -16.16 7.83 -26.56
N LYS K 145 -16.78 7.35 -27.63
CA LYS K 145 -16.63 5.98 -28.10
C LYS K 145 -15.58 5.94 -29.21
N VAL K 146 -14.68 4.98 -29.14
CA VAL K 146 -13.60 4.82 -30.10
C VAL K 146 -13.95 3.62 -30.98
N ILE K 147 -14.01 3.85 -32.28
CA ILE K 147 -14.39 2.80 -33.23
C ILE K 147 -13.15 2.12 -33.77
N MET K 148 -13.20 0.79 -33.87
CA MET K 148 -12.12 0.01 -34.47
C MET K 148 -12.73 -1.09 -35.33
N TYR K 149 -12.42 -1.08 -36.62
CA TYR K 149 -12.87 -2.12 -37.55
C TYR K 149 -11.84 -3.24 -37.47
N ALA K 150 -12.18 -4.30 -36.75
CA ALA K 150 -11.25 -5.39 -36.47
C ALA K 150 -11.07 -6.30 -37.68
N UNK K 151 -12.10 -6.39 -38.52
CA UNK K 151 -12.03 -7.24 -39.70
C UNK K 151 -11.22 -6.57 -40.80
N UNK K 152 -10.76 -5.35 -40.53
CA UNK K 152 -9.93 -4.62 -41.48
C UNK K 152 -8.55 -4.36 -40.88
N VAL K 153 -8.48 -4.35 -39.55
CA VAL K 153 -7.21 -4.14 -38.86
C VAL K 153 -6.43 -5.45 -38.84
N UNK K 154 -7.09 -6.53 -38.44
CA UNK K 154 -6.47 -7.84 -38.40
C UNK K 154 -7.13 -8.78 -39.39
N UNK K 155 -8.04 -9.61 -38.90
CA UNK K 155 -8.76 -10.56 -39.75
C UNK K 155 -10.03 -11.05 -39.07
N UNK K 156 -10.70 -10.16 -38.36
CA UNK K 156 -11.93 -10.46 -37.63
C UNK K 156 -11.72 -11.54 -36.58
N LEU K 157 -11.63 -11.13 -35.32
CA LEU K 157 -11.35 -12.06 -34.24
C LEU K 157 -12.41 -13.15 -34.11
N UNK K 158 -11.94 -14.37 -33.89
CA UNK K 158 -12.83 -15.46 -33.52
C UNK K 158 -12.94 -15.49 -32.01
N UNK K 159 -13.35 -16.62 -31.46
CA UNK K 159 -13.47 -16.75 -30.01
C UNK K 159 -12.11 -16.95 -29.36
N GLY K 160 -11.96 -16.39 -28.17
CA GLY K 160 -10.74 -16.57 -27.39
C GLY K 160 -9.59 -15.65 -27.77
N UNK K 161 -9.60 -15.13 -28.99
CA UNK K 161 -8.54 -14.27 -29.49
C UNK K 161 -8.41 -13.01 -28.64
N GLU K 162 -7.21 -12.77 -28.12
CA GLU K 162 -6.97 -11.64 -27.23
C GLU K 162 -6.16 -10.54 -27.92
N VAL K 163 -6.51 -9.29 -27.63
CA VAL K 163 -5.81 -8.12 -28.17
C VAL K 163 -5.42 -7.22 -27.01
N GLN K 164 -4.19 -6.71 -27.05
CA GLN K 164 -3.68 -5.79 -26.04
C GLN K 164 -3.65 -4.40 -26.67
N LEU K 165 -4.40 -3.48 -26.07
CA LEU K 165 -4.47 -2.12 -26.56
C LEU K 165 -3.79 -1.16 -25.60
N THR K 166 -3.07 -0.19 -26.16
CA THR K 166 -2.46 0.87 -25.36
C THR K 166 -2.87 2.20 -26.00
N VAL K 167 -3.72 2.95 -25.31
CA VAL K 167 -4.16 4.25 -25.78
C VAL K 167 -3.23 5.30 -25.19
N THR K 168 -2.39 5.89 -26.04
CA THR K 168 -1.40 6.86 -25.60
C THR K 168 -1.87 8.27 -25.94
N THR K 169 -1.96 9.12 -24.93
CA THR K 169 -2.43 10.48 -25.10
C THR K 169 -1.33 11.31 -25.78
N GLN K 170 -1.67 12.55 -26.15
CA GLN K 170 -0.69 13.42 -26.80
C GLN K 170 0.50 13.69 -25.89
N TYR K 171 0.25 13.94 -24.61
CA TYR K 171 1.33 14.26 -23.69
C TYR K 171 2.20 13.05 -23.37
N GLY K 172 1.64 11.83 -23.47
CA GLY K 172 2.46 10.65 -23.30
C GLY K 172 1.86 9.60 -22.37
N SER K 173 0.79 9.95 -21.65
CA SER K 173 0.19 9.00 -20.73
C SER K 173 -0.35 7.79 -21.47
N LYS K 174 -0.11 6.60 -20.92
CA LYS K 174 -0.47 5.34 -21.55
C LYS K 174 -1.49 4.60 -20.69
N THR K 175 -2.53 4.10 -21.34
CA THR K 175 -3.55 3.27 -20.68
C THR K 175 -3.63 1.94 -21.41
N THR K 176 -3.51 0.85 -20.67
CA THR K 176 -3.55 -0.49 -21.24
C THR K 176 -4.91 -1.13 -21.01
N TYR K 177 -5.35 -1.90 -22.00
CA TYR K 177 -6.60 -2.66 -21.91
C TYR K 177 -6.43 -3.97 -22.64
N TRP K 178 -6.59 -5.08 -21.91
CA TRP K 178 -6.50 -6.41 -22.50
C TRP K 178 -7.89 -6.84 -22.92
N ALA K 179 -8.26 -6.49 -24.15
CA ALA K 179 -9.57 -6.85 -24.68
C ALA K 179 -9.54 -8.30 -25.13
N GLN K 180 -10.21 -9.17 -24.39
CA GLN K 180 -10.28 -10.60 -24.71
C GLN K 180 -11.71 -10.94 -25.12
N VAL K 181 -11.84 -11.51 -26.32
CA VAL K 181 -13.16 -11.92 -26.81
C VAL K 181 -13.68 -13.07 -25.95
N PRO K 182 -14.97 -13.13 -25.64
CA PRO K 182 -15.50 -14.30 -24.94
C PRO K 182 -15.24 -15.57 -25.74
N GLU K 183 -14.96 -16.66 -25.01
CA GLU K 183 -14.56 -17.91 -25.66
C GLU K 183 -15.68 -18.54 -26.46
N SER K 184 -16.91 -18.05 -26.32
CA SER K 184 -18.02 -18.52 -27.14
C SER K 184 -18.80 -17.32 -27.66
N LEU K 185 -19.12 -17.33 -28.95
CA LEU K 185 -19.93 -16.29 -29.57
C LEU K 185 -21.23 -16.85 -30.14
N LYS K 186 -21.71 -17.96 -29.58
CA LYS K 186 -22.91 -18.60 -30.10
C LYS K 186 -24.16 -17.83 -29.67
N ASP K 187 -24.95 -17.40 -30.66
CA ASP K 187 -26.22 -16.73 -30.42
C ASP K 187 -26.05 -15.50 -29.51
N LYS K 188 -25.05 -14.70 -29.83
CA LYS K 188 -24.83 -13.42 -29.16
C LYS K 188 -24.75 -12.32 -30.22
N ASN K 189 -25.62 -11.33 -30.13
CA ASN K 189 -25.59 -10.22 -31.06
C ASN K 189 -24.45 -9.27 -30.74
N ALA K 190 -24.21 -9.03 -29.46
CA ALA K 190 -23.12 -8.17 -29.01
C ALA K 190 -22.51 -8.75 -27.74
N VAL K 191 -21.19 -8.61 -27.62
CA VAL K 191 -20.46 -9.14 -26.48
C VAL K 191 -19.73 -8.04 -25.73
N UNK K 192 -19.24 -8.36 -24.54
CA UNK K 192 -18.47 -7.42 -23.75
C UNK K 192 -17.01 -7.86 -23.67
N LEU K 193 -16.16 -7.27 -24.50
CA LEU K 193 -14.76 -7.62 -24.55
C LEU K 193 -14.03 -7.21 -23.27
N GLN L 13 58.67 75.29 -17.32
CA GLN L 13 59.33 74.16 -17.99
C GLN L 13 58.61 72.85 -17.72
N VAL L 14 58.15 72.68 -16.48
CA VAL L 14 57.48 71.46 -16.06
C VAL L 14 56.20 71.26 -16.85
N GLY L 15 55.62 72.36 -17.33
CA GLY L 15 54.38 72.27 -18.08
C GLY L 15 54.52 71.42 -19.34
N ILE L 16 55.62 71.62 -20.08
CA ILE L 16 55.83 70.85 -21.30
C ILE L 16 55.96 69.37 -20.99
N GLY L 17 56.71 69.03 -19.94
CA GLY L 17 56.84 67.64 -19.55
C GLY L 17 55.54 67.05 -19.06
N THR L 18 54.74 67.86 -18.37
CA THR L 18 53.47 67.37 -17.83
C THR L 18 52.52 66.94 -18.92
N LEU L 19 52.43 67.73 -20.00
CA LEU L 19 51.48 67.41 -21.07
C LEU L 19 51.87 66.15 -21.82
N ILE L 20 53.16 65.98 -22.11
CA ILE L 20 53.60 64.82 -22.89
C ILE L 20 53.31 63.53 -22.12
N VAL L 21 53.59 63.52 -20.82
CA VAL L 21 53.24 62.35 -20.01
C VAL L 21 51.73 62.20 -19.94
N PHE L 22 51.00 63.31 -19.92
CA PHE L 22 49.54 63.26 -19.86
C PHE L 22 48.97 62.53 -21.07
N ILE L 23 49.52 62.78 -22.26
CA ILE L 23 49.11 62.04 -23.45
C ILE L 23 49.43 60.57 -23.29
N ALA L 24 50.61 60.27 -22.76
CA ALA L 24 51.02 58.89 -22.52
C ALA L 24 50.10 58.22 -21.51
N MET L 25 49.80 58.92 -20.42
CA MET L 25 48.97 58.38 -19.35
C MET L 25 47.57 58.06 -19.87
N VAL L 26 47.03 58.92 -20.72
CA VAL L 26 45.71 58.70 -21.29
C VAL L 26 45.72 57.45 -22.18
N LEU L 27 46.76 57.31 -23.01
CA LEU L 27 46.84 56.17 -23.92
C LEU L 27 46.98 54.85 -23.14
N VAL L 28 47.78 54.86 -22.08
CA VAL L 28 47.97 53.64 -21.29
C VAL L 28 46.63 53.18 -20.70
N ALA L 29 45.84 54.11 -20.18
CA ALA L 29 44.54 53.75 -19.64
C ALA L 29 43.64 53.17 -20.72
N ALA L 30 43.67 53.74 -21.92
CA ALA L 30 42.81 53.28 -23.01
C ALA L 30 43.11 51.83 -23.36
N ILE L 31 44.39 51.47 -23.46
CA ILE L 31 44.75 50.08 -23.73
C ILE L 31 44.31 49.19 -22.58
N ALA L 32 44.56 49.63 -21.35
CA ALA L 32 44.11 48.87 -20.18
C ALA L 32 42.59 48.78 -20.15
N ALA L 33 41.90 49.88 -20.45
CA ALA L 33 40.45 49.86 -20.51
C ALA L 33 39.97 48.94 -21.63
N GLY L 34 40.65 48.98 -22.77
CA GLY L 34 40.24 48.21 -23.93
C GLY L 34 40.28 46.71 -23.74
N VAL L 35 41.36 46.19 -23.17
CA VAL L 35 41.54 44.74 -23.08
C VAL L 35 40.47 44.13 -22.17
N LEU L 36 40.08 44.85 -21.13
CA LEU L 36 39.07 44.34 -20.20
C LEU L 36 37.74 44.09 -20.91
N ILE L 37 37.33 45.03 -21.76
CA ILE L 37 36.02 44.94 -22.39
C ILE L 37 35.98 43.81 -23.42
N ASN L 38 37.02 43.72 -24.26
CA ASN L 38 37.04 42.68 -25.28
C ASN L 38 37.17 41.29 -24.66
N THR L 39 37.91 41.18 -23.56
CA THR L 39 37.98 39.91 -22.86
C THR L 39 36.60 39.51 -22.32
N ALA L 40 35.86 40.48 -21.78
CA ALA L 40 34.51 40.19 -21.31
C ALA L 40 33.61 39.78 -22.48
N GLY L 41 33.88 40.31 -23.67
CA GLY L 41 33.13 39.94 -24.85
C GLY L 41 33.23 38.47 -25.17
N TYR L 42 34.44 37.92 -25.06
CA TYR L 42 34.62 36.49 -25.27
C TYR L 42 33.89 35.69 -24.20
N LEU L 43 33.97 36.14 -22.94
CA LEU L 43 33.39 35.38 -21.85
C LEU L 43 31.86 35.34 -21.95
N GLN L 44 31.24 36.49 -22.25
CA GLN L 44 29.78 36.51 -22.36
C GLN L 44 29.31 35.67 -23.56
N SER L 45 30.02 35.77 -24.68
CA SER L 45 29.60 35.03 -25.87
C SER L 45 29.75 33.53 -25.68
N LYS L 46 30.73 33.12 -24.88
CA LYS L 46 30.97 31.70 -24.61
C LYS L 46 30.15 31.25 -23.42
N GLY L 47 30.03 32.11 -22.40
CA GLY L 47 29.24 31.76 -21.22
C GLY L 47 27.76 31.59 -21.55
N SER L 48 27.22 32.51 -22.35
CA SER L 48 25.82 32.40 -22.74
C SER L 48 25.57 31.12 -23.54
N ALA L 49 26.49 30.79 -24.44
CA ALA L 49 26.38 29.55 -25.20
C ALA L 49 26.49 28.34 -24.27
N THR L 50 27.37 28.41 -23.27
CA THR L 50 27.58 27.29 -22.37
C THR L 50 26.29 26.95 -21.61
N GLY L 51 25.58 27.99 -21.14
CA GLY L 51 24.33 27.75 -20.44
C GLY L 51 23.28 27.11 -21.32
N GLU L 52 23.19 27.57 -22.58
CA GLU L 52 22.18 27.04 -23.48
C GLU L 52 22.45 25.58 -23.84
N GLU L 53 23.72 25.24 -24.10
CA GLU L 53 24.05 23.85 -24.43
C GLU L 53 23.90 22.95 -23.21
N ALA L 54 24.31 23.44 -22.03
CA ALA L 54 24.17 22.64 -20.82
C ALA L 54 22.71 22.38 -20.49
N SER L 55 21.85 23.38 -20.67
CA SER L 55 20.43 23.19 -20.46
C SER L 55 19.86 22.18 -21.46
N ALA L 56 20.40 22.18 -22.68
CA ALA L 56 19.97 21.20 -23.68
C ALA L 56 20.34 19.79 -23.26
N GLN L 57 21.46 19.63 -22.56
CA GLN L 57 21.88 18.30 -22.10
C GLN L 57 20.86 17.72 -21.12
N VAL L 58 20.36 18.54 -20.20
CA VAL L 58 19.47 18.06 -19.16
C VAL L 58 18.07 17.69 -19.66
N SER L 59 17.49 18.49 -20.56
CA SER L 59 16.09 18.38 -20.92
C SER L 59 15.82 17.55 -22.17
N ASN L 60 16.56 17.79 -23.25
CA ASN L 60 16.28 17.16 -24.54
C ASN L 60 16.70 15.70 -24.49
N ARG L 61 15.78 14.85 -24.05
CA ARG L 61 15.98 13.41 -24.02
C ARG L 61 14.83 12.70 -24.72
N ILE L 62 14.98 11.40 -24.90
CA ILE L 62 14.07 10.63 -25.72
C ILE L 62 13.32 9.59 -24.88
N ASN L 63 12.10 9.94 -24.45
CA ASN L 63 11.26 8.97 -23.75
C ASN L 63 10.77 7.90 -24.72
N ILE L 64 10.64 6.68 -24.22
CA ILE L 64 10.26 5.53 -25.03
C ILE L 64 8.85 5.10 -24.65
N VAL L 65 7.97 4.97 -25.64
CA VAL L 65 6.60 4.58 -25.38
C VAL L 65 6.51 3.07 -25.15
N SER L 66 6.91 2.29 -26.13
CA SER L 66 6.83 0.84 -26.06
C SER L 66 7.81 0.24 -27.07
N ALA L 67 7.92 -1.09 -27.07
CA ALA L 67 8.85 -1.78 -27.95
C ALA L 67 8.30 -3.17 -28.23
N TYR L 68 7.87 -3.39 -29.47
CA TYR L 68 7.42 -4.70 -29.93
C TYR L 68 8.46 -5.30 -30.87
N GLY L 69 8.15 -6.46 -31.41
CA GLY L 69 9.06 -7.13 -32.32
C GLY L 69 8.44 -8.29 -33.07
N ASN L 70 8.81 -8.43 -34.34
CA ASN L 70 8.29 -9.52 -35.16
C ASN L 70 8.86 -10.85 -34.68
N VAL L 71 8.08 -11.91 -34.87
CA VAL L 71 8.50 -13.26 -34.50
C VAL L 71 8.35 -14.21 -35.69
N UNK L 72 9.48 -14.56 -36.30
CA UNK L 72 9.48 -15.50 -37.41
C UNK L 72 9.91 -16.87 -36.93
N UNK L 73 9.20 -17.91 -37.38
CA UNK L 73 9.45 -19.29 -36.97
C UNK L 73 9.38 -19.44 -35.46
N UNK L 74 10.47 -19.07 -34.77
CA UNK L 74 10.52 -19.14 -33.32
C UNK L 74 11.60 -18.20 -32.77
N UNK L 75 11.93 -17.18 -33.53
CA UNK L 75 12.97 -16.23 -33.12
C UNK L 75 12.58 -14.80 -33.47
N VAL L 76 12.90 -13.86 -32.58
CA VAL L 76 12.62 -12.47 -32.82
C VAL L 76 13.64 -11.89 -33.78
N ASP L 77 13.23 -11.69 -35.03
CA ASP L 77 14.17 -11.20 -36.04
C ASP L 77 14.24 -9.68 -36.04
N TYR L 78 13.10 -9.01 -35.84
CA TYR L 78 13.04 -7.55 -35.81
C TYR L 78 12.74 -7.06 -34.41
N VAL L 79 13.39 -5.96 -34.04
CA VAL L 79 13.13 -5.28 -32.77
C VAL L 79 12.82 -3.83 -33.09
N ASN L 80 11.60 -3.41 -32.80
CA ASN L 80 11.14 -2.06 -33.11
C ASN L 80 10.95 -1.27 -31.82
N LEU L 81 11.03 0.05 -31.97
CA LEU L 81 10.88 0.97 -30.85
C LEU L 81 9.86 2.03 -31.22
N THR L 82 9.31 2.70 -30.20
CA THR L 82 8.39 3.80 -30.40
C THR L 82 8.82 4.94 -29.48
N VAL L 83 9.56 5.90 -30.05
CA VAL L 83 10.14 6.98 -29.27
C VAL L 83 9.22 8.20 -29.33
N ARG L 84 9.33 9.05 -28.32
CA ARG L 84 8.54 10.27 -28.22
C ARG L 84 9.36 11.35 -27.53
N GLN L 85 9.00 12.60 -27.81
CA GLN L 85 9.68 13.72 -27.18
C GLN L 85 9.42 13.74 -25.68
N ALA L 86 10.43 14.15 -24.92
CA ALA L 86 10.29 14.22 -23.47
C ALA L 86 9.63 15.52 -23.05
N ALA L 87 9.50 15.71 -21.74
CA ALA L 87 8.86 16.91 -21.22
C ALA L 87 9.75 18.13 -21.43
N GLY L 88 9.31 19.03 -22.30
CA GLY L 88 10.03 20.26 -22.56
C GLY L 88 11.19 20.14 -23.54
N ALA L 89 11.40 18.97 -24.13
CA ALA L 89 12.51 18.79 -25.06
C ALA L 89 12.27 19.58 -26.35
N ASP L 90 13.35 20.12 -26.90
CA ASP L 90 13.31 20.84 -28.17
C ASP L 90 13.34 19.82 -29.32
N ASN L 91 13.59 20.30 -30.53
CA ASN L 91 13.68 19.41 -31.69
C ASN L 91 14.77 18.38 -31.47
N ILE L 92 14.45 17.12 -31.78
CA ILE L 92 15.36 16.00 -31.56
C ILE L 92 15.58 15.31 -32.90
N ASN L 93 16.83 15.31 -33.37
CA ASN L 93 17.18 14.61 -34.59
C ASN L 93 17.55 13.17 -34.27
N LEU L 94 16.96 12.23 -35.00
CA LEU L 94 17.21 10.81 -34.76
C LEU L 94 18.32 10.27 -35.66
N UNK L 95 18.84 11.12 -36.54
CA UNK L 95 19.93 10.71 -37.42
C UNK L 95 21.27 11.08 -36.81
N LYS L 96 21.25 11.96 -35.83
CA LYS L 96 22.46 12.34 -35.10
C LYS L 96 22.43 11.73 -33.70
N SER L 97 21.75 10.60 -33.58
CA SER L 97 21.61 9.89 -32.32
C SER L 97 22.17 8.49 -32.46
N THR L 98 22.67 7.94 -31.36
CA THR L 98 23.28 6.62 -31.34
C THR L 98 22.57 5.76 -30.31
N ILE L 99 22.44 4.48 -30.64
CA ILE L 99 21.83 3.49 -29.75
C ILE L 99 22.87 2.41 -29.49
N GLN L 100 23.13 2.13 -28.22
CA GLN L 100 24.11 1.12 -27.84
C GLN L 100 23.39 -0.21 -27.59
N TRP L 101 23.76 -1.22 -28.36
CA TRP L 101 23.16 -2.55 -28.30
C TRP L 101 24.11 -3.46 -27.54
N ILE L 102 23.75 -3.76 -26.29
CA ILE L 102 24.46 -4.78 -25.52
C ILE L 102 23.56 -6.01 -25.44
N GLY L 103 23.83 -6.99 -26.29
CA GLY L 103 22.99 -8.16 -26.38
C GLY L 103 23.60 -9.37 -25.72
N PRO L 104 22.95 -10.54 -25.89
CA PRO L 104 23.55 -11.78 -25.37
C PRO L 104 24.88 -12.11 -26.00
N ASP L 105 25.09 -11.73 -27.26
CA ASP L 105 26.35 -11.97 -27.94
C ASP L 105 27.13 -10.67 -28.09
N UNK L 106 27.02 -10.05 -29.27
CA UNK L 106 27.76 -8.84 -29.57
C UNK L 106 27.31 -7.66 -28.72
N ALA L 107 28.20 -6.68 -28.55
CA ALA L 107 27.88 -5.46 -27.83
C ALA L 107 28.39 -4.25 -28.62
N THR L 108 27.62 -3.83 -29.62
CA THR L 108 28.06 -2.80 -30.55
C THR L 108 27.30 -1.50 -30.29
N THR L 109 27.54 -0.51 -31.16
CA THR L 109 26.92 0.81 -31.08
C THR L 109 26.29 1.10 -32.43
N LEU L 110 24.96 0.99 -32.51
CA LEU L 110 24.26 1.19 -33.76
C LEU L 110 24.14 2.68 -34.08
N THR L 111 24.21 3.02 -35.38
CA THR L 111 24.06 4.37 -35.86
C THR L 111 22.93 4.43 -36.89
N TYR L 112 22.69 5.61 -37.45
CA TYR L 112 21.58 5.82 -38.38
C TYR L 112 21.87 5.28 -39.78
N UNK L 113 20.81 4.99 -40.52
CA UNK L 113 20.94 4.54 -41.91
C UNK L 113 19.68 4.88 -42.70
N UNK L 114 19.52 4.24 -43.85
CA UNK L 114 18.35 4.47 -44.70
C UNK L 114 17.92 3.19 -45.40
N UNK L 115 16.94 2.50 -44.82
CA UNK L 115 16.40 1.26 -45.36
C UNK L 115 17.50 0.22 -45.58
N UNK L 119 18.26 -0.42 -42.43
CA UNK L 119 18.42 -1.30 -41.27
C UNK L 119 19.51 -2.34 -41.52
N UNK L 120 19.40 -3.45 -40.81
CA UNK L 120 20.36 -4.56 -40.91
C UNK L 120 21.79 -4.12 -40.58
N UNK L 121 22.73 -5.04 -40.77
CA UNK L 121 24.15 -4.80 -40.51
C UNK L 121 24.39 -4.27 -39.10
N GLU L 122 24.86 -3.02 -39.01
CA GLU L 122 25.23 -2.43 -37.74
C GLU L 122 24.53 -1.09 -37.53
N ASN L 123 23.43 -0.87 -38.23
CA ASN L 123 22.74 0.41 -38.24
C ASN L 123 21.24 0.20 -38.06
N PHE L 124 20.56 1.27 -37.64
CA PHE L 124 19.11 1.27 -37.47
C PHE L 124 18.47 2.23 -38.45
N THR L 125 17.17 2.07 -38.63
CA THR L 125 16.37 2.89 -39.54
C THR L 125 15.14 3.39 -38.80
N THR L 126 14.70 4.61 -39.12
CA THR L 126 13.54 5.18 -38.46
C THR L 126 12.38 5.41 -39.44
N UNK L 127 11.22 4.86 -39.09
CA UNK L 127 10.00 5.08 -39.88
C UNK L 127 8.95 5.77 -39.02
N SER L 128 8.29 6.78 -39.58
CA SER L 128 7.33 7.58 -38.82
C SER L 128 6.03 6.83 -38.56
N ILE L 129 5.49 7.01 -37.37
CA ILE L 129 4.20 6.42 -37.00
C ILE L 129 3.14 7.51 -37.09
N LYS L 130 3.40 8.66 -36.45
CA LYS L 130 2.50 9.79 -36.49
C LYS L 130 3.32 11.07 -36.59
N GLY L 131 3.19 11.77 -37.71
CA GLY L 131 3.92 13.02 -37.90
C GLY L 131 4.35 13.26 -39.33
N UNK L 132 4.91 14.43 -39.59
CA UNK L 132 5.37 14.80 -40.92
C UNK L 132 6.80 14.33 -41.15
N UNK L 133 7.67 14.59 -40.18
CA UNK L 133 9.07 14.19 -40.28
C UNK L 133 9.27 12.78 -39.75
N UNK L 134 10.15 12.02 -40.41
CA UNK L 134 10.42 10.65 -40.00
C UNK L 134 11.79 10.52 -39.34
N UNK L 135 12.40 11.66 -39.03
CA UNK L 135 13.72 11.69 -38.43
C UNK L 135 13.83 12.73 -37.33
N VAL L 136 12.85 13.63 -37.26
CA VAL L 136 12.87 14.70 -36.26
C VAL L 136 11.58 14.68 -35.44
N LEU L 137 11.73 14.86 -34.13
CA LEU L 137 10.58 14.91 -33.22
C LEU L 137 10.22 16.38 -32.98
N VAL L 138 9.58 16.97 -33.99
CA VAL L 138 9.31 18.41 -33.96
C VAL L 138 8.25 18.74 -32.92
N ASP L 139 7.18 17.96 -32.86
CA ASP L 139 6.05 18.25 -31.99
C ASP L 139 5.99 17.26 -30.83
N GLN L 140 5.27 17.66 -29.78
CA GLN L 140 5.09 16.78 -28.63
C GLN L 140 4.28 15.55 -29.00
N SER L 141 3.27 15.72 -29.86
CA SER L 141 2.48 14.60 -30.36
C SER L 141 3.12 13.92 -31.55
N ASP L 142 4.38 13.51 -31.44
CA ASP L 142 5.13 12.89 -32.52
C ASP L 142 5.63 11.53 -32.08
N ARG L 143 5.39 10.52 -32.91
CA ARG L 143 5.84 9.16 -32.65
C ARG L 143 6.53 8.63 -33.89
N ILE L 144 7.81 8.29 -33.77
CA ILE L 144 8.60 7.75 -34.86
C ILE L 144 9.15 6.40 -34.42
N LYS L 145 9.02 5.40 -35.29
CA LYS L 145 9.38 4.03 -34.95
C LYS L 145 10.84 3.78 -35.33
N VAL L 146 11.63 3.30 -34.38
CA VAL L 146 13.03 2.99 -34.60
C VAL L 146 13.13 1.50 -34.94
N ILE L 147 13.68 1.20 -36.10
CA ILE L 147 13.73 -0.17 -36.61
C ILE L 147 15.12 -0.74 -36.36
N MET L 148 15.18 -1.91 -35.73
CA MET L 148 16.44 -2.59 -35.48
C MET L 148 16.32 -4.04 -35.89
N TYR L 149 17.25 -4.49 -36.73
CA TYR L 149 17.25 -5.85 -37.26
C TYR L 149 18.14 -6.70 -36.36
N ALA L 150 17.55 -7.69 -35.69
CA ALA L 150 18.28 -8.50 -34.74
C ALA L 150 19.00 -9.67 -35.40
N UNK L 151 18.54 -10.05 -36.58
CA UNK L 151 19.12 -11.18 -37.31
C UNK L 151 20.32 -10.74 -38.15
N UNK L 152 20.94 -9.63 -37.75
CA UNK L 152 22.11 -9.12 -38.45
C UNK L 152 23.05 -8.43 -37.46
N VAL L 153 22.47 -7.73 -36.49
CA VAL L 153 23.25 -7.07 -35.45
C VAL L 153 23.95 -8.13 -34.60
N UNK L 154 23.17 -9.14 -34.19
CA UNK L 154 23.72 -10.28 -33.47
C UNK L 154 23.10 -11.55 -34.05
N UNK L 155 22.64 -12.43 -33.17
CA UNK L 155 21.90 -13.61 -33.59
C UNK L 155 20.40 -13.35 -33.41
N UNK L 156 19.57 -14.11 -34.12
CA UNK L 156 18.12 -13.97 -33.99
C UNK L 156 17.71 -14.25 -32.56
N LEU L 157 17.25 -13.22 -31.85
CA LEU L 157 16.92 -13.32 -30.44
C LEU L 157 15.89 -14.42 -30.16
N UNK L 158 16.14 -15.19 -29.11
CA UNK L 158 15.24 -16.28 -28.73
C UNK L 158 14.60 -16.00 -27.37
N UNK L 159 13.97 -17.01 -26.80
CA UNK L 159 13.28 -16.86 -25.52
C UNK L 159 14.24 -16.62 -24.37
N GLY L 160 13.98 -15.58 -23.59
CA GLY L 160 14.80 -15.25 -22.45
C GLY L 160 15.94 -14.29 -22.75
N UNK L 161 16.26 -14.15 -24.03
CA UNK L 161 17.34 -13.27 -24.47
C UNK L 161 17.02 -11.81 -24.12
N GLU L 162 17.94 -11.17 -23.41
CA GLU L 162 17.75 -9.79 -22.97
C GLU L 162 18.81 -8.86 -23.55
N VAL L 163 18.35 -7.78 -24.17
CA VAL L 163 19.24 -6.79 -24.79
C VAL L 163 19.05 -5.46 -24.06
N GLN L 164 20.15 -4.77 -23.83
CA GLN L 164 20.12 -3.48 -23.13
C GLN L 164 20.33 -2.37 -24.16
N LEU L 165 19.40 -1.42 -24.20
CA LEU L 165 19.42 -0.33 -25.15
C LEU L 165 19.52 1.00 -24.42
N THR L 166 20.43 1.87 -24.87
CA THR L 166 20.61 3.22 -24.32
C THR L 166 20.62 4.21 -25.47
N VAL L 167 19.44 4.70 -25.85
CA VAL L 167 19.35 5.68 -26.91
C VAL L 167 19.92 7.01 -26.43
N THR L 168 20.87 7.55 -27.19
CA THR L 168 21.58 8.76 -26.80
C THR L 168 21.40 9.82 -27.87
N THR L 169 20.88 10.99 -27.48
CA THR L 169 20.72 12.11 -28.37
C THR L 169 22.06 12.81 -28.58
N GLN L 170 22.10 13.74 -29.54
CA GLN L 170 23.33 14.45 -29.84
C GLN L 170 23.80 15.29 -28.65
N TYR L 171 22.85 15.80 -27.85
CA TYR L 171 23.22 16.64 -26.72
C TYR L 171 23.78 15.82 -25.56
N GLY L 172 23.71 14.50 -25.63
CA GLY L 172 24.28 13.63 -24.62
C GLY L 172 23.28 13.03 -23.65
N SER L 173 22.01 13.43 -23.72
CA SER L 173 20.99 12.86 -22.85
C SER L 173 20.71 11.43 -23.29
N LYS L 174 20.88 10.47 -22.39
CA LYS L 174 20.75 9.06 -22.70
C LYS L 174 19.51 8.51 -21.99
N THR L 175 18.74 7.69 -22.70
CA THR L 175 17.59 7.00 -22.14
C THR L 175 17.81 5.50 -22.25
N THR L 176 17.70 4.80 -21.12
CA THR L 176 17.96 3.37 -21.07
C THR L 176 16.67 2.59 -21.08
N TYR L 177 16.67 1.47 -21.80
CA TYR L 177 15.53 0.58 -21.88
C TYR L 177 16.03 -0.84 -21.92
N TRP L 178 15.39 -1.72 -21.15
CA TRP L 178 15.79 -3.11 -21.01
C TRP L 178 14.75 -3.99 -21.69
N ALA L 179 15.02 -4.35 -22.95
CA ALA L 179 14.11 -5.19 -23.73
C ALA L 179 14.31 -6.65 -23.36
N GLN L 180 13.29 -7.25 -22.76
CA GLN L 180 13.34 -8.65 -22.36
C GLN L 180 12.36 -9.43 -23.22
N VAL L 181 12.90 -10.33 -24.05
CA VAL L 181 12.05 -11.18 -24.89
C VAL L 181 11.20 -12.07 -23.98
N PRO L 182 9.92 -12.29 -24.28
CA PRO L 182 9.10 -13.17 -23.43
C PRO L 182 9.71 -14.56 -23.33
N GLU L 183 9.56 -15.16 -22.15
CA GLU L 183 10.22 -16.43 -21.86
C GLU L 183 9.70 -17.57 -22.73
N SER L 184 8.54 -17.40 -23.37
CA SER L 184 8.01 -18.36 -24.31
C SER L 184 7.50 -17.60 -25.54
N LEU L 185 7.78 -18.13 -26.73
CA LEU L 185 7.36 -17.54 -27.99
C LEU L 185 6.56 -18.53 -28.82
N LYS L 186 5.75 -19.34 -28.14
CA LYS L 186 5.00 -20.41 -28.82
C LYS L 186 3.75 -19.82 -29.47
N ASP L 187 3.77 -19.75 -30.80
CA ASP L 187 2.64 -19.28 -31.60
C ASP L 187 2.19 -17.89 -31.18
N LYS L 188 3.12 -16.95 -31.28
CA LYS L 188 2.85 -15.53 -31.07
C LYS L 188 3.50 -14.77 -32.23
N ASN L 189 2.68 -14.22 -33.13
CA ASN L 189 3.20 -13.60 -34.34
C ASN L 189 4.08 -12.41 -33.98
N ALA L 190 3.65 -11.58 -33.03
CA ALA L 190 4.44 -10.45 -32.55
C ALA L 190 4.24 -10.30 -31.06
N VAL L 191 5.35 -10.04 -30.36
CA VAL L 191 5.33 -9.92 -28.91
C VAL L 191 5.77 -8.52 -28.49
N UNK L 192 5.55 -8.21 -27.21
CA UNK L 192 5.96 -6.93 -26.65
C UNK L 192 7.19 -7.11 -25.77
N LEU L 193 8.34 -6.67 -26.27
CA LEU L 193 9.60 -6.82 -25.55
C LEU L 193 9.60 -5.98 -24.27
N GLN M 13 37.47 44.26 -13.00
CA GLN M 13 38.05 42.91 -12.92
C GLN M 13 37.15 41.97 -12.12
N VAL M 14 36.13 42.53 -11.47
CA VAL M 14 35.15 41.69 -10.78
C VAL M 14 34.16 41.08 -11.75
N GLY M 15 33.89 41.73 -12.87
CA GLY M 15 33.00 41.19 -13.87
C GLY M 15 33.56 39.95 -14.53
N ILE M 16 34.84 39.97 -14.86
CA ILE M 16 35.51 38.85 -15.53
C ILE M 16 35.44 37.61 -14.65
N GLY M 17 35.71 37.77 -13.36
CA GLY M 17 35.66 36.64 -12.46
C GLY M 17 34.27 36.04 -12.36
N THR M 18 33.23 36.89 -12.46
CA THR M 18 31.86 36.41 -12.34
C THR M 18 31.52 35.43 -13.46
N LEU M 19 31.97 35.73 -14.68
CA LEU M 19 31.61 34.91 -15.83
C LEU M 19 32.17 33.50 -15.71
N ILE M 20 33.44 33.38 -15.35
CA ILE M 20 34.07 32.06 -15.29
C ILE M 20 33.44 31.22 -14.19
N VAL M 21 33.20 31.82 -13.02
CA VAL M 21 32.49 31.12 -11.96
C VAL M 21 31.08 30.77 -12.42
N PHE M 22 30.45 31.66 -13.17
CA PHE M 22 29.12 31.37 -13.72
C PHE M 22 29.16 30.15 -14.61
N ILE M 23 30.15 30.07 -15.52
CA ILE M 23 30.27 28.94 -16.43
C ILE M 23 30.45 27.65 -15.64
N ALA M 24 31.22 27.72 -14.55
CA ALA M 24 31.46 26.54 -13.74
C ALA M 24 30.17 25.99 -13.14
N MET M 25 29.32 26.88 -12.63
CA MET M 25 28.14 26.41 -11.90
C MET M 25 27.02 25.99 -12.85
N VAL M 26 27.11 26.32 -14.13
CA VAL M 26 26.25 25.66 -15.12
C VAL M 26 26.69 24.21 -15.31
N LEU M 27 28.00 23.98 -15.36
CA LEU M 27 28.50 22.63 -15.64
C LEU M 27 28.23 21.67 -14.49
N VAL M 28 28.57 22.08 -13.26
CA VAL M 28 28.42 21.17 -12.12
C VAL M 28 26.95 20.88 -11.86
N ALA M 29 26.08 21.88 -12.04
CA ALA M 29 24.65 21.64 -11.93
C ALA M 29 24.17 20.67 -13.00
N ALA M 30 24.69 20.81 -14.23
CA ALA M 30 24.33 19.88 -15.30
C ALA M 30 24.80 18.47 -14.98
N ILE M 31 25.99 18.33 -14.40
CA ILE M 31 26.49 17.02 -14.00
C ILE M 31 25.59 16.43 -12.93
N ALA M 32 25.21 17.23 -11.93
CA ALA M 32 24.30 16.76 -10.89
C ALA M 32 22.94 16.42 -11.49
N ALA M 33 22.48 17.21 -12.46
CA ALA M 33 21.25 16.89 -13.17
C ALA M 33 21.40 15.58 -13.93
N GLY M 34 22.55 15.38 -14.58
CA GLY M 34 22.78 14.19 -15.37
C GLY M 34 22.76 12.90 -14.58
N VAL M 35 23.47 12.86 -13.45
CA VAL M 35 23.55 11.64 -12.66
C VAL M 35 22.18 11.25 -12.11
N LEU M 36 21.41 12.27 -11.70
CA LEU M 36 20.09 12.00 -11.12
C LEU M 36 19.18 11.32 -12.13
N ILE M 37 19.17 11.80 -13.37
CA ILE M 37 18.25 11.26 -14.37
C ILE M 37 18.65 9.84 -14.77
N ASN M 38 19.94 9.62 -15.04
CA ASN M 38 20.38 8.31 -15.49
C ASN M 38 20.21 7.25 -14.39
N THR M 39 20.48 7.63 -13.14
CA THR M 39 20.30 6.69 -12.04
C THR M 39 18.83 6.32 -11.88
N ALA M 40 17.93 7.27 -12.15
CA ALA M 40 16.51 6.94 -12.18
C ALA M 40 16.19 5.99 -13.32
N GLY M 41 16.94 6.07 -14.41
CA GLY M 41 16.73 5.22 -15.56
C GLY M 41 16.92 3.74 -15.27
N TYR M 42 17.97 3.40 -14.52
CA TYR M 42 18.18 2.01 -14.13
C TYR M 42 17.04 1.53 -13.25
N LEU M 43 16.72 2.31 -12.21
CA LEU M 43 15.75 1.87 -11.21
C LEU M 43 14.38 1.61 -11.82
N GLN M 44 13.94 2.48 -12.74
CA GLN M 44 12.64 2.27 -13.38
C GLN M 44 12.63 1.01 -14.22
N SER M 45 13.71 0.75 -14.97
CA SER M 45 13.77 -0.45 -15.79
C SER M 45 13.83 -1.71 -14.93
N LYS M 46 14.59 -1.65 -13.83
CA LYS M 46 14.62 -2.77 -12.89
C LYS M 46 13.28 -2.93 -12.19
N GLY M 47 12.62 -1.80 -11.89
CA GLY M 47 11.33 -1.86 -11.22
C GLY M 47 10.25 -2.48 -12.10
N SER M 48 10.24 -2.11 -13.39
CA SER M 48 9.24 -2.65 -14.30
C SER M 48 9.40 -4.16 -14.45
N ALA M 49 10.64 -4.63 -14.57
CA ALA M 49 10.89 -6.06 -14.67
C ALA M 49 10.49 -6.78 -13.38
N THR M 50 10.74 -6.16 -12.23
CA THR M 50 10.42 -6.78 -10.95
C THR M 50 8.93 -7.01 -10.80
N GLY M 51 8.13 -6.01 -11.17
CA GLY M 51 6.68 -6.16 -11.07
C GLY M 51 6.14 -7.23 -12.00
N GLU M 52 6.65 -7.26 -13.23
CA GLU M 52 6.19 -8.25 -14.20
C GLU M 52 6.53 -9.66 -13.77
N GLU M 53 7.76 -9.86 -13.26
CA GLU M 53 8.18 -11.20 -12.87
C GLU M 53 7.41 -11.70 -11.65
N ALA M 54 7.24 -10.85 -10.64
CA ALA M 54 6.55 -11.26 -9.43
C ALA M 54 5.08 -11.59 -9.70
N SER M 55 4.45 -10.81 -10.58
CA SER M 55 3.07 -11.10 -10.96
C SER M 55 2.97 -12.46 -11.64
N ALA M 56 3.93 -12.78 -12.51
CA ALA M 56 3.96 -14.08 -13.15
C ALA M 56 4.19 -15.19 -12.12
N GLN M 57 5.00 -14.91 -11.09
CA GLN M 57 5.24 -15.90 -10.04
C GLN M 57 3.96 -16.27 -9.32
N VAL M 58 3.15 -15.26 -8.98
CA VAL M 58 1.92 -15.52 -8.22
C VAL M 58 0.84 -16.09 -9.13
N SER M 59 0.66 -15.51 -10.31
CA SER M 59 -0.51 -15.82 -11.12
C SER M 59 -0.32 -17.09 -11.95
N ASN M 60 0.76 -17.16 -12.74
CA ASN M 60 0.93 -18.26 -13.67
C ASN M 60 1.27 -19.51 -12.86
N ARG M 61 0.30 -20.41 -12.73
CA ARG M 61 0.44 -21.63 -11.96
C ARG M 61 -0.06 -22.79 -12.81
N ILE M 62 0.36 -24.00 -12.45
CA ILE M 62 0.01 -25.21 -13.18
C ILE M 62 -0.88 -26.05 -12.27
N ASN M 63 -2.11 -26.31 -12.73
CA ASN M 63 -3.04 -27.14 -11.97
C ASN M 63 -3.00 -28.58 -12.47
N ILE M 64 -3.42 -29.50 -11.60
CA ILE M 64 -3.40 -30.93 -11.89
C ILE M 64 -4.84 -31.42 -11.91
N VAL M 65 -5.24 -32.03 -13.03
CA VAL M 65 -6.63 -32.45 -13.19
C VAL M 65 -6.86 -33.79 -12.52
N SER M 66 -6.15 -34.82 -12.96
CA SER M 66 -6.37 -36.16 -12.45
C SER M 66 -5.12 -37.00 -12.66
N ALA M 67 -5.04 -38.11 -11.93
CA ALA M 67 -3.92 -39.03 -12.00
C ALA M 67 -4.40 -40.45 -12.29
N TYR M 68 -3.61 -41.17 -13.09
CA TYR M 68 -3.91 -42.56 -13.39
C TYR M 68 -2.60 -43.26 -13.74
N GLY M 69 -2.54 -44.55 -13.44
CA GLY M 69 -1.32 -45.31 -13.65
C GLY M 69 -1.63 -46.73 -14.08
N ASN M 70 -0.71 -47.30 -14.86
CA ASN M 70 -0.84 -48.66 -15.34
C ASN M 70 -0.59 -49.66 -14.21
N VAL M 71 -1.08 -50.88 -14.41
CA VAL M 71 -0.86 -51.95 -13.45
C VAL M 71 -0.33 -53.20 -14.16
N UNK M 72 0.94 -53.51 -13.92
CA UNK M 72 1.55 -54.69 -14.50
C UNK M 72 1.74 -55.77 -13.42
N UNK M 73 1.49 -57.02 -13.80
CA UNK M 73 1.58 -58.14 -12.88
C UNK M 73 0.66 -57.93 -11.67
N UNK M 74 1.13 -57.15 -10.70
CA UNK M 74 0.35 -56.84 -9.51
C UNK M 74 0.86 -55.59 -8.83
N UNK M 75 1.42 -54.67 -9.62
CA UNK M 75 1.95 -53.42 -9.06
C UNK M 75 1.91 -52.30 -10.10
N VAL M 76 1.97 -51.06 -9.61
CA VAL M 76 1.95 -49.89 -10.49
C VAL M 76 3.36 -49.56 -10.96
N ASP M 77 3.53 -49.45 -12.28
CA ASP M 77 4.82 -49.12 -12.87
C ASP M 77 4.88 -47.72 -13.46
N TYR M 78 3.76 -47.16 -13.90
CA TYR M 78 3.71 -45.81 -14.43
C TYR M 78 2.79 -44.95 -13.58
N VAL M 79 3.15 -43.67 -13.45
CA VAL M 79 2.31 -42.69 -12.77
C VAL M 79 2.10 -41.50 -13.70
N ASN M 80 1.01 -41.52 -14.45
CA ASN M 80 0.74 -40.45 -15.39
C ASN M 80 -0.15 -39.38 -14.76
N LEU M 81 -0.01 -38.15 -15.25
CA LEU M 81 -0.80 -37.02 -14.78
C LEU M 81 -1.57 -36.42 -15.95
N THR M 82 -2.25 -35.31 -15.66
CA THR M 82 -2.94 -34.51 -16.66
C THR M 82 -3.00 -33.08 -16.14
N VAL M 83 -2.13 -32.22 -16.65
CA VAL M 83 -1.96 -30.89 -16.10
C VAL M 83 -2.73 -29.88 -16.95
N ARG M 84 -3.06 -28.75 -16.33
CA ARG M 84 -3.82 -27.70 -16.98
C ARG M 84 -3.44 -26.36 -16.36
N GLN M 85 -3.48 -25.32 -17.18
CA GLN M 85 -3.12 -23.99 -16.72
C GLN M 85 -4.09 -23.51 -15.63
N ALA M 86 -3.58 -22.65 -14.76
CA ALA M 86 -4.41 -22.06 -13.70
C ALA M 86 -5.11 -20.82 -14.24
N ALA M 87 -5.73 -20.05 -13.34
CA ALA M 87 -6.50 -18.86 -13.72
C ALA M 87 -5.56 -17.83 -14.33
N GLY M 88 -5.72 -17.58 -15.63
CA GLY M 88 -4.96 -16.55 -16.30
C GLY M 88 -3.51 -16.89 -16.57
N ALA M 89 -3.13 -18.17 -16.47
CA ALA M 89 -1.74 -18.54 -16.69
C ALA M 89 -1.33 -18.36 -18.14
N ASP M 90 -0.12 -17.86 -18.34
CA ASP M 90 0.46 -17.72 -19.67
C ASP M 90 1.03 -19.05 -20.15
N ASN M 91 1.82 -18.99 -21.21
CA ASN M 91 2.48 -20.17 -21.74
C ASN M 91 3.33 -20.84 -20.67
N ILE M 92 3.04 -22.10 -20.37
CA ILE M 92 3.79 -22.87 -19.39
C ILE M 92 4.58 -23.93 -20.14
N ASN M 93 5.91 -23.79 -20.15
CA ASN M 93 6.78 -24.73 -20.84
C ASN M 93 7.15 -25.84 -19.87
N LEU M 94 6.59 -27.02 -20.09
CA LEU M 94 6.81 -28.14 -19.18
C LEU M 94 8.22 -28.71 -19.28
N UNK M 95 8.96 -28.31 -20.31
CA UNK M 95 10.33 -28.75 -20.48
C UNK M 95 11.27 -28.00 -19.54
N LYS M 96 10.79 -26.89 -19.00
CA LYS M 96 11.60 -26.08 -18.10
C LYS M 96 11.15 -26.19 -16.64
N SER M 97 10.10 -26.97 -16.40
CA SER M 97 9.62 -27.18 -15.05
C SER M 97 10.24 -28.46 -14.48
N THR M 98 10.15 -28.60 -13.16
CA THR M 98 10.70 -29.75 -12.47
C THR M 98 9.65 -30.32 -11.52
N ILE M 99 9.72 -31.62 -11.30
CA ILE M 99 8.79 -32.34 -10.44
C ILE M 99 9.60 -32.97 -9.32
N GLN M 100 9.23 -32.66 -8.08
CA GLN M 100 9.90 -33.23 -6.91
C GLN M 100 9.14 -34.48 -6.46
N TRP M 101 9.84 -35.60 -6.41
CA TRP M 101 9.25 -36.91 -6.10
C TRP M 101 9.67 -37.29 -4.69
N ILE M 102 8.74 -37.17 -3.75
CA ILE M 102 8.94 -37.70 -2.41
C ILE M 102 8.21 -39.03 -2.31
N GLY M 103 8.88 -40.12 -2.72
CA GLY M 103 8.28 -41.42 -2.72
C GLY M 103 8.53 -42.16 -1.41
N PRO M 104 8.00 -43.39 -1.32
CA PRO M 104 8.28 -44.21 -0.13
C PRO M 104 9.76 -44.50 0.05
N ASP M 105 10.50 -44.64 -1.03
CA ASP M 105 11.93 -44.90 -0.97
C ASP M 105 12.74 -43.66 -1.32
N UNK M 106 13.05 -43.51 -2.60
CA UNK M 106 13.88 -42.39 -3.06
C UNK M 106 13.11 -41.08 -3.08
N ALA M 107 13.73 -40.03 -2.55
CA ALA M 107 13.15 -38.70 -2.58
C ALA M 107 14.04 -37.77 -3.40
N THR M 108 13.75 -37.67 -4.70
CA THR M 108 14.58 -36.94 -5.64
C THR M 108 13.79 -35.84 -6.31
N THR M 109 14.43 -35.20 -7.30
CA THR M 109 13.84 -34.11 -8.08
C THR M 109 13.95 -34.49 -9.56
N LEU M 110 12.82 -34.65 -10.22
CA LEU M 110 12.81 -35.13 -11.58
C LEU M 110 12.90 -33.98 -12.58
N THR M 111 13.72 -34.15 -13.60
CA THR M 111 13.85 -33.20 -14.70
C THR M 111 13.10 -33.74 -15.92
N TYR M 112 13.21 -33.04 -17.05
CA TYR M 112 12.50 -33.44 -18.26
C TYR M 112 13.43 -34.14 -19.26
N UNK M 113 12.87 -35.08 -20.00
CA UNK M 113 13.60 -35.78 -21.05
C UNK M 113 12.67 -36.12 -22.22
N UNK M 114 13.13 -36.99 -23.10
CA UNK M 114 12.34 -37.40 -24.27
C UNK M 114 12.35 -38.92 -24.43
N UNK M 115 11.37 -39.57 -23.82
CA UNK M 115 11.22 -41.02 -23.90
C UNK M 115 12.49 -41.75 -23.47
N UNK M 119 9.99 -42.54 -20.22
CA UNK M 119 10.86 -41.58 -19.55
C UNK M 119 12.04 -42.29 -18.89
N UNK M 120 11.74 -43.17 -17.96
CA UNK M 120 12.73 -43.98 -17.24
C UNK M 120 13.74 -43.13 -16.46
N UNK M 121 14.64 -43.81 -15.75
CA UNK M 121 15.68 -43.17 -14.96
C UNK M 121 15.12 -42.16 -13.96
N GLU M 122 15.56 -40.92 -14.09
CA GLU M 122 15.16 -39.85 -13.19
C GLU M 122 14.57 -38.68 -13.96
N ASN M 123 13.63 -38.98 -14.86
CA ASN M 123 13.06 -37.97 -15.76
C ASN M 123 11.59 -38.28 -16.00
N PHE M 124 10.90 -37.31 -16.59
CA PHE M 124 9.52 -37.48 -17.01
C PHE M 124 9.39 -37.07 -18.47
N THR M 125 8.42 -37.69 -19.16
CA THR M 125 8.15 -37.42 -20.57
C THR M 125 6.72 -36.92 -20.71
N THR M 126 6.54 -35.88 -21.51
CA THR M 126 5.23 -35.25 -21.64
C THR M 126 4.59 -35.52 -22.99
N UNK M 127 3.52 -36.31 -22.98
CA UNK M 127 2.72 -36.54 -24.18
C UNK M 127 1.56 -35.56 -24.20
N SER M 128 0.98 -35.32 -25.37
CA SER M 128 -0.09 -34.34 -25.49
C SER M 128 -1.46 -34.99 -25.54
N ILE M 129 -2.26 -34.75 -24.49
CA ILE M 129 -3.63 -35.27 -24.46
C ILE M 129 -4.49 -34.54 -25.48
N LYS M 130 -4.39 -33.21 -25.53
CA LYS M 130 -5.21 -32.41 -26.43
C LYS M 130 -4.50 -31.09 -26.68
N GLY M 131 -4.11 -30.84 -27.92
CA GLY M 131 -3.45 -29.60 -28.28
C GLY M 131 -2.53 -29.67 -29.47
N UNK M 132 -1.92 -28.55 -29.82
CA UNK M 132 -1.00 -28.48 -30.94
C UNK M 132 0.42 -28.83 -30.51
N UNK M 133 0.80 -28.34 -29.33
CA UNK M 133 2.13 -28.61 -28.79
C UNK M 133 2.08 -29.74 -27.77
N UNK M 134 3.22 -30.42 -27.58
CA UNK M 134 3.29 -31.56 -26.68
C UNK M 134 4.32 -31.35 -25.58
N UNK M 135 4.71 -30.09 -25.36
CA UNK M 135 5.71 -29.78 -24.35
C UNK M 135 5.47 -28.42 -23.71
N VAL M 136 4.40 -27.75 -24.11
CA VAL M 136 4.08 -26.43 -23.56
C VAL M 136 2.58 -26.16 -23.63
N LEU M 137 2.03 -25.67 -22.52
CA LEU M 137 0.60 -25.36 -22.44
C LEU M 137 0.37 -23.93 -22.92
N VAL M 138 -0.35 -23.77 -24.03
CA VAL M 138 -0.59 -22.46 -24.61
C VAL M 138 -1.99 -21.95 -24.32
N ASP M 139 -3.02 -22.73 -24.65
CA ASP M 139 -4.40 -22.32 -24.44
C ASP M 139 -4.93 -22.81 -23.11
N GLN M 140 -6.05 -22.23 -22.68
CA GLN M 140 -6.69 -22.65 -21.44
C GLN M 140 -7.26 -24.06 -21.55
N SER M 141 -7.58 -24.50 -22.77
CA SER M 141 -8.15 -25.81 -23.00
C SER M 141 -7.10 -26.86 -23.36
N ASP M 142 -5.84 -26.60 -23.05
CA ASP M 142 -4.77 -27.55 -23.36
C ASP M 142 -4.52 -28.48 -22.17
N ARG M 143 -4.42 -29.77 -22.46
CA ARG M 143 -4.14 -30.79 -21.46
C ARG M 143 -2.95 -31.61 -21.93
N ILE M 144 -1.93 -31.71 -21.08
CA ILE M 144 -0.71 -32.46 -21.37
C ILE M 144 -0.49 -33.49 -20.28
N LYS M 145 -0.21 -34.72 -20.69
CA LYS M 145 0.04 -35.83 -19.76
C LYS M 145 1.54 -36.02 -19.60
N VAL M 146 2.02 -35.93 -18.36
CA VAL M 146 3.42 -36.19 -18.05
C VAL M 146 3.55 -37.66 -17.66
N ILE M 147 4.56 -38.33 -18.19
CA ILE M 147 4.74 -39.76 -17.99
C ILE M 147 5.97 -39.98 -17.14
N MET M 148 5.81 -40.71 -16.03
CA MET M 148 6.90 -40.96 -15.11
C MET M 148 6.98 -42.45 -14.82
N TYR M 149 8.17 -43.02 -14.99
CA TYR M 149 8.39 -44.45 -14.82
C TYR M 149 8.66 -44.72 -13.34
N ALA M 150 7.69 -45.33 -12.66
CA ALA M 150 7.79 -45.56 -11.22
C ALA M 150 8.65 -46.78 -10.91
N UNK M 151 8.95 -47.57 -11.93
CA UNK M 151 9.77 -48.77 -11.76
C UNK M 151 11.23 -48.44 -12.05
N UNK M 152 11.49 -47.19 -12.41
CA UNK M 152 12.85 -46.74 -12.68
C UNK M 152 13.28 -45.71 -11.65
N VAL M 153 12.36 -44.83 -11.28
CA VAL M 153 12.61 -43.85 -10.23
C VAL M 153 12.77 -44.57 -8.90
N UNK M 154 11.79 -45.40 -8.57
CA UNK M 154 11.84 -46.22 -7.38
C UNK M 154 11.75 -47.70 -7.76
N UNK M 155 11.36 -48.53 -6.81
CA UNK M 155 11.16 -49.95 -7.07
C UNK M 155 9.67 -50.23 -7.25
N UNK M 156 9.12 -49.79 -8.37
CA UNK M 156 7.69 -49.90 -8.65
C UNK M 156 6.86 -49.25 -7.56
N LEU M 157 5.60 -49.66 -7.43
CA LEU M 157 4.72 -49.12 -6.40
C LEU M 157 3.68 -50.16 -5.97
N UNK M 158 3.47 -50.26 -4.67
CA UNK M 158 2.51 -51.21 -4.13
C UNK M 158 1.36 -50.50 -3.44
N UNK M 159 0.44 -51.28 -2.86
CA UNK M 159 -0.74 -50.74 -2.20
C UNK M 159 -0.36 -49.99 -0.93
N GLY M 160 -1.09 -48.92 -0.65
CA GLY M 160 -0.87 -48.13 0.56
C GLY M 160 0.21 -47.08 0.42
N UNK M 161 1.12 -47.29 -0.52
CA UNK M 161 2.23 -46.37 -0.75
C UNK M 161 1.74 -45.04 -1.30
N GLU M 162 2.27 -43.95 -0.78
CA GLU M 162 1.89 -42.61 -1.23
C GLU M 162 3.11 -41.87 -1.74
N VAL M 163 2.90 -41.04 -2.77
CA VAL M 163 3.96 -40.24 -3.37
C VAL M 163 3.53 -38.77 -3.31
N GLN M 164 4.44 -37.92 -2.83
CA GLN M 164 4.19 -36.48 -2.75
C GLN M 164 4.85 -35.82 -3.94
N LEU M 165 4.03 -35.41 -4.92
CA LEU M 165 4.51 -34.79 -6.14
C LEU M 165 4.35 -33.28 -6.04
N THR M 166 5.44 -32.54 -6.19
CA THR M 166 5.44 -31.09 -6.20
C THR M 166 5.88 -30.64 -7.58
N VAL M 167 4.94 -30.15 -8.38
CA VAL M 167 5.24 -29.70 -9.75
C VAL M 167 5.53 -28.22 -9.69
N THR M 168 6.80 -27.86 -9.78
CA THR M 168 7.25 -26.48 -9.70
C THR M 168 7.55 -25.98 -11.11
N THR M 169 6.88 -24.91 -11.51
CA THR M 169 7.09 -24.34 -12.83
C THR M 169 8.36 -23.49 -12.85
N GLN M 170 8.68 -22.96 -14.03
CA GLN M 170 9.92 -22.22 -14.20
C GLN M 170 9.95 -20.96 -13.35
N TYR M 171 8.84 -20.21 -13.32
CA TYR M 171 8.81 -18.97 -12.56
C TYR M 171 8.80 -19.21 -11.05
N GLY M 172 8.18 -20.30 -10.60
CA GLY M 172 8.27 -20.63 -9.20
C GLY M 172 7.00 -21.08 -8.51
N SER M 173 5.85 -20.96 -9.18
CA SER M 173 4.60 -21.41 -8.58
C SER M 173 4.61 -22.92 -8.40
N LYS M 174 4.21 -23.38 -7.22
CA LYS M 174 4.34 -24.78 -6.84
C LYS M 174 2.95 -25.39 -6.65
N THR M 175 2.72 -26.54 -7.27
CA THR M 175 1.49 -27.30 -7.10
C THR M 175 1.85 -28.68 -6.53
N THR M 176 1.23 -29.02 -5.41
CA THR M 176 1.51 -30.28 -4.73
C THR M 176 0.32 -31.22 -4.88
N TYR M 177 0.58 -32.46 -5.31
CA TYR M 177 -0.43 -33.48 -5.43
C TYR M 177 0.03 -34.71 -4.66
N TRP M 178 -0.85 -35.24 -3.80
CA TRP M 178 -0.52 -36.39 -2.97
C TRP M 178 -1.08 -37.64 -3.64
N ALA M 179 -0.30 -38.18 -4.58
CA ALA M 179 -0.69 -39.38 -5.28
C ALA M 179 -0.64 -40.58 -4.34
N GLN M 180 -1.78 -41.17 -4.06
CA GLN M 180 -1.89 -42.33 -3.16
C GLN M 180 -2.39 -43.51 -3.97
N VAL M 181 -1.57 -44.55 -4.05
CA VAL M 181 -2.01 -45.78 -4.74
C VAL M 181 -3.15 -46.41 -3.96
N PRO M 182 -4.17 -46.95 -4.63
CA PRO M 182 -5.26 -47.60 -3.89
C PRO M 182 -4.74 -48.74 -3.03
N GLU M 183 -5.38 -48.93 -1.88
CA GLU M 183 -4.91 -49.91 -0.90
C GLU M 183 -5.14 -51.35 -1.36
N SER M 184 -5.84 -51.55 -2.47
CA SER M 184 -5.94 -52.87 -3.09
C SER M 184 -5.97 -52.70 -4.60
N LEU M 185 -5.14 -53.46 -5.30
CA LEU M 185 -5.06 -53.42 -6.76
C LEU M 185 -5.29 -54.79 -7.38
N LYS M 186 -6.24 -55.56 -6.82
CA LYS M 186 -6.53 -56.88 -7.35
C LYS M 186 -7.51 -56.77 -8.51
N ASP M 187 -7.11 -57.30 -9.67
CA ASP M 187 -7.92 -57.28 -10.89
C ASP M 187 -8.28 -55.85 -11.29
N LYS M 188 -7.25 -55.02 -11.44
CA LYS M 188 -7.41 -53.65 -11.93
C LYS M 188 -6.35 -53.41 -12.99
N ASN M 189 -6.78 -53.20 -14.23
CA ASN M 189 -5.82 -52.85 -15.28
C ASN M 189 -5.25 -51.46 -15.06
N ALA M 190 -6.09 -50.51 -14.66
CA ALA M 190 -5.67 -49.15 -14.37
C ALA M 190 -6.35 -48.67 -13.09
N VAL M 191 -5.66 -47.77 -12.39
CA VAL M 191 -6.19 -47.22 -11.14
C VAL M 191 -6.25 -45.69 -11.21
N UNK M 192 -6.69 -45.08 -10.11
CA UNK M 192 -6.73 -43.63 -10.01
C UNK M 192 -6.06 -43.18 -8.71
N LEU M 193 -4.75 -42.93 -8.78
CA LEU M 193 -3.98 -42.53 -7.61
C LEU M 193 -4.44 -41.18 -7.09
N GLN N 13 49.36 54.82 -15.21
CA GLN N 13 49.96 53.89 -14.26
C GLN N 13 48.88 53.07 -13.55
N VAL N 14 47.69 53.66 -13.42
CA VAL N 14 46.58 52.96 -12.79
C VAL N 14 46.13 51.76 -13.62
N GLY N 15 46.21 51.86 -14.95
CA GLY N 15 45.82 50.77 -15.81
C GLY N 15 46.69 49.54 -15.70
N ILE N 16 47.99 49.74 -15.49
CA ILE N 16 48.94 48.64 -15.41
C ILE N 16 48.60 47.72 -14.26
N GLY N 17 48.28 48.31 -13.10
CA GLY N 17 47.92 47.50 -11.95
C GLY N 17 46.67 46.69 -12.19
N THR N 18 45.76 47.21 -13.01
CA THR N 18 44.52 46.51 -13.32
C THR N 18 44.78 45.18 -14.00
N LEU N 19 45.74 45.16 -14.93
CA LEU N 19 46.01 43.97 -15.73
C LEU N 19 46.50 42.82 -14.86
N ILE N 20 47.41 43.11 -13.93
CA ILE N 20 47.95 42.06 -13.06
C ILE N 20 46.85 41.50 -12.16
N VAL N 21 46.05 42.40 -11.58
CA VAL N 21 44.90 41.96 -10.78
C VAL N 21 43.88 41.25 -11.67
N PHE N 22 43.74 41.71 -12.92
CA PHE N 22 42.89 41.01 -13.88
C PHE N 22 43.29 39.55 -14.00
N ILE N 23 44.57 39.28 -14.24
CA ILE N 23 45.05 37.91 -14.41
C ILE N 23 44.79 37.09 -13.16
N ALA N 24 44.82 37.76 -12.00
CA ALA N 24 44.61 37.06 -10.74
C ALA N 24 43.22 36.42 -10.67
N MET N 25 42.19 37.18 -11.06
CA MET N 25 40.83 36.70 -10.88
C MET N 25 40.50 35.58 -11.85
N VAL N 26 41.15 35.55 -13.01
CA VAL N 26 40.92 34.49 -13.99
C VAL N 26 41.34 33.15 -13.37
N LEU N 27 42.51 33.13 -12.74
CA LEU N 27 43.03 31.91 -12.11
C LEU N 27 42.17 31.47 -10.93
N VAL N 28 41.74 32.43 -10.10
CA VAL N 28 40.97 32.08 -8.90
C VAL N 28 39.68 31.37 -9.28
N ALA N 29 39.02 31.85 -10.33
CA ALA N 29 37.80 31.22 -10.79
C ALA N 29 38.06 29.79 -11.26
N ALA N 30 39.16 29.57 -11.97
CA ALA N 30 39.48 28.23 -12.44
C ALA N 30 39.73 27.28 -11.28
N ILE N 31 40.48 27.73 -10.27
CA ILE N 31 40.70 26.91 -9.09
C ILE N 31 39.39 26.70 -8.34
N ALA N 32 38.58 27.76 -8.24
CA ALA N 32 37.25 27.62 -7.64
C ALA N 32 36.40 26.65 -8.45
N ALA N 33 36.49 26.74 -9.77
CA ALA N 33 35.71 25.86 -10.64
C ALA N 33 36.05 24.39 -10.41
N GLY N 34 37.34 24.10 -10.25
CA GLY N 34 37.82 22.73 -10.19
C GLY N 34 37.20 21.87 -9.12
N VAL N 35 36.97 22.46 -7.93
CA VAL N 35 36.50 21.66 -6.80
C VAL N 35 35.06 21.18 -7.02
N LEU N 36 34.21 22.04 -7.58
CA LEU N 36 32.81 21.65 -7.77
C LEU N 36 32.69 20.51 -8.78
N ILE N 37 33.39 20.60 -9.91
CA ILE N 37 33.31 19.57 -10.93
C ILE N 37 33.90 18.25 -10.41
N ASN N 38 35.07 18.33 -9.77
CA ASN N 38 35.72 17.10 -9.28
C ASN N 38 34.91 16.48 -8.14
N THR N 39 34.40 17.30 -7.22
CA THR N 39 33.56 16.78 -6.15
C THR N 39 32.29 16.17 -6.72
N ALA N 40 31.67 16.85 -7.69
CA ALA N 40 30.51 16.27 -8.36
C ALA N 40 30.88 14.97 -9.07
N GLY N 41 32.08 14.91 -9.64
CA GLY N 41 32.54 13.67 -10.24
C GLY N 41 32.66 12.54 -9.23
N TYR N 42 33.18 12.86 -8.04
CA TYR N 42 33.21 11.86 -6.97
C TYR N 42 31.80 11.52 -6.51
N LEU N 43 30.96 12.54 -6.34
CA LEU N 43 29.62 12.31 -5.79
C LEU N 43 28.76 11.46 -6.71
N GLN N 44 28.84 11.67 -8.02
CA GLN N 44 28.08 10.81 -8.93
C GLN N 44 28.60 9.38 -8.87
N SER N 45 29.92 9.21 -8.84
CA SER N 45 30.48 7.86 -8.81
C SER N 45 30.06 7.12 -7.55
N LYS N 46 30.10 7.81 -6.41
CA LYS N 46 29.54 7.23 -5.19
C LYS N 46 28.03 7.13 -5.29
N GLY N 47 27.39 8.18 -5.82
CA GLY N 47 25.93 8.18 -5.90
C GLY N 47 25.40 7.16 -6.89
N SER N 48 26.00 7.08 -8.07
CA SER N 48 25.54 6.13 -9.08
C SER N 48 25.76 4.70 -8.62
N ALA N 49 26.93 4.43 -8.03
CA ALA N 49 27.23 3.08 -7.55
C ALA N 49 26.27 2.68 -6.43
N THR N 50 25.87 3.64 -5.59
CA THR N 50 24.94 3.35 -4.52
C THR N 50 23.62 2.81 -5.07
N GLY N 51 23.28 3.17 -6.32
CA GLY N 51 22.01 2.76 -6.88
C GLY N 51 21.86 1.27 -7.02
N GLU N 52 22.85 0.61 -7.64
CA GLU N 52 22.71 -0.81 -7.92
C GLU N 52 22.80 -1.67 -6.65
N GLU N 53 23.80 -1.41 -5.81
CA GLU N 53 23.94 -2.26 -4.62
C GLU N 53 22.74 -2.11 -3.69
N ALA N 54 22.22 -0.89 -3.55
CA ALA N 54 20.99 -0.71 -2.78
C ALA N 54 19.82 -1.45 -3.44
N SER N 55 19.71 -1.37 -4.77
CA SER N 55 18.69 -2.13 -5.47
C SER N 55 18.96 -3.63 -5.37
N ALA N 56 20.22 -4.03 -5.50
CA ALA N 56 20.57 -5.44 -5.34
C ALA N 56 20.33 -5.92 -3.92
N GLN N 57 20.46 -5.02 -2.94
CA GLN N 57 20.16 -5.38 -1.55
C GLN N 57 18.69 -5.75 -1.40
N VAL N 58 17.81 -5.17 -2.20
CA VAL N 58 16.38 -5.40 -2.08
C VAL N 58 15.85 -6.44 -3.06
N SER N 59 16.36 -6.46 -4.30
CA SER N 59 15.79 -7.29 -5.35
C SER N 59 16.48 -8.63 -5.50
N ASN N 60 17.82 -8.64 -5.53
CA ASN N 60 18.56 -9.87 -5.71
C ASN N 60 18.46 -10.67 -4.43
N ARG N 61 17.62 -11.71 -4.43
CA ARG N 61 17.31 -12.45 -3.21
C ARG N 61 17.05 -13.91 -3.55
N ILE N 62 17.40 -14.79 -2.61
CA ILE N 62 17.21 -16.22 -2.75
C ILE N 62 15.82 -16.59 -2.29
N ASN N 63 15.16 -17.48 -3.03
CA ASN N 63 13.87 -18.05 -2.64
C ASN N 63 14.04 -19.55 -2.48
N ILE N 64 13.64 -20.07 -1.33
CA ILE N 64 13.74 -21.50 -1.05
C ILE N 64 12.48 -22.18 -1.57
N VAL N 65 12.65 -23.14 -2.49
CA VAL N 65 11.50 -23.82 -3.08
C VAL N 65 10.99 -24.89 -2.12
N SER N 66 11.88 -25.79 -1.70
CA SER N 66 11.50 -26.87 -0.81
C SER N 66 12.74 -27.38 -0.10
N ALA N 67 12.52 -28.08 1.02
CA ALA N 67 13.59 -28.65 1.81
C ALA N 67 13.25 -30.10 2.14
N TYR N 68 14.11 -31.02 1.70
CA TYR N 68 13.94 -32.44 1.99
C TYR N 68 15.24 -33.00 2.53
N GLY N 69 15.13 -34.05 3.33
CA GLY N 69 16.30 -34.62 3.97
C GLY N 69 16.34 -36.13 3.99
N ASN N 70 17.54 -36.69 3.90
CA ASN N 70 17.72 -38.13 3.99
C ASN N 70 17.51 -38.59 5.42
N VAL N 71 17.08 -39.84 5.57
CA VAL N 71 16.86 -40.41 6.90
C VAL N 71 17.65 -41.70 7.05
N UNK N 72 18.56 -41.72 8.02
CA UNK N 72 19.34 -42.91 8.34
C UNK N 72 19.02 -43.37 9.75
N UNK N 73 18.92 -44.68 9.94
CA UNK N 73 18.57 -45.27 11.23
C UNK N 73 17.25 -44.71 11.75
N UNK N 74 17.31 -43.56 12.42
CA UNK N 74 16.12 -42.92 12.95
C UNK N 74 16.36 -41.43 13.22
N UNK N 75 17.18 -40.80 12.39
CA UNK N 75 17.49 -39.38 12.56
C UNK N 75 17.96 -38.77 11.24
N VAL N 76 17.53 -37.55 10.98
CA VAL N 76 17.92 -36.84 9.76
C VAL N 76 19.38 -36.44 9.81
N ASP N 77 20.15 -36.86 8.80
CA ASP N 77 21.56 -36.54 8.73
C ASP N 77 21.88 -35.51 7.65
N TYR N 78 21.12 -35.52 6.55
CA TYR N 78 21.29 -34.57 5.46
C TYR N 78 20.09 -33.63 5.40
N VAL N 79 20.37 -32.35 5.18
CA VAL N 79 19.34 -31.34 5.03
C VAL N 79 19.60 -30.64 3.70
N ASN N 80 18.84 -30.99 2.67
CA ASN N 80 19.03 -30.47 1.32
C ASN N 80 17.94 -29.45 1.03
N LEU N 81 18.36 -28.26 0.56
CA LEU N 81 17.44 -27.17 0.23
C LEU N 81 17.59 -26.84 -1.25
N THR N 82 16.50 -26.98 -2.00
CA THR N 82 16.47 -26.53 -3.38
C THR N 82 16.15 -25.05 -3.41
N VAL N 83 16.97 -24.27 -4.11
CA VAL N 83 16.85 -22.82 -4.10
C VAL N 83 16.70 -22.31 -5.53
N ARG N 84 16.06 -21.14 -5.64
CA ARG N 84 15.87 -20.46 -6.92
C ARG N 84 15.93 -18.96 -6.68
N GLN N 85 16.25 -18.23 -7.74
CA GLN N 85 16.33 -16.77 -7.64
C GLN N 85 14.94 -16.17 -7.68
N ALA N 86 14.78 -15.05 -6.96
CA ALA N 86 13.49 -14.40 -6.82
C ALA N 86 13.21 -13.56 -8.06
N ALA N 87 12.15 -12.74 -8.00
CA ALA N 87 11.73 -11.96 -9.16
C ALA N 87 12.73 -10.86 -9.46
N GLY N 88 13.27 -10.88 -10.68
CA GLY N 88 14.21 -9.88 -11.11
C GLY N 88 15.62 -10.05 -10.58
N ALA N 89 15.91 -11.15 -9.89
CA ALA N 89 17.22 -11.34 -9.29
C ALA N 89 18.30 -11.46 -10.36
N ASP N 90 19.47 -10.91 -10.04
CA ASP N 90 20.63 -10.97 -10.93
C ASP N 90 21.43 -12.24 -10.69
N ASN N 91 22.67 -12.28 -11.17
CA ASN N 91 23.50 -13.49 -11.14
C ASN N 91 23.89 -13.80 -9.69
N ILE N 92 22.95 -14.46 -9.00
CA ILE N 92 23.18 -14.85 -7.62
C ILE N 92 24.25 -15.93 -7.57
N ASN N 93 25.24 -15.74 -6.71
CA ASN N 93 26.34 -16.67 -6.55
C ASN N 93 26.26 -17.31 -5.16
N LEU N 94 26.31 -18.63 -5.12
CA LEU N 94 26.15 -19.36 -3.86
C LEU N 94 27.47 -19.62 -3.16
N UNK N 95 28.57 -19.50 -3.89
CA UNK N 95 29.89 -19.73 -3.33
C UNK N 95 30.28 -18.59 -2.38
N LYS N 96 29.72 -17.41 -2.65
CA LYS N 96 29.98 -16.25 -1.82
C LYS N 96 28.74 -15.85 -1.03
N SER N 97 28.03 -16.85 -0.51
CA SER N 97 26.85 -16.66 0.31
C SER N 97 27.02 -17.42 1.62
N THR N 98 26.36 -16.91 2.66
CA THR N 98 26.47 -17.48 3.99
C THR N 98 25.09 -17.93 4.48
N ILE N 99 25.08 -19.04 5.21
CA ILE N 99 23.86 -19.59 5.79
C ILE N 99 24.02 -19.63 7.30
N GLN N 100 23.05 -19.08 8.02
CA GLN N 100 23.08 -19.07 9.47
C GLN N 100 22.24 -20.22 10.00
N TRP N 101 22.81 -20.99 10.92
CA TRP N 101 22.17 -22.20 11.47
C TRP N 101 22.01 -22.00 12.98
N ILE N 102 20.86 -21.45 13.37
CA ILE N 102 20.48 -21.42 14.77
C ILE N 102 19.68 -22.68 15.07
N GLY N 103 20.38 -23.77 15.38
CA GLY N 103 19.73 -25.03 15.61
C GLY N 103 19.45 -25.28 17.08
N PRO N 104 18.93 -26.47 17.39
CA PRO N 104 18.70 -26.81 18.80
C PRO N 104 19.98 -26.83 19.63
N ASP N 105 21.09 -27.21 19.03
CA ASP N 105 22.37 -27.26 19.73
C ASP N 105 23.26 -26.09 19.35
N UNK N 106 23.99 -26.23 18.25
CA UNK N 106 24.93 -25.21 17.82
C UNK N 106 24.21 -23.99 17.24
N ALA N 107 24.98 -22.92 17.01
CA ALA N 107 24.43 -21.69 16.44
C ALA N 107 25.52 -20.92 15.71
N THR N 108 25.99 -21.48 14.59
CA THR N 108 27.07 -20.90 13.83
C THR N 108 26.61 -20.51 12.43
N THR N 109 27.54 -20.00 11.64
CA THR N 109 27.30 -19.57 10.26
C THR N 109 28.11 -20.44 9.33
N LEU N 110 27.46 -21.00 8.31
CA LEU N 110 28.12 -21.92 7.40
C LEU N 110 28.59 -21.19 6.14
N THR N 111 29.71 -21.65 5.60
CA THR N 111 30.30 -21.10 4.39
C THR N 111 30.53 -22.22 3.39
N TYR N 112 30.62 -21.84 2.12
CA TYR N 112 30.70 -22.82 1.04
C TYR N 112 32.02 -23.57 1.05
N UNK N 113 31.94 -24.88 0.82
CA UNK N 113 33.12 -25.72 0.61
C UNK N 113 32.86 -26.64 -0.57
N UNK N 114 33.88 -27.34 -1.03
CA UNK N 114 33.75 -28.24 -2.17
C UNK N 114 33.88 -29.70 -1.75
N UNK N 115 32.74 -30.37 -1.58
CA UNK N 115 32.69 -31.77 -1.18
C UNK N 115 33.47 -32.03 0.10
N UNK N 119 30.80 -31.15 1.71
CA UNK N 119 30.11 -30.53 2.83
C UNK N 119 30.81 -30.85 4.14
N UNK N 120 30.08 -31.51 5.04
CA UNK N 120 30.59 -31.91 6.35
C UNK N 120 31.06 -30.72 7.17
N UNK N 121 31.67 -31.01 8.33
CA UNK N 121 32.18 -29.99 9.24
C UNK N 121 31.12 -28.94 9.57
N GLU N 122 31.34 -27.72 9.09
CA GLU N 122 30.39 -26.62 9.29
C GLU N 122 30.23 -25.85 7.99
N ASN N 123 30.14 -26.58 6.88
CA ASN N 123 30.12 -26.00 5.55
C ASN N 123 28.99 -26.61 4.73
N PHE N 124 28.62 -25.92 3.66
CA PHE N 124 27.57 -26.38 2.77
C PHE N 124 28.11 -26.46 1.34
N THR N 125 27.66 -27.49 0.63
CA THR N 125 28.06 -27.74 -0.76
C THR N 125 26.84 -27.66 -1.66
N THR N 126 27.02 -27.11 -2.85
CA THR N 126 25.90 -26.96 -3.77
C THR N 126 26.05 -27.84 -5.03
N UNK N 127 25.06 -28.70 -5.25
CA UNK N 127 25.01 -29.53 -6.45
C UNK N 127 23.92 -29.02 -7.39
N SER N 128 24.07 -29.28 -8.68
CA SER N 128 23.14 -28.78 -9.67
C SER N 128 21.95 -29.71 -9.87
N ILE N 129 20.76 -29.11 -10.00
CA ILE N 129 19.52 -29.84 -10.26
C ILE N 129 19.01 -29.57 -11.67
N LYS N 130 18.91 -28.29 -12.05
CA LYS N 130 18.46 -27.90 -13.37
C LYS N 130 19.30 -26.72 -13.83
N GLY N 131 20.17 -26.95 -14.80
CA GLY N 131 21.02 -25.89 -15.32
C GLY N 131 22.40 -26.36 -15.75
N UNK N 132 23.35 -25.43 -15.83
CA UNK N 132 24.70 -25.74 -16.27
C UNK N 132 25.71 -25.56 -15.14
N UNK N 133 25.64 -24.41 -14.47
CA UNK N 133 26.56 -24.13 -13.37
C UNK N 133 26.05 -24.72 -12.06
N UNK N 134 26.98 -25.11 -11.19
CA UNK N 134 26.62 -25.73 -9.92
C UNK N 134 27.00 -24.83 -8.75
N UNK N 135 26.93 -23.52 -8.95
CA UNK N 135 27.28 -22.56 -7.91
C UNK N 135 26.63 -21.21 -8.18
N VAL N 136 26.21 -20.98 -9.42
CA VAL N 136 25.61 -19.72 -9.81
C VAL N 136 24.21 -19.95 -10.38
N LEU N 137 23.28 -19.06 -10.05
CA LEU N 137 21.91 -19.15 -10.55
C LEU N 137 21.75 -18.19 -11.71
N VAL N 138 22.19 -18.63 -12.89
CA VAL N 138 22.20 -17.77 -14.06
C VAL N 138 20.78 -17.51 -14.57
N ASP N 139 19.96 -18.55 -14.65
CA ASP N 139 18.64 -18.46 -15.26
C ASP N 139 17.55 -18.43 -14.20
N GLN N 140 16.34 -18.02 -14.63
CA GLN N 140 15.18 -18.08 -13.75
C GLN N 140 14.78 -19.53 -13.48
N SER N 141 15.01 -20.43 -14.42
CA SER N 141 14.73 -21.84 -14.24
C SER N 141 15.88 -22.59 -13.57
N ASP N 142 16.96 -21.89 -13.22
CA ASP N 142 18.10 -22.53 -12.58
C ASP N 142 17.71 -23.01 -11.19
N ARG N 143 17.97 -24.28 -10.90
CA ARG N 143 17.67 -24.88 -9.62
C ARG N 143 18.93 -25.55 -9.07
N ILE N 144 19.34 -25.16 -7.86
CA ILE N 144 20.53 -25.67 -7.22
C ILE N 144 20.17 -26.22 -5.86
N LYS N 145 20.71 -27.38 -5.52
CA LYS N 145 20.42 -28.06 -4.26
C LYS N 145 21.54 -27.76 -3.26
N VAL N 146 21.18 -27.12 -2.14
CA VAL N 146 22.13 -26.78 -1.09
C VAL N 146 22.24 -27.99 -0.18
N ILE N 147 23.47 -28.43 0.09
CA ILE N 147 23.70 -29.62 0.90
C ILE N 147 24.25 -29.20 2.26
N MET N 148 23.63 -29.70 3.33
CA MET N 148 24.13 -29.50 4.68
C MET N 148 24.16 -30.84 5.41
N TYR N 149 25.30 -31.13 6.05
CA TYR N 149 25.48 -32.39 6.79
C TYR N 149 25.11 -32.12 8.24
N ALA N 150 23.88 -32.45 8.60
CA ALA N 150 23.35 -32.17 9.93
C ALA N 150 24.07 -32.97 11.01
N UNK N 151 24.66 -34.10 10.63
CA UNK N 151 25.35 -34.96 11.57
C UNK N 151 26.69 -34.34 11.99
N UNK N 152 27.19 -33.41 11.18
CA UNK N 152 28.45 -32.75 11.45
C UNK N 152 28.22 -31.43 12.19
N VAL N 153 27.24 -30.67 11.73
CA VAL N 153 26.91 -29.38 12.33
C VAL N 153 26.35 -29.59 13.74
N UNK N 154 25.43 -30.55 13.87
CA UNK N 154 24.82 -30.86 15.16
C UNK N 154 24.84 -32.36 15.40
N UNK N 155 24.17 -32.79 16.47
CA UNK N 155 24.03 -34.22 16.75
C UNK N 155 22.83 -34.78 16.01
N UNK N 156 22.96 -34.88 14.69
CA UNK N 156 21.86 -35.30 13.82
C UNK N 156 20.64 -34.40 14.00
N LEU N 157 19.46 -34.94 13.72
CA LEU N 157 18.22 -34.20 13.89
C LEU N 157 17.14 -35.07 14.52
N UNK N 158 16.63 -34.64 15.67
CA UNK N 158 15.63 -35.40 16.40
C UNK N 158 14.23 -35.13 15.84
N UNK N 159 13.26 -35.92 16.28
CA UNK N 159 11.89 -35.81 15.81
C UNK N 159 11.20 -34.57 16.36
N GLY N 160 11.17 -33.50 15.55
CA GLY N 160 10.50 -32.28 15.94
C GLY N 160 11.45 -31.14 16.29
N UNK N 161 12.66 -31.21 15.76
CA UNK N 161 13.65 -30.16 15.99
C UNK N 161 13.31 -28.93 15.18
N GLU N 162 13.79 -27.77 15.62
CA GLU N 162 13.52 -26.51 14.94
C GLU N 162 14.82 -25.84 14.49
N VAL N 163 15.20 -26.07 13.25
CA VAL N 163 16.39 -25.46 12.67
C VAL N 163 15.99 -24.17 11.97
N GLN N 164 16.63 -23.07 12.35
CA GLN N 164 16.34 -21.76 11.77
C GLN N 164 17.45 -21.42 10.79
N LEU N 165 17.13 -21.40 9.50
CA LEU N 165 18.08 -21.15 8.44
C LEU N 165 17.77 -19.82 7.79
N THR N 166 18.76 -18.93 7.75
CA THR N 166 18.64 -17.63 7.11
C THR N 166 19.69 -17.55 6.02
N VAL N 167 19.33 -18.01 4.83
CA VAL N 167 20.26 -17.98 3.69
C VAL N 167 20.45 -16.53 3.26
N THR N 168 21.65 -16.00 3.50
CA THR N 168 21.97 -14.61 3.20
C THR N 168 22.80 -14.54 1.93
N THR N 169 22.33 -13.74 0.98
CA THR N 169 23.01 -13.58 -0.30
C THR N 169 24.21 -12.65 -0.14
N GLN N 170 24.97 -12.51 -1.23
CA GLN N 170 26.18 -11.68 -1.20
C GLN N 170 25.88 -10.25 -0.79
N TYR N 171 24.91 -9.62 -1.45
CA TYR N 171 24.66 -8.20 -1.24
C TYR N 171 23.98 -7.92 0.09
N GLY N 172 23.22 -8.87 0.62
CA GLY N 172 22.65 -8.67 1.94
C GLY N 172 21.23 -9.19 2.12
N SER N 173 20.53 -9.46 1.03
CA SER N 173 19.16 -9.95 1.13
C SER N 173 19.13 -11.27 1.88
N LYS N 174 18.19 -11.38 2.82
CA LYS N 174 18.07 -12.55 3.68
C LYS N 174 16.74 -13.24 3.42
N THR N 175 16.75 -14.57 3.45
CA THR N 175 15.55 -15.37 3.28
C THR N 175 15.54 -16.45 4.38
N THR N 176 14.83 -16.17 5.47
CA THR N 176 14.75 -17.11 6.57
C THR N 176 13.84 -18.29 6.21
N TYR N 177 14.22 -19.48 6.67
CA TYR N 177 13.43 -20.68 6.51
C TYR N 177 13.50 -21.48 7.80
N TRP N 178 12.33 -21.80 8.36
CA TRP N 178 12.23 -22.54 9.61
C TRP N 178 12.07 -24.02 9.29
N ALA N 179 13.18 -24.75 9.32
CA ALA N 179 13.14 -26.18 9.07
C ALA N 179 12.44 -26.90 10.22
N GLN N 180 11.31 -27.53 9.91
CA GLN N 180 10.49 -28.21 10.91
C GLN N 180 10.56 -29.71 10.64
N VAL N 181 11.33 -30.42 11.47
CA VAL N 181 11.42 -31.88 11.38
C VAL N 181 10.06 -32.45 11.76
N PRO N 182 9.56 -33.47 11.05
CA PRO N 182 8.28 -34.07 11.43
C PRO N 182 8.34 -34.64 12.85
N GLU N 183 7.19 -34.61 13.53
CA GLU N 183 7.13 -35.04 14.92
C GLU N 183 7.45 -36.53 15.06
N SER N 184 7.29 -37.29 13.98
CA SER N 184 7.63 -38.71 13.98
C SER N 184 8.27 -39.07 12.65
N LEU N 185 9.34 -39.86 12.69
CA LEU N 185 10.03 -40.33 11.50
C LEU N 185 10.04 -41.85 11.39
N LYS N 186 9.07 -42.52 12.02
CA LYS N 186 9.03 -43.98 11.99
C LYS N 186 8.74 -44.47 10.58
N ASP N 187 9.64 -45.30 10.06
CA ASP N 187 9.50 -45.91 8.73
C ASP N 187 9.36 -44.85 7.64
N LYS N 188 10.38 -44.01 7.52
CA LYS N 188 10.44 -43.03 6.43
C LYS N 188 11.87 -43.04 5.89
N ASN N 189 12.02 -43.38 4.60
CA ASN N 189 13.33 -43.34 3.98
C ASN N 189 13.85 -41.92 3.87
N ALA N 190 12.98 -40.97 3.55
CA ALA N 190 13.33 -39.56 3.49
C ALA N 190 12.08 -38.72 3.72
N VAL N 191 12.25 -37.60 4.41
CA VAL N 191 11.12 -36.76 4.77
C VAL N 191 11.22 -35.37 4.13
N UNK N 192 10.17 -34.59 4.29
CA UNK N 192 10.14 -33.22 3.81
C UNK N 192 10.01 -32.26 4.98
N LEU N 193 11.12 -31.73 5.45
CA LEU N 193 11.14 -30.83 6.60
C LEU N 193 10.44 -29.51 6.29
N GLN O 13 60.23 65.69 -16.09
CA GLN O 13 60.62 65.27 -14.74
C GLN O 13 59.56 64.36 -14.14
N VAL O 14 58.31 64.57 -14.55
CA VAL O 14 57.17 63.84 -14.01
C VAL O 14 57.29 62.36 -14.36
N GLY O 15 57.84 62.07 -15.54
CA GLY O 15 57.99 60.70 -16.00
C GLY O 15 58.84 59.85 -15.09
N ILE O 16 59.87 60.45 -14.49
CA ILE O 16 60.73 59.73 -13.56
C ILE O 16 59.93 59.22 -12.37
N GLY O 17 59.08 60.09 -11.80
CA GLY O 17 58.28 59.69 -10.66
C GLY O 17 57.29 58.59 -11.00
N THR O 18 56.81 58.58 -12.24
CA THR O 18 55.83 57.58 -12.67
C THR O 18 56.37 56.18 -12.53
N LEU O 19 57.67 55.99 -12.80
CA LEU O 19 58.25 54.66 -12.83
C LEU O 19 58.21 54.01 -11.45
N ILE O 20 58.50 54.76 -10.40
CA ILE O 20 58.51 54.20 -9.05
C ILE O 20 57.11 53.77 -8.64
N VAL O 21 56.11 54.64 -8.88
CA VAL O 21 54.74 54.29 -8.57
C VAL O 21 54.28 53.14 -9.46
N PHE O 22 54.75 53.12 -10.72
CA PHE O 22 54.48 51.99 -11.59
C PHE O 22 54.94 50.69 -10.93
N ILE O 23 56.18 50.66 -10.44
CA ILE O 23 56.70 49.47 -9.79
C ILE O 23 55.89 49.14 -8.54
N ALA O 24 55.55 50.16 -7.75
CA ALA O 24 54.84 49.92 -6.49
C ALA O 24 53.52 49.20 -6.73
N MET O 25 52.76 49.64 -7.74
CA MET O 25 51.51 48.97 -8.07
C MET O 25 51.75 47.56 -8.56
N VAL O 26 52.93 47.30 -9.14
CA VAL O 26 53.23 45.98 -9.68
C VAL O 26 53.28 44.94 -8.57
N LEU O 27 54.06 45.21 -7.52
CA LEU O 27 54.07 44.29 -6.38
C LEU O 27 52.74 44.31 -5.65
N VAL O 28 52.14 45.50 -5.48
CA VAL O 28 50.87 45.61 -4.75
C VAL O 28 49.82 44.73 -5.42
N ALA O 29 49.80 44.72 -6.75
CA ALA O 29 48.93 43.79 -7.45
C ALA O 29 49.31 42.34 -7.14
N ALA O 30 50.60 42.04 -7.14
CA ALA O 30 51.05 40.68 -6.83
C ALA O 30 50.69 40.29 -5.40
N ILE O 31 50.89 41.21 -4.45
CA ILE O 31 50.46 40.96 -3.08
C ILE O 31 48.95 40.74 -3.03
N ALA O 32 48.19 41.60 -3.72
CA ALA O 32 46.75 41.41 -3.79
C ALA O 32 46.39 40.14 -4.55
N ALA O 33 47.12 39.85 -5.63
CA ALA O 33 46.83 38.66 -6.42
C ALA O 33 47.08 37.39 -5.63
N GLY O 34 48.23 37.31 -4.96
CA GLY O 34 48.64 36.10 -4.28
C GLY O 34 47.70 35.60 -3.22
N VAL O 35 47.20 36.51 -2.38
CA VAL O 35 46.43 36.11 -1.21
C VAL O 35 45.19 35.32 -1.62
N LEU O 36 44.54 35.73 -2.71
CA LEU O 36 43.38 34.99 -3.20
C LEU O 36 43.76 33.57 -3.59
N ILE O 37 44.86 33.42 -4.32
CA ILE O 37 45.27 32.09 -4.80
C ILE O 37 45.63 31.19 -3.63
N ASN O 38 46.41 31.70 -2.68
CA ASN O 38 46.74 30.89 -1.51
C ASN O 38 45.50 30.64 -0.65
N THR O 39 44.61 31.63 -0.56
CA THR O 39 43.34 31.39 0.12
C THR O 39 42.52 30.34 -0.61
N ALA O 40 42.31 30.53 -1.92
CA ALA O 40 41.60 29.54 -2.71
C ALA O 40 42.27 28.17 -2.61
N GLY O 41 43.60 28.18 -2.48
CA GLY O 41 44.31 26.94 -2.21
C GLY O 41 43.90 26.30 -0.90
N TYR O 42 43.59 27.13 0.10
CA TYR O 42 43.16 26.60 1.39
C TYR O 42 41.79 25.95 1.28
N LEU O 43 40.83 26.65 0.68
CA LEU O 43 39.47 26.10 0.59
C LEU O 43 39.42 24.90 -0.36
N GLN O 44 40.20 24.92 -1.44
CA GLN O 44 40.11 23.85 -2.42
C GLN O 44 40.49 22.50 -1.80
N SER O 45 41.53 22.49 -0.97
CA SER O 45 41.85 21.28 -0.21
C SER O 45 40.85 21.09 0.93
N LYS O 46 40.39 22.19 1.53
CA LYS O 46 39.45 22.10 2.64
C LYS O 46 38.08 21.65 2.17
N GLY O 47 37.60 22.21 1.06
CA GLY O 47 36.28 21.84 0.56
C GLY O 47 36.24 20.42 0.02
N SER O 48 37.31 20.01 -0.67
CA SER O 48 37.35 18.66 -1.25
C SER O 48 37.29 17.61 -0.16
N ALA O 49 38.07 17.80 0.90
CA ALA O 49 38.06 16.85 2.01
C ALA O 49 36.69 16.81 2.69
N THR O 50 36.05 17.98 2.79
CA THR O 50 34.73 18.05 3.41
C THR O 50 33.71 17.21 2.66
N GLY O 51 33.76 17.26 1.33
CA GLY O 51 32.83 16.48 0.54
C GLY O 51 33.05 14.98 0.69
N GLU O 52 34.30 14.57 0.79
CA GLU O 52 34.62 13.15 0.92
C GLU O 52 34.11 12.58 2.24
N GLU O 53 34.44 13.24 3.35
CA GLU O 53 34.08 12.70 4.66
C GLU O 53 32.58 12.78 4.90
N ALA O 54 31.93 13.85 4.44
CA ALA O 54 30.48 13.95 4.56
C ALA O 54 29.80 12.85 3.75
N SER O 55 30.33 12.56 2.56
CA SER O 55 29.85 11.41 1.81
C SER O 55 30.11 10.12 2.57
N ALA O 56 31.30 9.99 3.16
CA ALA O 56 31.60 8.83 4.00
C ALA O 56 30.74 8.82 5.25
N GLN O 57 30.31 9.99 5.72
CA GLN O 57 29.44 10.04 6.90
C GLN O 57 28.10 9.38 6.63
N VAL O 58 27.56 9.54 5.42
CA VAL O 58 26.26 8.98 5.09
C VAL O 58 26.37 7.63 4.38
N SER O 59 27.42 7.39 3.59
CA SER O 59 27.55 6.18 2.80
C SER O 59 28.26 5.06 3.56
N ASN O 60 29.37 5.37 4.23
CA ASN O 60 30.15 4.33 4.91
C ASN O 60 29.44 3.88 6.18
N ARG O 61 28.33 3.17 6.01
CA ARG O 61 27.47 2.74 7.10
C ARG O 61 27.59 1.23 7.30
N ILE O 62 27.29 0.79 8.52
CA ILE O 62 27.36 -0.62 8.89
C ILE O 62 25.93 -1.13 9.06
N ASN O 63 25.69 -2.34 8.56
CA ASN O 63 24.39 -2.99 8.69
C ASN O 63 24.56 -4.35 9.35
N ILE O 64 23.73 -4.62 10.36
CA ILE O 64 23.77 -5.87 11.12
C ILE O 64 22.88 -6.87 10.39
N VAL O 65 23.49 -7.98 9.96
CA VAL O 65 22.71 -9.06 9.35
C VAL O 65 21.80 -9.72 10.38
N SER O 66 22.36 -10.05 11.53
CA SER O 66 21.62 -10.72 12.60
C SER O 66 22.43 -10.62 13.88
N ALA O 67 21.81 -11.04 14.98
CA ALA O 67 22.43 -10.96 16.31
C ALA O 67 21.96 -12.15 17.14
N TYR O 68 22.77 -13.20 17.17
CA TYR O 68 22.49 -14.35 18.01
C TYR O 68 23.24 -14.22 19.33
N GLY O 69 23.18 -15.27 20.15
CA GLY O 69 23.86 -15.27 21.43
C GLY O 69 23.84 -16.59 22.15
N ASN O 70 24.99 -16.99 22.69
CA ASN O 70 25.08 -18.22 23.47
C ASN O 70 24.31 -18.06 24.78
N VAL O 71 23.74 -19.17 25.26
CA VAL O 71 22.98 -19.15 26.50
C VAL O 71 23.53 -20.15 27.50
N UNK O 72 23.89 -19.66 28.68
CA UNK O 72 24.36 -20.53 29.76
C UNK O 72 23.40 -20.45 30.93
N UNK O 73 23.18 -21.59 31.59
CA UNK O 73 22.23 -21.70 32.70
C UNK O 73 20.84 -21.23 32.29
N UNK O 74 20.58 -19.93 32.45
CA UNK O 74 19.30 -19.35 32.08
C UNK O 74 19.43 -17.86 31.83
N UNK O 75 20.57 -17.45 31.28
CA UNK O 75 20.82 -16.04 31.01
C UNK O 75 21.80 -15.87 29.85
N VAL O 76 21.48 -14.94 28.95
CA VAL O 76 22.34 -14.65 27.81
C VAL O 76 23.62 -13.98 28.27
N ASP O 77 24.76 -14.55 27.88
CA ASP O 77 26.05 -13.99 28.25
C ASP O 77 26.78 -13.33 27.08
N TYR O 78 26.45 -13.70 25.84
CA TYR O 78 27.09 -13.15 24.66
C TYR O 78 26.06 -12.54 23.73
N VAL O 79 26.42 -11.41 23.13
CA VAL O 79 25.62 -10.79 22.08
C VAL O 79 26.49 -10.54 20.86
N ASN O 80 26.46 -11.47 19.91
CA ASN O 80 27.29 -11.39 18.72
C ASN O 80 26.46 -10.86 17.55
N LEU O 81 26.91 -9.76 16.97
CA LEU O 81 26.25 -9.16 15.82
C LEU O 81 27.10 -9.43 14.58
N THR O 82 26.47 -9.96 13.54
CA THR O 82 27.15 -10.17 12.27
C THR O 82 26.96 -8.93 11.40
N VAL O 83 27.98 -8.08 11.34
CA VAL O 83 27.87 -6.80 10.65
C VAL O 83 28.24 -6.99 9.20
N ARG O 84 27.78 -6.05 8.36
CA ARG O 84 27.97 -6.14 6.92
C ARG O 84 28.03 -4.72 6.35
N GLN O 85 28.77 -4.58 5.26
CA GLN O 85 28.86 -3.29 4.58
C GLN O 85 27.49 -2.87 4.06
N ALA O 86 27.23 -1.56 4.08
CA ALA O 86 26.02 -1.02 3.51
C ALA O 86 26.20 -0.75 2.02
N ALA O 87 25.16 -0.20 1.39
CA ALA O 87 25.22 0.10 -0.04
C ALA O 87 26.26 1.18 -0.34
N GLY O 88 27.25 0.84 -1.15
CA GLY O 88 28.29 1.78 -1.50
C GLY O 88 29.34 2.01 -0.43
N ALA O 89 29.34 1.19 0.62
CA ALA O 89 30.30 1.37 1.71
C ALA O 89 31.72 1.10 1.25
N ASP O 90 32.65 1.96 1.68
CA ASP O 90 34.06 1.79 1.40
C ASP O 90 34.65 0.82 2.42
N ASN O 91 35.98 0.76 2.53
CA ASN O 91 36.64 -0.13 3.48
C ASN O 91 36.36 0.34 4.89
N ILE O 92 35.40 -0.31 5.55
CA ILE O 92 35.02 0.05 6.92
C ILE O 92 36.00 -0.62 7.89
N ASN O 93 36.61 0.17 8.75
CA ASN O 93 37.49 -0.34 9.79
C ASN O 93 36.71 -0.48 11.10
N LEU O 94 36.78 -1.66 11.69
CA LEU O 94 36.04 -1.94 12.93
C LEU O 94 36.86 -1.64 14.17
N UNK O 95 38.16 -1.46 13.99
CA UNK O 95 39.05 -1.15 15.11
C UNK O 95 38.89 0.31 15.52
N LYS O 96 38.36 1.12 14.61
CA LYS O 96 38.14 2.53 14.88
C LYS O 96 36.66 2.83 15.03
N SER O 97 35.93 1.87 15.57
CA SER O 97 34.48 1.99 15.76
C SER O 97 34.12 1.74 17.22
N THR O 98 33.04 2.37 17.65
CA THR O 98 32.56 2.25 19.01
C THR O 98 31.11 1.82 19.00
N ILE O 99 30.72 1.11 20.07
CA ILE O 99 29.34 0.65 20.24
C ILE O 99 28.83 1.21 21.55
N GLN O 100 27.69 1.89 21.50
CA GLN O 100 27.07 2.46 22.69
C GLN O 100 26.04 1.47 23.25
N TRP O 101 26.19 1.11 24.51
CA TRP O 101 25.31 0.15 25.17
C TRP O 101 24.35 0.91 26.06
N ILE O 102 23.06 0.66 25.90
CA ILE O 102 22.03 1.23 26.75
C ILE O 102 21.22 0.05 27.28
N GLY O 103 21.44 -0.31 28.54
CA GLY O 103 20.81 -1.48 29.11
C GLY O 103 19.98 -1.19 30.33
N PRO O 104 19.33 -2.22 30.87
CA PRO O 104 18.57 -2.04 32.12
C PRO O 104 19.43 -1.60 33.29
N ASP O 105 20.67 -2.05 33.35
CA ASP O 105 21.56 -1.70 34.45
C ASP O 105 22.59 -0.66 34.03
N UNK O 106 23.61 -1.10 33.30
CA UNK O 106 24.70 -0.21 32.89
C UNK O 106 24.34 0.58 31.63
N ALA O 107 25.21 1.51 31.27
CA ALA O 107 25.02 2.37 30.10
C ALA O 107 26.34 3.04 29.74
N THR O 108 27.20 2.31 29.03
CA THR O 108 28.53 2.79 28.71
C THR O 108 28.73 2.77 27.21
N THR O 109 29.93 3.15 26.79
CA THR O 109 30.36 3.11 25.39
C THR O 109 31.52 2.13 25.28
N LEU O 110 31.42 1.20 24.33
CA LEU O 110 32.39 0.12 24.20
C LEU O 110 33.32 0.39 23.02
N THR O 111 34.62 0.32 23.28
CA THR O 111 35.64 0.46 22.25
C THR O 111 36.24 -0.90 21.91
N TYR O 112 37.07 -0.92 20.87
CA TYR O 112 37.64 -2.18 20.38
C TYR O 112 38.82 -2.61 21.23
N UNK O 113 38.85 -3.90 21.57
CA UNK O 113 39.99 -4.50 22.23
C UNK O 113 40.36 -5.80 21.50
N UNK O 114 41.49 -6.39 21.86
CA UNK O 114 41.95 -7.61 21.22
C UNK O 114 41.87 -8.81 22.16
N UNK O 115 41.31 -9.91 21.67
CA UNK O 115 41.17 -11.15 22.43
C UNK O 115 40.44 -10.91 23.75
N UNK O 119 36.60 -10.54 25.60
CA UNK O 119 35.94 -9.30 25.22
C UNK O 119 36.39 -8.15 26.11
N UNK O 120 37.14 -8.47 27.15
CA UNK O 120 37.71 -7.49 28.07
C UNK O 120 36.65 -6.58 28.69
N UNK O 121 35.53 -7.17 29.10
CA UNK O 121 34.45 -6.46 29.76
C UNK O 121 33.93 -5.27 28.95
N GLU O 122 34.35 -4.07 29.34
CA GLU O 122 33.89 -2.84 28.70
C GLU O 122 34.55 -2.62 27.33
N ASN O 123 34.46 -3.62 26.46
CA ASN O 123 35.05 -3.56 25.13
C ASN O 123 34.29 -4.51 24.23
N PHE O 124 34.81 -4.71 23.03
CA PHE O 124 34.25 -5.67 22.07
C PHE O 124 35.37 -6.20 21.19
N THR O 125 35.16 -7.42 20.68
CA THR O 125 36.15 -8.11 19.88
C THR O 125 35.51 -8.61 18.59
N THR O 126 36.29 -8.61 17.52
CA THR O 126 35.78 -8.97 16.20
C THR O 126 36.41 -10.25 15.65
N UNK O 127 35.56 -11.19 15.22
CA UNK O 127 36.02 -12.42 14.58
C UNK O 127 35.45 -12.50 13.17
N SER O 128 36.31 -12.82 12.21
CA SER O 128 35.90 -12.82 10.80
C SER O 128 35.09 -14.06 10.43
N ILE O 129 33.80 -13.86 10.19
CA ILE O 129 32.95 -14.95 9.73
C ILE O 129 33.33 -15.35 8.30
N LYS O 130 33.46 -14.35 7.42
CA LYS O 130 33.84 -14.59 6.03
C LYS O 130 34.69 -13.44 5.55
N GLY O 131 35.76 -13.77 4.83
CA GLY O 131 36.68 -12.76 4.32
C GLY O 131 38.12 -13.04 4.68
N UNK O 132 38.98 -12.05 4.45
CA UNK O 132 40.41 -12.19 4.75
C UNK O 132 40.75 -11.55 6.09
N UNK O 133 40.57 -10.23 6.18
CA UNK O 133 40.86 -9.50 7.40
C UNK O 133 39.84 -9.84 8.48
N UNK O 134 40.22 -9.60 9.74
CA UNK O 134 39.34 -9.89 10.87
C UNK O 134 39.02 -8.64 11.66
N UNK O 135 39.12 -7.48 11.00
CA UNK O 135 38.86 -6.21 11.66
C UNK O 135 38.43 -5.15 10.64
N VAL O 136 38.51 -5.48 9.37
CA VAL O 136 38.15 -4.56 8.31
C VAL O 136 37.22 -5.23 7.30
N LEU O 137 36.15 -4.54 6.93
CA LEU O 137 35.24 -5.01 5.87
C LEU O 137 35.76 -4.46 4.56
N VAL O 138 36.32 -5.33 3.72
CA VAL O 138 36.93 -4.88 2.48
C VAL O 138 35.92 -4.86 1.35
N ASP O 139 35.37 -6.02 1.00
CA ASP O 139 34.41 -6.14 -0.09
C ASP O 139 32.99 -6.22 0.46
N GLN O 140 32.04 -6.30 -0.47
CA GLN O 140 30.63 -6.37 -0.09
C GLN O 140 30.28 -7.68 0.58
N SER O 141 31.00 -8.77 0.26
CA SER O 141 30.63 -10.10 0.70
C SER O 141 31.14 -10.46 2.09
N ASP O 142 32.11 -9.72 2.63
CA ASP O 142 32.67 -10.07 3.93
C ASP O 142 31.69 -9.81 5.05
N ARG O 143 31.63 -10.73 6.01
CA ARG O 143 30.82 -10.58 7.22
C ARG O 143 31.73 -10.76 8.41
N ILE O 144 31.66 -9.84 9.37
CA ILE O 144 32.47 -9.88 10.57
C ILE O 144 31.56 -9.85 11.79
N LYS O 145 31.84 -10.73 12.74
CA LYS O 145 31.03 -10.87 13.95
C LYS O 145 31.72 -10.15 15.10
N VAL O 146 30.99 -9.25 15.76
CA VAL O 146 31.52 -8.46 16.87
C VAL O 146 31.08 -9.15 18.14
N ILE O 147 32.06 -9.62 18.92
CA ILE O 147 31.76 -10.31 20.18
C ILE O 147 31.75 -9.31 21.32
N MET O 148 30.70 -9.33 22.13
CA MET O 148 30.59 -8.48 23.30
C MET O 148 30.15 -9.31 24.49
N TYR O 149 30.88 -9.17 25.59
CA TYR O 149 30.59 -9.92 26.82
C TYR O 149 29.40 -9.25 27.50
N ALA O 150 28.22 -9.85 27.34
CA ALA O 150 27.03 -9.32 27.99
C ALA O 150 27.07 -9.63 29.49
N UNK O 151 27.87 -10.62 29.86
CA UNK O 151 28.03 -10.99 31.25
C UNK O 151 29.27 -10.33 31.86
N UNK O 152 29.51 -9.10 31.44
CA UNK O 152 30.64 -8.32 31.96
C UNK O 152 30.34 -6.84 31.90
N VAL O 153 29.53 -6.44 30.92
CA VAL O 153 29.09 -5.06 30.82
C VAL O 153 27.87 -4.87 31.72
N UNK O 154 27.26 -5.98 32.10
CA UNK O 154 26.10 -5.96 33.00
C UNK O 154 25.96 -7.32 33.66
N UNK O 155 25.08 -7.41 34.66
CA UNK O 155 24.82 -8.68 35.33
C UNK O 155 24.13 -9.66 34.40
N UNK O 156 24.89 -10.21 33.45
CA UNK O 156 24.37 -11.10 32.42
C UNK O 156 23.22 -10.43 31.66
N LEU O 157 22.24 -11.23 31.26
CA LEU O 157 21.06 -10.73 30.57
C LEU O 157 19.82 -11.51 31.00
N UNK O 158 18.83 -10.79 31.53
CA UNK O 158 17.60 -11.43 32.00
C UNK O 158 16.65 -11.69 30.83
N UNK O 159 15.57 -12.39 31.12
CA UNK O 159 14.58 -12.72 30.09
C UNK O 159 13.79 -11.48 29.68
N GLY O 160 13.74 -11.22 28.38
CA GLY O 160 13.00 -10.08 27.86
C GLY O 160 13.70 -8.76 28.09
N UNK O 161 15.00 -8.81 28.40
CA UNK O 161 15.79 -7.62 28.65
C UNK O 161 16.00 -6.84 27.35
N GLU O 162 16.00 -5.52 27.46
CA GLU O 162 16.12 -4.66 26.29
C GLU O 162 17.46 -3.92 26.29
N VAL O 163 18.25 -4.15 25.25
CA VAL O 163 19.56 -3.54 25.09
C VAL O 163 19.55 -2.70 23.82
N GLN O 164 19.99 -1.45 23.94
CA GLN O 164 20.06 -0.54 22.80
C GLN O 164 21.51 -0.41 22.36
N LEU O 165 21.82 -0.91 21.17
CA LEU O 165 23.17 -0.84 20.61
C LEU O 165 23.18 0.18 19.48
N THR O 166 24.17 1.08 19.52
CA THR O 166 24.35 2.09 18.47
C THR O 166 25.79 1.95 17.96
N VAL O 167 25.98 1.08 16.97
CA VAL O 167 27.30 0.87 16.40
C VAL O 167 27.70 2.11 15.61
N THR O 168 28.68 2.84 16.11
CA THR O 168 29.13 4.09 15.51
C THR O 168 30.38 3.83 14.70
N THR O 169 30.31 4.10 13.40
CA THR O 169 31.47 3.97 12.53
C THR O 169 32.44 5.12 12.79
N GLN O 170 33.65 4.98 12.27
CA GLN O 170 34.69 5.99 12.47
C GLN O 170 34.23 7.36 11.95
N TYR O 171 33.66 7.39 10.75
CA TYR O 171 33.29 8.67 10.15
C TYR O 171 32.06 9.28 10.81
N GLY O 172 31.15 8.45 11.32
CA GLY O 172 30.02 9.00 12.05
C GLY O 172 28.69 8.32 11.78
N SER O 173 28.64 7.44 10.78
CA SER O 173 27.40 6.75 10.47
C SER O 173 26.98 5.85 11.62
N LYS O 174 25.88 6.19 12.27
CA LYS O 174 25.38 5.46 13.43
C LYS O 174 24.28 4.52 12.98
N THR O 175 24.47 3.23 13.23
CA THR O 175 23.44 2.23 13.00
C THR O 175 22.99 1.68 14.35
N THR O 176 21.74 1.94 14.70
CA THR O 176 21.18 1.54 15.98
C THR O 176 20.52 0.17 15.86
N TYR O 177 20.40 -0.52 16.99
CA TYR O 177 19.80 -1.85 17.05
C TYR O 177 19.10 -2.03 18.39
N TRP O 178 17.87 -2.53 18.35
CA TRP O 178 17.11 -2.87 19.56
C TRP O 178 17.28 -4.36 19.83
N ALA O 179 18.16 -4.70 20.75
CA ALA O 179 18.35 -6.10 21.13
C ALA O 179 17.20 -6.54 22.02
N GLN O 180 16.50 -7.60 21.60
CA GLN O 180 15.34 -8.11 22.31
C GLN O 180 15.59 -9.56 22.69
N VAL O 181 15.98 -9.78 23.94
CA VAL O 181 16.15 -11.14 24.48
C VAL O 181 14.78 -11.80 24.48
N PRO O 182 14.67 -13.08 24.11
CA PRO O 182 13.37 -13.75 24.16
C PRO O 182 12.76 -13.72 25.55
N GLU O 183 11.43 -13.58 25.61
CA GLU O 183 10.74 -13.46 26.89
C GLU O 183 10.94 -14.71 27.75
N SER O 184 11.21 -15.85 27.13
CA SER O 184 11.45 -17.10 27.84
C SER O 184 12.69 -17.77 27.27
N LEU O 185 13.58 -18.22 28.15
CA LEU O 185 14.78 -18.95 27.76
C LEU O 185 14.73 -20.40 28.23
N LYS O 186 13.55 -20.99 28.26
CA LYS O 186 13.39 -22.34 28.78
C LYS O 186 14.06 -23.35 27.86
N ASP O 187 15.21 -23.85 28.30
CA ASP O 187 15.97 -24.88 27.58
C ASP O 187 16.25 -24.46 26.13
N LYS O 188 16.96 -23.35 26.00
CA LYS O 188 17.42 -22.86 24.70
C LYS O 188 18.93 -22.70 24.76
N ASN O 189 19.65 -23.53 24.01
CA ASN O 189 21.11 -23.49 24.06
C ASN O 189 21.63 -22.16 23.53
N ALA O 190 21.03 -21.65 22.46
CA ALA O 190 21.41 -20.36 21.89
C ALA O 190 20.19 -19.73 21.24
N VAL O 191 19.96 -18.46 21.53
CA VAL O 191 18.80 -17.74 21.02
C VAL O 191 19.21 -16.71 19.98
N UNK O 192 18.21 -16.08 19.35
CA UNK O 192 18.45 -15.03 18.38
C UNK O 192 17.75 -13.74 18.82
N LEU O 193 18.51 -12.82 19.37
CA LEU O 193 17.97 -11.55 19.86
C LEU O 193 17.49 -10.68 18.70
N GLN P 13 47.00 50.49 -6.13
CA GLN P 13 45.72 51.11 -5.87
C GLN P 13 44.57 50.15 -6.13
N VAL P 14 44.56 49.57 -7.33
CA VAL P 14 43.50 48.62 -7.68
C VAL P 14 43.59 47.37 -6.83
N GLY P 15 44.81 46.93 -6.54
CA GLY P 15 44.98 45.77 -5.68
C GLY P 15 44.52 46.02 -4.26
N ILE P 16 44.73 47.24 -3.77
CA ILE P 16 44.31 47.60 -2.40
C ILE P 16 42.81 47.44 -2.25
N GLY P 17 42.05 47.96 -3.22
CA GLY P 17 40.61 47.83 -3.16
C GLY P 17 40.14 46.38 -3.25
N THR P 18 40.92 45.54 -3.92
CA THR P 18 40.55 44.13 -4.03
C THR P 18 40.53 43.46 -2.68
N LEU P 19 41.51 43.77 -1.82
CA LEU P 19 41.61 43.12 -0.53
C LEU P 19 40.40 43.43 0.35
N ILE P 20 40.00 44.70 0.42
CA ILE P 20 38.92 45.10 1.32
C ILE P 20 37.60 44.45 0.89
N VAL P 21 37.33 44.46 -0.41
CA VAL P 21 36.12 43.80 -0.92
C VAL P 21 36.21 42.30 -0.69
N PHE P 22 37.42 41.73 -0.78
CA PHE P 22 37.60 40.30 -0.57
C PHE P 22 37.18 39.90 0.84
N ILE P 23 37.51 40.74 1.83
CA ILE P 23 37.12 40.44 3.21
C ILE P 23 35.61 40.42 3.34
N ALA P 24 34.93 41.37 2.71
CA ALA P 24 33.47 41.43 2.79
C ALA P 24 32.83 40.20 2.16
N MET P 25 33.38 39.73 1.04
CA MET P 25 32.83 38.55 0.39
C MET P 25 32.95 37.31 1.28
N VAL P 26 34.08 37.18 2.00
CA VAL P 26 34.25 36.06 2.91
C VAL P 26 33.26 36.17 4.07
N LEU P 27 33.10 37.38 4.62
CA LEU P 27 32.18 37.58 5.73
C LEU P 27 30.74 37.29 5.33
N VAL P 28 30.35 37.72 4.12
CA VAL P 28 28.99 37.50 3.65
C VAL P 28 28.72 36.00 3.52
N ALA P 29 29.68 35.26 2.98
CA ALA P 29 29.51 33.82 2.83
C ALA P 29 29.33 33.14 4.17
N ALA P 30 30.10 33.57 5.18
CA ALA P 30 29.96 33.01 6.52
C ALA P 30 28.57 33.30 7.09
N ILE P 31 28.06 34.51 6.85
CA ILE P 31 26.71 34.85 7.31
C ILE P 31 25.69 33.97 6.61
N ALA P 32 25.83 33.80 5.30
CA ALA P 32 24.94 32.92 4.56
C ALA P 32 25.10 31.47 5.01
N ALA P 33 26.34 31.03 5.19
CA ALA P 33 26.59 29.65 5.62
C ALA P 33 26.05 29.41 7.02
N GLY P 34 26.07 30.45 7.86
CA GLY P 34 25.53 30.31 9.20
C GLY P 34 24.03 30.06 9.21
N VAL P 35 23.31 30.79 8.36
CA VAL P 35 21.85 30.71 8.37
C VAL P 35 21.38 29.32 7.99
N LEU P 36 21.99 28.73 6.95
CA LEU P 36 21.59 27.41 6.50
C LEU P 36 21.82 26.36 7.58
N ILE P 37 22.96 26.43 8.27
CA ILE P 37 23.33 25.38 9.21
C ILE P 37 22.42 25.39 10.43
N ASN P 38 22.21 26.57 11.02
CA ASN P 38 21.35 26.65 12.21
C ASN P 38 19.91 26.30 11.87
N THR P 39 19.44 26.72 10.69
CA THR P 39 18.09 26.35 10.27
C THR P 39 17.95 24.83 10.17
N ALA P 40 18.96 24.16 9.63
CA ALA P 40 18.97 22.71 9.61
C ALA P 40 19.01 22.14 11.02
N GLY P 41 19.79 22.77 11.90
CA GLY P 41 19.85 22.33 13.28
C GLY P 41 18.51 22.44 13.98
N TYR P 42 17.80 23.54 13.74
CA TYR P 42 16.46 23.69 14.29
C TYR P 42 15.51 22.65 13.71
N LEU P 43 15.59 22.44 12.40
CA LEU P 43 14.70 21.49 11.73
C LEU P 43 15.00 20.06 12.14
N GLN P 44 16.27 19.72 12.31
CA GLN P 44 16.65 18.36 12.70
C GLN P 44 16.07 18.03 14.07
N SER P 45 16.18 18.95 15.02
CA SER P 45 15.62 18.72 16.35
C SER P 45 14.11 18.61 16.29
N LYS P 46 13.47 19.44 15.47
CA LYS P 46 12.01 19.40 15.35
C LYS P 46 11.56 18.19 14.55
N GLY P 47 12.30 17.85 13.50
CA GLY P 47 11.96 16.70 12.67
C GLY P 47 12.05 15.38 13.41
N SER P 48 13.12 15.20 14.19
CA SER P 48 13.27 13.98 14.97
C SER P 48 12.20 13.88 16.05
N ALA P 49 11.88 15.02 16.68
CA ALA P 49 10.84 15.03 17.71
C ALA P 49 9.49 14.65 17.13
N THR P 50 9.16 15.17 15.95
CA THR P 50 7.89 14.85 15.32
C THR P 50 7.79 13.37 15.01
N GLY P 51 8.88 12.77 14.52
CA GLY P 51 8.86 11.35 14.20
C GLY P 51 8.59 10.48 15.40
N GLU P 52 9.19 10.83 16.54
CA GLU P 52 8.99 10.04 17.76
C GLU P 52 7.57 10.19 18.29
N GLU P 53 7.07 11.42 18.35
CA GLU P 53 5.73 11.65 18.88
C GLU P 53 4.67 11.03 17.99
N ALA P 54 4.80 11.17 16.67
CA ALA P 54 3.81 10.59 15.77
C ALA P 54 3.87 9.07 15.80
N SER P 55 5.07 8.49 15.91
CA SER P 55 5.18 7.06 16.12
C SER P 55 4.58 6.67 17.47
N ALA P 56 4.76 7.51 18.48
CA ALA P 56 4.14 7.27 19.78
C ALA P 56 2.62 7.32 19.67
N GLN P 57 2.10 8.25 18.85
CA GLN P 57 0.66 8.38 18.70
C GLN P 57 0.03 7.12 18.14
N VAL P 58 0.70 6.48 17.17
CA VAL P 58 0.15 5.28 16.54
C VAL P 58 0.37 4.03 17.39
N SER P 59 1.53 3.91 18.04
CA SER P 59 1.92 2.67 18.69
C SER P 59 1.50 2.60 20.16
N ASN P 60 1.75 3.65 20.94
CA ASN P 60 1.45 3.64 22.37
C ASN P 60 -0.06 3.77 22.56
N ARG P 61 -0.72 2.61 22.52
CA ARG P 61 -2.17 2.52 22.57
C ARG P 61 -2.57 1.56 23.68
N ILE P 62 -3.77 1.76 24.22
CA ILE P 62 -4.29 0.96 25.32
C ILE P 62 -5.33 -0.01 24.78
N ASN P 63 -5.21 -1.27 25.18
CA ASN P 63 -6.19 -2.30 24.84
C ASN P 63 -6.93 -2.72 26.09
N ILE P 64 -8.26 -2.75 26.02
CA ILE P 64 -9.10 -3.06 27.17
C ILE P 64 -9.34 -4.57 27.18
N VAL P 65 -8.75 -5.26 28.15
CA VAL P 65 -8.88 -6.71 28.22
C VAL P 65 -10.32 -7.10 28.55
N SER P 66 -10.90 -6.48 29.58
CA SER P 66 -12.24 -6.83 30.01
C SER P 66 -12.82 -5.67 30.81
N ALA P 67 -14.14 -5.68 30.95
CA ALA P 67 -14.86 -4.64 31.69
C ALA P 67 -15.99 -5.30 32.48
N TYR P 68 -15.94 -5.17 33.80
CA TYR P 68 -16.98 -5.65 34.68
C TYR P 68 -17.43 -4.53 35.61
N GLY P 69 -18.43 -4.84 36.44
CA GLY P 69 -18.96 -3.84 37.35
C GLY P 69 -19.61 -4.40 38.60
N ASN P 70 -19.49 -3.67 39.70
CA ASN P 70 -20.13 -4.07 40.94
C ASN P 70 -21.63 -3.77 40.87
N VAL P 71 -22.41 -4.54 41.64
CA VAL P 71 -23.85 -4.34 41.68
C VAL P 71 -24.32 -4.14 43.11
N UNK P 72 -24.92 -2.97 43.38
CA UNK P 72 -25.47 -2.67 44.68
C UNK P 72 -26.99 -2.59 44.60
N UNK P 73 -27.67 -3.12 45.61
CA UNK P 73 -29.12 -3.17 45.65
C UNK P 73 -29.68 -3.87 44.41
N UNK P 74 -29.86 -3.10 43.34
CA UNK P 74 -30.36 -3.64 42.09
C UNK P 74 -29.93 -2.78 40.91
N UNK P 75 -28.81 -2.07 41.08
CA UNK P 75 -28.29 -1.20 40.04
C UNK P 75 -26.77 -1.12 40.09
N VAL P 76 -26.15 -1.03 38.93
CA VAL P 76 -24.69 -0.97 38.84
C VAL P 76 -24.19 0.41 39.27
N ASP P 77 -23.29 0.42 40.26
CA ASP P 77 -22.73 1.66 40.78
C ASP P 77 -21.27 1.88 40.39
N TYR P 78 -20.49 0.82 40.25
CA TYR P 78 -19.09 0.90 39.86
C TYR P 78 -18.91 0.29 38.48
N VAL P 79 -18.07 0.94 37.67
CA VAL P 79 -17.67 0.41 36.37
C VAL P 79 -16.15 0.31 36.38
N ASN P 80 -15.64 -0.93 36.25
CA ASN P 80 -14.22 -1.19 36.30
C ASN P 80 -13.72 -1.65 34.94
N LEU P 81 -12.49 -1.26 34.61
CA LEU P 81 -11.88 -1.58 33.33
C LEU P 81 -10.51 -2.17 33.58
N THR P 82 -10.17 -3.23 32.85
CA THR P 82 -8.85 -3.84 32.92
C THR P 82 -8.10 -3.54 31.63
N VAL P 83 -7.21 -2.56 31.67
CA VAL P 83 -6.50 -2.11 30.49
C VAL P 83 -5.17 -2.85 30.40
N ARG P 84 -4.65 -2.96 29.18
CA ARG P 84 -3.39 -3.64 28.92
C ARG P 84 -2.64 -2.91 27.82
N GLN P 85 -1.32 -2.82 28.00
CA GLN P 85 -0.47 -2.22 26.99
C GLN P 85 -0.58 -2.99 25.68
N ALA P 86 -0.74 -2.25 24.58
CA ALA P 86 -0.94 -2.88 23.28
C ALA P 86 0.38 -3.40 22.74
N ALA P 87 0.34 -3.96 21.52
CA ALA P 87 1.52 -4.53 20.92
C ALA P 87 2.50 -3.44 20.51
N GLY P 88 3.76 -3.62 20.89
CA GLY P 88 4.82 -2.71 20.50
C GLY P 88 4.65 -1.29 21.01
N ALA P 89 4.32 -1.14 22.28
CA ALA P 89 4.14 0.17 22.89
C ALA P 89 5.16 0.38 24.00
N ASP P 90 5.52 1.64 24.21
CA ASP P 90 6.42 2.03 25.28
C ASP P 90 5.62 2.24 26.57
N ASN P 91 6.25 2.83 27.58
CA ASN P 91 5.59 3.06 28.85
C ASN P 91 4.38 3.99 28.67
N ILE P 92 3.27 3.63 29.29
CA ILE P 92 2.03 4.37 29.18
C ILE P 92 1.67 4.88 30.57
N ASN P 93 1.54 6.20 30.71
CA ASN P 93 1.17 6.82 31.98
C ASN P 93 -0.35 6.92 32.03
N LEU P 94 -0.94 6.47 33.13
CA LEU P 94 -2.40 6.49 33.28
C LEU P 94 -2.87 7.65 34.13
N UNK P 95 -1.96 8.59 34.41
CA UNK P 95 -2.33 9.80 35.13
C UNK P 95 -2.41 10.95 34.14
N LYS P 96 -1.76 10.79 33.00
CA LYS P 96 -1.77 11.80 31.95
C LYS P 96 -2.74 11.38 30.84
N SER P 97 -3.73 10.58 31.21
CA SER P 97 -4.75 10.10 30.29
C SER P 97 -6.12 10.59 30.72
N THR P 98 -7.05 10.58 29.77
CA THR P 98 -8.42 11.03 30.05
C THR P 98 -9.39 10.10 29.33
N ILE P 99 -10.56 9.92 29.94
CA ILE P 99 -11.57 9.02 29.42
C ILE P 99 -12.88 9.78 29.26
N GLN P 100 -13.54 9.59 28.12
CA GLN P 100 -14.81 10.23 27.83
C GLN P 100 -15.95 9.28 28.14
N TRP P 101 -16.97 9.80 28.83
CA TRP P 101 -18.11 9.02 29.31
C TRP P 101 -19.36 9.57 28.66
N ILE P 102 -19.84 8.90 27.62
CA ILE P 102 -21.13 9.25 26.99
C ILE P 102 -22.16 8.33 27.62
N GLY P 103 -22.75 8.80 28.72
CA GLY P 103 -23.70 8.02 29.47
C GLY P 103 -25.13 8.23 29.02
N PRO P 104 -26.08 7.61 29.73
CA PRO P 104 -27.48 7.80 29.37
C PRO P 104 -28.01 9.18 29.72
N ASP P 105 -27.64 9.71 30.88
CA ASP P 105 -28.18 10.99 31.33
C ASP P 105 -27.13 12.10 31.32
N UNK P 106 -25.88 11.73 31.08
CA UNK P 106 -24.79 12.71 31.10
C UNK P 106 -23.72 12.40 30.06
N ALA P 107 -22.81 13.35 29.88
CA ALA P 107 -21.72 13.19 28.92
C ALA P 107 -20.56 14.12 29.26
N THR P 108 -19.63 13.63 30.08
CA THR P 108 -18.49 14.41 30.52
C THR P 108 -17.19 13.72 30.08
N THR P 109 -16.07 14.28 30.54
CA THR P 109 -14.74 13.75 30.25
C THR P 109 -13.99 13.63 31.57
N LEU P 110 -13.70 12.40 31.98
CA LEU P 110 -13.13 12.16 33.30
C LEU P 110 -11.61 12.22 33.25
N THR P 111 -11.01 12.53 34.40
CA THR P 111 -9.56 12.67 34.53
C THR P 111 -9.10 11.96 35.80
N TYR P 112 -7.79 11.76 35.88
CA TYR P 112 -7.16 10.99 36.97
C TYR P 112 -7.37 11.61 38.35
N UNK P 113 -7.30 10.77 39.38
CA UNK P 113 -7.36 11.22 40.76
C UNK P 113 -6.70 10.19 41.68
N UNK P 114 -7.09 10.20 42.95
CA UNK P 114 -6.53 9.26 43.92
C UNK P 114 -7.47 9.07 45.11
N UNK P 115 -8.11 7.91 45.15
CA UNK P 115 -9.03 7.55 46.24
C UNK P 115 -10.13 8.59 46.43
N UNK P 119 -12.51 7.57 42.47
CA UNK P 119 -13.95 7.80 42.37
C UNK P 119 -14.26 9.28 42.38
N UNK P 120 -15.13 9.71 43.29
CA UNK P 120 -15.52 11.11 43.45
C UNK P 120 -16.09 11.69 42.15
N UNK P 121 -17.03 10.97 41.56
CA UNK P 121 -17.72 11.38 40.34
C UNK P 121 -16.77 11.67 39.17
N GLU P 122 -16.56 12.94 38.83
CA GLU P 122 -15.90 13.28 37.57
C GLU P 122 -14.42 12.90 37.53
N ASN P 123 -14.01 11.97 38.39
CA ASN P 123 -12.64 11.50 38.44
C ASN P 123 -12.62 9.98 38.34
N PHE P 124 -11.50 9.44 37.89
CA PHE P 124 -11.29 8.00 37.84
C PHE P 124 -9.98 7.64 38.55
N THR P 125 -9.94 6.46 39.15
CA THR P 125 -8.81 6.01 39.94
C THR P 125 -8.28 4.71 39.34
N THR P 126 -6.96 4.54 39.40
CA THR P 126 -6.31 3.36 38.83
C THR P 126 -5.64 2.50 39.89
N UNK P 127 -6.24 1.35 40.18
CA UNK P 127 -5.63 0.37 41.08
C UNK P 127 -4.93 -0.69 40.24
N SER P 128 -3.84 -1.24 40.75
CA SER P 128 -3.05 -2.20 39.99
C SER P 128 -3.58 -3.62 40.17
N ILE P 129 -3.27 -4.48 39.20
CA ILE P 129 -3.68 -5.89 39.25
C ILE P 129 -2.43 -6.76 39.20
N LYS P 130 -1.56 -6.49 38.23
CA LYS P 130 -0.31 -7.24 38.08
C LYS P 130 0.75 -6.29 37.57
N GLY P 131 1.78 -6.05 38.37
CA GLY P 131 2.85 -5.15 37.99
C GLY P 131 3.43 -4.38 39.16
N UNK P 132 4.45 -3.57 38.88
CA UNK P 132 5.12 -2.79 39.91
C UNK P 132 4.38 -1.49 40.20
N UNK P 133 4.35 -0.59 39.22
CA UNK P 133 3.69 0.69 39.36
C UNK P 133 2.18 0.55 39.21
N UNK P 134 1.44 1.38 39.94
CA UNK P 134 -0.01 1.35 39.89
C UNK P 134 -0.56 2.54 39.10
N UNK P 135 0.19 2.97 38.09
CA UNK P 135 -0.21 4.13 37.28
C UNK P 135 0.48 4.10 35.92
N VAL P 136 1.53 3.30 35.78
CA VAL P 136 2.26 3.23 34.53
C VAL P 136 2.45 1.79 34.08
N LEU P 137 1.95 1.48 32.88
CA LEU P 137 2.18 0.18 32.26
C LEU P 137 3.56 0.17 31.62
N VAL P 138 4.41 -0.76 32.03
CA VAL P 138 5.79 -0.83 31.55
C VAL P 138 6.00 -2.00 30.59
N ASP P 139 5.57 -3.19 30.97
CA ASP P 139 5.76 -4.38 30.17
C ASP P 139 4.40 -4.94 29.72
N GLN P 140 4.45 -5.83 28.73
CA GLN P 140 3.24 -6.43 28.19
C GLN P 140 2.50 -7.28 29.22
N SER P 141 3.19 -7.72 30.28
CA SER P 141 2.54 -8.54 31.29
C SER P 141 1.78 -7.70 32.30
N ASP P 142 1.99 -6.38 32.29
CA ASP P 142 1.33 -5.51 33.26
C ASP P 142 -0.15 -5.35 32.93
N ARG P 143 -0.98 -5.39 33.97
CA ARG P 143 -2.42 -5.16 33.84
C ARG P 143 -2.84 -4.17 34.92
N ILE P 144 -3.45 -3.06 34.50
CA ILE P 144 -3.88 -2.00 35.40
C ILE P 144 -5.40 -1.90 35.32
N LYS P 145 -6.03 -1.69 36.49
CA LYS P 145 -7.47 -1.60 36.58
C LYS P 145 -7.90 -0.15 36.70
N VAL P 146 -8.90 0.24 35.90
CA VAL P 146 -9.44 1.59 35.91
C VAL P 146 -10.78 1.55 36.63
N ILE P 147 -10.96 2.44 37.61
CA ILE P 147 -12.12 2.43 38.49
C ILE P 147 -12.95 3.68 38.24
N MET P 148 -14.25 3.49 38.02
CA MET P 148 -15.18 4.60 37.79
C MET P 148 -16.38 4.44 38.69
N TYR P 149 -16.79 5.53 39.33
CA TYR P 149 -17.97 5.55 40.20
C TYR P 149 -19.14 6.04 39.36
N ALA P 150 -19.91 5.10 38.82
CA ALA P 150 -20.99 5.44 37.91
C ALA P 150 -22.16 6.10 38.64
N UNK P 151 -22.28 5.84 39.94
CA UNK P 151 -23.39 6.38 40.71
C UNK P 151 -23.07 7.78 41.26
N UNK P 152 -22.09 8.43 40.64
CA UNK P 152 -21.76 9.80 40.99
C UNK P 152 -21.48 10.60 39.72
N VAL P 153 -20.96 9.94 38.70
CA VAL P 153 -20.81 10.54 37.39
C VAL P 153 -22.21 10.79 36.84
N UNK P 154 -23.07 9.80 37.01
CA UNK P 154 -24.46 9.90 36.58
C UNK P 154 -25.37 9.39 37.69
N UNK P 155 -26.64 9.17 37.37
CA UNK P 155 -27.59 8.66 38.33
C UNK P 155 -27.59 7.13 38.32
N UNK P 156 -26.48 6.55 38.76
CA UNK P 156 -26.29 5.09 38.79
C UNK P 156 -26.46 4.47 37.40
N LEU P 157 -26.61 3.16 37.36
CA LEU P 157 -26.77 2.43 36.10
C LEU P 157 -27.74 1.26 36.27
N UNK P 158 -28.78 1.24 35.44
CA UNK P 158 -29.76 0.16 35.48
C UNK P 158 -29.55 -0.78 34.29
N UNK P 159 -30.36 -1.83 34.23
CA UNK P 159 -30.24 -2.84 33.18
C UNK P 159 -30.60 -2.26 31.81
N GLY P 160 -29.88 -2.71 30.79
CA GLY P 160 -30.14 -2.28 29.43
C GLY P 160 -29.39 -1.02 29.03
N UNK P 161 -29.08 -0.18 30.01
CA UNK P 161 -28.38 1.08 29.76
C UNK P 161 -26.96 0.81 29.26
N GLU P 162 -26.50 1.67 28.35
CA GLU P 162 -25.16 1.51 27.79
C GLU P 162 -24.33 2.78 28.02
N VAL P 163 -23.01 2.59 28.08
CA VAL P 163 -22.07 3.69 28.33
C VAL P 163 -20.99 3.66 27.28
N GLN P 164 -20.72 4.80 26.66
CA GLN P 164 -19.71 4.92 25.63
C GLN P 164 -18.41 5.39 26.29
N LEU P 165 -17.44 4.48 26.39
CA LEU P 165 -16.17 4.76 27.04
C LEU P 165 -15.08 4.82 25.99
N THR P 166 -14.40 5.97 25.91
CA THR P 166 -13.28 6.16 24.99
C THR P 166 -12.06 6.58 25.81
N VAL P 167 -11.14 5.64 26.03
CA VAL P 167 -9.93 5.92 26.79
C VAL P 167 -8.90 6.55 25.85
N THR P 168 -8.45 7.75 26.20
CA THR P 168 -7.48 8.49 25.40
C THR P 168 -6.16 8.56 26.16
N THR P 169 -5.10 8.09 25.53
CA THR P 169 -3.78 8.11 26.14
C THR P 169 -3.20 9.53 26.09
N GLN P 170 -2.01 9.71 26.64
CA GLN P 170 -1.36 11.01 26.65
C GLN P 170 -1.09 11.51 25.23
N TYR P 171 -0.62 10.61 24.36
CA TYR P 171 -0.19 10.99 23.03
C TYR P 171 -1.33 11.01 22.01
N GLY P 172 -2.55 10.64 22.41
CA GLY P 172 -3.72 10.78 21.57
C GLY P 172 -4.35 9.47 21.11
N SER P 173 -3.70 8.34 21.36
CA SER P 173 -4.26 7.06 20.95
C SER P 173 -5.54 6.77 21.72
N LYS P 174 -6.64 6.57 20.99
CA LYS P 174 -7.96 6.42 21.58
C LYS P 174 -8.41 4.97 21.48
N THR P 175 -8.93 4.44 22.59
CA THR P 175 -9.56 3.12 22.62
C THR P 175 -11.00 3.28 23.10
N THR P 176 -11.94 2.76 22.32
CA THR P 176 -13.36 2.92 22.59
C THR P 176 -13.96 1.58 22.98
N TYR P 177 -14.72 1.59 24.08
CA TYR P 177 -15.38 0.40 24.59
C TYR P 177 -16.85 0.72 24.78
N TRP P 178 -17.73 -0.15 24.28
CA TRP P 178 -19.17 0.05 24.39
C TRP P 178 -19.68 -0.81 25.56
N ALA P 179 -19.54 -0.27 26.76
CA ALA P 179 -20.00 -0.96 27.95
C ALA P 179 -21.51 -0.97 28.00
N GLN P 180 -22.11 -2.15 27.95
CA GLN P 180 -23.55 -2.33 27.97
C GLN P 180 -23.91 -3.16 29.21
N VAL P 181 -24.83 -2.65 30.00
CA VAL P 181 -25.24 -3.37 31.23
C VAL P 181 -26.11 -4.56 30.84
N PRO P 182 -25.97 -5.71 31.50
CA PRO P 182 -26.82 -6.86 31.17
C PRO P 182 -28.29 -6.52 31.30
N GLU P 183 -29.10 -7.11 30.40
CA GLU P 183 -30.51 -6.76 30.32
C GLU P 183 -31.25 -7.13 31.60
N SER P 184 -30.72 -8.04 32.41
CA SER P 184 -31.35 -8.45 33.65
C SER P 184 -30.28 -8.49 34.75
N LEU P 185 -30.53 -7.75 35.83
CA LEU P 185 -29.66 -7.74 37.00
C LEU P 185 -30.26 -8.53 38.15
N LYS P 186 -31.18 -9.45 37.87
CA LYS P 186 -31.88 -10.16 38.92
C LYS P 186 -30.94 -11.11 39.66
N ASP P 187 -30.58 -10.73 40.89
CA ASP P 187 -29.74 -11.53 41.78
C ASP P 187 -28.40 -11.83 41.09
N LYS P 188 -27.63 -10.76 40.88
CA LYS P 188 -26.28 -10.86 40.34
C LYS P 188 -25.38 -9.95 41.17
N ASN P 189 -24.49 -10.56 41.96
CA ASN P 189 -23.60 -9.77 42.81
C ASN P 189 -22.68 -8.90 41.95
N ALA P 190 -22.11 -9.49 40.90
CA ALA P 190 -21.28 -8.74 39.97
C ALA P 190 -21.51 -9.26 38.56
N VAL P 191 -21.58 -8.35 37.59
CA VAL P 191 -21.85 -8.70 36.21
C VAL P 191 -20.67 -8.35 35.31
N UNK P 192 -20.77 -8.74 34.05
CA UNK P 192 -19.73 -8.42 33.07
C UNK P 192 -20.28 -7.49 31.99
N LEU P 193 -20.00 -6.20 32.13
CA LEU P 193 -20.48 -5.21 31.18
C LEU P 193 -19.88 -5.42 29.80
N GLN Q 13 55.53 64.76 -8.53
CA GLN Q 13 54.20 65.30 -8.36
C GLN Q 13 53.14 64.23 -8.57
N VAL Q 14 53.55 63.11 -9.18
CA VAL Q 14 52.66 61.96 -9.30
C VAL Q 14 52.37 61.37 -7.93
N GLY Q 15 53.29 61.59 -6.97
CA GLY Q 15 53.07 61.07 -5.63
C GLY Q 15 51.85 61.68 -4.96
N ILE Q 16 51.73 63.00 -5.00
CA ILE Q 16 50.61 63.67 -4.32
C ILE Q 16 49.29 63.20 -4.90
N GLY Q 17 49.23 63.06 -6.23
CA GLY Q 17 48.02 62.53 -6.85
C GLY Q 17 47.75 61.10 -6.46
N THR Q 18 48.80 60.35 -6.12
CA THR Q 18 48.63 58.93 -5.82
C THR Q 18 47.84 58.72 -4.53
N LEU Q 19 48.23 59.40 -3.45
CA LEU Q 19 47.55 59.18 -2.17
C LEU Q 19 46.12 59.69 -2.20
N ILE Q 20 45.88 60.85 -2.82
CA ILE Q 20 44.54 61.44 -2.81
C ILE Q 20 43.55 60.49 -3.47
N VAL Q 21 43.92 59.93 -4.63
CA VAL Q 21 43.11 58.89 -5.24
C VAL Q 21 43.08 57.65 -4.35
N PHE Q 22 44.20 57.34 -3.71
CA PHE Q 22 44.26 56.17 -2.83
C PHE Q 22 43.31 56.32 -1.64
N ILE Q 23 43.24 57.52 -1.06
CA ILE Q 23 42.30 57.72 0.04
C ILE Q 23 40.87 57.51 -0.42
N ALA Q 24 40.52 58.05 -1.59
CA ALA Q 24 39.20 57.78 -2.16
C ALA Q 24 39.09 56.32 -2.59
N MET Q 25 40.22 55.71 -2.96
CA MET Q 25 40.21 54.32 -3.38
C MET Q 25 39.74 53.41 -2.26
N VAL Q 26 40.20 53.68 -1.03
CA VAL Q 26 39.82 52.85 0.12
C VAL Q 26 38.37 53.10 0.49
N LEU Q 27 37.95 54.37 0.46
CA LEU Q 27 36.62 54.71 0.95
C LEU Q 27 35.52 54.06 0.13
N VAL Q 28 35.67 54.04 -1.21
CA VAL Q 28 34.65 53.42 -2.05
C VAL Q 28 34.56 51.93 -1.76
N ALA Q 29 35.71 51.30 -1.49
CA ALA Q 29 35.70 49.89 -1.10
C ALA Q 29 34.93 49.68 0.20
N ALA Q 30 35.04 50.63 1.13
CA ALA Q 30 34.30 50.53 2.39
C ALA Q 30 32.81 50.57 2.14
N ILE Q 31 32.35 51.44 1.23
CA ILE Q 31 30.93 51.52 0.91
C ILE Q 31 30.45 50.22 0.29
N ALA Q 32 31.24 49.66 -0.64
CA ALA Q 32 30.88 48.40 -1.26
C ALA Q 32 30.82 47.27 -0.24
N ALA Q 33 31.77 47.26 0.70
CA ALA Q 33 31.74 46.29 1.78
C ALA Q 33 30.54 46.51 2.67
N GLY Q 34 30.20 47.77 2.94
CA GLY Q 34 29.07 48.10 3.79
C GLY Q 34 27.74 47.59 3.27
N VAL Q 35 27.52 47.73 1.96
CA VAL Q 35 26.26 47.28 1.37
C VAL Q 35 26.14 45.77 1.46
N LEU Q 36 27.24 45.05 1.17
CA LEU Q 36 27.19 43.60 1.12
C LEU Q 36 26.84 43.01 2.48
N ILE Q 37 27.49 43.48 3.54
CA ILE Q 37 27.26 42.91 4.87
C ILE Q 37 25.88 43.31 5.39
N ASN Q 38 25.51 44.58 5.23
CA ASN Q 38 24.22 45.06 5.75
C ASN Q 38 23.06 44.36 5.07
N THR Q 39 23.14 44.20 3.74
CA THR Q 39 22.10 43.47 3.03
C THR Q 39 22.06 42.01 3.46
N ALA Q 40 23.24 41.41 3.69
CA ALA Q 40 23.29 40.05 4.20
C ALA Q 40 22.71 39.98 5.60
N GLY Q 41 22.97 41.00 6.43
CA GLY Q 41 22.40 41.03 7.76
C GLY Q 41 20.88 41.10 7.73
N TYR Q 42 20.33 41.93 6.84
CA TYR Q 42 18.89 42.01 6.70
C TYR Q 42 18.31 40.68 6.21
N LEU Q 43 18.96 40.09 5.21
CA LEU Q 43 18.48 38.82 4.67
C LEU Q 43 18.60 37.70 5.70
N GLN Q 44 19.62 37.76 6.55
CA GLN Q 44 19.76 36.76 7.61
C GLN Q 44 18.58 36.81 8.56
N SER Q 45 18.14 38.02 8.92
CA SER Q 45 17.00 38.17 9.83
C SER Q 45 15.74 37.60 9.20
N LYS Q 46 15.50 37.92 7.92
CA LYS Q 46 14.32 37.39 7.24
C LYS Q 46 14.45 35.88 7.02
N GLY Q 47 15.65 35.41 6.72
CA GLY Q 47 15.83 33.98 6.48
C GLY Q 47 15.55 33.14 7.72
N SER Q 48 16.06 33.57 8.86
CA SER Q 48 15.81 32.85 10.10
C SER Q 48 14.34 32.92 10.48
N ALA Q 49 13.72 34.09 10.31
CA ALA Q 49 12.31 34.24 10.62
C ALA Q 49 11.45 33.36 9.72
N THR Q 50 11.77 33.32 8.43
CA THR Q 50 11.01 32.50 7.50
C THR Q 50 11.12 31.02 7.86
N GLY Q 51 12.32 30.59 8.29
CA GLY Q 51 12.50 29.20 8.67
C GLY Q 51 11.62 28.80 9.84
N GLU Q 52 11.50 29.68 10.83
CA GLU Q 52 10.71 29.36 12.01
C GLU Q 52 9.22 29.33 11.69
N GLU Q 53 8.71 30.37 11.00
CA GLU Q 53 7.28 30.47 10.76
C GLU Q 53 6.79 29.40 9.79
N ALA Q 54 7.56 29.15 8.72
CA ALA Q 54 7.14 28.12 7.77
C ALA Q 54 7.17 26.75 8.40
N SER Q 55 8.18 26.46 9.22
CA SER Q 55 8.17 25.23 10.00
C SER Q 55 7.05 25.25 11.03
N ALA Q 56 6.72 26.44 11.55
CA ALA Q 56 5.60 26.57 12.47
C ALA Q 56 4.28 26.25 11.78
N GLN Q 57 4.13 26.69 10.53
CA GLN Q 57 2.89 26.45 9.79
C GLN Q 57 2.62 24.96 9.62
N VAL Q 58 3.68 24.16 9.47
CA VAL Q 58 3.52 22.72 9.27
C VAL Q 58 3.30 21.99 10.59
N SER Q 59 3.99 22.41 11.65
CA SER Q 59 4.02 21.64 12.89
C SER Q 59 2.91 22.03 13.88
N ASN Q 60 2.73 23.33 14.12
CA ASN Q 60 1.72 23.75 15.08
C ASN Q 60 0.32 23.55 14.51
N ARG Q 61 -0.19 22.33 14.64
CA ARG Q 61 -1.48 21.95 14.13
C ARG Q 61 -2.30 21.39 15.28
N ILE Q 62 -3.63 21.48 15.15
CA ILE Q 62 -4.55 21.03 16.18
C ILE Q 62 -5.21 19.74 15.73
N ASN Q 63 -5.19 18.73 16.59
CA ASN Q 63 -5.88 17.47 16.34
C ASN Q 63 -7.12 17.40 17.20
N ILE Q 64 -8.24 17.01 16.60
CA ILE Q 64 -9.54 17.02 17.26
C ILE Q 64 -9.83 15.58 17.71
N VAL Q 65 -9.89 15.39 19.04
CA VAL Q 65 -10.10 14.06 19.58
C VAL Q 65 -11.53 13.59 19.34
N SER Q 66 -12.51 14.31 19.89
CA SER Q 66 -13.90 13.91 19.81
C SER Q 66 -14.78 15.14 19.96
N ALA Q 67 -15.97 15.08 19.34
CA ALA Q 67 -16.93 16.17 19.38
C ALA Q 67 -18.25 15.64 19.89
N TYR Q 68 -18.70 16.16 21.04
CA TYR Q 68 -20.00 15.82 21.60
C TYR Q 68 -20.86 17.08 21.68
N GLY Q 69 -22.17 16.88 21.84
CA GLY Q 69 -23.08 18.01 21.87
C GLY Q 69 -24.29 17.80 22.76
N ASN Q 70 -24.69 18.86 23.45
CA ASN Q 70 -25.86 18.81 24.31
C ASN Q 70 -27.14 18.76 23.48
N VAL Q 71 -28.17 18.14 24.05
CA VAL Q 71 -29.45 18.02 23.37
C VAL Q 71 -30.57 18.58 24.26
N UNK Q 72 -31.19 19.66 23.81
CA UNK Q 72 -32.31 20.25 24.52
C UNK Q 72 -33.61 19.98 23.76
N UNK Q 73 -34.66 19.64 24.50
CA UNK Q 73 -35.96 19.28 23.92
C UNK Q 73 -35.82 18.15 22.91
N UNK Q 74 -35.48 18.51 21.68
CA UNK Q 74 -35.29 17.52 20.62
C UNK Q 74 -34.37 18.04 19.53
N UNK Q 75 -33.43 18.90 19.92
CA UNK Q 75 -32.49 19.49 18.97
C UNK Q 75 -31.19 19.89 19.66
N VAL Q 76 -30.10 19.86 18.88
CA VAL Q 76 -28.78 20.20 19.41
C VAL Q 76 -28.65 21.71 19.58
N ASP Q 77 -28.18 22.13 20.75
CA ASP Q 77 -27.96 23.54 21.03
C ASP Q 77 -26.50 23.88 21.29
N TYR Q 78 -25.64 22.89 21.55
CA TYR Q 78 -24.24 23.13 21.82
C TYR Q 78 -23.40 22.15 21.02
N VAL Q 79 -22.25 22.62 20.55
CA VAL Q 79 -21.30 21.80 19.81
C VAL Q 79 -19.94 21.98 20.48
N ASN Q 80 -19.52 20.98 21.26
CA ASN Q 80 -18.25 21.02 21.95
C ASN Q 80 -17.27 20.07 21.26
N LEU Q 81 -15.99 20.47 21.24
CA LEU Q 81 -14.94 19.69 20.60
C LEU Q 81 -13.73 19.67 21.53
N THR Q 82 -13.18 18.48 21.76
CA THR Q 82 -11.95 18.37 22.54
C THR Q 82 -10.76 18.36 21.59
N VAL Q 83 -9.84 19.30 21.78
CA VAL Q 83 -8.71 19.46 20.87
C VAL Q 83 -7.42 19.16 21.61
N ARG Q 84 -6.41 18.73 20.86
CA ARG Q 84 -5.12 18.38 21.42
C ARG Q 84 -4.02 18.82 20.47
N GLN Q 85 -2.82 18.95 21.00
CA GLN Q 85 -1.65 19.28 20.20
C GLN Q 85 -1.36 18.15 19.21
N ALA Q 86 -0.85 18.53 18.03
CA ALA Q 86 -0.44 17.56 17.04
C ALA Q 86 0.93 17.02 17.41
N ALA Q 87 1.50 16.17 16.55
CA ALA Q 87 2.79 15.56 16.85
C ALA Q 87 3.90 16.60 16.77
N GLY Q 88 4.61 16.77 17.87
CA GLY Q 88 5.77 17.65 17.88
C GLY Q 88 5.45 19.10 17.57
N ALA Q 89 4.39 19.63 18.15
CA ALA Q 89 4.01 21.02 17.96
C ALA Q 89 4.38 21.85 19.18
N ASP Q 90 4.67 23.12 18.94
CA ASP Q 90 4.99 24.06 20.01
C ASP Q 90 3.71 24.57 20.65
N ASN Q 91 3.83 25.62 21.46
CA ASN Q 91 2.69 26.23 22.12
C ASN Q 91 1.65 26.69 21.10
N ILE Q 92 0.40 26.32 21.33
CA ILE Q 92 -0.71 26.68 20.44
C ILE Q 92 -1.70 27.51 21.24
N ASN Q 93 -1.90 28.75 20.83
CA ASN Q 93 -2.81 29.65 21.51
C ASN Q 93 -4.19 29.54 20.88
N LEU Q 94 -5.21 29.34 21.72
CA LEU Q 94 -6.57 29.16 21.24
C LEU Q 94 -7.33 30.49 21.17
N UNK Q 95 -6.61 31.59 21.27
CA UNK Q 95 -7.22 32.91 21.18
C UNK Q 95 -6.94 33.55 19.81
N LYS Q 96 -5.79 33.20 19.24
CA LYS Q 96 -5.43 33.68 17.92
C LYS Q 96 -5.85 32.69 16.85
N SER Q 97 -6.93 31.96 17.12
CA SER Q 97 -7.42 30.93 16.21
C SER Q 97 -8.84 31.27 15.77
N THR Q 98 -9.20 30.79 14.59
CA THR Q 98 -10.52 31.04 14.02
C THR Q 98 -11.10 29.72 13.50
N ILE Q 99 -12.38 29.50 13.78
CA ILE Q 99 -13.09 28.30 13.35
C ILE Q 99 -14.10 28.72 12.28
N GLN Q 100 -14.13 27.96 11.18
CA GLN Q 100 -15.05 28.23 10.08
C GLN Q 100 -16.25 27.31 10.21
N TRP Q 101 -17.44 27.91 10.36
CA TRP Q 101 -18.69 27.18 10.53
C TRP Q 101 -19.44 27.20 9.21
N ILE Q 102 -19.44 26.07 8.51
CA ILE Q 102 -20.24 25.90 7.30
C ILE Q 102 -21.45 25.06 7.71
N GLY Q 103 -22.55 25.73 8.03
CA GLY Q 103 -23.72 25.06 8.52
C GLY Q 103 -24.84 25.00 7.48
N PRO Q 104 -25.91 24.27 7.82
CA PRO Q 104 -27.03 24.16 6.85
C PRO Q 104 -27.69 25.49 6.53
N ASP Q 105 -27.77 26.40 7.48
CA ASP Q 105 -28.46 27.67 7.27
C ASP Q 105 -27.50 28.86 7.28
N UNK Q 106 -26.31 28.67 7.82
CA UNK Q 106 -25.36 29.76 7.94
C UNK Q 106 -23.94 29.35 7.55
N ALA Q 107 -23.11 30.35 7.25
CA ALA Q 107 -21.72 30.13 6.91
C ALA Q 107 -20.89 31.34 7.32
N THR Q 108 -20.10 31.18 8.39
CA THR Q 108 -19.38 32.29 8.97
C THR Q 108 -18.15 31.78 9.72
N THR Q 109 -17.26 32.70 10.07
CA THR Q 109 -16.03 32.40 10.79
C THR Q 109 -16.16 32.94 12.21
N LEU Q 110 -15.86 32.10 13.20
CA LEU Q 110 -16.03 32.45 14.60
C LEU Q 110 -14.70 32.89 15.20
N THR Q 111 -14.79 33.65 16.30
CA THR Q 111 -13.63 34.18 17.00
C THR Q 111 -13.82 34.07 18.50
N TYR Q 112 -12.72 33.88 19.22
CA TYR Q 112 -12.76 33.68 20.66
C TYR Q 112 -13.16 34.98 21.37
N UNK Q 113 -14.24 34.91 22.14
CA UNK Q 113 -14.55 35.93 23.12
C UNK Q 113 -15.00 35.26 24.41
N UNK Q 114 -14.33 35.57 25.52
CA UNK Q 114 -14.59 34.91 26.79
C UNK Q 114 -16.02 35.12 27.28
N UNK Q 115 -16.75 34.01 27.41
CA UNK Q 115 -18.13 34.02 27.88
C UNK Q 115 -19.01 34.93 27.04
N UNK Q 119 -21.88 30.82 23.05
CA UNK Q 119 -21.51 32.05 23.74
C UNK Q 119 -21.49 33.23 22.77
N UNK Q 120 -22.50 34.09 22.87
CA UNK Q 120 -22.59 35.30 22.06
C UNK Q 120 -22.57 35.02 20.56
N UNK Q 121 -23.26 33.95 20.15
CA UNK Q 121 -23.41 33.60 18.74
C UNK Q 121 -22.07 33.44 18.00
N GLU Q 122 -21.69 34.49 17.28
CA GLU Q 122 -20.51 34.45 16.40
C GLU Q 122 -19.18 34.29 17.14
N ASN Q 123 -19.22 33.68 18.32
CA ASN Q 123 -18.07 33.59 19.19
C ASN Q 123 -17.95 32.17 19.72
N PHE Q 124 -16.73 31.79 20.09
CA PHE Q 124 -16.47 30.48 20.69
C PHE Q 124 -15.62 30.66 21.94
N THR Q 125 -15.81 29.75 22.89
CA THR Q 125 -15.16 29.80 24.19
C THR Q 125 -14.37 28.52 24.42
N THR Q 126 -13.24 28.63 25.11
CA THR Q 126 -12.42 27.47 25.39
C THR Q 126 -12.29 27.20 26.90
N UNK Q 127 -12.97 26.17 27.38
CA UNK Q 127 -12.87 25.76 28.76
C UNK Q 127 -11.92 24.57 28.89
N SER Q 128 -11.00 24.64 29.84
CA SER Q 128 -9.99 23.60 30.00
C SER Q 128 -10.57 22.28 30.49
N ILE Q 129 -10.02 21.18 29.99
CA ILE Q 129 -10.40 19.84 30.42
C ILE Q 129 -9.28 19.15 31.19
N LYS Q 130 -8.05 19.21 30.68
CA LYS Q 130 -6.90 18.63 31.35
C LYS Q 130 -5.71 19.55 31.12
N GLY Q 131 -5.15 20.06 32.22
CA GLY Q 131 -4.00 20.94 32.14
C GLY Q 131 -4.13 22.23 32.93
N UNK Q 132 -3.18 23.13 32.75
CA UNK Q 132 -3.17 24.39 33.48
C UNK Q 132 -4.02 25.46 32.79
N UNK Q 133 -3.42 26.15 31.83
CA UNK Q 133 -4.09 27.25 31.12
C UNK Q 133 -5.27 26.74 30.31
N UNK Q 134 -6.26 27.61 30.11
CA UNK Q 134 -7.47 27.25 29.39
C UNK Q 134 -7.56 27.94 28.04
N UNK Q 135 -6.47 28.59 27.63
CA UNK Q 135 -6.46 29.34 26.38
C UNK Q 135 -5.22 29.02 25.55
N VAL Q 136 -4.40 28.08 26.03
CA VAL Q 136 -3.19 27.70 25.32
C VAL Q 136 -2.88 26.22 25.55
N LEU Q 137 -2.23 25.60 24.57
CA LEU Q 137 -1.84 24.20 24.68
C LEU Q 137 -0.32 24.14 24.85
N VAL Q 138 0.13 24.00 26.10
CA VAL Q 138 1.56 23.99 26.37
C VAL Q 138 2.12 22.57 26.37
N ASP Q 139 1.39 21.61 26.93
CA ASP Q 139 1.85 20.24 27.08
C ASP Q 139 1.18 19.34 26.05
N GLN Q 140 1.84 18.22 25.76
CA GLN Q 140 1.27 17.24 24.85
C GLN Q 140 0.03 16.58 25.43
N SER Q 141 -0.06 16.52 26.76
CA SER Q 141 -1.23 15.93 27.41
C SER Q 141 -2.36 16.93 27.59
N ASP Q 142 -2.17 18.18 27.15
CA ASP Q 142 -3.19 19.20 27.33
C ASP Q 142 -4.43 18.90 26.49
N ARG Q 143 -5.60 19.06 27.09
CA ARG Q 143 -6.87 18.90 26.41
C ARG Q 143 -7.78 20.04 26.81
N ILE Q 144 -8.23 20.82 25.82
CA ILE Q 144 -9.14 21.93 26.04
C ILE Q 144 -10.34 21.75 25.13
N LYS Q 145 -11.51 22.09 25.66
CA LYS Q 145 -12.77 21.96 24.95
C LYS Q 145 -13.20 23.33 24.44
N VAL Q 146 -13.47 23.42 23.13
CA VAL Q 146 -13.92 24.66 22.51
C VAL Q 146 -15.44 24.66 22.53
N ILE Q 147 -16.02 25.75 23.03
CA ILE Q 147 -17.46 25.83 23.29
C ILE Q 147 -18.10 26.67 22.19
N MET Q 148 -19.10 26.08 21.50
CA MET Q 148 -19.78 26.75 20.40
C MET Q 148 -21.28 26.59 20.58
N TYR Q 149 -22.01 27.69 20.46
CA TYR Q 149 -23.47 27.71 20.61
C TYR Q 149 -24.10 27.46 19.24
N ALA Q 150 -25.06 26.55 19.18
CA ALA Q 150 -25.71 26.20 17.92
C ALA Q 150 -26.96 27.02 17.68
N UNK Q 151 -27.74 27.26 18.73
CA UNK Q 151 -28.99 28.00 18.62
C UNK Q 151 -28.74 29.50 18.70
N UNK Q 152 -27.52 29.91 18.34
CA UNK Q 152 -27.17 31.32 18.34
C UNK Q 152 -26.45 31.67 17.03
N VAL Q 153 -25.72 30.71 16.50
CA VAL Q 153 -25.06 30.87 15.21
C VAL Q 153 -26.06 30.57 14.10
N UNK Q 154 -26.46 29.31 14.00
CA UNK Q 154 -27.43 28.89 13.01
C UNK Q 154 -28.85 29.00 13.56
N UNK Q 155 -29.48 27.85 13.78
CA UNK Q 155 -30.85 27.82 14.31
C UNK Q 155 -31.15 26.48 14.96
N UNK Q 156 -30.28 26.06 15.87
CA UNK Q 156 -30.42 24.80 16.62
C UNK Q 156 -30.44 23.59 15.69
N LEU Q 157 -29.31 22.89 15.62
CA LEU Q 157 -29.16 21.73 14.74
C LEU Q 157 -30.22 20.66 15.00
N UNK Q 158 -30.76 20.12 13.92
CA UNK Q 158 -31.78 19.08 14.00
C UNK Q 158 -31.23 17.74 13.54
N UNK Q 159 -32.12 16.83 13.17
CA UNK Q 159 -31.72 15.48 12.78
C UNK Q 159 -31.00 15.43 11.44
N GLY Q 160 -29.84 14.78 11.42
CA GLY Q 160 -29.09 14.57 10.20
C GLY Q 160 -28.33 15.78 9.70
N UNK Q 161 -28.48 16.91 10.38
CA UNK Q 161 -27.81 18.14 9.97
C UNK Q 161 -26.30 18.03 10.14
N GLU Q 162 -25.57 18.39 9.09
CA GLU Q 162 -24.11 18.29 9.12
C GLU Q 162 -23.45 19.67 9.09
N VAL Q 163 -22.45 19.85 9.95
CA VAL Q 163 -21.71 21.09 10.05
C VAL Q 163 -20.23 20.80 9.80
N GLN Q 164 -19.62 21.57 8.90
CA GLN Q 164 -18.22 21.38 8.54
C GLN Q 164 -17.38 22.37 9.36
N LEU Q 165 -16.53 21.85 10.23
CA LEU Q 165 -15.68 22.66 11.08
C LEU Q 165 -14.23 22.54 10.64
N THR Q 166 -13.60 23.68 10.35
CA THR Q 166 -12.20 23.74 9.94
C THR Q 166 -11.48 24.66 10.92
N VAL Q 167 -10.96 24.10 12.00
CA VAL Q 167 -10.24 24.88 13.00
C VAL Q 167 -8.88 25.28 12.43
N THR Q 168 -8.61 26.58 12.37
CA THR Q 168 -7.38 27.12 11.83
C THR Q 168 -6.57 27.77 12.94
N THR Q 169 -5.31 27.36 13.08
CA THR Q 169 -4.45 27.92 14.09
C THR Q 169 -3.96 29.30 13.66
N GLN Q 170 -3.20 29.97 14.53
CA GLN Q 170 -2.70 31.30 14.21
C GLN Q 170 -1.74 31.28 13.04
N TYR Q 171 -0.87 30.28 12.97
CA TYR Q 171 0.19 30.26 11.97
C TYR Q 171 -0.26 29.71 10.62
N GLY Q 172 -1.48 29.18 10.52
CA GLY Q 172 -2.05 28.78 9.25
C GLY Q 172 -2.45 27.33 9.16
N SER Q 173 -1.92 26.47 10.03
CA SER Q 173 -2.30 25.07 10.00
C SER Q 173 -3.79 24.93 10.30
N LYS Q 174 -4.49 24.16 9.48
CA LYS Q 174 -5.94 24.02 9.57
C LYS Q 174 -6.30 22.55 9.69
N THR Q 175 -7.23 22.24 10.59
CA THR Q 175 -7.75 20.89 10.77
C THR Q 175 -9.23 20.88 10.45
N THR Q 176 -9.64 19.94 9.60
CA THR Q 176 -11.02 19.85 9.13
C THR Q 176 -11.72 18.70 9.83
N TYR Q 177 -12.87 19.00 10.44
CA TYR Q 177 -13.70 17.99 11.09
C TYR Q 177 -15.14 18.20 10.65
N TRP Q 178 -15.79 17.12 10.21
CA TRP Q 178 -17.18 17.16 9.78
C TRP Q 178 -18.05 16.63 10.92
N ALA Q 179 -18.95 17.47 11.41
CA ALA Q 179 -19.83 17.10 12.53
C ALA Q 179 -21.19 16.72 11.96
N GLN Q 180 -21.54 15.45 12.05
CA GLN Q 180 -22.81 14.93 11.54
C GLN Q 180 -23.69 14.60 12.75
N VAL Q 181 -24.78 15.35 12.90
CA VAL Q 181 -25.72 15.07 14.00
C VAL Q 181 -26.38 13.72 13.74
N PRO Q 182 -26.61 12.89 14.76
CA PRO Q 182 -27.28 11.60 14.53
C PRO Q 182 -28.65 11.79 13.91
N GLU Q 183 -29.03 10.83 13.05
CA GLU Q 183 -30.29 10.94 12.30
C GLU Q 183 -31.51 10.92 13.21
N SER Q 184 -31.37 10.44 14.45
CA SER Q 184 -32.47 10.43 15.40
C SER Q 184 -31.93 10.84 16.76
N LEU Q 185 -32.59 11.81 17.40
CA LEU Q 185 -32.20 12.31 18.71
C LEU Q 185 -33.29 12.11 19.76
N LYS Q 186 -34.23 11.21 19.51
CA LYS Q 186 -35.36 11.05 20.42
C LYS Q 186 -34.91 10.37 21.71
N ASP Q 187 -35.09 11.08 22.83
CA ASP Q 187 -34.69 10.61 24.16
C ASP Q 187 -33.19 10.28 24.16
N LYS Q 188 -32.38 11.32 23.94
CA LYS Q 188 -30.92 11.23 24.04
C LYS Q 188 -30.43 12.52 24.67
N ASN Q 189 -29.87 12.42 25.88
CA ASN Q 189 -29.45 13.61 26.61
C ASN Q 189 -28.31 14.33 25.87
N ALA Q 190 -27.34 13.58 25.37
CA ALA Q 190 -26.22 14.14 24.64
C ALA Q 190 -25.80 13.18 23.52
N VAL Q 191 -25.46 13.74 22.37
CA VAL Q 191 -25.10 12.93 21.22
C VAL Q 191 -23.60 13.02 20.93
N UNK Q 192 -23.10 12.07 20.15
CA UNK Q 192 -21.70 12.07 19.74
C UNK Q 192 -21.59 12.34 18.26
N LEU Q 193 -21.81 13.59 17.87
CA LEU Q 193 -21.78 13.99 16.47
C LEU Q 193 -20.35 13.99 15.91
N GLN R 13 62.98 79.48 -10.86
CA GLN R 13 62.28 79.36 -12.14
C GLN R 13 61.53 78.03 -12.22
N VAL R 14 62.27 76.94 -12.04
CA VAL R 14 61.65 75.61 -12.05
C VAL R 14 60.70 75.46 -10.87
N GLY R 15 61.05 76.05 -9.73
CA GLY R 15 60.17 75.96 -8.57
C GLY R 15 58.83 76.62 -8.79
N ILE R 16 58.82 77.75 -9.49
CA ILE R 16 57.57 78.44 -9.78
C ILE R 16 56.66 77.56 -10.63
N GLY R 17 57.23 76.94 -11.67
CA GLY R 17 56.44 76.04 -12.51
C GLY R 17 55.93 74.84 -11.74
N THR R 18 56.72 74.37 -10.77
CA THR R 18 56.34 73.18 -10.00
C THR R 18 55.07 73.42 -9.19
N LEU R 19 55.01 74.57 -8.50
CA LEU R 19 53.88 74.82 -7.60
C LEU R 19 52.57 74.95 -8.37
N ILE R 20 52.60 75.63 -9.52
CA ILE R 20 51.37 75.85 -10.28
C ILE R 20 50.82 74.51 -10.77
N VAL R 21 51.68 73.65 -11.29
CA VAL R 21 51.25 72.31 -11.67
C VAL R 21 50.86 71.51 -10.43
N PHE R 22 51.57 71.72 -9.32
CA PHE R 22 51.26 71.02 -8.07
C PHE R 22 49.80 71.26 -7.68
N ILE R 23 49.36 72.52 -7.68
CA ILE R 23 47.97 72.83 -7.36
C ILE R 23 47.03 72.17 -8.37
N ALA R 24 47.44 72.13 -9.64
CA ALA R 24 46.63 71.47 -10.65
C ALA R 24 46.50 69.98 -10.35
N MET R 25 47.58 69.36 -9.87
CA MET R 25 47.56 67.93 -9.58
C MET R 25 46.56 67.60 -8.48
N VAL R 26 46.54 68.37 -7.40
CA VAL R 26 45.65 68.08 -6.28
C VAL R 26 44.20 68.33 -6.69
N LEU R 27 43.98 69.30 -7.58
CA LEU R 27 42.63 69.53 -8.10
C LEU R 27 42.14 68.35 -8.93
N VAL R 28 42.85 68.02 -10.01
CA VAL R 28 42.38 66.97 -10.91
C VAL R 28 42.20 65.66 -10.15
N ALA R 29 43.02 65.43 -9.13
CA ALA R 29 42.79 64.29 -8.24
C ALA R 29 41.49 64.45 -7.48
N ALA R 30 41.17 65.67 -7.03
CA ALA R 30 39.96 65.88 -6.24
C ALA R 30 38.71 65.59 -7.05
N ILE R 31 38.65 66.06 -8.30
CA ILE R 31 37.54 65.68 -9.18
C ILE R 31 37.55 64.17 -9.40
N ALA R 32 38.73 63.59 -9.61
CA ALA R 32 38.82 62.14 -9.76
C ALA R 32 38.36 61.44 -8.50
N ALA R 33 38.79 61.93 -7.33
CA ALA R 33 38.34 61.36 -6.07
C ALA R 33 36.84 61.54 -5.89
N GLY R 34 36.34 62.73 -6.20
CA GLY R 34 34.94 63.06 -5.98
C GLY R 34 33.95 62.17 -6.71
N VAL R 35 34.20 61.91 -7.99
CA VAL R 35 33.25 61.14 -8.80
C VAL R 35 33.15 59.72 -8.28
N LEU R 36 34.27 59.17 -7.80
CA LEU R 36 34.27 57.79 -7.31
C LEU R 36 33.34 57.62 -6.12
N ILE R 37 33.44 58.54 -5.14
CA ILE R 37 32.62 58.41 -3.93
C ILE R 37 31.15 58.66 -4.25
N ASN R 38 30.86 59.72 -4.99
CA ASN R 38 29.47 60.05 -5.31
C ASN R 38 28.82 58.96 -6.15
N THR R 39 29.55 58.40 -7.13
CA THR R 39 29.03 57.26 -7.87
C THR R 39 28.81 56.07 -6.95
N ALA R 40 29.75 55.82 -6.04
CA ALA R 40 29.56 54.76 -5.05
C ALA R 40 28.35 55.06 -4.17
N GLY R 41 28.10 56.33 -3.88
CA GLY R 41 26.92 56.69 -3.10
C GLY R 41 25.63 56.37 -3.83
N TYR R 42 25.58 56.65 -5.13
CA TYR R 42 24.37 56.38 -5.90
C TYR R 42 24.06 54.90 -5.95
N LEU R 43 25.08 54.07 -6.20
CA LEU R 43 24.89 52.63 -6.18
C LEU R 43 24.54 52.14 -4.77
N GLN R 44 25.13 52.76 -3.75
CA GLN R 44 24.84 52.36 -2.37
C GLN R 44 23.35 52.47 -2.05
N SER R 45 22.77 53.64 -2.32
CA SER R 45 21.35 53.82 -2.05
C SER R 45 20.51 52.92 -2.96
N LYS R 46 20.88 52.82 -4.23
CA LYS R 46 20.13 52.01 -5.17
C LYS R 46 20.32 50.53 -4.88
N GLY R 47 21.54 50.12 -4.55
CA GLY R 47 21.80 48.71 -4.27
C GLY R 47 21.08 48.24 -3.01
N SER R 48 21.11 49.05 -1.96
CA SER R 48 20.42 48.69 -0.73
C SER R 48 18.91 48.60 -0.95
N ALA R 49 18.35 49.55 -1.68
CA ALA R 49 16.92 49.53 -1.95
C ALA R 49 16.54 48.33 -2.81
N THR R 50 17.43 47.93 -3.73
CA THR R 50 17.18 46.75 -4.54
C THR R 50 17.10 45.50 -3.68
N GLY R 51 17.98 45.39 -2.69
CA GLY R 51 17.97 44.21 -1.83
C GLY R 51 16.70 44.08 -1.02
N GLU R 52 16.21 45.19 -0.47
CA GLU R 52 15.00 45.15 0.34
C GLU R 52 13.79 44.77 -0.50
N GLU R 53 13.62 45.40 -1.66
CA GLU R 53 12.41 45.19 -2.45
C GLU R 53 12.41 43.82 -3.11
N ALA R 54 13.58 43.35 -3.57
CA ALA R 54 13.64 42.01 -4.14
C ALA R 54 13.36 40.95 -3.09
N SER R 55 13.90 41.13 -1.88
CA SER R 55 13.55 40.25 -0.77
C SER R 55 12.08 40.39 -0.42
N ALA R 56 11.55 41.62 -0.52
CA ALA R 56 10.13 41.85 -0.28
C ALA R 56 9.28 41.12 -1.32
N GLN R 57 9.74 41.08 -2.57
CA GLN R 57 8.99 40.40 -3.63
C GLN R 57 8.82 38.91 -3.32
N VAL R 58 9.82 38.29 -2.70
CA VAL R 58 9.80 36.86 -2.42
C VAL R 58 9.02 36.59 -1.14
N SER R 59 9.15 37.48 -0.15
CA SER R 59 8.64 37.23 1.20
C SER R 59 7.18 37.62 1.38
N ASN R 60 6.79 38.85 1.03
CA ASN R 60 5.42 39.29 1.29
C ASN R 60 4.44 38.65 0.31
N ARG R 61 4.03 37.42 0.61
CA ARG R 61 3.09 36.69 -0.21
C ARG R 61 1.76 36.55 0.55
N ILE R 62 0.69 36.40 -0.22
CA ILE R 62 -0.65 36.26 0.35
C ILE R 62 -0.99 34.78 0.33
N ASN R 63 -1.18 34.21 1.52
CA ASN R 63 -1.66 32.83 1.62
C ASN R 63 -3.17 32.81 1.81
N ILE R 64 -3.82 31.88 1.11
CA ILE R 64 -5.27 31.78 1.08
C ILE R 64 -5.69 30.61 1.94
N VAL R 65 -6.51 30.89 2.95
CA VAL R 65 -6.91 29.83 3.89
C VAL R 65 -8.07 29.02 3.33
N SER R 66 -9.19 29.68 3.08
CA SER R 66 -10.38 28.99 2.57
C SER R 66 -11.24 29.98 1.80
N ALA R 67 -12.02 29.44 0.87
CA ALA R 67 -12.92 30.24 0.04
C ALA R 67 -14.31 29.62 0.09
N TYR R 68 -15.30 30.43 0.47
CA TYR R 68 -16.70 30.03 0.46
C TYR R 68 -17.51 31.02 -0.37
N GLY R 69 -18.82 30.83 -0.39
CA GLY R 69 -19.67 31.70 -1.19
C GLY R 69 -21.15 31.57 -0.92
N ASN R 70 -21.86 32.70 -0.94
CA ASN R 70 -23.30 32.70 -0.75
C ASN R 70 -24.00 32.07 -1.94
N VAL R 71 -25.20 31.54 -1.69
CA VAL R 71 -25.99 30.94 -2.74
C VAL R 71 -27.41 31.50 -2.73
N UNK R 72 -27.82 32.08 -3.86
CA UNK R 72 -29.18 32.57 -4.01
C UNK R 72 -29.87 31.82 -5.14
N UNK R 73 -31.14 31.47 -4.93
CA UNK R 73 -31.91 30.67 -5.89
C UNK R 73 -31.20 29.35 -6.19
N UNK R 74 -30.25 29.39 -7.12
CA UNK R 74 -29.48 28.20 -7.47
C UNK R 74 -28.17 28.58 -8.15
N UNK R 75 -27.56 29.67 -7.69
CA UNK R 75 -26.31 30.14 -8.28
C UNK R 75 -25.51 30.99 -7.30
N VAL R 76 -24.21 30.77 -7.26
CA VAL R 76 -23.33 31.55 -6.39
C VAL R 76 -23.26 33.00 -6.87
N ASP R 77 -23.66 33.92 -6.00
CA ASP R 77 -23.61 35.34 -6.34
C ASP R 77 -22.37 36.01 -5.77
N TYR R 78 -21.98 35.66 -4.55
CA TYR R 78 -20.79 36.20 -3.91
C TYR R 78 -19.73 35.12 -3.82
N VAL R 79 -18.51 35.47 -4.24
CA VAL R 79 -17.34 34.64 -4.02
C VAL R 79 -16.39 35.42 -3.12
N ASN R 80 -16.14 34.89 -1.92
CA ASN R 80 -15.29 35.57 -0.96
C ASN R 80 -14.29 34.61 -0.35
N LEU R 81 -13.08 35.10 -0.11
CA LEU R 81 -11.94 34.31 0.32
C LEU R 81 -11.57 34.67 1.76
N THR R 82 -10.59 33.95 2.29
CA THR R 82 -9.99 34.26 3.58
C THR R 82 -8.48 34.17 3.42
N VAL R 83 -7.81 35.32 3.36
CA VAL R 83 -6.39 35.40 3.06
C VAL R 83 -5.63 35.74 4.34
N ARG R 84 -4.40 35.24 4.43
CA ARG R 84 -3.52 35.52 5.56
C ARG R 84 -2.09 35.69 5.07
N GLN R 85 -1.26 36.26 5.93
CA GLN R 85 0.14 36.49 5.59
C GLN R 85 0.88 35.18 5.37
N ALA R 86 1.92 35.23 4.55
CA ALA R 86 2.77 34.07 4.31
C ALA R 86 3.75 33.94 5.47
N ALA R 87 4.73 33.05 5.33
CA ALA R 87 5.69 32.81 6.39
C ALA R 87 6.71 33.93 6.47
N GLY R 88 6.72 34.65 7.59
CA GLY R 88 7.66 35.75 7.78
C GLY R 88 7.46 36.89 6.82
N ALA R 89 6.22 37.35 6.64
CA ALA R 89 5.92 38.46 5.77
C ALA R 89 5.73 39.74 6.58
N ASP R 90 5.97 40.88 5.93
CA ASP R 90 5.81 42.18 6.56
C ASP R 90 4.37 42.65 6.42
N ASN R 91 4.13 43.92 6.70
CA ASN R 91 2.79 44.49 6.56
C ASN R 91 2.35 44.44 5.11
N ILE R 92 1.25 43.74 4.85
CA ILE R 92 0.71 43.58 3.50
C ILE R 92 -0.54 44.46 3.40
N ASN R 93 -0.49 45.44 2.50
CA ASN R 93 -1.65 46.29 2.25
C ASN R 93 -2.52 45.67 1.17
N LEU R 94 -3.80 45.51 1.46
CA LEU R 94 -4.72 44.89 0.50
C LEU R 94 -5.48 45.93 -0.31
N UNK R 95 -5.14 47.20 -0.13
CA UNK R 95 -5.76 48.25 -0.93
C UNK R 95 -4.92 48.52 -2.17
N LYS R 96 -3.63 48.26 -2.07
CA LYS R 96 -2.71 48.42 -3.19
C LYS R 96 -2.38 47.06 -3.79
N SER R 97 -3.34 46.14 -3.69
CA SER R 97 -3.21 44.79 -4.23
C SER R 97 -4.26 44.57 -5.30
N THR R 98 -3.91 43.79 -6.32
CA THR R 98 -4.78 43.53 -7.45
C THR R 98 -5.07 42.03 -7.54
N ILE R 99 -6.23 41.69 -8.09
CA ILE R 99 -6.68 40.32 -8.21
C ILE R 99 -7.16 40.09 -9.64
N GLN R 100 -6.71 38.99 -10.23
CA GLN R 100 -7.07 38.63 -11.61
C GLN R 100 -8.14 37.55 -11.59
N TRP R 101 -9.13 37.70 -12.47
CA TRP R 101 -10.28 36.81 -12.53
C TRP R 101 -10.37 36.26 -13.94
N ILE R 102 -10.14 34.95 -14.10
CA ILE R 102 -10.30 34.27 -15.38
C ILE R 102 -11.32 33.17 -15.14
N GLY R 103 -12.59 33.47 -15.43
CA GLY R 103 -13.66 32.53 -15.22
C GLY R 103 -14.26 32.04 -16.53
N PRO R 104 -15.46 31.48 -16.45
CA PRO R 104 -16.12 31.00 -17.67
C PRO R 104 -16.51 32.11 -18.64
N ASP R 105 -16.58 33.36 -18.18
CA ASP R 105 -16.97 34.47 -19.04
C ASP R 105 -15.86 35.50 -19.16
N UNK R 106 -15.92 36.53 -18.33
CA UNK R 106 -14.98 37.64 -18.39
C UNK R 106 -13.57 37.21 -17.97
N ALA R 107 -12.59 38.02 -18.33
CA ALA R 107 -11.20 37.78 -17.95
C ALA R 107 -10.56 39.08 -17.50
N THR R 108 -11.22 39.76 -16.58
CA THR R 108 -10.79 41.09 -16.14
C THR R 108 -9.93 41.00 -14.89
N THR R 109 -9.37 42.15 -14.50
CA THR R 109 -8.55 42.28 -13.31
C THR R 109 -9.26 43.19 -12.33
N LEU R 110 -9.34 42.76 -11.07
CA LEU R 110 -10.10 43.47 -10.05
C LEU R 110 -9.17 44.29 -9.16
N THR R 111 -9.60 45.50 -8.82
CA THR R 111 -8.88 46.38 -7.92
C THR R 111 -9.78 46.78 -6.76
N TYR R 112 -9.15 47.12 -5.63
CA TYR R 112 -9.86 47.37 -4.38
C TYR R 112 -10.70 48.64 -4.50
N UNK R 113 -11.94 48.57 -4.01
CA UNK R 113 -12.88 49.68 -4.13
C UNK R 113 -13.21 50.32 -2.78
N UNK R 114 -14.48 50.25 -2.39
CA UNK R 114 -14.95 50.81 -1.12
C UNK R 114 -16.40 50.42 -0.87
N UNK R 115 -16.65 49.12 -0.76
CA UNK R 115 -17.99 48.59 -0.52
C UNK R 115 -18.98 49.05 -1.59
N UNK R 119 -17.77 46.27 -3.00
CA UNK R 119 -17.66 45.26 -4.05
C UNK R 119 -18.33 45.75 -5.34
N UNK R 120 -19.06 44.85 -5.98
CA UNK R 120 -19.80 45.13 -7.21
C UNK R 120 -18.91 45.53 -8.38
N UNK R 121 -19.51 45.57 -9.57
CA UNK R 121 -18.83 45.97 -10.80
C UNK R 121 -17.58 45.14 -11.09
N GLU R 122 -16.45 45.83 -11.23
CA GLU R 122 -15.20 45.20 -11.60
C GLU R 122 -14.17 45.34 -10.49
N ASN R 123 -14.65 45.28 -9.24
CA ASN R 123 -13.84 45.62 -8.09
C ASN R 123 -14.03 44.58 -6.99
N PHE R 124 -13.25 44.73 -5.93
CA PHE R 124 -13.37 43.90 -4.74
C PHE R 124 -13.17 44.75 -3.50
N THR R 125 -13.76 44.30 -2.39
CA THR R 125 -13.64 44.99 -1.11
C THR R 125 -13.26 43.98 -0.04
N THR R 126 -12.66 44.47 1.04
CA THR R 126 -12.15 43.59 2.08
C THR R 126 -12.76 43.86 3.46
N UNK R 127 -13.67 43.00 3.87
CA UNK R 127 -14.23 43.06 5.22
C UNK R 127 -13.34 42.26 6.15
N SER R 128 -13.13 42.76 7.36
CA SER R 128 -12.21 42.14 8.30
C SER R 128 -12.85 40.99 9.07
N ILE R 129 -12.06 39.94 9.32
CA ILE R 129 -12.51 38.81 10.11
C ILE R 129 -11.88 38.83 11.50
N LYS R 130 -10.56 38.98 11.57
CA LYS R 130 -9.85 39.06 12.83
C LYS R 130 -8.75 40.11 12.71
N GLY R 131 -8.66 40.99 13.69
CA GLY R 131 -7.61 42.00 13.70
C GLY R 131 -8.12 43.43 13.76
N UNK R 132 -7.20 44.36 14.02
CA UNK R 132 -7.56 45.77 14.12
C UNK R 132 -7.88 46.36 12.75
N UNK R 133 -6.87 46.45 11.89
CA UNK R 133 -7.04 47.02 10.56
C UNK R 133 -7.93 46.15 9.70
N UNK R 134 -8.73 46.79 8.85
CA UNK R 134 -9.66 46.07 7.98
C UNK R 134 -9.24 46.18 6.52
N UNK R 135 -7.94 46.35 6.29
CA UNK R 135 -7.42 46.50 4.94
C UNK R 135 -5.95 46.14 4.88
N VAL R 136 -5.29 46.09 6.03
CA VAL R 136 -3.87 45.78 6.10
C VAL R 136 -3.64 44.58 7.02
N LEU R 137 -2.73 43.70 6.61
CA LEU R 137 -2.37 42.54 7.42
C LEU R 137 -1.09 42.86 8.18
N VAL R 138 -1.24 43.32 9.43
CA VAL R 138 -0.10 43.76 10.21
C VAL R 138 0.50 42.59 10.98
N ASP R 139 -0.35 41.74 11.56
CA ASP R 139 0.11 40.64 12.39
C ASP R 139 -0.06 39.30 11.66
N GLN R 140 0.65 38.30 12.16
CA GLN R 140 0.58 36.96 11.56
C GLN R 140 -0.80 36.34 11.72
N SER R 141 -1.44 36.53 12.89
CA SER R 141 -2.75 35.98 13.14
C SER R 141 -3.87 36.71 12.40
N ASP R 142 -3.55 37.82 11.72
CA ASP R 142 -4.57 38.59 11.03
C ASP R 142 -5.22 37.78 9.91
N ARG R 143 -6.54 37.89 9.80
CA ARG R 143 -7.32 37.23 8.77
C ARG R 143 -8.30 38.25 8.20
N ILE R 144 -8.19 38.53 6.91
CA ILE R 144 -9.05 39.49 6.22
C ILE R 144 -9.74 38.79 5.06
N LYS R 145 -11.04 39.04 4.90
CA LYS R 145 -11.85 38.42 3.87
C LYS R 145 -12.07 39.40 2.73
N VAL R 146 -11.63 39.03 1.53
CA VAL R 146 -11.90 39.83 0.34
C VAL R 146 -13.27 39.46 -0.21
N ILE R 147 -13.93 40.41 -0.88
CA ILE R 147 -15.31 40.24 -1.31
C ILE R 147 -15.36 40.46 -2.82
N MET R 148 -15.97 39.53 -3.54
CA MET R 148 -16.21 39.66 -4.97
C MET R 148 -17.69 39.46 -5.26
N TYR R 149 -18.25 40.31 -6.11
CA TYR R 149 -19.65 40.20 -6.51
C TYR R 149 -19.70 39.51 -7.86
N ALA R 150 -19.78 38.19 -7.82
CA ALA R 150 -19.71 37.37 -9.02
C ALA R 150 -20.89 37.60 -9.96
N UNK R 151 -21.95 38.21 -9.45
CA UNK R 151 -23.10 38.53 -10.27
C UNK R 151 -22.95 39.94 -10.85
N UNK R 152 -21.77 40.51 -10.68
CA UNK R 152 -21.45 41.83 -11.23
C UNK R 152 -20.17 41.74 -12.04
N VAL R 153 -19.39 40.70 -11.80
CA VAL R 153 -18.18 40.45 -12.57
C VAL R 153 -18.52 39.48 -13.71
N UNK R 154 -19.53 38.65 -13.47
CA UNK R 154 -20.00 37.71 -14.47
C UNK R 154 -21.50 37.48 -14.33
N UNK R 155 -22.03 36.54 -15.11
CA UNK R 155 -23.45 36.20 -15.03
C UNK R 155 -23.67 35.15 -13.94
N UNK R 156 -23.62 35.59 -12.68
CA UNK R 156 -23.73 34.70 -11.53
C UNK R 156 -22.69 33.60 -11.59
N LEU R 157 -22.99 32.45 -10.99
CA LEU R 157 -22.09 31.31 -11.01
C LEU R 157 -22.86 30.01 -10.80
N UNK R 158 -23.13 29.32 -11.90
CA UNK R 158 -23.90 28.07 -11.85
C UNK R 158 -23.03 26.92 -11.34
N UNK R 159 -23.52 25.69 -11.53
CA UNK R 159 -22.84 24.51 -11.03
C UNK R 159 -21.66 24.11 -11.91
N GLY R 160 -20.60 23.61 -11.26
CA GLY R 160 -19.44 23.11 -11.96
C GLY R 160 -18.55 24.17 -12.57
N UNK R 161 -18.95 25.43 -12.43
CA UNK R 161 -18.18 26.53 -13.00
C UNK R 161 -16.82 26.66 -12.31
N GLU R 162 -15.85 27.22 -13.03
CA GLU R 162 -14.50 27.37 -12.49
C GLU R 162 -13.93 28.74 -12.85
N VAL R 163 -13.32 29.40 -11.85
CA VAL R 163 -12.66 30.68 -12.03
C VAL R 163 -11.23 30.55 -11.54
N GLN R 164 -10.34 31.39 -12.08
CA GLN R 164 -8.92 31.33 -11.74
C GLN R 164 -8.56 32.67 -11.08
N LEU R 165 -8.40 32.63 -9.77
CA LEU R 165 -8.04 33.82 -9.00
C LEU R 165 -6.55 33.82 -8.67
N THR R 166 -5.87 34.90 -9.05
CA THR R 166 -4.43 35.06 -8.79
C THR R 166 -4.25 36.37 -8.03
N VAL R 167 -4.21 36.29 -6.70
CA VAL R 167 -4.03 37.48 -5.88
C VAL R 167 -2.59 37.93 -6.00
N THR R 168 -2.40 39.16 -6.46
CA THR R 168 -1.07 39.73 -6.66
C THR R 168 -0.84 40.84 -5.65
N THR R 169 0.18 40.68 -4.82
CA THR R 169 0.56 41.70 -3.85
C THR R 169 1.26 42.85 -4.57
N GLN R 170 1.29 44.01 -3.91
CA GLN R 170 1.89 45.21 -4.50
C GLN R 170 3.30 44.93 -5.01
N TYR R 171 4.12 44.26 -4.21
CA TYR R 171 5.51 44.03 -4.61
C TYR R 171 5.61 43.04 -5.76
N GLY R 172 4.71 42.06 -5.83
CA GLY R 172 4.70 41.18 -6.98
C GLY R 172 4.48 39.71 -6.69
N SER R 173 4.39 39.34 -5.41
CA SER R 173 4.15 37.95 -5.06
C SER R 173 2.76 37.52 -5.51
N LYS R 174 2.70 36.39 -6.22
CA LYS R 174 1.46 35.90 -6.82
C LYS R 174 1.03 34.60 -6.16
N THR R 175 -0.24 34.54 -5.77
CA THR R 175 -0.85 33.33 -5.24
C THR R 175 -2.08 33.01 -6.07
N THR R 176 -2.14 31.79 -6.60
CA THR R 176 -3.23 31.36 -7.44
C THR R 176 -4.15 30.41 -6.68
N TYR R 177 -5.46 30.59 -6.84
CA TYR R 177 -6.46 29.73 -6.24
C TYR R 177 -7.52 29.43 -7.29
N TRP R 178 -7.76 28.15 -7.54
CA TRP R 178 -8.77 27.73 -8.52
C TRP R 178 -10.06 27.42 -7.76
N ALA R 179 -11.00 28.34 -7.79
CA ALA R 179 -12.28 28.17 -7.11
C ALA R 179 -13.19 27.33 -7.97
N GLN R 180 -13.62 26.18 -7.44
CA GLN R 180 -14.44 25.22 -8.17
C GLN R 180 -15.80 25.14 -7.48
N VAL R 181 -16.82 25.66 -8.16
CA VAL R 181 -18.18 25.58 -7.62
C VAL R 181 -18.60 24.12 -7.54
N PRO R 182 -19.33 23.70 -6.51
CA PRO R 182 -19.76 22.30 -6.42
C PRO R 182 -20.61 21.90 -7.62
N GLU R 183 -20.56 20.60 -7.95
CA GLU R 183 -21.21 20.11 -9.16
C GLU R 183 -22.72 20.28 -9.12
N SER R 184 -23.30 20.45 -7.93
CA SER R 184 -24.75 20.61 -7.79
C SER R 184 -25.04 21.37 -6.50
N LEU R 185 -25.63 22.55 -6.64
CA LEU R 185 -26.02 23.37 -5.49
C LEU R 185 -27.46 23.10 -5.07
N LYS R 186 -27.78 21.83 -4.84
CA LYS R 186 -29.16 21.44 -4.55
C LYS R 186 -29.51 21.83 -3.12
N ASP R 187 -30.16 22.99 -2.97
CA ASP R 187 -30.65 23.48 -1.69
C ASP R 187 -29.50 23.57 -0.68
N LYS R 188 -28.59 24.50 -0.95
CA LYS R 188 -27.50 24.85 -0.04
C LYS R 188 -27.54 26.34 0.22
N ASN R 189 -27.37 26.73 1.49
CA ASN R 189 -27.31 28.15 1.82
C ASN R 189 -26.00 28.75 1.31
N ALA R 190 -24.88 28.07 1.56
CA ALA R 190 -23.58 28.52 1.10
C ALA R 190 -22.71 27.31 0.82
N VAL R 191 -21.88 27.42 -0.21
CA VAL R 191 -21.01 26.32 -0.62
C VAL R 191 -19.57 26.58 -0.20
N UNK R 192 -18.66 25.75 -0.70
CA UNK R 192 -17.24 25.90 -0.38
C UNK R 192 -16.40 25.69 -1.63
N LEU R 193 -16.16 26.76 -2.37
CA LEU R 193 -15.37 26.70 -3.59
C LEU R 193 -13.93 26.31 -3.29
N GLN S 13 71.86 77.52 -14.39
CA GLN S 13 70.94 78.13 -13.45
C GLN S 13 69.59 77.41 -13.48
N VAL S 14 69.06 77.23 -14.69
CA VAL S 14 67.83 76.45 -14.84
C VAL S 14 68.11 74.97 -14.56
N GLY S 15 69.27 74.50 -14.99
CA GLY S 15 69.59 73.09 -14.83
C GLY S 15 69.75 72.67 -13.38
N ILE S 16 70.45 73.48 -12.58
CA ILE S 16 70.75 73.08 -11.21
C ILE S 16 69.48 72.95 -10.38
N GLY S 17 68.50 73.82 -10.65
CA GLY S 17 67.24 73.73 -9.95
C GLY S 17 66.51 72.42 -10.22
N THR S 18 66.71 71.87 -11.43
CA THR S 18 66.01 70.66 -11.85
C THR S 18 66.32 69.47 -10.95
N LEU S 19 67.60 69.23 -10.66
CA LEU S 19 67.98 68.11 -9.81
C LEU S 19 67.42 68.26 -8.41
N ILE S 20 67.41 69.49 -7.88
CA ILE S 20 66.81 69.72 -6.56
C ILE S 20 65.33 69.31 -6.59
N VAL S 21 64.62 69.69 -7.65
CA VAL S 21 63.26 69.22 -7.83
C VAL S 21 63.26 67.72 -8.13
N PHE S 22 64.23 67.24 -8.90
CA PHE S 22 64.27 65.84 -9.30
C PHE S 22 64.33 64.94 -8.07
N ILE S 23 65.16 65.29 -7.10
CA ILE S 23 65.20 64.53 -5.84
C ILE S 23 63.85 64.59 -5.15
N ALA S 24 63.17 65.73 -5.22
CA ALA S 24 61.87 65.87 -4.58
C ALA S 24 60.86 64.90 -5.17
N MET S 25 60.83 64.78 -6.50
CA MET S 25 59.90 63.85 -7.14
C MET S 25 60.19 62.41 -6.74
N VAL S 26 61.47 62.05 -6.66
CA VAL S 26 61.85 60.70 -6.26
C VAL S 26 61.38 60.42 -4.83
N LEU S 27 61.58 61.39 -3.93
CA LEU S 27 61.27 61.16 -2.53
C LEU S 27 59.77 60.95 -2.31
N VAL S 28 58.94 61.84 -2.86
CA VAL S 28 57.49 61.73 -2.64
C VAL S 28 56.97 60.42 -3.21
N ALA S 29 57.48 60.03 -4.39
CA ALA S 29 57.10 58.75 -4.96
C ALA S 29 57.52 57.60 -4.06
N ALA S 30 58.72 57.69 -3.48
CA ALA S 30 59.14 56.68 -2.50
C ALA S 30 58.24 56.70 -1.27
N ILE S 31 57.89 57.90 -0.79
CA ILE S 31 56.91 58.01 0.28
C ILE S 31 55.57 57.46 -0.17
N ALA S 32 55.15 57.80 -1.39
CA ALA S 32 53.91 57.27 -1.93
C ALA S 32 53.98 55.74 -2.06
N ALA S 33 55.03 55.24 -2.71
CA ALA S 33 55.16 53.80 -2.94
C ALA S 33 55.13 53.02 -1.65
N GLY S 34 55.70 53.59 -0.58
CA GLY S 34 55.68 52.91 0.70
C GLY S 34 54.27 52.73 1.24
N VAL S 35 53.41 53.72 1.02
CA VAL S 35 52.08 53.72 1.63
C VAL S 35 51.26 52.53 1.14
N LEU S 36 51.25 52.30 -0.18
CA LEU S 36 50.46 51.20 -0.73
C LEU S 36 51.02 49.86 -0.28
N ILE S 37 52.35 49.73 -0.25
CA ILE S 37 52.96 48.44 0.06
C ILE S 37 52.67 48.03 1.49
N ASN S 38 52.88 48.95 2.45
CA ASN S 38 52.60 48.63 3.84
C ASN S 38 51.12 48.42 4.08
N THR S 39 50.28 49.23 3.43
CA THR S 39 48.83 49.03 3.54
C THR S 39 48.42 47.68 2.98
N ALA S 40 48.97 47.31 1.81
CA ALA S 40 48.71 45.98 1.26
C ALA S 40 49.28 44.90 2.17
N GLY S 41 50.47 45.13 2.72
CA GLY S 41 51.05 44.16 3.64
C GLY S 41 50.21 43.96 4.87
N TYR S 42 49.69 45.05 5.45
CA TYR S 42 48.77 44.94 6.57
C TYR S 42 47.46 44.27 6.14
N LEU S 43 46.98 44.62 4.95
CA LEU S 43 45.74 44.03 4.46
C LEU S 43 45.92 42.56 4.10
N GLN S 44 47.14 42.17 3.71
CA GLN S 44 47.42 40.77 3.46
C GLN S 44 47.18 39.93 4.71
N SER S 45 47.71 40.38 5.83
CA SER S 45 47.56 39.63 7.08
C SER S 45 46.10 39.53 7.48
N LYS S 46 45.37 40.63 7.38
CA LYS S 46 43.95 40.62 7.74
C LYS S 46 43.16 39.74 6.78
N GLY S 47 43.47 39.81 5.49
CA GLY S 47 42.78 38.97 4.53
C GLY S 47 43.07 37.50 4.73
N SER S 48 44.34 37.15 4.94
CA SER S 48 44.69 35.76 5.19
C SER S 48 44.09 35.27 6.51
N ALA S 49 44.10 36.14 7.54
CA ALA S 49 43.51 35.76 8.81
C ALA S 49 42.01 35.52 8.69
N THR S 50 41.31 36.42 7.99
CA THR S 50 39.85 36.30 7.87
C THR S 50 39.45 34.99 7.20
N GLY S 51 40.21 34.58 6.18
CA GLY S 51 39.92 33.33 5.51
C GLY S 51 39.99 32.14 6.43
N GLU S 52 40.98 32.11 7.34
CA GLU S 52 41.16 30.96 8.21
C GLU S 52 40.07 30.88 9.27
N GLU S 53 39.76 32.00 9.92
CA GLU S 53 38.74 31.98 10.98
C GLU S 53 37.33 31.79 10.41
N ALA S 54 37.01 32.47 9.30
CA ALA S 54 35.67 32.32 8.72
C ALA S 54 35.45 30.90 8.23
N SER S 55 36.46 30.29 7.61
CA SER S 55 36.35 28.88 7.23
C SER S 55 36.20 28.01 8.47
N ALA S 56 36.96 28.33 9.53
CA ALA S 56 36.80 27.60 10.79
C ALA S 56 35.43 27.86 11.39
N GLN S 57 34.88 29.06 11.20
CA GLN S 57 33.56 29.36 11.74
C GLN S 57 32.50 28.45 11.13
N VAL S 58 32.58 28.20 9.83
CA VAL S 58 31.57 27.36 9.17
C VAL S 58 31.90 25.87 9.23
N SER S 59 33.18 25.50 9.16
CA SER S 59 33.58 24.11 9.04
C SER S 59 33.89 23.49 10.41
N ASN S 60 34.62 24.19 11.27
CA ASN S 60 34.99 23.60 12.55
C ASN S 60 33.77 23.52 13.44
N ARG S 61 33.08 22.38 13.40
CA ARG S 61 31.77 22.22 14.01
C ARG S 61 31.75 20.93 14.81
N ILE S 62 30.89 20.91 15.83
CA ILE S 62 30.77 19.77 16.74
C ILE S 62 29.44 19.08 16.45
N ASN S 63 29.50 17.79 16.16
CA ASN S 63 28.30 16.99 15.99
C ASN S 63 28.09 16.11 17.22
N ILE S 64 26.89 16.17 17.78
CA ILE S 64 26.57 15.43 19.00
C ILE S 64 26.08 14.05 18.59
N VAL S 65 26.87 13.02 18.91
CA VAL S 65 26.51 11.66 18.54
C VAL S 65 25.23 11.23 19.26
N SER S 66 25.20 11.40 20.57
CA SER S 66 24.06 10.99 21.38
C SER S 66 24.16 11.62 22.75
N ALA S 67 23.03 11.61 23.47
CA ALA S 67 22.98 12.15 24.82
C ALA S 67 22.25 11.16 25.72
N TYR S 68 22.94 10.72 26.78
CA TYR S 68 22.36 9.80 27.75
C TYR S 68 22.58 10.37 29.14
N GLY S 69 21.61 10.17 30.01
CA GLY S 69 21.65 10.71 31.36
C GLY S 69 21.40 9.64 32.41
N ASN S 70 22.18 9.69 33.50
CA ASN S 70 21.97 8.77 34.60
C ASN S 70 20.73 9.19 35.40
N VAL S 71 20.06 8.20 35.98
CA VAL S 71 18.86 8.45 36.76
C VAL S 71 19.06 8.11 38.23
N UNK S 72 18.83 9.08 39.09
CA UNK S 72 18.89 8.87 40.53
C UNK S 72 17.50 9.04 41.13
N UNK S 73 17.11 8.08 41.97
CA UNK S 73 15.77 8.05 42.57
C UNK S 73 14.69 8.09 41.49
N UNK S 74 14.40 9.29 41.00
CA UNK S 74 13.42 9.46 39.93
C UNK S 74 13.67 10.76 39.17
N UNK S 75 14.93 11.16 39.09
CA UNK S 75 15.30 12.39 38.41
C UNK S 75 16.58 12.21 37.60
N VAL S 76 16.80 13.11 36.64
CA VAL S 76 17.97 13.03 35.77
C VAL S 76 19.05 13.99 36.26
N ASP S 77 19.99 13.48 37.04
CA ASP S 77 21.03 14.33 37.61
C ASP S 77 22.10 14.67 36.57
N TYR S 78 22.44 13.73 35.71
CA TYR S 78 23.55 13.90 34.77
C TYR S 78 23.03 14.00 33.34
N VAL S 79 23.74 14.77 32.52
CA VAL S 79 23.49 14.88 31.09
C VAL S 79 24.84 14.76 30.40
N ASN S 80 25.08 13.64 29.74
CA ASN S 80 26.34 13.40 29.04
C ASN S 80 26.12 13.50 27.53
N LEU S 81 27.03 14.20 26.86
CA LEU S 81 26.92 14.46 25.43
C LEU S 81 28.19 13.96 24.74
N THR S 82 28.08 12.84 24.04
CA THR S 82 29.20 12.34 23.25
C THR S 82 29.33 13.15 21.98
N VAL S 83 30.45 13.85 21.82
CA VAL S 83 30.64 14.78 20.71
C VAL S 83 31.74 14.25 19.80
N ARG S 84 31.78 14.80 18.59
CA ARG S 84 32.74 14.39 17.57
C ARG S 84 32.95 15.51 16.58
N GLN S 85 34.01 15.39 15.80
CA GLN S 85 34.26 16.36 14.74
C GLN S 85 33.20 16.24 13.66
N ALA S 86 32.94 17.35 12.98
CA ALA S 86 32.02 17.37 11.85
C ALA S 86 32.79 17.02 10.58
N ALA S 87 32.14 17.18 9.43
CA ALA S 87 32.80 16.88 8.16
C ALA S 87 33.93 17.87 7.90
N GLY S 88 35.16 17.38 7.96
CA GLY S 88 36.33 18.19 7.68
C GLY S 88 36.77 19.10 8.79
N ALA S 89 36.19 18.99 9.98
CA ALA S 89 36.57 19.86 11.09
C ALA S 89 38.03 19.68 11.46
N ASP S 90 38.72 20.79 11.72
CA ASP S 90 40.11 20.78 12.13
C ASP S 90 40.18 20.49 13.63
N ASN S 91 41.34 20.71 14.24
CA ASN S 91 41.52 20.48 15.67
C ASN S 91 40.54 21.31 16.50
N ILE S 92 39.60 20.63 17.15
CA ILE S 92 38.62 21.31 17.98
C ILE S 92 39.07 21.26 19.44
N ASN S 93 39.01 22.41 20.10
CA ASN S 93 39.35 22.51 21.52
C ASN S 93 38.07 22.72 22.30
N LEU S 94 37.79 21.82 23.25
CA LEU S 94 36.55 21.87 24.01
C LEU S 94 36.73 22.60 25.33
N UNK S 95 37.90 23.18 25.53
CA UNK S 95 38.16 23.99 26.71
C UNK S 95 37.92 25.46 26.37
N LYS S 96 37.78 25.75 25.08
CA LYS S 96 37.44 27.08 24.62
C LYS S 96 36.01 27.10 24.07
N SER S 97 35.14 26.32 24.70
CA SER S 97 33.77 26.18 24.23
C SER S 97 32.81 26.48 25.37
N THR S 98 31.74 27.20 25.04
CA THR S 98 30.70 27.56 26.00
C THR S 98 29.42 26.86 25.60
N ILE S 99 28.80 26.16 26.56
CA ILE S 99 27.56 25.43 26.32
C ILE S 99 26.45 26.22 26.99
N GLN S 100 25.56 26.79 26.19
CA GLN S 100 24.43 27.55 26.72
C GLN S 100 23.28 26.61 27.05
N TRP S 101 22.81 26.68 28.30
CA TRP S 101 21.78 25.79 28.80
C TRP S 101 20.53 26.60 29.10
N ILE S 102 19.41 26.19 28.50
CA ILE S 102 18.11 26.76 28.84
C ILE S 102 17.15 25.62 29.18
N GLY S 103 17.05 25.31 30.47
CA GLY S 103 16.18 24.26 30.93
C GLY S 103 14.78 24.76 31.23
N PRO S 104 13.99 23.94 31.92
CA PRO S 104 12.64 24.40 32.32
C PRO S 104 12.67 25.62 33.22
N ASP S 105 13.70 25.78 34.05
CA ASP S 105 13.79 26.91 34.97
C ASP S 105 14.85 27.91 34.53
N UNK S 106 16.06 27.74 35.04
CA UNK S 106 17.15 28.68 34.79
C UNK S 106 17.64 28.64 33.34
N ALA S 107 18.47 29.61 32.98
CA ALA S 107 19.01 29.69 31.63
C ALA S 107 20.34 30.46 31.64
N THR S 108 21.45 29.72 31.67
CA THR S 108 22.77 30.34 31.71
C THR S 108 23.66 29.77 30.60
N THR S 109 24.94 30.14 30.62
CA THR S 109 25.92 29.65 29.66
C THR S 109 27.07 29.00 30.43
N LEU S 110 27.21 27.69 30.31
CA LEU S 110 28.23 26.97 31.03
C LEU S 110 29.61 27.21 30.41
N THR S 111 30.64 26.79 31.15
CA THR S 111 32.02 26.98 30.74
C THR S 111 32.83 25.76 31.15
N TYR S 112 34.00 25.61 30.53
CA TYR S 112 34.87 24.46 30.80
C TYR S 112 35.42 24.49 32.22
N UNK S 113 35.67 23.31 32.78
CA UNK S 113 36.27 23.18 34.09
C UNK S 113 37.13 21.94 34.18
N UNK S 114 37.50 21.54 35.39
CA UNK S 114 38.34 20.37 35.60
C UNK S 114 37.93 19.58 36.84
N UNK S 115 37.00 18.65 36.66
CA UNK S 115 36.51 17.79 37.74
C UNK S 115 35.99 18.60 38.92
N UNK S 119 31.22 19.51 36.29
CA UNK S 119 31.88 20.04 37.49
C UNK S 119 30.89 20.78 38.37
N UNK S 120 29.61 20.46 38.21
CA UNK S 120 28.54 21.09 38.96
C UNK S 120 28.52 22.61 38.76
N UNK S 121 27.84 23.31 39.66
CA UNK S 121 27.72 24.77 39.63
C UNK S 121 27.18 25.26 38.28
N GLU S 122 28.05 25.88 37.50
CA GLU S 122 27.69 26.40 36.19
C GLU S 122 28.79 26.10 35.18
N ASN S 123 29.43 24.93 35.35
CA ASN S 123 30.54 24.52 34.50
C ASN S 123 30.29 23.11 33.98
N PHE S 124 31.05 22.73 32.96
CA PHE S 124 31.00 21.40 32.39
C PHE S 124 32.41 20.82 32.31
N THR S 125 32.50 19.49 32.27
CA THR S 125 33.77 18.79 32.25
C THR S 125 33.74 17.73 31.15
N THR S 126 34.92 17.42 30.63
CA THR S 126 35.06 16.44 29.56
C THR S 126 35.70 15.15 30.04
N UNK S 127 35.55 14.08 29.26
CA UNK S 127 36.16 12.80 29.57
C UNK S 127 36.30 11.98 28.29
N SER S 128 37.52 11.62 27.94
CA SER S 128 37.81 10.96 26.67
C SER S 128 37.18 9.56 26.58
N ILE S 129 36.16 9.44 25.73
CA ILE S 129 35.57 8.13 25.46
C ILE S 129 36.55 7.26 24.68
N LYS S 130 37.15 7.83 23.64
CA LYS S 130 38.11 7.11 22.80
C LYS S 130 39.11 8.11 22.25
N GLY S 131 40.40 7.89 22.56
CA GLY S 131 41.45 8.73 22.03
C GLY S 131 42.50 9.17 23.05
N UNK S 132 43.40 10.05 22.61
CA UNK S 132 44.48 10.53 23.46
C UNK S 132 44.02 11.66 24.37
N UNK S 133 43.96 12.88 23.81
CA UNK S 133 43.57 14.04 24.59
C UNK S 133 42.12 13.95 25.05
N UNK S 134 41.84 14.47 26.24
CA UNK S 134 40.50 14.43 26.81
C UNK S 134 39.88 15.81 26.85
N UNK S 135 40.30 16.68 25.94
CA UNK S 135 39.78 18.05 25.88
C UNK S 135 39.93 18.63 24.48
N VAL S 136 40.68 17.94 23.64
CA VAL S 136 40.91 18.39 22.27
C VAL S 136 40.64 17.28 21.27
N LEU S 137 39.64 17.48 20.41
CA LEU S 137 39.39 16.55 19.32
C LEU S 137 40.43 16.77 18.22
N VAL S 138 41.11 15.71 17.81
CA VAL S 138 42.19 15.79 16.83
C VAL S 138 41.91 14.92 15.61
N ASP S 139 41.45 13.69 15.83
CA ASP S 139 41.16 12.75 14.75
C ASP S 139 39.66 12.60 14.54
N GLN S 140 39.29 12.23 13.32
CA GLN S 140 37.87 12.02 13.01
C GLN S 140 37.28 10.87 13.79
N SER S 141 38.10 9.93 14.27
CA SER S 141 37.61 8.83 15.09
C SER S 141 37.56 9.18 16.57
N ASP S 142 37.99 10.39 16.95
CA ASP S 142 37.99 10.78 18.35
C ASP S 142 36.56 11.05 18.83
N ARG S 143 36.28 10.63 20.06
CA ARG S 143 35.00 10.89 20.71
C ARG S 143 35.26 11.38 22.13
N ILE S 144 34.57 12.46 22.51
CA ILE S 144 34.71 13.05 23.84
C ILE S 144 33.33 13.19 24.46
N LYS S 145 33.25 12.93 25.77
CA LYS S 145 32.01 13.04 26.51
C LYS S 145 32.10 14.24 27.45
N VAL S 146 31.18 15.19 27.29
CA VAL S 146 31.12 16.37 28.14
C VAL S 146 30.04 16.14 29.19
N ILE S 147 30.39 16.39 30.45
CA ILE S 147 29.52 16.11 31.59
C ILE S 147 28.96 17.41 32.12
N MET S 148 27.63 17.46 32.27
CA MET S 148 26.94 18.63 32.80
C MET S 148 26.02 18.19 33.91
N TYR S 149 26.32 18.62 35.14
CA TYR S 149 25.51 18.28 36.30
C TYR S 149 24.23 19.09 36.24
N ALA S 150 23.11 18.40 36.04
CA ALA S 150 21.82 19.07 35.85
C ALA S 150 21.25 19.60 37.17
N UNK S 151 21.46 18.86 38.25
CA UNK S 151 20.92 19.24 39.55
C UNK S 151 21.78 20.30 40.23
N UNK S 152 22.75 20.83 39.50
CA UNK S 152 23.62 21.88 40.02
C UNK S 152 23.39 23.18 39.27
N VAL S 153 22.79 23.07 38.09
CA VAL S 153 22.43 24.25 37.31
C VAL S 153 20.94 24.51 37.46
N UNK S 154 20.23 23.54 38.03
CA UNK S 154 18.80 23.66 38.25
C UNK S 154 18.36 22.70 39.36
N UNK S 155 17.06 22.57 39.54
CA UNK S 155 16.53 21.66 40.56
C UNK S 155 16.18 20.30 39.94
N UNK S 156 17.18 19.69 39.30
CA UNK S 156 17.04 18.39 38.64
C UNK S 156 16.00 18.41 37.52
N LEU S 157 15.86 17.28 36.84
CA LEU S 157 14.91 17.16 35.73
C LEU S 157 13.87 16.09 36.00
N UNK S 158 12.62 16.39 35.66
CA UNK S 158 11.53 15.46 35.83
C UNK S 158 11.22 14.74 34.53
N UNK S 159 10.37 13.72 34.60
CA UNK S 159 10.03 12.91 33.44
C UNK S 159 9.18 13.69 32.45
N GLY S 160 9.85 14.46 31.58
CA GLY S 160 9.15 15.21 30.56
C GLY S 160 9.77 16.56 30.24
N UNK S 161 10.64 17.04 31.13
CA UNK S 161 11.28 18.33 30.95
C UNK S 161 12.21 18.34 29.75
N GLU S 162 12.10 19.38 28.93
CA GLU S 162 12.94 19.52 27.74
C GLU S 162 14.01 20.60 27.95
N VAL S 163 15.24 20.29 27.56
CA VAL S 163 16.38 21.17 27.76
C VAL S 163 17.00 21.49 26.40
N GLN S 164 17.28 22.77 26.17
CA GLN S 164 17.88 23.24 24.93
C GLN S 164 19.37 23.49 25.17
N LEU S 165 20.21 22.76 24.45
CA LEU S 165 21.66 22.89 24.55
C LEU S 165 22.23 23.39 23.23
N THR S 166 23.03 24.44 23.30
CA THR S 166 23.71 25.00 22.13
C THR S 166 25.21 25.02 22.42
N VAL S 167 25.90 23.96 22.01
CA VAL S 167 27.34 23.84 22.22
C VAL S 167 28.03 24.75 21.19
N THR S 168 28.66 25.81 21.68
CA THR S 168 29.32 26.79 20.81
C THR S 168 30.82 26.52 20.78
N THR S 169 31.36 26.30 19.58
CA THR S 169 32.77 26.08 19.40
C THR S 169 33.52 27.41 19.59
N GLN S 170 34.85 27.33 19.74
CA GLN S 170 35.65 28.52 19.96
C GLN S 170 35.53 29.50 18.79
N TYR S 171 35.52 28.98 17.57
CA TYR S 171 35.54 29.86 16.40
C TYR S 171 34.13 30.33 16.04
N GLY S 172 33.09 29.76 16.63
CA GLY S 172 31.76 30.30 16.44
C GLY S 172 30.68 29.29 16.11
N SER S 173 31.04 28.18 15.48
CA SER S 173 30.05 27.19 15.07
C SER S 173 29.31 26.64 16.27
N LYS S 174 27.99 26.59 16.17
CA LYS S 174 27.13 26.17 17.27
C LYS S 174 26.24 25.03 16.82
N THR S 175 26.09 24.02 17.69
CA THR S 175 25.22 22.89 17.44
C THR S 175 24.15 22.85 18.52
N THR S 176 22.90 22.68 18.10
CA THR S 176 21.76 22.67 19.00
C THR S 176 21.26 21.25 19.22
N TYR S 177 20.88 20.95 20.46
CA TYR S 177 20.32 19.66 20.83
C TYR S 177 19.20 19.88 21.83
N TRP S 178 18.01 19.41 21.52
CA TRP S 178 16.87 19.50 22.43
C TRP S 178 16.75 18.17 23.15
N ALA S 179 17.31 18.11 24.36
CA ALA S 179 17.29 16.87 25.15
C ALA S 179 15.92 16.71 25.78
N GLN S 180 15.12 15.79 25.24
CA GLN S 180 13.79 15.50 25.75
C GLN S 180 13.87 14.30 26.68
N VAL S 181 13.77 14.54 27.98
CA VAL S 181 13.77 13.49 28.98
C VAL S 181 12.57 12.60 28.72
N PRO S 182 12.70 11.27 28.85
CA PRO S 182 11.54 10.39 28.65
C PRO S 182 10.38 10.76 29.56
N GLU S 183 9.16 10.69 29.03
CA GLU S 183 7.99 11.13 29.77
C GLU S 183 7.74 10.29 31.01
N SER S 184 8.37 9.12 31.11
CA SER S 184 8.28 8.28 32.30
C SER S 184 9.65 7.70 32.58
N LEU S 185 10.21 8.01 33.74
CA LEU S 185 11.46 7.42 34.21
C LEU S 185 11.23 6.23 35.12
N LYS S 186 10.16 5.47 34.88
CA LYS S 186 9.77 4.40 35.77
C LYS S 186 10.79 3.26 35.74
N ASP S 187 11.60 3.17 36.79
CA ASP S 187 12.54 2.08 36.99
C ASP S 187 13.47 1.90 35.79
N LYS S 188 14.23 2.94 35.51
CA LYS S 188 15.27 2.90 34.49
C LYS S 188 16.56 3.45 35.10
N ASN S 189 17.60 2.61 35.13
CA ASN S 189 18.86 3.01 35.74
C ASN S 189 19.48 4.18 35.00
N ALA S 190 19.49 4.13 33.67
CA ALA S 190 20.03 5.20 32.84
C ALA S 190 19.27 5.24 31.53
N VAL S 191 18.63 6.36 31.24
CA VAL S 191 17.84 6.51 30.03
C VAL S 191 18.63 7.23 28.94
N UNK S 192 18.08 7.22 27.72
CA UNK S 192 18.72 7.89 26.60
C UNK S 192 17.88 9.10 26.17
N LEU S 193 18.38 10.29 26.47
CA LEU S 193 17.67 11.52 26.15
C LEU S 193 17.60 11.74 24.63
N GLN T 13 79.53 92.22 -15.25
CA GLN T 13 78.36 92.36 -14.39
C GLN T 13 77.41 91.19 -14.57
N VAL T 14 77.43 90.59 -15.76
CA VAL T 14 76.57 89.45 -16.03
C VAL T 14 76.94 88.26 -15.14
N GLY T 15 78.24 88.04 -14.94
CA GLY T 15 78.68 86.98 -14.05
C GLY T 15 78.24 87.23 -12.62
N ILE T 16 78.34 88.47 -12.15
CA ILE T 16 77.90 88.81 -10.80
C ILE T 16 76.40 88.60 -10.68
N GLY T 17 75.65 89.06 -11.68
CA GLY T 17 74.21 88.85 -11.68
C GLY T 17 73.85 87.38 -11.73
N THR T 18 74.67 86.57 -12.40
CA THR T 18 74.43 85.13 -12.46
C THR T 18 74.48 84.52 -11.07
N LEU T 19 75.46 84.92 -10.26
CA LEU T 19 75.57 84.40 -8.90
C LEU T 19 74.37 84.79 -8.05
N ILE T 20 73.99 86.07 -8.09
CA ILE T 20 72.87 86.54 -7.29
C ILE T 20 71.58 85.82 -7.69
N VAL T 21 71.34 85.69 -9.00
CA VAL T 21 70.18 84.93 -9.47
C VAL T 21 70.32 83.46 -9.08
N PHE T 22 71.54 82.93 -9.13
CA PHE T 22 71.75 81.51 -8.83
C PHE T 22 71.13 81.16 -7.48
N ILE T 23 71.23 82.08 -6.52
CA ILE T 23 70.66 81.85 -5.20
C ILE T 23 69.13 81.80 -5.27
N ALA T 24 68.54 82.53 -6.23
CA ALA T 24 67.08 82.71 -6.23
C ALA T 24 66.35 81.37 -6.30
N MET T 25 66.72 80.51 -7.25
CA MET T 25 65.96 79.27 -7.41
C MET T 25 66.26 78.28 -6.29
N VAL T 26 67.51 78.22 -5.85
CA VAL T 26 67.92 77.16 -4.92
C VAL T 26 67.15 77.27 -3.60
N LEU T 27 66.75 78.49 -3.23
CA LEU T 27 65.77 78.63 -2.14
C LEU T 27 64.37 78.31 -2.62
N VAL T 28 63.96 78.84 -3.77
CA VAL T 28 62.57 78.63 -4.20
C VAL T 28 62.37 77.17 -4.58
N ALA T 29 63.43 76.49 -5.05
CA ALA T 29 63.35 75.06 -5.23
C ALA T 29 63.22 74.35 -3.89
N ALA T 30 63.93 74.85 -2.87
CA ALA T 30 63.77 74.29 -1.53
C ALA T 30 62.35 74.48 -1.02
N ILE T 31 61.77 75.65 -1.27
CA ILE T 31 60.34 75.83 -0.98
C ILE T 31 59.50 74.91 -1.84
N ALA T 32 59.85 74.79 -3.12
CA ALA T 32 59.12 73.88 -4.01
C ALA T 32 59.31 72.43 -3.58
N ALA T 33 60.54 72.03 -3.30
CA ALA T 33 60.79 70.67 -2.82
C ALA T 33 60.19 70.48 -1.43
N GLY T 34 60.29 71.50 -0.58
CA GLY T 34 59.76 71.37 0.77
C GLY T 34 58.26 71.17 0.81
N VAL T 35 57.53 71.96 0.02
CA VAL T 35 56.07 71.91 0.07
C VAL T 35 55.57 70.56 -0.44
N LEU T 36 56.28 69.96 -1.40
CA LEU T 36 55.88 68.66 -1.92
C LEU T 36 56.05 67.58 -0.87
N ILE T 37 57.17 67.59 -0.16
CA ILE T 37 57.44 66.54 0.82
C ILE T 37 56.49 66.64 2.01
N ASN T 38 56.28 67.85 2.53
CA ASN T 38 55.37 68.02 3.66
C ASN T 38 53.94 67.68 3.26
N THR T 39 53.54 68.02 2.05
CA THR T 39 52.22 67.62 1.58
C THR T 39 52.10 66.10 1.53
N ALA T 40 53.14 65.42 1.03
CA ALA T 40 53.14 63.96 1.06
C ALA T 40 53.18 63.46 2.50
N GLY T 41 53.99 64.09 3.35
CA GLY T 41 54.05 63.69 4.74
C GLY T 41 52.72 63.85 5.44
N TYR T 42 52.04 64.97 5.19
CA TYR T 42 50.69 65.14 5.73
C TYR T 42 49.73 64.12 5.13
N LEU T 43 49.85 63.88 3.82
CA LEU T 43 48.96 62.93 3.16
C LEU T 43 49.25 61.50 3.59
N GLN T 44 50.51 61.19 3.90
CA GLN T 44 50.85 59.84 4.35
C GLN T 44 50.10 59.48 5.61
N SER T 45 50.12 60.37 6.61
CA SER T 45 49.42 60.10 7.86
C SER T 45 47.92 59.98 7.65
N LYS T 46 47.35 60.91 6.87
CA LYS T 46 45.92 60.85 6.58
C LYS T 46 45.57 59.60 5.78
N GLY T 47 46.40 59.28 4.77
CA GLY T 47 46.15 58.10 3.97
C GLY T 47 46.28 56.81 4.75
N SER T 48 47.34 56.71 5.56
CA SER T 48 47.54 55.50 6.37
C SER T 48 46.43 55.36 7.40
N ALA T 49 46.07 56.45 8.08
CA ALA T 49 44.99 56.40 9.06
C ALA T 49 43.68 56.01 8.42
N THR T 50 43.43 56.50 7.20
CA THR T 50 42.25 56.08 6.46
C THR T 50 42.30 54.58 6.17
N GLY T 51 43.49 54.07 5.84
CA GLY T 51 43.62 52.64 5.60
C GLY T 51 43.29 51.81 6.82
N GLU T 52 43.81 52.21 7.99
CA GLU T 52 43.54 51.47 9.21
C GLU T 52 42.07 51.58 9.60
N GLU T 53 41.51 52.78 9.51
CA GLU T 53 40.13 53.00 9.98
C GLU T 53 39.13 52.28 9.10
N ALA T 54 39.26 52.42 7.78
CA ALA T 54 38.28 51.82 6.87
C ALA T 54 38.39 50.29 6.88
N SER T 55 39.61 49.76 6.99
CA SER T 55 39.77 48.32 7.11
C SER T 55 39.14 47.81 8.41
N ALA T 56 39.28 48.59 9.48
CA ALA T 56 38.67 48.22 10.76
C ALA T 56 37.15 48.27 10.68
N GLN T 57 36.62 49.15 9.83
CA GLN T 57 35.17 49.25 9.68
C GLN T 57 34.59 47.94 9.14
N VAL T 58 35.25 47.34 8.17
CA VAL T 58 34.80 46.06 7.60
C VAL T 58 35.16 44.89 8.50
N SER T 59 36.37 44.91 9.07
CA SER T 59 36.89 43.74 9.76
C SER T 59 36.25 43.59 11.15
N ASN T 60 36.48 44.57 12.02
CA ASN T 60 35.99 44.43 13.39
C ASN T 60 34.47 44.59 13.41
N ARG T 61 33.78 43.59 13.96
CA ARG T 61 32.33 43.54 13.95
C ARG T 61 31.87 42.67 15.11
N ILE T 62 30.62 42.87 15.52
CA ILE T 62 30.01 42.09 16.59
C ILE T 62 29.11 41.03 15.96
N ASN T 63 29.27 39.79 16.41
CA ASN T 63 28.43 38.68 15.98
C ASN T 63 27.60 38.24 17.18
N ILE T 64 26.28 38.39 17.08
CA ILE T 64 25.38 38.08 18.19
C ILE T 64 25.12 36.58 18.22
N VAL T 65 25.70 35.89 19.21
CA VAL T 65 25.59 34.44 19.26
C VAL T 65 24.17 34.00 19.53
N SER T 66 23.54 34.58 20.55
CA SER T 66 22.20 34.17 20.95
C SER T 66 21.57 35.27 21.78
N ALA T 67 20.25 35.18 21.94
CA ALA T 67 19.48 36.14 22.72
C ALA T 67 18.56 35.39 23.67
N TYR T 68 18.55 35.80 24.94
CA TYR T 68 17.66 35.25 25.93
C TYR T 68 17.30 36.33 26.93
N GLY T 69 16.16 36.16 27.60
CA GLY T 69 15.68 37.16 28.53
C GLY T 69 14.86 36.62 29.67
N ASN T 70 14.94 37.28 30.83
CA ASN T 70 14.16 36.88 31.99
C ASN T 70 12.68 37.17 31.79
N VAL T 71 11.84 36.38 32.43
CA VAL T 71 10.40 36.56 32.34
C VAL T 71 9.79 36.72 33.73
N UNK T 72 9.17 37.88 33.97
CA UNK T 72 8.50 38.14 35.23
C UNK T 72 6.99 38.19 35.01
N UNK T 73 6.25 37.55 35.90
CA UNK T 73 4.79 37.46 35.82
C UNK T 73 4.35 36.89 34.47
N UNK T 74 4.30 37.74 33.45
CA UNK T 74 3.92 37.32 32.10
C UNK T 74 4.50 38.26 31.06
N UNK T 75 5.60 38.91 31.40
CA UNK T 75 6.24 39.85 30.48
C UNK T 75 7.75 39.69 30.49
N VAL T 76 8.42 40.24 29.48
CA VAL T 76 9.87 40.16 29.38
C VAL T 76 10.49 41.43 29.94
N ASP T 77 10.94 41.36 31.19
CA ASP T 77 11.52 42.54 31.83
C ASP T 77 12.95 42.79 31.36
N TYR T 78 13.71 41.73 31.12
CA TYR T 78 15.12 41.83 30.76
C TYR T 78 15.36 41.14 29.43
N VAL T 79 16.26 41.70 28.62
CA VAL T 79 16.71 41.07 27.39
C VAL T 79 18.23 41.10 27.39
N ASN T 80 18.84 39.95 27.10
CA ASN T 80 20.29 39.81 27.12
C ASN T 80 20.78 39.33 25.76
N LEU T 81 22.02 39.70 25.43
CA LEU T 81 22.63 39.33 24.17
C LEU T 81 24.03 38.79 24.44
N THR T 82 24.40 37.74 23.73
CA THR T 82 25.73 37.16 23.80
C THR T 82 26.48 37.51 22.52
N VAL T 83 27.53 38.31 22.64
CA VAL T 83 28.28 38.82 21.49
C VAL T 83 29.65 38.17 21.47
N ARG T 84 30.27 38.14 20.29
CA ARG T 84 31.59 37.56 20.12
C ARG T 84 32.32 38.29 19.01
N GLN T 85 33.65 38.19 19.02
CA GLN T 85 34.47 38.82 18.00
C GLN T 85 34.19 38.19 16.64
N ALA T 86 34.20 39.02 15.60
CA ALA T 86 33.94 38.55 14.25
C ALA T 86 35.17 37.87 13.67
N ALA T 87 35.05 37.39 12.43
CA ALA T 87 36.14 36.71 11.77
C ALA T 87 37.23 37.72 11.41
N GLY T 88 38.42 37.57 12.03
CA GLY T 88 39.52 38.47 11.79
C GLY T 88 39.42 39.79 12.50
N ALA T 89 38.42 39.99 13.35
CA ALA T 89 38.23 41.25 14.02
C ALA T 89 39.34 41.51 15.03
N ASP T 90 39.71 42.78 15.18
CA ASP T 90 40.67 43.20 16.19
C ASP T 90 39.92 43.54 17.47
N ASN T 91 40.63 44.11 18.45
CA ASN T 91 40.03 44.42 19.75
C ASN T 91 38.85 45.36 19.58
N ILE T 92 37.74 45.02 20.22
CA ILE T 92 36.49 45.77 20.13
C ILE T 92 36.14 46.28 21.52
N ASN T 93 35.98 47.59 21.65
CA ASN T 93 35.60 48.20 22.93
C ASN T 93 34.09 48.36 22.94
N LEU T 94 33.43 47.61 23.83
CA LEU T 94 31.97 47.65 23.92
C LEU T 94 31.50 48.96 24.57
N UNK T 95 32.34 49.52 25.43
CA UNK T 95 31.98 50.73 26.16
C UNK T 95 32.00 51.96 25.25
N LYS T 96 32.53 51.79 24.04
CA LYS T 96 32.51 52.85 23.04
C LYS T 96 31.61 52.45 21.88
N SER T 97 30.53 51.74 22.19
CA SER T 97 29.59 51.26 21.19
C SER T 97 28.17 51.61 21.61
N THR T 98 27.33 51.87 20.62
CA THR T 98 25.94 52.26 20.83
C THR T 98 25.01 51.28 20.12
N ILE T 99 23.92 50.94 20.78
CA ILE T 99 22.90 50.06 20.23
C ILE T 99 21.64 50.87 19.97
N GLN T 100 21.07 50.74 18.78
CA GLN T 100 19.82 51.39 18.43
C GLN T 100 18.66 50.45 18.72
N TRP T 101 17.80 50.85 19.65
CA TRP T 101 16.68 50.03 20.10
C TRP T 101 15.42 50.56 19.47
N ILE T 102 14.79 49.74 18.61
CA ILE T 102 13.50 50.08 18.03
C ILE T 102 12.50 49.03 18.48
N GLY T 103 11.54 49.44 19.31
CA GLY T 103 10.59 48.52 19.87
C GLY T 103 9.16 48.82 19.47
N PRO T 104 8.20 48.11 20.09
CA PRO T 104 6.79 48.38 19.79
C PRO T 104 6.37 49.80 20.14
N ASP T 105 6.93 50.37 21.20
CA ASP T 105 6.57 51.72 21.61
C ASP T 105 7.66 52.72 21.26
N UNK T 106 8.67 52.82 22.12
CA UNK T 106 9.73 53.80 21.94
C UNK T 106 10.74 53.37 20.89
N ALA T 107 11.68 54.26 20.59
CA ALA T 107 12.73 53.99 19.62
C ALA T 107 13.91 54.92 19.85
N THR T 108 14.86 54.48 20.69
CA THR T 108 16.00 55.31 21.08
C THR T 108 17.29 54.57 20.80
N THR T 109 18.40 55.23 21.13
CA THR T 109 19.75 54.68 20.95
C THR T 109 20.39 54.55 22.34
N LEU T 110 20.58 53.31 22.77
CA LEU T 110 21.14 53.07 24.09
C LEU T 110 22.66 53.24 24.08
N THR T 111 23.21 53.61 25.24
CA THR T 111 24.64 53.82 25.42
C THR T 111 25.13 53.07 26.65
N TYR T 112 26.45 52.99 26.80
CA TYR T 112 27.08 52.20 27.85
C TYR T 112 26.82 52.77 29.25
N UNK T 113 26.88 51.89 30.25
CA UNK T 113 26.74 52.30 31.64
C UNK T 113 27.42 51.29 32.57
N UNK T 114 26.95 51.22 33.81
CA UNK T 114 27.51 50.28 34.78
C UNK T 114 26.54 50.04 35.93
N UNK T 115 25.55 49.16 35.70
CA UNK T 115 24.55 48.80 36.69
C UNK T 115 23.83 50.02 37.24
N UNK T 119 22.03 48.07 33.44
CA UNK T 119 21.55 49.33 33.97
C UNK T 119 20.16 49.65 33.46
N UNK T 120 19.45 50.52 34.18
CA UNK T 120 18.11 50.91 33.80
C UNK T 120 18.15 52.07 32.79
N UNK T 121 17.07 52.84 32.74
CA UNK T 121 16.95 53.97 31.83
C UNK T 121 17.21 53.58 30.38
N GLU T 122 17.89 54.46 29.65
CA GLU T 122 18.22 54.23 28.25
C GLU T 122 19.67 53.77 28.09
N ASN T 123 20.20 53.14 29.13
CA ASN T 123 21.59 52.71 29.16
C ASN T 123 21.67 51.20 29.31
N PHE T 124 22.72 50.62 28.73
CA PHE T 124 22.97 49.19 28.79
C PHE T 124 24.30 48.91 29.49
N THR T 125 24.43 47.70 30.01
CA THR T 125 25.59 47.29 30.78
C THR T 125 26.12 45.96 30.25
N THR T 126 27.45 45.84 30.18
CA THR T 126 28.07 44.63 29.67
C THR T 126 28.68 43.79 30.79
N UNK T 127 28.23 42.54 30.90
CA UNK T 127 28.81 41.59 31.84
C UNK T 127 29.57 40.53 31.06
N SER T 128 30.55 39.89 31.70
CA SER T 128 31.38 38.92 31.01
C SER T 128 30.86 37.50 31.16
N ILE T 129 31.20 36.64 30.19
CA ILE T 129 30.83 35.23 30.21
C ILE T 129 32.07 34.34 30.21
N LYS T 130 33.01 34.61 29.30
CA LYS T 130 34.27 33.87 29.22
C LYS T 130 35.34 34.85 28.72
N GLY T 131 36.10 35.43 29.66
CA GLY T 131 37.15 36.36 29.31
C GLY T 131 37.66 37.18 30.48
N UNK T 132 38.83 37.79 30.29
CA UNK T 132 39.42 38.62 31.33
C UNK T 132 38.67 39.94 31.49
N UNK T 133 38.73 40.78 30.45
CA UNK T 133 38.02 42.05 30.47
C UNK T 133 36.53 41.84 30.25
N UNK T 134 35.73 42.74 30.77
CA UNK T 134 34.28 42.63 30.66
C UNK T 134 33.69 43.76 29.82
N UNK T 135 34.57 44.49 29.14
CA UNK T 135 34.14 45.63 28.32
C UNK T 135 34.82 45.61 26.95
N VAL T 136 35.83 44.76 26.79
CA VAL T 136 36.57 44.69 25.54
C VAL T 136 36.68 43.25 25.03
N LEU T 137 36.27 43.04 23.78
CA LEU T 137 36.46 41.75 23.11
C LEU T 137 37.88 41.68 22.59
N VAL T 138 38.67 40.75 23.10
CA VAL T 138 40.08 40.64 22.75
C VAL T 138 40.35 39.39 21.93
N ASP T 139 39.97 38.23 22.43
CA ASP T 139 40.26 36.95 21.78
C ASP T 139 39.02 36.42 21.08
N GLN T 140 39.25 35.54 20.10
CA GLN T 140 38.14 34.94 19.36
C GLN T 140 37.26 34.08 20.25
N SER T 141 37.78 33.58 21.37
CA SER T 141 37.00 32.80 22.31
C SER T 141 36.43 33.66 23.44
N ASP T 142 36.28 34.96 23.22
CA ASP T 142 35.75 35.86 24.24
C ASP T 142 34.27 36.08 23.98
N ARG T 143 33.46 35.95 25.03
CA ARG T 143 32.02 36.15 24.95
C ARG T 143 31.59 37.14 26.03
N ILE T 144 31.02 38.26 25.63
CA ILE T 144 30.55 39.30 26.54
C ILE T 144 29.04 39.42 26.41
N LYS T 145 28.37 39.57 27.54
CA LYS T 145 26.92 39.69 27.59
C LYS T 145 26.55 41.15 27.83
N VAL T 146 25.72 41.71 26.95
CA VAL T 146 25.20 43.06 27.10
C VAL T 146 23.78 42.96 27.66
N ILE T 147 23.47 43.83 28.62
CA ILE T 147 22.25 43.71 29.41
C ILE T 147 21.38 44.94 29.18
N MET T 148 20.11 44.71 28.87
CA MET T 148 19.17 45.80 28.59
C MET T 148 17.94 45.61 29.46
N TYR T 149 17.49 46.69 30.10
CA TYR T 149 16.30 46.67 30.95
C TYR T 149 15.12 47.13 30.11
N ALA T 150 14.30 46.18 29.67
CA ALA T 150 13.17 46.47 28.79
C ALA T 150 12.08 47.27 29.51
N UNK T 151 12.02 47.11 30.83
CA UNK T 151 11.02 47.82 31.62
C UNK T 151 11.54 49.19 32.02
N UNK T 152 12.70 49.56 31.50
CA UNK T 152 13.31 50.86 31.78
C UNK T 152 13.48 51.67 30.52
N VAL T 153 13.49 50.98 29.38
CA VAL T 153 13.56 51.65 28.08
C VAL T 153 12.15 51.98 27.61
N UNK T 154 11.34 50.95 27.43
CA UNK T 154 9.93 51.10 27.10
C UNK T 154 9.10 50.36 28.12
N UNK T 155 7.93 49.89 27.71
CA UNK T 155 7.10 49.05 28.58
C UNK T 155 7.64 47.63 28.57
N UNK T 156 7.20 46.82 29.54
CA UNK T 156 7.63 45.44 29.62
C UNK T 156 7.18 44.67 28.38
N LEU T 157 8.13 44.12 27.65
CA LEU T 157 7.84 43.40 26.40
C LEU T 157 6.91 42.22 26.63
N UNK T 158 5.77 42.24 25.95
CA UNK T 158 4.78 41.18 26.07
C UNK T 158 4.91 40.19 24.91
N UNK T 159 3.95 39.28 24.82
CA UNK T 159 3.98 38.23 23.82
C UNK T 159 3.83 38.78 22.40
N GLY T 160 4.73 38.38 21.52
CA GLY T 160 4.68 38.75 20.12
C GLY T 160 5.41 40.03 19.79
N UNK T 161 5.69 40.84 20.80
CA UNK T 161 6.36 42.12 20.61
C UNK T 161 7.78 41.93 20.07
N GLU T 162 8.05 42.52 18.91
CA GLU T 162 9.36 42.41 18.28
C GLU T 162 10.18 43.68 18.48
N VAL T 163 11.46 43.51 18.83
CA VAL T 163 12.38 44.62 19.02
C VAL T 163 13.55 44.44 18.05
N GLN T 164 13.87 45.48 17.30
CA GLN T 164 14.96 45.45 16.34
C GLN T 164 16.21 46.04 16.98
N LEU T 165 17.25 45.22 17.09
CA LEU T 165 18.51 45.62 17.70
C LEU T 165 19.59 45.70 16.63
N THR T 166 20.25 46.86 16.53
CA THR T 166 21.34 47.09 15.58
C THR T 166 22.54 47.58 16.37
N VAL T 167 23.40 46.64 16.79
CA VAL T 167 24.57 47.01 17.57
C VAL T 167 25.59 47.68 16.66
N THR T 168 26.05 48.87 17.07
CA THR T 168 26.99 49.66 16.29
C THR T 168 28.29 49.80 17.05
N THR T 169 29.37 49.32 16.46
CA THR T 169 30.70 49.39 17.05
C THR T 169 31.27 50.79 16.80
N GLN T 170 32.32 51.15 17.56
CA GLN T 170 32.90 52.48 17.46
C GLN T 170 33.27 52.85 16.03
N TYR T 171 33.74 51.89 15.24
CA TYR T 171 34.21 52.15 13.89
C TYR T 171 33.11 52.04 12.84
N GLY T 172 31.86 51.86 13.26
CA GLY T 172 30.71 51.96 12.37
C GLY T 172 30.09 50.65 11.96
N SER T 173 30.74 49.51 12.24
CA SER T 173 30.17 48.23 11.86
C SER T 173 28.86 47.98 12.60
N LYS T 174 27.82 47.63 11.85
CA LYS T 174 26.48 47.43 12.39
C LYS T 174 26.08 45.97 12.28
N THR T 175 25.62 45.39 13.38
CA THR T 175 25.07 44.04 13.40
C THR T 175 23.60 44.14 13.75
N THR T 176 22.74 43.63 12.87
CA THR T 176 21.29 43.72 13.05
C THR T 176 20.74 42.42 13.60
N TYR T 177 19.96 42.52 14.67
CA TYR T 177 19.31 41.37 15.28
C TYR T 177 17.85 41.72 15.54
N TRP T 178 16.94 40.87 15.06
CA TRP T 178 15.51 41.02 15.31
C TRP T 178 15.12 40.06 16.43
N ALA T 179 15.00 40.60 17.64
CA ALA T 179 14.62 39.81 18.81
C ALA T 179 13.11 39.78 18.90
N GLN T 180 12.50 38.62 18.62
CA GLN T 180 11.07 38.45 18.68
C GLN T 180 10.74 37.66 19.94
N VAL T 181 9.78 38.16 20.71
CA VAL T 181 9.37 37.45 21.93
C VAL T 181 8.49 36.27 21.54
N PRO T 182 8.63 35.09 22.19
CA PRO T 182 7.77 33.96 21.87
C PRO T 182 6.30 34.29 22.00
N GLU T 183 5.48 33.73 21.11
CA GLU T 183 4.06 34.11 21.05
C GLU T 183 3.33 33.77 22.33
N SER T 184 3.84 32.82 23.10
CA SER T 184 3.24 32.46 24.39
C SER T 184 4.31 32.47 25.47
N LEU T 185 4.03 33.17 26.56
CA LEU T 185 4.91 33.22 27.72
C LEU T 185 4.40 32.34 28.86
N LYS T 186 3.47 31.43 28.56
CA LYS T 186 2.78 30.68 29.60
C LYS T 186 3.72 29.72 30.30
N ASP T 187 4.01 30.00 31.56
CA ASP T 187 4.83 29.15 32.41
C ASP T 187 6.21 28.93 31.78
N LYS T 188 6.95 30.03 31.64
CA LYS T 188 8.31 30.00 31.11
C LYS T 188 9.16 30.95 31.95
N ASN T 189 10.09 30.39 32.73
CA ASN T 189 10.95 31.23 33.56
C ASN T 189 11.85 32.09 32.69
N ALA T 190 12.44 31.49 31.65
CA ALA T 190 13.31 32.22 30.73
C ALA T 190 13.07 31.70 29.31
N VAL T 191 12.98 32.63 28.36
CA VAL T 191 12.75 32.27 26.97
C VAL T 191 13.93 32.70 26.09
N UNK T 192 13.98 32.16 24.88
CA UNK T 192 15.05 32.48 23.95
C UNK T 192 14.55 33.35 22.81
N LEU T 193 14.77 34.65 22.92
CA LEU T 193 14.34 35.59 21.90
C LEU T 193 15.19 35.45 20.64
N GLN U 13 70.66 84.51 -21.92
CA GLN U 13 71.43 83.38 -21.41
C GLN U 13 70.51 82.33 -20.79
N VAL U 14 69.60 82.77 -19.93
CA VAL U 14 68.71 81.85 -19.23
C VAL U 14 67.83 81.11 -20.23
N GLY U 15 67.42 81.79 -21.30
CA GLY U 15 66.56 81.14 -22.29
C GLY U 15 67.25 79.96 -22.97
N ILE U 16 68.53 80.10 -23.30
CA ILE U 16 69.27 79.02 -23.95
C ILE U 16 69.33 77.80 -23.04
N GLY U 17 69.56 78.04 -21.75
CA GLY U 17 69.58 76.93 -20.80
C GLY U 17 68.25 76.21 -20.71
N THR U 18 67.15 76.95 -20.83
CA THR U 18 65.83 76.34 -20.72
C THR U 18 65.61 75.31 -21.82
N LEU U 19 66.01 75.63 -23.05
CA LEU U 19 65.76 74.76 -24.18
C LEU U 19 66.41 73.39 -23.99
N ILE U 20 67.70 73.38 -23.61
CA ILE U 20 68.42 72.12 -23.47
C ILE U 20 67.76 71.24 -22.42
N VAL U 21 67.38 71.83 -21.29
CA VAL U 21 66.60 71.10 -20.30
C VAL U 21 65.23 70.74 -20.87
N PHE U 22 64.62 71.67 -21.61
CA PHE U 22 63.30 71.42 -22.19
C PHE U 22 63.34 70.22 -23.13
N ILE U 23 64.38 70.12 -23.95
CA ILE U 23 64.54 68.94 -24.82
C ILE U 23 64.69 67.69 -23.96
N ALA U 24 65.42 67.79 -22.85
CA ALA U 24 65.64 66.63 -22.01
C ALA U 24 64.32 66.02 -21.52
N MET U 25 63.40 66.87 -21.06
CA MET U 25 62.11 66.37 -20.63
C MET U 25 61.32 65.76 -21.78
N VAL U 26 61.58 66.21 -23.01
CA VAL U 26 60.95 65.60 -24.17
C VAL U 26 61.36 64.14 -24.30
N LEU U 27 62.66 63.87 -24.16
CA LEU U 27 63.12 62.48 -24.22
C LEU U 27 62.81 61.73 -22.93
N VAL U 28 63.24 62.25 -21.78
CA VAL U 28 63.08 61.47 -20.54
C VAL U 28 61.62 61.13 -20.30
N ALA U 29 60.69 61.94 -20.83
CA ALA U 29 59.29 61.52 -20.86
C ALA U 29 59.04 60.51 -21.98
N ALA U 30 59.79 60.63 -23.09
CA ALA U 30 59.55 59.73 -24.22
C ALA U 30 59.82 58.28 -23.85
N ILE U 31 60.93 58.02 -23.16
CA ILE U 31 61.13 56.67 -22.61
C ILE U 31 60.12 56.41 -21.49
N ALA U 32 59.82 57.44 -20.69
CA ALA U 32 58.79 57.31 -19.68
C ALA U 32 57.43 57.01 -20.34
N ALA U 33 57.12 57.72 -21.41
CA ALA U 33 56.01 57.30 -22.27
C ALA U 33 56.30 55.94 -22.88
N GLY U 34 57.54 55.73 -23.30
CA GLY U 34 57.95 54.50 -23.95
C GLY U 34 57.80 53.26 -23.07
N VAL U 35 58.22 53.34 -21.81
CA VAL U 35 58.19 52.15 -20.96
C VAL U 35 56.76 51.67 -20.77
N LEU U 36 55.84 52.60 -20.48
CA LEU U 36 54.50 52.22 -20.05
C LEU U 36 53.78 51.37 -21.10
N ILE U 37 53.83 51.80 -22.36
CA ILE U 37 53.00 51.16 -23.38
C ILE U 37 53.46 49.73 -23.65
N ASN U 38 54.75 49.53 -23.89
CA ASN U 38 55.24 48.18 -24.19
C ASN U 38 55.17 47.27 -22.97
N THR U 39 55.40 47.79 -21.77
CA THR U 39 55.10 47.00 -20.58
C THR U 39 53.60 46.74 -20.48
N ALA U 40 52.77 47.73 -20.79
CA ALA U 40 51.33 47.49 -20.89
C ALA U 40 51.04 46.49 -22.00
N GLY U 41 51.75 46.60 -23.12
CA GLY U 41 51.59 45.70 -24.24
C GLY U 41 51.85 44.26 -23.89
N TYR U 42 52.84 44.01 -23.03
CA TYR U 42 53.14 42.65 -22.61
C TYR U 42 52.00 42.05 -21.80
N LEU U 43 51.53 42.79 -20.78
CA LEU U 43 50.50 42.24 -19.90
C LEU U 43 49.20 42.02 -20.64
N GLN U 44 48.80 42.96 -21.49
CA GLN U 44 47.56 42.79 -22.24
C GLN U 44 47.66 41.61 -23.20
N SER U 45 48.83 41.41 -23.80
CA SER U 45 49.05 40.24 -24.65
C SER U 45 49.02 38.96 -23.82
N LYS U 46 49.66 38.99 -22.65
CA LYS U 46 49.65 37.82 -21.78
C LYS U 46 48.28 37.66 -21.12
N GLY U 47 47.69 38.77 -20.66
CA GLY U 47 46.39 38.69 -20.00
C GLY U 47 45.31 38.13 -20.91
N SER U 48 45.33 38.54 -22.19
CA SER U 48 44.37 38.01 -23.14
C SER U 48 44.55 36.51 -23.29
N ALA U 49 45.79 36.05 -23.41
CA ALA U 49 46.04 34.61 -23.52
C ALA U 49 45.63 33.87 -22.26
N THR U 50 45.78 34.52 -21.10
CA THR U 50 45.38 33.91 -19.84
C THR U 50 43.87 33.69 -19.79
N GLY U 51 43.11 34.67 -20.28
CA GLY U 51 41.66 34.55 -20.21
C GLY U 51 41.11 33.42 -21.05
N GLU U 52 41.60 33.30 -22.30
CA GLU U 52 41.10 32.25 -23.19
C GLU U 52 41.48 30.86 -22.68
N GLU U 53 42.70 30.71 -22.19
CA GLU U 53 43.17 29.39 -21.74
C GLU U 53 42.42 28.95 -20.50
N ALA U 54 42.30 29.83 -19.52
CA ALA U 54 41.59 29.49 -18.28
C ALA U 54 40.13 29.20 -18.55
N SER U 55 39.51 29.98 -19.44
CA SER U 55 38.15 29.66 -19.87
C SER U 55 38.10 28.31 -20.56
N ALA U 56 39.09 28.01 -21.40
CA ALA U 56 39.17 26.70 -22.04
C ALA U 56 39.40 25.60 -21.00
N GLN U 57 40.20 25.89 -19.97
CA GLN U 57 40.47 24.88 -18.94
C GLN U 57 39.19 24.49 -18.22
N VAL U 58 38.35 25.46 -17.88
CA VAL U 58 37.13 25.17 -17.12
C VAL U 58 36.11 24.45 -18.00
N SER U 59 35.92 24.93 -19.23
CA SER U 59 34.78 24.49 -20.06
C SER U 59 35.11 23.26 -20.89
N ASN U 60 36.21 23.32 -21.65
CA ASN U 60 36.54 22.25 -22.58
C ASN U 60 36.83 20.98 -21.78
N ARG U 61 35.92 20.01 -21.86
CA ARG U 61 35.95 18.86 -20.98
C ARG U 61 35.44 17.63 -21.72
N ILE U 62 35.83 16.46 -21.25
CA ILE U 62 35.37 15.18 -21.79
C ILE U 62 34.34 14.58 -20.85
N ASN U 63 33.24 14.09 -21.42
CA ASN U 63 32.24 13.33 -20.67
C ASN U 63 32.16 11.93 -21.25
N ILE U 64 32.11 10.93 -20.37
CA ILE U 64 32.05 9.54 -20.78
C ILE U 64 30.58 9.14 -20.88
N VAL U 65 30.19 8.62 -22.05
CA VAL U 65 28.81 8.18 -22.23
C VAL U 65 28.59 6.86 -21.49
N SER U 66 29.35 5.83 -21.84
CA SER U 66 29.20 4.53 -21.22
C SER U 66 30.46 3.72 -21.44
N ALA U 67 30.62 2.66 -20.64
CA ALA U 67 31.78 1.79 -20.72
C ALA U 67 31.33 0.35 -20.90
N TYR U 68 32.02 -0.37 -21.79
CA TYR U 68 31.77 -1.79 -21.99
C TYR U 68 33.07 -2.47 -22.38
N GLY U 69 33.12 -3.78 -22.18
CA GLY U 69 34.34 -4.52 -22.44
C GLY U 69 34.05 -5.95 -22.83
N ASN U 70 34.91 -6.51 -23.67
CA ASN U 70 34.80 -7.89 -24.11
C ASN U 70 35.17 -8.84 -22.96
N VAL U 71 34.58 -10.02 -23.00
CA VAL U 71 34.87 -11.04 -21.99
C VAL U 71 35.29 -12.34 -22.66
N UNK U 72 36.52 -12.77 -22.38
CA UNK U 72 37.04 -14.03 -22.91
C UNK U 72 37.31 -14.98 -21.75
N UNK U 73 37.12 -16.28 -21.99
CA UNK U 73 37.28 -17.30 -20.97
C UNK U 73 36.39 -17.02 -19.76
N UNK U 74 36.85 -16.14 -18.88
CA UNK U 74 36.08 -15.76 -17.71
C UNK U 74 36.58 -14.44 -17.12
N UNK U 75 37.30 -13.66 -17.93
CA UNK U 75 37.86 -12.40 -17.48
C UNK U 75 37.80 -11.34 -18.56
N VAL U 76 37.69 -10.08 -18.13
CA VAL U 76 37.63 -8.96 -19.06
C VAL U 76 39.02 -8.58 -19.54
N ASP U 77 39.20 -8.51 -20.86
CA ASP U 77 40.50 -8.18 -21.43
C ASP U 77 40.54 -6.78 -22.04
N TYR U 78 39.42 -6.25 -22.51
CA TYR U 78 39.35 -4.91 -23.07
C TYR U 78 38.44 -4.04 -22.22
N VAL U 79 38.78 -2.76 -22.11
CA VAL U 79 37.93 -1.78 -21.45
C VAL U 79 37.68 -0.64 -22.42
N ASN U 80 36.58 -0.71 -23.15
CA ASN U 80 36.27 0.31 -24.15
C ASN U 80 35.50 1.46 -23.51
N LEU U 81 35.79 2.68 -23.95
CA LEU U 81 35.17 3.88 -23.40
C LEU U 81 34.57 4.70 -24.53
N THR U 82 33.37 5.22 -24.31
CA THR U 82 32.71 6.10 -25.27
C THR U 82 32.69 7.50 -24.68
N VAL U 83 33.26 8.46 -25.41
CA VAL U 83 33.44 9.81 -24.90
C VAL U 83 32.81 10.81 -25.85
N ARG U 84 32.52 12.00 -25.32
CA ARG U 84 31.96 13.09 -26.11
C ARG U 84 32.37 14.41 -25.48
N GLN U 85 32.20 15.48 -26.25
CA GLN U 85 32.51 16.82 -25.76
C GLN U 85 31.54 17.22 -24.65
N ALA U 86 31.94 18.22 -23.88
CA ALA U 86 31.12 18.76 -22.81
C ALA U 86 30.24 19.87 -23.36
N ALA U 87 29.52 20.55 -22.46
CA ALA U 87 28.67 21.66 -22.88
C ALA U 87 29.53 22.82 -23.38
N GLY U 88 29.43 23.10 -24.68
CA GLY U 88 30.19 24.17 -25.28
C GLY U 88 31.65 23.87 -25.48
N ALA U 89 32.08 22.63 -25.33
CA ALA U 89 33.49 22.29 -25.47
C ALA U 89 33.97 22.52 -26.90
N ASP U 90 35.20 23.02 -27.02
CA ASP U 90 35.83 23.24 -28.31
C ASP U 90 36.38 21.93 -28.85
N ASN U 91 37.21 22.00 -29.88
CA ASN U 91 37.83 20.80 -30.45
C ASN U 91 38.66 20.09 -29.39
N ILE U 92 38.45 18.79 -29.25
CA ILE U 92 39.15 17.98 -28.26
C ILE U 92 40.00 16.96 -29.00
N ASN U 93 41.31 17.03 -28.79
CA ASN U 93 42.25 16.10 -29.44
C ASN U 93 42.59 14.99 -28.47
N LEU U 94 42.12 13.78 -28.76
CA LEU U 94 42.33 12.65 -27.87
C LEU U 94 43.75 12.11 -27.96
N UNK U 95 44.52 12.63 -28.91
CA UNK U 95 45.91 12.22 -29.08
C UNK U 95 46.82 12.95 -28.09
N LYS U 96 46.28 13.99 -27.46
CA LYS U 96 47.06 14.79 -26.51
C LYS U 96 46.53 14.64 -25.09
N SER U 97 45.63 13.70 -24.89
CA SER U 97 45.06 13.44 -23.57
C SER U 97 45.67 12.18 -22.96
N THR U 98 45.86 12.20 -21.65
CA THR U 98 46.44 11.09 -20.92
C THR U 98 45.42 10.56 -19.94
N ILE U 99 45.12 9.27 -20.04
CA ILE U 99 44.20 8.59 -19.12
C ILE U 99 45.02 7.93 -18.03
N GLN U 100 44.67 8.19 -16.78
CA GLN U 100 45.39 7.65 -15.62
C GLN U 100 44.67 6.40 -15.14
N TRP U 101 45.32 5.25 -15.31
CA TRP U 101 44.77 3.96 -14.88
C TRP U 101 45.27 3.65 -13.47
N ILE U 102 44.36 3.74 -12.50
CA ILE U 102 44.63 3.22 -11.17
C ILE U 102 43.79 1.96 -11.00
N GLY U 103 44.38 0.80 -11.29
CA GLY U 103 43.68 -0.45 -11.19
C GLY U 103 43.93 -1.13 -9.86
N PRO U 104 43.42 -2.37 -9.71
CA PRO U 104 43.74 -3.14 -8.50
C PRO U 104 45.23 -3.40 -8.33
N ASP U 105 45.95 -3.55 -9.43
CA ASP U 105 47.39 -3.79 -9.37
C ASP U 105 48.17 -2.53 -9.72
N UNK U 106 48.43 -2.33 -11.01
CA UNK U 106 49.23 -1.19 -11.46
C UNK U 106 48.46 0.13 -11.36
N ALA U 107 49.21 1.22 -11.21
CA ALA U 107 48.61 2.55 -11.17
C ALA U 107 49.44 3.50 -12.03
N THR U 108 49.26 3.41 -13.35
CA THR U 108 50.06 4.14 -14.32
C THR U 108 49.23 5.17 -15.05
N THR U 109 49.89 5.88 -15.97
CA THR U 109 49.24 6.86 -16.83
C THR U 109 49.40 6.40 -18.27
N LEU U 110 48.30 6.46 -19.04
CA LEU U 110 48.29 5.95 -20.40
C LEU U 110 48.41 7.09 -21.40
N THR U 111 49.09 6.82 -22.51
CA THR U 111 49.25 7.76 -23.60
C THR U 111 48.76 7.13 -24.91
N TYR U 112 48.46 8.00 -25.88
CA TYR U 112 47.88 7.55 -27.15
C TYR U 112 48.87 6.73 -27.97
N UNK U 113 48.36 5.75 -28.69
CA UNK U 113 49.18 4.93 -29.58
C UNK U 113 48.56 4.87 -30.97
N UNK U 114 48.69 3.70 -31.62
CA UNK U 114 48.12 3.49 -32.94
C UNK U 114 48.05 2.01 -33.27
N UNK U 115 46.88 1.41 -33.07
CA UNK U 115 46.65 0.00 -33.34
C UNK U 115 47.65 -0.89 -32.59
N UNK U 119 47.33 -0.12 -29.50
CA UNK U 119 46.79 -0.48 -28.19
C UNK U 119 47.78 -1.36 -27.43
N UNK U 120 47.24 -2.14 -26.49
CA UNK U 120 48.03 -3.06 -25.67
C UNK U 120 49.11 -2.34 -24.88
N UNK U 121 50.02 -3.12 -24.30
CA UNK U 121 51.16 -2.60 -23.55
C UNK U 121 50.77 -1.62 -22.45
N GLU U 122 50.98 -0.34 -22.73
CA GLU U 122 50.83 0.70 -21.72
C GLU U 122 50.15 1.92 -22.36
N ASN U 123 49.34 1.67 -23.37
CA ASN U 123 48.80 2.73 -24.21
C ASN U 123 47.30 2.49 -24.45
N PHE U 124 46.67 3.47 -25.11
CA PHE U 124 45.27 3.40 -25.48
C PHE U 124 45.11 3.83 -26.94
N THR U 125 44.10 3.26 -27.59
CA THR U 125 43.82 3.53 -28.99
C THR U 125 42.37 4.00 -29.13
N THR U 126 42.17 5.00 -29.99
CA THR U 126 40.85 5.57 -30.19
C THR U 126 40.27 5.27 -31.57
N UNK U 127 39.24 4.42 -31.59
CA UNK U 127 38.51 4.14 -32.83
C UNK U 127 37.21 4.94 -32.83
N SER U 128 36.80 5.40 -34.00
CA SER U 128 35.62 6.26 -34.10
C SER U 128 34.32 5.46 -34.20
N ILE U 129 33.29 5.94 -33.52
CA ILE U 129 31.97 5.31 -33.57
C ILE U 129 31.05 6.16 -34.46
N LYS U 130 31.03 7.47 -34.21
CA LYS U 130 30.18 8.39 -34.95
C LYS U 130 30.97 9.65 -35.27
N GLY U 131 31.23 9.87 -36.56
CA GLY U 131 31.94 11.07 -36.99
C GLY U 131 33.00 10.84 -38.05
N UNK U 132 33.61 11.93 -38.50
CA UNK U 132 34.64 11.85 -39.53
C UNK U 132 36.01 11.56 -38.92
N UNK U 133 36.49 12.47 -38.08
CA UNK U 133 37.78 12.31 -37.43
C UNK U 133 37.74 11.15 -36.45
N UNK U 134 38.84 10.40 -36.36
CA UNK U 134 38.90 9.24 -35.49
C UNK U 134 39.85 9.46 -34.32
N UNK U 135 40.10 10.73 -33.98
CA UNK U 135 41.00 11.06 -32.90
C UNK U 135 40.68 12.42 -32.31
N VAL U 136 39.91 13.22 -33.04
CA VAL U 136 39.55 14.57 -32.59
C VAL U 136 38.04 14.75 -32.57
N LEU U 137 37.50 15.12 -31.41
CA LEU U 137 36.10 15.46 -31.32
C LEU U 137 35.88 16.90 -31.78
N VAL U 138 35.16 17.07 -32.88
CA VAL U 138 34.94 18.38 -33.48
C VAL U 138 33.50 18.85 -33.33
N ASP U 139 32.54 17.93 -33.41
CA ASP U 139 31.13 18.26 -33.29
C ASP U 139 30.54 17.66 -32.01
N GLN U 140 29.45 18.29 -31.54
CA GLN U 140 28.79 17.82 -30.34
C GLN U 140 28.18 16.43 -30.50
N SER U 141 27.99 15.98 -31.75
CA SER U 141 27.44 14.65 -32.01
C SER U 141 28.53 13.60 -32.20
N ASP U 142 29.80 13.97 -32.10
CA ASP U 142 30.88 13.02 -32.30
C ASP U 142 30.98 12.05 -31.14
N ARG U 143 31.23 10.79 -31.44
CA ARG U 143 31.43 9.74 -30.45
C ARG U 143 32.61 8.88 -30.88
N ILE U 144 33.71 8.96 -30.14
CA ILE U 144 34.92 8.20 -30.43
C ILE U 144 35.14 7.20 -29.30
N LYS U 145 35.34 5.94 -29.67
CA LYS U 145 35.53 4.86 -28.71
C LYS U 145 37.01 4.76 -28.34
N VAL U 146 37.30 4.79 -27.05
CA VAL U 146 38.66 4.63 -26.55
C VAL U 146 38.82 3.20 -26.05
N ILE U 147 39.66 2.41 -26.73
CA ILE U 147 39.87 1.01 -26.38
C ILE U 147 41.15 0.89 -25.58
N MET U 148 41.11 0.06 -24.54
CA MET U 148 42.23 -0.12 -23.62
C MET U 148 42.34 -1.60 -23.29
N TYR U 149 43.53 -2.15 -23.47
CA TYR U 149 43.79 -3.57 -23.25
C TYR U 149 44.08 -3.78 -21.77
N ALA U 150 43.18 -4.47 -21.07
CA ALA U 150 43.32 -4.65 -19.63
C ALA U 150 44.39 -5.70 -19.30
N UNK U 151 44.42 -6.78 -20.07
CA UNK U 151 45.36 -7.87 -19.80
C UNK U 151 46.78 -7.50 -20.23
N UNK U 152 46.92 -6.35 -20.87
CA UNK U 152 48.23 -5.86 -21.28
C UNK U 152 48.75 -4.82 -20.29
N VAL U 153 47.82 -4.14 -19.64
CA VAL U 153 48.17 -3.14 -18.63
C VAL U 153 48.26 -3.83 -17.26
N UNK U 154 47.23 -4.57 -16.91
CA UNK U 154 47.21 -5.32 -15.66
C UNK U 154 47.05 -6.81 -15.95
N UNK U 155 46.85 -7.60 -14.90
CA UNK U 155 46.61 -9.03 -15.07
C UNK U 155 45.14 -9.30 -15.35
N UNK U 156 44.71 -8.90 -16.54
CA UNK U 156 43.30 -8.98 -16.95
C UNK U 156 42.42 -8.27 -15.94
N LEU U 157 41.15 -8.67 -15.87
CA LEU U 157 40.23 -8.11 -14.89
C LEU U 157 39.24 -9.15 -14.39
N UNK U 158 39.21 -9.34 -13.07
CA UNK U 158 38.28 -10.28 -12.46
C UNK U 158 37.07 -9.51 -11.92
N UNK U 159 36.09 -10.24 -11.40
CA UNK U 159 34.87 -9.64 -10.89
C UNK U 159 35.14 -8.81 -9.64
N GLY U 160 34.72 -7.55 -9.68
CA GLY U 160 34.86 -6.66 -8.55
C GLY U 160 36.08 -5.75 -8.62
N UNK U 161 36.99 -6.07 -9.53
CA UNK U 161 38.21 -5.29 -9.70
C UNK U 161 37.89 -3.89 -10.21
N GLU U 162 37.62 -2.98 -9.28
CA GLU U 162 37.27 -1.61 -9.63
C GLU U 162 38.49 -0.87 -10.18
N VAL U 163 38.30 -0.19 -11.30
CA VAL U 163 39.36 0.59 -11.94
C VAL U 163 38.95 2.05 -11.97
N GLN U 164 39.85 2.92 -11.53
CA GLN U 164 39.59 4.36 -11.46
C GLN U 164 40.29 5.03 -12.64
N LEU U 165 39.49 5.52 -13.59
CA LEU U 165 40.00 6.19 -14.78
C LEU U 165 39.63 7.66 -14.73
N THR U 166 40.63 8.53 -14.85
CA THR U 166 40.42 9.98 -14.89
C THR U 166 41.01 10.51 -16.20
N VAL U 167 40.16 10.67 -17.21
CA VAL U 167 40.59 11.16 -18.51
C VAL U 167 40.93 12.64 -18.38
N THR U 168 42.18 13.00 -18.65
CA THR U 168 42.67 14.36 -18.51
C THR U 168 42.87 14.97 -19.89
N THR U 169 42.13 16.03 -20.18
CA THR U 169 42.27 16.73 -21.45
C THR U 169 43.56 17.54 -21.46
N GLN U 170 43.90 18.07 -22.64
CA GLN U 170 45.16 18.80 -22.80
C GLN U 170 45.22 20.02 -21.89
N TYR U 171 44.12 20.78 -21.81
CA TYR U 171 44.11 21.97 -20.98
C TYR U 171 43.95 21.68 -19.49
N GLY U 172 43.71 20.41 -19.11
CA GLY U 172 43.74 20.00 -17.72
C GLY U 172 42.43 19.53 -17.16
N SER U 173 41.33 19.72 -17.87
CA SER U 173 40.02 19.27 -17.36
C SER U 173 40.02 17.76 -17.18
N LYS U 174 39.56 17.32 -16.01
CA LYS U 174 39.61 15.92 -15.62
C LYS U 174 38.19 15.37 -15.45
N THR U 175 37.95 14.19 -16.03
CA THR U 175 36.71 13.46 -15.83
C THR U 175 37.05 12.07 -15.31
N THR U 176 36.52 11.72 -14.14
CA THR U 176 36.83 10.47 -13.48
C THR U 176 35.65 9.52 -13.58
N TYR U 177 35.92 8.29 -14.01
CA TYR U 177 34.91 7.23 -14.07
C TYR U 177 35.44 6.06 -13.27
N TRP U 178 34.69 5.65 -12.24
CA TRP U 178 35.04 4.49 -11.42
C TRP U 178 34.51 3.24 -12.10
N ALA U 179 35.29 2.71 -13.02
CA ALA U 179 34.90 1.51 -13.75
C ALA U 179 34.86 0.31 -12.81
N GLN U 180 33.68 -0.29 -12.69
CA GLN U 180 33.45 -1.42 -11.79
C GLN U 180 32.99 -2.61 -12.61
N VAL U 181 33.79 -3.68 -12.63
CA VAL U 181 33.39 -4.90 -13.33
C VAL U 181 32.20 -5.53 -12.62
N PRO U 182 31.23 -6.09 -13.34
CA PRO U 182 30.11 -6.75 -12.66
C PRO U 182 30.57 -7.88 -11.75
N GLU U 183 29.85 -8.06 -10.64
CA GLU U 183 30.26 -9.00 -9.61
C GLU U 183 30.27 -10.44 -10.10
N SER U 184 29.55 -10.75 -11.17
CA SER U 184 29.54 -12.09 -11.75
C SER U 184 29.56 -11.98 -13.27
N LEU U 185 30.41 -12.78 -13.90
CA LEU U 185 30.54 -12.80 -15.35
C LEU U 185 30.27 -14.18 -15.94
N LYS U 186 29.48 -15.02 -15.28
CA LYS U 186 29.19 -16.34 -15.80
C LYS U 186 28.30 -16.24 -17.03
N ASP U 187 28.84 -16.68 -18.17
CA ASP U 187 28.14 -16.66 -19.46
C ASP U 187 27.69 -15.25 -19.83
N LYS U 188 28.66 -14.35 -19.87
CA LYS U 188 28.45 -12.98 -20.35
C LYS U 188 29.52 -12.70 -21.40
N ASN U 189 29.10 -12.62 -22.67
CA ASN U 189 30.06 -12.36 -23.75
C ASN U 189 30.66 -10.97 -23.59
N ALA U 190 29.83 -9.98 -23.27
CA ALA U 190 30.30 -8.63 -23.03
C ALA U 190 29.46 -7.99 -21.93
N VAL U 191 30.11 -7.20 -21.08
CA VAL U 191 29.43 -6.59 -19.94
C VAL U 191 29.44 -5.06 -20.04
N UNK U 192 28.75 -4.41 -19.11
CA UNK U 192 28.73 -2.96 -19.05
C UNK U 192 29.36 -2.48 -17.75
N LEU U 193 30.64 -2.12 -17.82
CA LEU U 193 31.38 -1.68 -16.65
C LEU U 193 30.85 -0.33 -16.14
N GLN V 13 82.54 93.86 -24.10
CA GLN V 13 82.88 94.05 -22.70
C GLN V 13 82.01 93.16 -21.81
N VAL V 14 80.78 93.62 -21.54
CA VAL V 14 79.84 92.81 -20.77
C VAL V 14 79.46 91.55 -21.53
N GLY V 15 79.39 91.64 -22.86
CA GLY V 15 79.08 90.45 -23.65
C GLY V 15 80.18 89.41 -23.59
N ILE V 16 81.42 89.84 -23.34
CA ILE V 16 82.53 88.90 -23.21
C ILE V 16 82.30 87.99 -22.01
N GLY V 17 81.99 88.57 -20.86
CA GLY V 17 81.63 87.75 -19.70
C GLY V 17 80.36 86.97 -19.92
N THR V 18 79.44 87.50 -20.73
CA THR V 18 78.24 86.76 -21.07
C THR V 18 78.56 85.49 -21.84
N LEU V 19 79.51 85.58 -22.78
CA LEU V 19 79.84 84.42 -23.61
C LEU V 19 80.45 83.30 -22.76
N ILE V 20 81.39 83.65 -21.88
CA ILE V 20 82.02 82.63 -21.03
C ILE V 20 80.98 81.98 -20.13
N VAL V 21 80.04 82.75 -19.60
CA VAL V 21 78.94 82.17 -18.83
C VAL V 21 78.10 81.26 -19.72
N PHE V 22 77.84 81.69 -20.95
CA PHE V 22 76.94 80.95 -21.83
C PHE V 22 77.46 79.52 -22.06
N ILE V 23 78.78 79.34 -22.10
CA ILE V 23 79.35 78.00 -22.21
C ILE V 23 78.96 77.14 -21.00
N ALA V 24 78.96 77.74 -19.81
CA ALA V 24 78.67 76.97 -18.60
C ALA V 24 77.26 76.38 -18.65
N MET V 25 76.27 77.19 -19.02
CA MET V 25 74.89 76.73 -19.06
C MET V 25 74.75 75.55 -20.03
N VAL V 26 75.42 75.62 -21.18
CA VAL V 26 75.40 74.51 -22.13
C VAL V 26 75.98 73.26 -21.47
N LEU V 27 77.11 73.41 -20.79
CA LEU V 27 77.75 72.27 -20.15
C LEU V 27 76.96 71.85 -18.90
N VAL V 28 76.57 72.81 -18.06
CA VAL V 28 75.89 72.48 -16.80
C VAL V 28 74.56 71.81 -17.07
N ALA V 29 73.77 72.34 -18.01
CA ALA V 29 72.51 71.72 -18.34
C ALA V 29 72.72 70.36 -18.99
N ALA V 30 73.86 70.17 -19.67
CA ALA V 30 74.16 68.88 -20.28
C ALA V 30 74.29 67.79 -19.23
N ILE V 31 74.98 68.09 -18.13
CA ILE V 31 75.11 67.12 -17.04
C ILE V 31 73.75 66.79 -16.45
N ALA V 32 72.94 67.82 -16.20
CA ALA V 32 71.61 67.60 -15.67
C ALA V 32 70.75 66.79 -16.64
N ALA V 33 70.82 67.12 -17.93
CA ALA V 33 70.06 66.37 -18.93
C ALA V 33 70.52 64.92 -18.97
N GLY V 34 71.84 64.70 -18.95
CA GLY V 34 72.34 63.33 -18.95
C GLY V 34 71.98 62.57 -17.69
N VAL V 35 71.89 63.27 -16.57
CA VAL V 35 71.59 62.62 -15.29
C VAL V 35 70.20 61.99 -15.32
N LEU V 36 69.21 62.75 -15.80
CA LEU V 36 67.84 62.23 -15.85
C LEU V 36 67.73 61.05 -16.79
N ILE V 37 68.41 61.11 -17.94
CA ILE V 37 68.33 60.03 -18.92
C ILE V 37 68.87 58.73 -18.33
N ASN V 38 70.04 58.79 -17.68
CA ASN V 38 70.64 57.58 -17.12
C ASN V 38 69.80 57.01 -15.99
N THR V 39 69.28 57.87 -15.12
CA THR V 39 68.37 57.40 -14.06
C THR V 39 67.11 56.82 -14.66
N ALA V 40 66.55 57.49 -15.68
CA ALA V 40 65.37 56.97 -16.35
C ALA V 40 65.65 55.61 -16.97
N GLY V 41 66.84 55.45 -17.57
CA GLY V 41 67.20 54.17 -18.14
C GLY V 41 67.27 53.07 -17.10
N TYR V 42 67.75 53.39 -15.91
CA TYR V 42 67.89 52.37 -14.86
C TYR V 42 66.52 51.88 -14.39
N LEU V 43 65.61 52.80 -14.08
CA LEU V 43 64.31 52.40 -13.57
C LEU V 43 63.48 51.69 -14.64
N GLN V 44 63.56 52.15 -15.89
CA GLN V 44 62.81 51.47 -16.95
C GLN V 44 63.31 50.06 -17.15
N SER V 45 64.63 49.85 -17.10
CA SER V 45 65.18 48.51 -17.17
C SER V 45 64.76 47.70 -15.95
N LYS V 46 64.82 48.32 -14.77
CA LYS V 46 64.32 47.69 -13.56
C LYS V 46 62.80 47.49 -13.64
N GLY V 47 62.07 48.55 -13.97
CA GLY V 47 60.61 48.47 -13.96
C GLY V 47 60.08 47.41 -14.90
N SER V 48 60.69 47.29 -16.08
CA SER V 48 60.34 46.21 -17.00
C SER V 48 60.64 44.86 -16.37
N ALA V 49 61.78 44.75 -15.67
CA ALA V 49 62.17 43.47 -15.08
C ALA V 49 61.17 43.02 -14.03
N THR V 50 60.75 43.92 -13.14
CA THR V 50 59.73 43.57 -12.15
C THR V 50 58.41 43.25 -12.84
N GLY V 51 58.07 44.00 -13.87
CA GLY V 51 56.83 43.73 -14.60
C GLY V 51 56.78 42.33 -15.16
N GLU V 52 57.87 41.89 -15.79
CA GLU V 52 57.92 40.53 -16.31
C GLU V 52 57.97 39.50 -15.19
N GLU V 53 58.81 39.75 -14.18
CA GLU V 53 58.95 38.79 -13.08
C GLU V 53 57.65 38.67 -12.29
N ALA V 54 57.00 39.79 -11.98
CA ALA V 54 55.74 39.74 -11.27
C ALA V 54 54.65 39.08 -12.09
N SER V 55 54.62 39.36 -13.40
CA SER V 55 53.67 38.68 -14.29
C SER V 55 53.89 37.17 -14.26
N ALA V 56 55.16 36.75 -14.25
CA ALA V 56 55.46 35.34 -14.06
C ALA V 56 55.19 34.91 -12.62
N GLN V 57 55.26 35.84 -11.68
CA GLN V 57 54.97 35.51 -10.29
C GLN V 57 53.51 35.14 -10.09
N VAL V 58 52.62 35.75 -10.88
CA VAL V 58 51.19 35.50 -10.68
C VAL V 58 50.65 34.43 -11.62
N SER V 59 51.18 34.35 -12.84
CA SER V 59 50.63 33.50 -13.89
C SER V 59 51.41 32.19 -14.05
N ASN V 60 52.74 32.27 -14.03
CA ASN V 60 53.56 31.08 -14.24
C ASN V 60 53.45 30.21 -12.99
N ARG V 61 52.56 29.23 -13.04
CA ARG V 61 52.20 28.44 -11.88
C ARG V 61 52.13 26.97 -12.25
N ILE V 62 52.38 26.12 -11.25
CA ILE V 62 52.25 24.67 -11.38
C ILE V 62 50.83 24.29 -10.95
N ASN V 63 50.22 23.38 -11.69
CA ASN V 63 48.92 22.82 -11.35
C ASN V 63 49.07 21.32 -11.12
N ILE V 64 48.67 20.85 -9.94
CA ILE V 64 48.79 19.44 -9.58
C ILE V 64 47.58 18.71 -10.15
N VAL V 65 47.81 17.91 -11.19
CA VAL V 65 46.74 17.17 -11.84
C VAL V 65 46.19 16.12 -10.89
N SER V 66 47.05 15.20 -10.46
CA SER V 66 46.65 14.17 -9.52
C SER V 66 47.89 13.63 -8.82
N ALA V 67 47.68 12.99 -7.67
CA ALA V 67 48.76 12.41 -6.88
C ALA V 67 48.42 10.98 -6.52
N TYR V 68 49.42 10.10 -6.58
CA TYR V 68 49.25 8.71 -6.25
C TYR V 68 50.56 8.17 -5.67
N GLY V 69 50.49 6.99 -5.07
CA GLY V 69 51.67 6.40 -4.47
C GLY V 69 51.66 4.88 -4.43
N ASN V 70 52.87 4.30 -4.46
CA ASN V 70 53.00 2.85 -4.34
C ASN V 70 52.77 2.40 -2.91
N VAL V 71 52.30 1.17 -2.77
CA VAL V 71 52.07 0.60 -1.45
C VAL V 71 52.88 -0.68 -1.27
N UNK V 72 53.93 -0.58 -0.46
CA UNK V 72 54.77 -1.74 -0.14
C UNK V 72 54.44 -2.24 1.26
N UNK V 73 54.40 -3.55 1.41
CA UNK V 73 54.05 -4.20 2.69
C UNK V 73 52.69 -3.72 3.19
N UNK V 74 52.68 -2.58 3.86
CA UNK V 74 51.44 -2.00 4.38
C UNK V 74 51.59 -0.50 4.64
N UNK V 75 52.42 0.15 3.84
CA UNK V 75 52.65 1.58 3.98
C UNK V 75 53.13 2.21 2.68
N VAL V 76 52.61 3.39 2.39
CA VAL V 76 52.98 4.12 1.18
C VAL V 76 54.42 4.61 1.27
N ASP V 77 55.26 4.17 0.33
CA ASP V 77 56.67 4.53 0.31
C ASP V 77 56.97 5.64 -0.70
N TYR V 78 56.27 5.65 -1.82
CA TYR V 78 56.48 6.62 -2.88
C TYR V 78 55.29 7.58 -2.94
N VAL V 79 55.59 8.85 -3.24
CA VAL V 79 54.56 9.85 -3.48
C VAL V 79 54.87 10.50 -4.82
N ASN V 80 53.95 10.32 -5.77
CA ASN V 80 54.15 10.76 -7.15
C ASN V 80 53.16 11.89 -7.47
N LEU V 81 53.68 13.00 -7.98
CA LEU V 81 52.89 14.20 -8.25
C LEU V 81 52.97 14.53 -9.74
N THR V 82 51.87 14.29 -10.46
CA THR V 82 51.77 14.75 -11.84
C THR V 82 51.49 16.24 -11.87
N VAL V 83 52.25 16.98 -12.69
CA VAL V 83 52.15 18.43 -12.72
C VAL V 83 51.95 18.91 -14.15
N ARG V 84 51.44 20.13 -14.27
CA ARG V 84 51.21 20.75 -15.57
C ARG V 84 51.16 22.26 -15.39
N GLN V 85 51.36 22.98 -16.49
CA GLN V 85 51.25 24.43 -16.47
C GLN V 85 49.81 24.84 -16.17
N ALA V 86 49.66 25.97 -15.48
CA ALA V 86 48.35 26.35 -14.97
C ALA V 86 47.49 27.04 -16.01
N ALA V 87 47.90 28.21 -16.47
CA ALA V 87 47.14 28.98 -17.46
C ALA V 87 48.11 29.90 -18.20
N GLY V 88 48.46 29.53 -19.42
CA GLY V 88 49.34 30.35 -20.24
C GLY V 88 50.73 30.53 -19.69
N ALA V 89 51.18 29.64 -18.80
CA ALA V 89 52.49 29.79 -18.19
C ALA V 89 53.59 29.62 -19.23
N ASP V 90 54.71 30.30 -19.00
CA ASP V 90 55.86 30.22 -19.90
C ASP V 90 56.63 28.95 -19.57
N ASN V 91 57.84 28.79 -20.12
CA ASN V 91 58.64 27.59 -19.92
C ASN V 91 58.92 27.42 -18.43
N ILE V 92 58.30 26.40 -17.84
CA ILE V 92 58.47 26.11 -16.42
C ILE V 92 59.62 25.13 -16.26
N ASN V 93 60.59 25.46 -15.41
CA ASN V 93 61.70 24.57 -15.10
C ASN V 93 61.47 23.98 -13.71
N LEU V 94 61.17 22.68 -13.65
CA LEU V 94 60.96 22.01 -12.39
C LEU V 94 62.29 21.84 -11.65
N UNK V 95 63.38 22.00 -12.38
CA UNK V 95 64.72 21.82 -11.82
C UNK V 95 65.11 22.98 -10.91
N LYS V 96 64.46 24.12 -11.11
CA LYS V 96 64.72 25.30 -10.29
C LYS V 96 63.54 25.54 -9.35
N SER V 97 62.86 24.45 -9.00
CA SER V 97 61.69 24.49 -8.15
C SER V 97 61.95 23.72 -6.86
N THR V 98 61.29 24.17 -5.79
CA THR V 98 61.44 23.57 -4.47
C THR V 98 60.08 23.10 -3.97
N ILE V 99 60.10 22.01 -3.21
CA ILE V 99 58.91 21.45 -2.61
C ILE V 99 59.07 21.45 -1.10
N GLN V 100 58.07 21.98 -0.40
CA GLN V 100 58.10 22.11 1.06
C GLN V 100 57.28 20.97 1.66
N TRP V 101 57.96 20.10 2.41
CA TRP V 101 57.34 18.89 2.97
C TRP V 101 57.13 19.06 4.47
N ILE V 102 55.94 19.54 4.82
CA ILE V 102 55.51 19.52 6.22
C ILE V 102 54.63 18.29 6.40
N GLY V 103 55.21 17.23 6.96
CA GLY V 103 54.48 16.02 7.24
C GLY V 103 54.23 15.85 8.72
N PRO V 104 53.73 14.67 9.11
CA PRO V 104 53.57 14.41 10.55
C PRO V 104 54.88 14.42 11.31
N ASP V 105 55.99 14.15 10.64
CA ASP V 105 57.29 14.09 11.29
C ASP V 105 58.21 15.24 10.87
N UNK V 106 58.77 15.13 9.68
CA UNK V 106 59.78 16.09 9.21
C UNK V 106 59.15 17.40 8.71
N ALA V 107 60.00 18.35 8.36
CA ALA V 107 59.56 19.65 7.85
C ALA V 107 60.65 20.29 7.00
N THR V 108 61.07 19.59 5.96
CA THR V 108 62.19 20.05 5.13
C THR V 108 61.70 20.64 3.81
N THR V 109 62.65 21.14 3.03
CA THR V 109 62.39 21.71 1.71
C THR V 109 63.24 20.96 0.69
N LEU V 110 62.58 20.18 -0.16
CA LEU V 110 63.30 19.31 -1.10
C LEU V 110 63.82 20.08 -2.31
N THR V 111 64.75 19.46 -3.02
CA THR V 111 65.32 20.03 -4.25
C THR V 111 65.60 18.91 -5.24
N TYR V 112 65.84 19.24 -6.50
CA TYR V 112 66.02 18.24 -7.56
C TYR V 112 67.38 17.56 -7.40
N UNK V 113 67.36 16.23 -7.30
CA UNK V 113 68.59 15.43 -7.42
C UNK V 113 68.48 14.51 -8.63
N UNK V 114 69.51 14.51 -9.46
CA UNK V 114 69.50 13.73 -10.69
C UNK V 114 69.49 12.23 -10.40
N UNK V 115 68.79 11.47 -11.23
CA UNK V 115 68.68 10.02 -11.10
C UNK V 115 68.16 9.60 -9.73
N UNK V 116 68.51 8.39 -9.31
CA UNK V 116 68.13 7.83 -8.02
C UNK V 116 66.61 7.73 -7.86
N UNK V 117 66.07 6.54 -8.10
CA UNK V 117 64.64 6.30 -7.96
C UNK V 117 64.38 5.01 -7.18
N UNK V 119 65.82 10.71 -6.32
CA UNK V 119 64.93 10.77 -5.18
C UNK V 119 65.68 10.48 -3.88
N UNK V 120 64.98 9.90 -2.91
CA UNK V 120 65.54 9.57 -1.60
C UNK V 120 66.06 10.79 -0.86
N UNK V 121 66.64 10.56 0.32
CA UNK V 121 67.16 11.63 1.17
C UNK V 121 66.11 12.70 1.42
N GLU V 122 66.41 13.92 0.99
CA GLU V 122 65.47 15.03 1.09
C GLU V 122 65.35 15.72 -0.26
N ASN V 123 65.41 14.92 -1.33
CA ASN V 123 65.41 15.43 -2.69
C ASN V 123 64.31 14.76 -3.50
N PHE V 124 63.99 15.35 -4.64
CA PHE V 124 62.95 14.83 -5.53
C PHE V 124 63.48 14.73 -6.96
N THR V 125 62.80 13.90 -7.75
CA THR V 125 63.20 13.63 -9.12
C THR V 125 61.99 13.77 -10.03
N THR V 126 62.23 14.20 -11.27
CA THR V 126 61.15 14.38 -12.23
C THR V 126 61.26 13.43 -13.42
N UNK V 127 60.29 12.53 -13.54
CA UNK V 127 60.22 11.62 -14.68
C UNK V 127 59.08 12.04 -15.60
N SER V 128 59.35 12.09 -16.90
CA SER V 128 58.38 12.58 -17.86
C SER V 128 57.32 11.53 -18.19
N ILE V 129 56.05 11.88 -17.98
CA ILE V 129 54.95 10.99 -18.33
C ILE V 129 54.66 11.07 -19.83
N LYS V 130 54.51 12.29 -20.34
CA LYS V 130 54.31 12.52 -21.77
C LYS V 130 54.92 13.86 -22.13
N GLY V 131 55.66 13.90 -23.23
CA GLY V 131 56.32 15.12 -23.68
C GLY V 131 57.74 14.89 -24.14
N UNK V 132 58.45 15.97 -24.43
CA UNK V 132 59.83 15.88 -24.91
C UNK V 132 60.82 15.86 -23.76
N UNK V 133 60.92 16.97 -23.04
CA UNK V 133 61.85 17.09 -21.93
C UNK V 133 61.32 16.38 -20.69
N UNK V 134 62.22 16.04 -19.77
CA UNK V 134 61.85 15.35 -18.55
C UNK V 134 62.13 16.23 -17.32
N UNK V 135 62.19 17.53 -17.54
CA UNK V 135 62.46 18.48 -16.46
C UNK V 135 61.97 19.87 -16.84
N VAL V 136 61.55 20.03 -18.08
CA VAL V 136 61.08 21.33 -18.57
C VAL V 136 59.68 21.22 -19.14
N LEU V 137 58.75 22.02 -18.61
CA LEU V 137 57.41 22.08 -19.19
C LEU V 137 57.40 23.10 -20.32
N VAL V 138 57.27 22.61 -21.56
CA VAL V 138 57.35 23.48 -22.72
C VAL V 138 55.97 23.87 -23.26
N ASP V 139 55.04 22.94 -23.40
CA ASP V 139 53.70 23.22 -23.86
C ASP V 139 52.70 23.02 -22.72
N GLN V 140 51.43 23.30 -23.01
CA GLN V 140 50.40 23.09 -22.02
C GLN V 140 49.99 21.62 -21.94
N SER V 141 50.52 20.79 -22.83
CA SER V 141 50.14 19.39 -22.89
C SER V 141 51.05 18.47 -22.09
N ASP V 142 52.30 18.86 -21.85
CA ASP V 142 53.25 17.96 -21.20
C ASP V 142 52.82 17.65 -19.77
N ARG V 143 53.06 16.41 -19.36
CA ARG V 143 52.79 15.95 -17.99
C ARG V 143 54.07 15.33 -17.46
N ILE V 144 54.59 15.88 -16.37
CA ILE V 144 55.79 15.37 -15.73
C ILE V 144 55.43 14.87 -14.34
N LYS V 145 55.99 13.71 -13.97
CA LYS V 145 55.71 13.08 -12.69
C LYS V 145 56.82 13.43 -11.70
N VAL V 146 56.45 14.09 -10.61
CA VAL V 146 57.41 14.46 -9.57
C VAL V 146 57.55 13.27 -8.63
N ILE V 147 58.79 12.85 -8.39
CA ILE V 147 59.05 11.63 -7.62
C ILE V 147 59.58 12.01 -6.24
N MET V 148 58.92 11.50 -5.20
CA MET V 148 59.34 11.75 -3.83
C MET V 148 59.31 10.44 -3.05
N TYR V 149 60.34 10.21 -2.25
CA TYR V 149 60.48 8.99 -1.47
C TYR V 149 60.06 9.29 -0.04
N ALA V 150 58.91 8.76 0.36
CA ALA V 150 58.36 9.03 1.69
C ALA V 150 59.13 8.30 2.78
N UNK V 151 59.71 7.15 2.44
CA UNK V 151 60.44 6.36 3.41
C UNK V 151 61.89 6.83 3.52
N UNK V 152 62.19 7.97 2.91
CA UNK V 152 63.53 8.53 2.98
C UNK V 152 63.48 9.93 3.59
N VAL V 153 62.29 10.54 3.55
CA VAL V 153 62.09 11.85 4.16
C VAL V 153 61.44 11.65 5.52
N UNK V 154 60.56 10.65 5.62
CA UNK V 154 59.90 10.32 6.87
C UNK V 154 59.91 8.81 7.08
N UNK V 155 59.17 8.35 8.09
CA UNK V 155 59.03 6.92 8.34
C UNK V 155 57.91 6.35 7.49
N UNK V 156 58.13 6.29 6.18
CA UNK V 156 57.12 5.88 5.21
C UNK V 156 55.87 6.73 5.36
N LEU V 157 54.71 6.12 5.17
CA LEU V 157 53.43 6.82 5.32
C LEU V 157 52.35 5.87 5.84
N UNK V 158 51.71 6.28 6.93
CA UNK V 158 50.65 5.48 7.53
C UNK V 158 49.28 5.99 7.10
N UNK V 159 48.23 5.39 7.64
CA UNK V 159 46.86 5.74 7.29
C UNK V 159 46.45 7.09 7.87
N GLY V 160 45.88 7.94 7.03
CA GLY V 160 45.37 9.23 7.47
C GLY V 160 46.42 10.30 7.63
N UNK V 161 47.67 9.98 7.26
CA UNK V 161 48.76 10.93 7.36
C UNK V 161 48.56 12.08 6.39
N GLU V 162 48.37 13.29 6.93
CA GLU V 162 48.10 14.46 6.11
C GLU V 162 49.37 15.27 5.87
N VAL V 163 49.99 15.05 4.70
CA VAL V 163 51.24 15.74 4.37
C VAL V 163 50.93 16.96 3.54
N GLN V 164 51.57 18.08 3.87
CA GLN V 164 51.34 19.36 3.21
C GLN V 164 52.50 19.65 2.26
N LEU V 165 52.19 19.85 0.98
CA LEU V 165 53.17 20.17 -0.05
C LEU V 165 52.86 21.54 -0.62
N THR V 166 53.89 22.38 -0.75
CA THR V 166 53.77 23.69 -1.40
C THR V 166 54.86 23.76 -2.46
N VAL V 167 54.54 23.28 -3.67
CA VAL V 167 55.49 23.34 -4.76
C VAL V 167 55.64 24.79 -5.21
N THR V 168 56.87 25.28 -5.18
CA THR V 168 57.16 26.68 -5.48
C THR V 168 57.94 26.77 -6.77
N THR V 169 57.43 27.54 -7.73
CA THR V 169 58.13 27.78 -8.98
C THR V 169 59.31 28.73 -8.73
N GLN V 170 60.20 28.84 -9.72
CA GLN V 170 61.39 29.64 -9.57
C GLN V 170 61.05 31.10 -9.27
N TYR V 171 60.06 31.65 -9.98
CA TYR V 171 59.71 33.06 -9.79
C TYR V 171 59.00 33.31 -8.47
N GLY V 172 58.39 32.27 -7.89
CA GLY V 172 57.84 32.41 -6.56
C GLY V 172 56.40 31.97 -6.41
N SER V 173 55.73 31.69 -7.52
CA SER V 173 54.34 31.26 -7.45
C SER V 173 54.23 29.92 -6.73
N LYS V 174 53.22 29.80 -5.88
CA LYS V 174 53.06 28.65 -5.01
C LYS V 174 51.75 27.94 -5.32
N THR V 175 51.78 26.61 -5.23
CA THR V 175 50.59 25.77 -5.43
C THR V 175 50.54 24.72 -4.31
N THR V 176 49.92 25.10 -3.20
CA THR V 176 49.80 24.19 -2.07
C THR V 176 48.85 23.05 -2.39
N TYR V 177 49.16 21.87 -1.86
CA TYR V 177 48.36 20.67 -2.10
C TYR V 177 48.45 19.76 -0.88
N TRP V 178 47.38 19.71 -0.10
CA TRP V 178 47.29 18.76 1.00
C TRP V 178 47.20 17.36 0.43
N ALA V 179 47.95 16.43 1.02
CA ALA V 179 47.95 15.02 0.62
C ALA V 179 47.44 14.19 1.79
N GLN V 180 46.25 13.61 1.63
CA GLN V 180 45.62 12.80 2.66
C GLN V 180 45.69 11.33 2.26
N VAL V 181 46.50 10.56 2.98
CA VAL V 181 46.55 9.12 2.73
C VAL V 181 45.20 8.50 3.09
N PRO V 182 44.69 7.54 2.33
CA PRO V 182 43.43 6.90 2.71
C PRO V 182 43.51 6.26 4.09
N GLU V 183 42.39 6.35 4.82
CA GLU V 183 42.36 5.84 6.19
C GLU V 183 42.53 4.33 6.25
N SER V 184 42.38 3.63 5.14
CA SER V 184 42.60 2.19 5.07
C SER V 184 43.44 1.87 3.84
N LEU V 185 44.42 0.99 4.02
CA LEU V 185 45.29 0.56 2.93
C LEU V 185 45.29 -0.96 2.75
N LYS V 186 44.34 -1.65 3.36
CA LYS V 186 44.32 -3.10 3.32
C LYS V 186 44.01 -3.60 1.91
N ASP V 187 44.90 -4.44 1.37
CA ASP V 187 44.73 -5.06 0.07
C ASP V 187 44.50 -4.02 -1.02
N LYS V 188 45.50 -3.16 -1.21
CA LYS V 188 45.45 -2.11 -2.22
C LYS V 188 46.88 -1.87 -2.71
N ASN V 189 47.16 -2.28 -3.94
CA ASN V 189 48.52 -2.20 -4.46
C ASN V 189 49.00 -0.77 -4.56
N ALA V 190 48.13 0.15 -4.98
CA ALA V 190 48.46 1.56 -5.06
C ALA V 190 47.21 2.38 -4.83
N VAL V 191 47.37 3.49 -4.11
CA VAL V 191 46.23 4.34 -3.74
C VAL V 191 46.34 5.71 -4.40
N UNK V 192 45.30 6.51 -4.22
CA UNK V 192 45.27 7.88 -4.75
C UNK V 192 45.22 8.88 -3.61
N LEU V 193 46.36 9.55 -3.37
CA LEU V 193 46.45 10.53 -2.29
C LEU V 193 45.56 11.74 -2.55
N GLN W 13 70.52 92.36 -15.69
CA GLN W 13 70.66 91.81 -17.04
C GLN W 13 70.17 90.37 -17.08
N VAL W 14 70.80 89.51 -16.27
CA VAL W 14 70.34 88.13 -16.17
C VAL W 14 68.93 88.08 -15.61
N GLY W 15 68.66 88.89 -14.58
CA GLY W 15 67.32 88.95 -14.03
C GLY W 15 66.30 89.45 -15.04
N ILE W 16 66.71 90.40 -15.89
CA ILE W 16 65.82 90.90 -16.94
C ILE W 16 65.44 89.76 -17.89
N GLY W 17 66.44 88.97 -18.29
CA GLY W 17 66.14 87.77 -19.06
C GLY W 17 65.34 86.77 -18.25
N THR W 18 65.62 86.68 -16.95
CA THR W 18 64.85 85.79 -16.09
C THR W 18 63.39 86.23 -16.00
N LEU W 19 63.16 87.53 -15.81
CA LEU W 19 61.79 88.02 -15.62
C LEU W 19 60.94 87.76 -16.86
N ILE W 20 61.49 88.02 -18.04
CA ILE W 20 60.77 87.73 -19.28
C ILE W 20 60.52 86.23 -19.39
N VAL W 21 61.53 85.43 -19.04
CA VAL W 21 61.35 83.98 -18.99
C VAL W 21 60.40 83.59 -17.86
N PHE W 22 60.47 84.30 -16.73
CA PHE W 22 59.61 83.98 -15.60
C PHE W 22 58.15 84.10 -15.98
N ILE W 23 57.80 85.15 -16.73
CA ILE W 23 56.43 85.30 -17.22
C ILE W 23 56.05 84.12 -18.13
N ALA W 24 57.03 83.58 -18.86
CA ALA W 24 56.74 82.44 -19.74
C ALA W 24 56.34 81.21 -18.93
N MET W 25 57.00 80.98 -17.79
CA MET W 25 56.70 79.80 -16.98
C MET W 25 55.27 79.84 -16.46
N VAL W 26 54.84 80.99 -15.93
CA VAL W 26 53.50 81.08 -15.35
C VAL W 26 52.45 80.91 -16.44
N LEU W 27 52.75 81.34 -17.66
CA LEU W 27 51.83 81.11 -18.77
C LEU W 27 51.71 79.63 -19.10
N VAL W 28 52.86 78.97 -19.35
CA VAL W 28 52.80 77.57 -19.76
C VAL W 28 52.24 76.71 -18.64
N ALA W 29 52.59 77.03 -17.40
CA ALA W 29 51.99 76.33 -16.27
C ALA W 29 50.49 76.54 -16.22
N ALA W 30 50.03 77.77 -16.50
CA ALA W 30 48.60 78.02 -16.60
C ALA W 30 47.98 77.23 -17.74
N ILE W 31 48.66 77.20 -18.89
CA ILE W 31 48.20 76.34 -20.00
C ILE W 31 48.28 74.88 -19.60
N ALA W 32 49.33 74.50 -18.86
CA ALA W 32 49.43 73.13 -18.36
C ALA W 32 48.27 72.80 -17.44
N ALA W 33 47.99 73.67 -16.47
CA ALA W 33 46.90 73.43 -15.53
C ALA W 33 45.56 73.36 -16.25
N GLY W 34 45.38 74.22 -17.26
CA GLY W 34 44.11 74.22 -17.98
C GLY W 34 43.81 72.92 -18.67
N VAL W 35 44.83 72.31 -19.29
CA VAL W 35 44.60 71.08 -20.05
C VAL W 35 44.17 69.95 -19.12
N LEU W 36 44.83 69.80 -17.98
CA LEU W 36 44.50 68.71 -17.06
C LEU W 36 43.10 68.87 -16.50
N ILE W 37 42.78 70.05 -15.97
CA ILE W 37 41.49 70.24 -15.30
C ILE W 37 40.34 70.14 -16.29
N ASN W 38 40.48 70.80 -17.45
CA ASN W 38 39.38 70.79 -18.42
C ASN W 38 39.16 69.39 -18.99
N THR W 39 40.23 68.63 -19.20
CA THR W 39 40.07 67.25 -19.61
C THR W 39 39.37 66.43 -18.53
N ALA W 40 39.72 66.70 -17.27
CA ALA W 40 39.05 66.02 -16.16
C ALA W 40 37.58 66.41 -16.11
N GLY W 41 37.27 67.67 -16.37
CA GLY W 41 35.88 68.11 -16.35
C GLY W 41 35.02 67.35 -17.35
N TYR W 42 35.55 67.12 -18.55
CA TYR W 42 34.85 66.29 -19.52
C TYR W 42 34.71 64.87 -18.99
N LEU W 43 35.79 64.32 -18.44
CA LEU W 43 35.76 62.94 -17.95
C LEU W 43 34.87 62.82 -16.72
N GLN W 44 34.80 63.86 -15.90
CA GLN W 44 33.93 63.84 -14.72
C GLN W 44 32.47 63.68 -15.14
N SER W 45 32.00 64.53 -16.07
CA SER W 45 30.62 64.44 -16.52
C SER W 45 30.39 63.16 -17.31
N LYS W 46 31.38 62.76 -18.11
CA LYS W 46 31.26 61.53 -18.90
C LYS W 46 31.17 60.32 -17.98
N GLY W 47 31.98 60.28 -16.93
CA GLY W 47 31.92 59.17 -15.99
C GLY W 47 30.63 59.16 -15.20
N SER W 48 30.20 60.34 -14.73
CA SER W 48 28.98 60.42 -13.93
C SER W 48 27.77 59.96 -14.73
N ALA W 49 27.67 60.41 -15.97
CA ALA W 49 26.57 59.96 -16.83
C ALA W 49 26.68 58.47 -17.11
N THR W 50 27.89 57.96 -17.31
CA THR W 50 28.09 56.54 -17.56
C THR W 50 27.66 55.70 -16.37
N GLY W 51 28.02 56.15 -15.16
CA GLY W 51 27.66 55.39 -13.97
C GLY W 51 26.15 55.31 -13.77
N GLU W 52 25.45 56.43 -13.97
CA GLU W 52 24.01 56.45 -13.83
C GLU W 52 23.33 55.58 -14.87
N GLU W 53 23.79 55.69 -16.13
CA GLU W 53 23.18 54.91 -17.20
C GLU W 53 23.46 53.42 -17.04
N ALA W 54 24.68 53.06 -16.64
CA ALA W 54 25.03 51.65 -16.46
C ALA W 54 24.19 51.03 -15.36
N SER W 55 24.01 51.75 -14.25
CA SER W 55 23.15 51.26 -13.18
C SER W 55 21.70 51.17 -13.63
N ALA W 56 21.26 52.16 -14.42
CA ALA W 56 19.88 52.14 -14.93
C ALA W 56 19.67 50.97 -15.89
N GLN W 57 20.68 50.66 -16.69
CA GLN W 57 20.57 49.54 -17.63
C GLN W 57 20.33 48.22 -16.91
N VAL W 58 21.03 48.00 -15.79
CA VAL W 58 20.93 46.75 -15.07
C VAL W 58 19.59 46.59 -14.36
N SER W 59 19.11 47.65 -13.69
CA SER W 59 18.00 47.51 -12.76
C SER W 59 16.66 47.93 -13.34
N ASN W 60 16.64 48.86 -14.29
CA ASN W 60 15.36 49.33 -14.82
C ASN W 60 14.75 48.27 -15.74
N ARG W 61 14.14 47.26 -15.12
CA ARG W 61 13.62 46.10 -15.82
C ARG W 61 12.14 45.96 -15.51
N ILE W 62 11.42 45.30 -16.40
CA ILE W 62 10.00 45.01 -16.18
C ILE W 62 9.85 43.51 -15.94
N ASN W 63 8.77 43.15 -15.24
CA ASN W 63 8.45 41.76 -14.94
C ASN W 63 7.06 41.46 -15.44
N ILE W 64 6.92 40.39 -16.21
CA ILE W 64 5.62 39.98 -16.76
C ILE W 64 4.85 39.27 -15.65
N VAL W 65 3.82 39.93 -15.13
CA VAL W 65 3.01 39.33 -14.07
C VAL W 65 2.29 38.09 -14.59
N SER W 66 1.61 38.22 -15.73
CA SER W 66 0.85 37.13 -16.30
C SER W 66 0.53 37.47 -17.75
N ALA W 67 0.07 36.46 -18.48
CA ALA W 67 -0.34 36.64 -19.87
C ALA W 67 -1.69 35.97 -20.09
N TYR W 68 -2.51 36.60 -20.93
CA TYR W 68 -3.81 36.05 -21.27
C TYR W 68 -4.26 36.65 -22.59
N GLY W 69 -5.16 35.94 -23.27
CA GLY W 69 -5.66 36.39 -24.55
C GLY W 69 -7.12 36.07 -24.78
N ASN W 70 -7.83 36.96 -25.48
CA ASN W 70 -9.22 36.72 -25.80
C ASN W 70 -9.31 35.64 -26.87
N VAL W 71 -10.39 34.87 -26.83
CA VAL W 71 -10.59 33.79 -27.80
C VAL W 71 -11.90 33.97 -28.55
N UNK W 72 -11.79 34.23 -29.85
CA UNK W 72 -12.97 34.33 -30.70
C UNK W 72 -13.00 33.15 -31.67
N UNK W 73 -14.17 32.52 -31.79
CA UNK W 73 -14.34 31.33 -32.62
C UNK W 73 -13.36 30.23 -32.19
N UNK W 74 -12.14 30.31 -32.69
CA UNK W 74 -11.10 29.33 -32.35
C UNK W 74 -9.72 29.92 -32.56
N UNK W 75 -9.48 31.11 -32.02
CA UNK W 75 -8.19 31.76 -32.18
C UNK W 75 -7.95 32.81 -31.09
N VAL W 76 -6.69 33.03 -30.75
CA VAL W 76 -6.32 34.03 -29.75
C VAL W 76 -5.96 35.34 -30.45
N ASP W 77 -6.97 36.20 -30.60
CA ASP W 77 -6.77 37.43 -31.36
C ASP W 77 -5.91 38.43 -30.60
N TYR W 78 -6.07 38.52 -29.28
CA TYR W 78 -5.29 39.43 -28.46
C TYR W 78 -4.26 38.68 -27.63
N VAL W 79 -3.21 39.40 -27.25
CA VAL W 79 -2.19 38.92 -26.33
C VAL W 79 -1.92 40.04 -25.34
N ASN W 80 -2.35 39.86 -24.10
CA ASN W 80 -2.22 40.88 -23.06
C ASN W 80 -1.22 40.41 -22.02
N LEU W 81 -0.24 41.25 -21.72
CA LEU W 81 0.81 40.95 -20.73
C LEU W 81 0.77 42.03 -19.64
N THR W 82 0.29 41.65 -18.46
CA THR W 82 0.35 42.55 -17.32
C THR W 82 1.79 42.71 -16.86
N VAL W 83 2.30 43.94 -16.94
CA VAL W 83 3.70 44.20 -16.63
C VAL W 83 3.79 45.08 -15.40
N ARG W 84 4.95 45.05 -14.76
CA ARG W 84 5.20 45.82 -13.55
C ARG W 84 6.68 46.12 -13.43
N GLN W 85 7.02 47.08 -12.58
CA GLN W 85 8.41 47.40 -12.30
C GLN W 85 9.10 46.24 -11.58
N ALA W 86 10.38 46.07 -11.88
CA ALA W 86 11.19 45.09 -11.16
C ALA W 86 11.65 45.68 -9.83
N ALA W 87 12.57 45.00 -9.15
CA ALA W 87 13.03 45.41 -7.83
C ALA W 87 13.97 46.60 -7.98
N GLY W 88 13.59 47.74 -7.40
CA GLY W 88 14.42 48.92 -7.40
C GLY W 88 14.37 49.75 -8.66
N ALA W 89 13.57 49.37 -9.65
CA ALA W 89 13.51 50.10 -10.90
C ALA W 89 12.88 51.48 -10.70
N ASP W 90 13.39 52.46 -11.44
CA ASP W 90 12.84 53.81 -11.43
C ASP W 90 11.66 53.91 -12.39
N ASN W 91 11.23 55.14 -12.67
CA ASN W 91 10.12 55.37 -13.60
C ASN W 91 10.44 54.72 -14.95
N ILE W 92 9.69 53.68 -15.29
CA ILE W 92 9.87 52.95 -16.53
C ILE W 92 8.82 53.46 -17.51
N ASN W 93 9.26 54.01 -18.63
CA ASN W 93 8.34 54.54 -19.64
C ASN W 93 8.14 53.50 -20.74
N LEU W 94 6.94 52.94 -20.82
CA LEU W 94 6.66 51.88 -21.77
C LEU W 94 6.50 52.42 -23.18
N UNK W 95 6.37 53.73 -23.31
CA UNK W 95 6.19 54.36 -24.62
C UNK W 95 7.50 54.34 -25.42
N LYS W 96 8.62 54.24 -24.71
CA LYS W 96 9.92 54.11 -25.37
C LYS W 96 10.48 52.71 -25.18
N SER W 97 9.65 51.71 -25.42
CA SER W 97 10.05 50.32 -25.29
C SER W 97 9.62 49.55 -26.53
N THR W 98 10.41 48.53 -26.87
CA THR W 98 10.15 47.72 -28.05
C THR W 98 9.89 46.28 -27.63
N ILE W 99 9.02 45.62 -28.37
CA ILE W 99 8.66 44.22 -28.14
C ILE W 99 9.01 43.44 -29.40
N GLN W 100 9.74 42.35 -29.24
CA GLN W 100 10.16 41.51 -30.35
C GLN W 100 9.25 40.30 -30.44
N TRP W 101 8.43 40.24 -31.49
CA TRP W 101 7.48 39.14 -31.69
C TRP W 101 8.09 38.16 -32.68
N ILE W 102 8.58 37.04 -32.13
CA ILE W 102 9.04 35.92 -32.94
C ILE W 102 8.03 34.79 -32.71
N GLY W 103 7.33 34.41 -33.76
CA GLY W 103 6.28 33.42 -33.66
C GLY W 103 6.31 32.41 -34.79
N PRO W 104 5.20 31.68 -34.96
CA PRO W 104 5.15 30.68 -36.04
C PRO W 104 5.35 31.28 -37.43
N ASP W 105 4.84 32.48 -37.66
CA ASP W 105 5.02 33.14 -38.95
C ASP W 105 5.98 34.32 -38.86
N UNK W 106 5.41 35.51 -38.73
CA UNK W 106 6.19 36.75 -38.74
C UNK W 106 7.22 36.82 -37.62
N ALA W 107 8.23 37.65 -37.82
CA ALA W 107 9.27 37.86 -36.82
C ALA W 107 9.75 39.30 -36.86
N THR W 108 8.94 40.20 -36.32
CA THR W 108 9.19 41.64 -36.37
C THR W 108 9.37 42.21 -34.98
N THR W 109 9.54 43.53 -34.93
CA THR W 109 9.73 44.27 -33.68
C THR W 109 8.60 45.28 -33.56
N LEU W 110 7.91 45.29 -32.43
CA LEU W 110 6.74 46.14 -32.24
C LEU W 110 7.10 47.38 -31.43
N THR W 111 6.76 48.55 -31.97
CA THR W 111 6.93 49.81 -31.27
C THR W 111 5.59 50.29 -30.71
N TYR W 112 5.65 51.32 -29.88
CA TYR W 112 4.46 51.81 -29.19
C TYR W 112 3.55 52.61 -30.12
N UNK W 113 2.24 52.49 -29.90
CA UNK W 113 1.26 53.27 -30.64
C UNK W 113 0.15 53.72 -29.69
N UNK W 114 -0.68 54.64 -30.16
CA UNK W 114 -1.77 55.17 -29.34
C UNK W 114 -3.13 54.75 -29.89
N UNK W 115 -3.69 53.69 -29.30
CA UNK W 115 -5.00 53.16 -29.69
C UNK W 115 -5.05 52.84 -31.18
N UNK W 120 -3.45 49.37 -33.04
CA UNK W 120 -2.66 48.17 -32.79
C UNK W 120 -2.78 47.20 -33.95
N UNK W 121 -1.75 47.14 -34.78
CA UNK W 121 -1.71 46.23 -35.92
C UNK W 121 -0.33 45.60 -36.02
N GLU W 122 0.67 46.46 -36.15
CA GLU W 122 2.06 46.04 -36.20
C GLU W 122 2.72 46.59 -34.93
N ASN W 123 1.93 47.33 -34.15
CA ASN W 123 2.42 47.99 -32.95
C ASN W 123 1.75 47.40 -31.71
N PHE W 124 2.00 48.02 -30.55
CA PHE W 124 1.38 47.59 -29.30
C PHE W 124 0.85 48.82 -28.55
N THR W 125 -0.16 48.59 -27.73
CA THR W 125 -0.84 49.65 -26.99
C THR W 125 -0.90 49.30 -25.52
N THR W 126 -0.91 50.32 -24.67
CA THR W 126 -0.92 50.11 -23.23
C THR W 126 -2.19 50.66 -22.58
N UNK W 127 -2.78 49.85 -21.70
CA UNK W 127 -3.95 50.27 -20.94
C UNK W 127 -3.70 50.06 -19.45
N SER W 128 -3.71 51.15 -18.70
CA SER W 128 -3.37 51.11 -17.28
C SER W 128 -4.36 50.28 -16.46
N ILE W 129 -3.92 49.12 -16.00
CA ILE W 129 -4.76 48.30 -15.13
C ILE W 129 -4.89 48.95 -13.76
N LYS W 130 -3.79 49.44 -13.21
CA LYS W 130 -3.80 50.08 -11.90
C LYS W 130 -2.72 51.15 -11.86
N GLY W 131 -3.07 52.30 -11.29
CA GLY W 131 -2.13 53.39 -11.15
C GLY W 131 -2.63 54.71 -11.71
N UNK W 132 -1.74 55.68 -11.81
CA UNK W 132 -2.09 57.01 -12.31
C UNK W 132 -1.94 57.09 -13.83
N UNK W 133 -0.70 57.16 -14.29
CA UNK W 133 -0.41 57.25 -15.72
C UNK W 133 -0.77 55.94 -16.43
N UNK W 134 -0.91 56.02 -17.76
CA UNK W 134 -1.29 54.86 -18.56
C UNK W 134 -0.20 54.49 -19.55
N UNK W 135 1.04 54.79 -19.22
CA UNK W 135 2.17 54.50 -20.10
C UNK W 135 3.47 54.45 -19.32
N VAL W 136 3.50 55.08 -18.15
CA VAL W 136 4.70 55.13 -17.33
C VAL W 136 4.44 54.56 -15.93
N LEU W 137 5.11 53.47 -15.61
CA LEU W 137 5.08 52.97 -14.23
C LEU W 137 5.96 53.84 -13.35
N VAL W 138 5.45 54.22 -12.19
CA VAL W 138 6.16 55.15 -11.30
C VAL W 138 6.44 54.48 -9.97
N ASP W 139 5.41 53.93 -9.34
CA ASP W 139 5.56 53.21 -8.09
C ASP W 139 5.56 51.70 -8.34
N GLN W 140 5.77 50.94 -7.26
CA GLN W 140 5.78 49.48 -7.39
C GLN W 140 4.37 48.94 -7.57
N SER W 141 3.35 49.67 -7.12
CA SER W 141 1.99 49.14 -7.13
C SER W 141 1.38 49.15 -8.53
N ASP W 142 1.76 50.10 -9.38
CA ASP W 142 1.12 50.26 -10.67
C ASP W 142 1.29 49.03 -11.56
N ARG W 143 0.20 48.61 -12.19
CA ARG W 143 0.20 47.49 -13.12
C ARG W 143 -0.33 47.99 -14.46
N ILE W 144 0.38 47.68 -15.54
CA ILE W 144 -0.02 48.09 -16.88
C ILE W 144 -0.15 46.86 -17.75
N LYS W 145 -1.09 46.90 -18.69
CA LYS W 145 -1.31 45.84 -19.65
C LYS W 145 -0.96 46.34 -21.04
N VAL W 146 -0.16 45.55 -21.77
CA VAL W 146 0.24 45.89 -23.12
C VAL W 146 -0.68 45.15 -24.08
N ILE W 147 -1.23 45.86 -25.05
CA ILE W 147 -2.24 45.30 -25.94
C ILE W 147 -1.61 45.04 -27.32
N MET W 148 -1.70 43.80 -27.77
CA MET W 148 -1.13 43.39 -29.04
C MET W 148 -2.15 42.57 -29.81
N TYR W 149 -2.39 42.93 -31.06
CA TYR W 149 -3.39 42.27 -31.89
C TYR W 149 -2.72 41.12 -32.64
N ALA W 150 -2.85 39.92 -32.09
CA ALA W 150 -2.21 38.74 -32.68
C ALA W 150 -2.84 38.36 -34.02
N UNK W 151 -4.04 38.86 -34.26
CA UNK W 151 -4.73 38.59 -35.52
C UNK W 151 -4.31 39.61 -36.58
N UNK W 152 -3.55 40.62 -36.15
CA UNK W 152 -3.07 41.66 -37.05
C UNK W 152 -1.58 41.53 -37.30
N VAL W 153 -0.86 41.05 -36.30
CA VAL W 153 0.58 40.83 -36.43
C VAL W 153 0.84 39.63 -37.33
N UNK W 154 0.10 38.55 -37.08
CA UNK W 154 0.22 37.33 -37.88
C UNK W 154 -1.16 36.89 -38.35
N UNK W 155 -1.26 35.61 -38.72
CA UNK W 155 -2.54 35.03 -39.11
C UNK W 155 -3.23 34.44 -37.89
N UNK W 156 -3.45 35.28 -36.88
CA UNK W 156 -4.02 34.88 -35.60
C UNK W 156 -3.17 33.83 -34.90
N LEU W 157 -3.66 33.34 -33.77
CA LEU W 157 -2.95 32.31 -33.01
C LEU W 157 -3.84 31.10 -32.78
N UNK W 158 -3.26 29.91 -32.91
CA UNK W 158 -4.02 28.68 -32.75
C UNK W 158 -3.46 27.83 -31.62
N UNK W 159 -4.13 26.72 -31.33
CA UNK W 159 -3.75 25.82 -30.26
C UNK W 159 -2.39 25.17 -30.52
N GLY W 160 -1.39 25.57 -29.75
CA GLY W 160 -0.06 25.00 -29.88
C GLY W 160 0.99 25.98 -30.35
N UNK W 161 0.56 27.04 -31.02
CA UNK W 161 1.47 28.03 -31.57
C UNK W 161 2.20 28.79 -30.45
N GLU W 162 3.51 28.55 -30.35
CA GLU W 162 4.33 29.22 -29.35
C GLU W 162 4.83 30.56 -29.87
N VAL W 163 4.84 31.56 -29.00
CA VAL W 163 5.28 32.92 -29.34
C VAL W 163 6.37 33.33 -28.37
N GLN W 164 7.45 33.89 -28.90
CA GLN W 164 8.57 34.38 -28.10
C GLN W 164 8.54 35.90 -28.11
N LEU W 165 8.47 36.49 -26.92
CA LEU W 165 8.44 37.94 -26.77
C LEU W 165 9.60 38.37 -25.88
N THR W 166 10.34 39.39 -26.33
CA THR W 166 11.44 39.97 -25.58
C THR W 166 11.15 41.46 -25.42
N VAL W 167 10.48 41.82 -24.33
CA VAL W 167 10.16 43.22 -24.07
C VAL W 167 11.43 43.94 -23.63
N THR W 168 11.87 44.91 -24.43
CA THR W 168 13.11 45.63 -24.18
C THR W 168 12.77 47.02 -23.66
N THR W 169 13.26 47.34 -22.47
CA THR W 169 13.05 48.65 -21.89
C THR W 169 13.88 49.69 -22.64
N GLN W 170 13.65 50.97 -22.32
CA GLN W 170 14.35 52.06 -23.00
C GLN W 170 15.87 51.95 -22.80
N TYR W 171 16.30 51.62 -21.59
CA TYR W 171 17.73 51.61 -21.27
C TYR W 171 18.41 50.30 -21.60
N GLY W 172 17.70 49.33 -22.18
CA GLY W 172 18.30 48.12 -22.69
C GLY W 172 17.98 46.86 -21.93
N SER W 173 17.47 46.98 -20.70
CA SER W 173 17.11 45.79 -19.93
C SER W 173 16.02 45.00 -20.65
N LYS W 174 16.24 43.70 -20.78
CA LYS W 174 15.37 42.83 -21.56
C LYS W 174 14.69 41.81 -20.65
N THR W 175 13.40 41.60 -20.87
CA THR W 175 12.65 40.54 -20.23
C THR W 175 12.00 39.70 -21.31
N THR W 176 12.16 38.38 -21.23
CA THR W 176 11.68 37.46 -22.24
C THR W 176 10.58 36.58 -21.65
N TYR W 177 9.49 36.41 -22.41
CA TYR W 177 8.38 35.56 -22.02
C TYR W 177 7.98 34.72 -23.21
N TRP W 178 7.85 33.41 -23.01
CA TRP W 178 7.42 32.50 -24.05
C TRP W 178 5.94 32.18 -23.85
N ALA W 179 5.08 32.86 -24.61
CA ALA W 179 3.64 32.66 -24.51
C ALA W 179 3.24 31.48 -25.38
N GLN W 180 2.88 30.38 -24.73
CA GLN W 180 2.43 29.17 -25.44
C GLN W 180 0.91 29.09 -25.32
N VAL W 181 0.24 28.92 -26.45
CA VAL W 181 -1.21 28.82 -26.48
C VAL W 181 -1.60 27.46 -25.90
N PRO W 182 -2.66 27.38 -25.10
CA PRO W 182 -3.12 26.07 -24.62
C PRO W 182 -3.46 25.13 -25.76
N GLU W 183 -3.22 23.84 -25.55
CA GLU W 183 -3.34 22.85 -26.62
C GLU W 183 -4.76 22.71 -27.15
N SER W 184 -5.76 23.20 -26.42
CA SER W 184 -7.14 23.17 -26.88
C SER W 184 -7.84 24.45 -26.46
N LEU W 185 -8.61 25.03 -27.38
CA LEU W 185 -9.39 26.23 -27.13
C LEU W 185 -10.89 25.95 -27.28
N LYS W 186 -11.33 24.80 -26.78
CA LYS W 186 -12.71 24.36 -26.98
C LYS W 186 -13.64 25.16 -26.10
N ASP W 187 -14.31 26.16 -26.68
CA ASP W 187 -15.34 26.95 -26.01
C ASP W 187 -14.81 27.55 -24.71
N LYS W 188 -13.81 28.40 -24.86
CA LYS W 188 -13.26 29.18 -23.75
C LYS W 188 -13.22 30.64 -24.17
N ASN W 189 -13.78 31.52 -23.35
CA ASN W 189 -13.80 32.94 -23.68
C ASN W 189 -12.39 33.52 -23.71
N ALA W 190 -11.59 33.20 -22.70
CA ALA W 190 -10.21 33.64 -22.64
C ALA W 190 -9.36 32.56 -21.97
N VAL W 191 -8.11 32.44 -22.42
CA VAL W 191 -7.19 31.45 -21.87
C VAL W 191 -5.98 32.13 -21.22
N UNK W 192 -5.20 31.35 -20.49
CA UNK W 192 -4.00 31.87 -19.85
C UNK W 192 -2.75 31.39 -20.58
N LEU W 193 -2.10 32.29 -21.30
CA LEU W 193 -0.92 31.96 -22.08
C LEU W 193 0.28 31.66 -21.18
N GLN X 13 2.40 3.03 -4.10
CA GLN X 13 2.72 1.61 -4.25
C GLN X 13 1.81 0.76 -3.38
N VAL X 14 1.10 1.41 -2.45
CA VAL X 14 0.14 0.69 -1.63
C VAL X 14 -0.95 0.09 -2.49
N GLY X 15 -1.38 0.82 -3.52
CA GLY X 15 -2.34 0.27 -4.46
C GLY X 15 -1.77 -0.91 -5.23
N ILE X 16 -0.52 -0.81 -5.65
CA ILE X 16 0.12 -1.90 -6.39
C ILE X 16 0.20 -3.15 -5.54
N GLY X 17 0.58 -3.00 -4.28
CA GLY X 17 0.63 -4.14 -3.38
C GLY X 17 -0.74 -4.78 -3.19
N THR X 18 -1.80 -3.96 -3.19
CA THR X 18 -3.15 -4.49 -3.03
C THR X 18 -3.53 -5.38 -4.20
N LEU X 19 -3.09 -5.03 -5.40
CA LEU X 19 -3.46 -5.79 -6.59
C LEU X 19 -2.94 -7.22 -6.53
N ILE X 20 -1.65 -7.38 -6.22
CA ILE X 20 -1.05 -8.71 -6.19
C ILE X 20 -1.67 -9.55 -5.09
N VAL X 21 -1.89 -8.95 -3.92
CA VAL X 21 -2.57 -9.64 -2.84
C VAL X 21 -3.99 -10.02 -3.27
N PHE X 22 -4.64 -9.16 -4.04
CA PHE X 22 -5.97 -9.47 -4.56
C PHE X 22 -5.92 -10.70 -5.46
N ILE X 23 -4.88 -10.82 -6.28
CA ILE X 23 -4.73 -12.01 -7.13
C ILE X 23 -4.57 -13.26 -6.28
N ALA X 24 -3.96 -13.12 -5.10
CA ALA X 24 -3.82 -14.26 -4.20
C ALA X 24 -5.17 -14.75 -3.71
N MET X 25 -6.04 -13.82 -3.31
CA MET X 25 -7.30 -14.19 -2.68
C MET X 25 -8.21 -14.95 -3.65
N VAL X 26 -8.30 -14.49 -4.90
CA VAL X 26 -9.19 -15.13 -5.87
C VAL X 26 -8.71 -16.55 -6.16
N LEU X 27 -7.39 -16.72 -6.32
CA LEU X 27 -6.86 -18.05 -6.55
C LEU X 27 -7.10 -18.97 -5.36
N VAL X 28 -6.91 -18.46 -4.14
CA VAL X 28 -7.13 -19.28 -2.95
C VAL X 28 -8.58 -19.70 -2.86
N ALA X 29 -9.50 -18.78 -3.10
CA ALA X 29 -10.92 -19.13 -3.14
C ALA X 29 -11.19 -20.12 -4.27
N ALA X 30 -10.53 -19.94 -5.41
CA ALA X 30 -10.70 -20.89 -6.51
C ALA X 30 -10.20 -22.28 -6.12
N ILE X 31 -9.08 -22.35 -5.41
CA ILE X 31 -8.60 -23.65 -4.92
C ILE X 31 -9.57 -24.21 -3.90
N ALA X 32 -10.01 -23.38 -2.95
CA ALA X 32 -10.91 -23.85 -1.89
C ALA X 32 -12.25 -24.29 -2.49
N ALA X 33 -12.76 -23.54 -3.47
CA ALA X 33 -13.99 -23.93 -4.13
C ALA X 33 -13.82 -25.25 -4.87
N GLY X 34 -12.65 -25.45 -5.49
CA GLY X 34 -12.39 -26.69 -6.20
C GLY X 34 -12.42 -27.90 -5.29
N VAL X 35 -11.95 -27.73 -4.05
CA VAL X 35 -11.93 -28.85 -3.10
C VAL X 35 -13.34 -29.31 -2.79
N LEU X 36 -14.21 -28.37 -2.43
CA LEU X 36 -15.52 -28.73 -1.90
C LEU X 36 -16.39 -29.39 -2.97
N ILE X 37 -16.35 -28.85 -4.19
CA ILE X 37 -17.21 -29.37 -5.25
C ILE X 37 -16.77 -30.78 -5.66
N ASN X 38 -15.47 -30.98 -5.87
CA ASN X 38 -14.97 -32.30 -6.23
C ASN X 38 -15.16 -33.30 -5.09
N THR X 39 -14.95 -32.85 -3.85
CA THR X 39 -15.16 -33.74 -2.71
C THR X 39 -16.63 -34.17 -2.63
N ALA X 40 -17.55 -33.24 -2.86
CA ALA X 40 -18.96 -33.60 -2.91
C ALA X 40 -19.27 -34.45 -4.14
N GLY X 41 -18.44 -34.34 -5.18
CA GLY X 41 -18.67 -35.12 -6.39
C GLY X 41 -18.53 -36.61 -6.15
N TYR X 42 -17.48 -37.01 -5.45
CA TYR X 42 -17.28 -38.43 -5.16
C TYR X 42 -18.39 -38.95 -4.25
N LEU X 43 -18.76 -38.13 -3.25
CA LEU X 43 -19.83 -38.54 -2.34
C LEU X 43 -21.15 -38.70 -3.08
N GLN X 44 -21.42 -37.83 -4.05
CA GLN X 44 -22.65 -37.95 -4.84
C GLN X 44 -22.68 -39.28 -5.59
N SER X 45 -21.59 -39.63 -6.27
CA SER X 45 -21.56 -40.87 -7.04
C SER X 45 -21.57 -42.09 -6.13
N LYS X 46 -20.85 -42.02 -5.01
CA LYS X 46 -20.79 -43.14 -4.08
C LYS X 46 -22.15 -43.32 -3.41
N GLY X 47 -22.79 -42.21 -3.04
CA GLY X 47 -24.09 -42.29 -2.39
C GLY X 47 -25.17 -42.86 -3.29
N SER X 48 -25.13 -42.50 -4.58
CA SER X 48 -26.13 -43.01 -5.51
C SER X 48 -26.03 -44.53 -5.64
N ALA X 49 -24.81 -45.06 -5.74
CA ALA X 49 -24.64 -46.51 -5.83
C ALA X 49 -25.00 -47.19 -4.52
N THR X 50 -24.76 -46.52 -3.39
CA THR X 50 -25.08 -47.10 -2.09
C THR X 50 -26.58 -47.33 -1.94
N GLY X 51 -27.39 -46.36 -2.38
CA GLY X 51 -28.82 -46.50 -2.25
C GLY X 51 -29.38 -47.63 -3.11
N GLU X 52 -28.87 -47.75 -4.34
CA GLU X 52 -29.36 -48.78 -5.24
C GLU X 52 -29.02 -50.17 -4.71
N GLU X 53 -27.78 -50.36 -4.25
CA GLU X 53 -27.36 -51.68 -3.78
C GLU X 53 -28.07 -52.04 -2.47
N ALA X 54 -28.20 -51.08 -1.56
CA ALA X 54 -28.88 -51.35 -0.29
C ALA X 54 -30.35 -51.72 -0.52
N SER X 55 -31.03 -50.99 -1.40
CA SER X 55 -32.41 -51.33 -1.72
C SER X 55 -32.51 -52.70 -2.39
N ALA X 56 -31.59 -52.99 -3.31
CA ALA X 56 -31.60 -54.28 -4.00
C ALA X 56 -31.33 -55.42 -3.02
N GLN X 57 -30.59 -55.15 -1.95
CA GLN X 57 -30.30 -56.18 -0.96
C GLN X 57 -31.58 -56.67 -0.29
N VAL X 58 -32.54 -55.79 -0.05
CA VAL X 58 -33.77 -56.14 0.65
C VAL X 58 -34.83 -56.55 -0.36
N SER X 59 -34.81 -55.93 -1.54
CA SER X 59 -35.86 -56.13 -2.53
C SER X 59 -35.78 -57.50 -3.20
N ASN X 60 -34.70 -57.76 -3.92
CA ASN X 60 -34.58 -58.99 -4.69
C ASN X 60 -34.36 -60.18 -3.77
N ARG X 61 -35.40 -61.00 -3.58
CA ARG X 61 -35.32 -62.19 -2.76
C ARG X 61 -35.80 -63.39 -3.56
N ILE X 62 -35.34 -64.57 -3.17
CA ILE X 62 -35.74 -65.84 -3.79
C ILE X 62 -36.88 -66.44 -2.97
N ASN X 63 -37.90 -66.92 -3.66
CA ASN X 63 -39.01 -67.63 -3.03
C ASN X 63 -39.10 -69.04 -3.59
N ILE X 64 -39.49 -69.97 -2.73
CA ILE X 64 -39.53 -71.40 -3.07
C ILE X 64 -40.99 -71.82 -3.11
N VAL X 65 -41.42 -72.36 -4.26
CA VAL X 65 -42.80 -72.80 -4.40
C VAL X 65 -43.02 -74.12 -3.67
N SER X 66 -42.20 -75.12 -3.99
CA SER X 66 -42.36 -76.46 -3.44
C SER X 66 -41.10 -77.27 -3.72
N ALA X 67 -40.94 -78.34 -2.95
CA ALA X 67 -39.79 -79.23 -3.11
C ALA X 67 -40.27 -80.67 -3.15
N TYR X 68 -39.85 -81.41 -4.17
CA TYR X 68 -40.12 -82.83 -4.30
C TYR X 68 -38.80 -83.58 -4.44
N GLY X 69 -38.86 -84.89 -4.24
CA GLY X 69 -37.66 -85.70 -4.29
C GLY X 69 -37.86 -87.08 -4.88
N ASN X 70 -37.00 -87.45 -5.82
CA ASN X 70 -37.05 -88.78 -6.40
C ASN X 70 -36.70 -89.83 -5.35
N VAL X 71 -37.36 -90.97 -5.41
CA VAL X 71 -37.13 -92.04 -4.45
C VAL X 71 -36.79 -93.34 -5.16
N UNK X 72 -35.52 -93.73 -5.05
CA UNK X 72 -35.07 -95.02 -5.55
C UNK X 72 -34.80 -95.93 -4.36
N UNK X 73 -35.00 -97.23 -4.54
CA UNK X 73 -34.86 -98.21 -3.46
C UNK X 73 -35.73 -97.84 -2.26
N UNK X 74 -35.24 -96.95 -1.42
CA UNK X 74 -35.98 -96.49 -0.25
C UNK X 74 -35.41 -95.18 0.29
N UNK X 75 -34.57 -94.52 -0.50
CA UNK X 75 -33.94 -93.28 -0.08
C UNK X 75 -34.07 -92.18 -1.13
N VAL X 76 -34.16 -90.94 -0.67
CA VAL X 76 -34.27 -89.80 -1.57
C VAL X 76 -32.94 -89.53 -2.25
N ASP X 77 -32.88 -89.77 -3.56
CA ASP X 77 -31.65 -89.60 -4.33
C ASP X 77 -31.48 -88.18 -4.85
N TYR X 78 -32.55 -87.52 -5.25
CA TYR X 78 -32.49 -86.16 -5.78
C TYR X 78 -33.40 -85.26 -4.95
N VAL X 79 -32.94 -84.04 -4.70
CA VAL X 79 -33.73 -83.03 -4.01
C VAL X 79 -33.92 -81.87 -4.96
N ASN X 80 -35.15 -81.67 -5.42
CA ASN X 80 -35.46 -80.64 -6.41
C ASN X 80 -36.17 -79.48 -5.74
N LEU X 81 -35.96 -78.28 -6.29
CA LEU X 81 -36.51 -77.05 -5.73
C LEU X 81 -37.06 -76.20 -6.87
N THR X 82 -38.36 -75.89 -6.82
CA THR X 82 -38.97 -75.00 -7.80
C THR X 82 -39.04 -73.60 -7.21
N VAL X 83 -38.25 -72.69 -7.75
CA VAL X 83 -38.06 -71.38 -7.16
C VAL X 83 -38.74 -70.32 -8.03
N ARG X 84 -38.93 -69.13 -7.45
CA ARG X 84 -39.53 -68.00 -8.16
C ARG X 84 -39.06 -66.71 -7.52
N GLN X 85 -39.28 -65.61 -8.22
CA GLN X 85 -38.92 -64.30 -7.71
C GLN X 85 -39.81 -63.92 -6.52
N ALA X 86 -39.47 -62.81 -5.89
CA ALA X 86 -40.25 -62.25 -4.79
C ALA X 86 -41.00 -61.01 -5.28
N ALA X 87 -41.69 -60.34 -4.37
CA ALA X 87 -42.44 -59.14 -4.72
C ALA X 87 -41.49 -58.03 -5.17
N GLY X 88 -41.69 -57.56 -6.40
CA GLY X 88 -40.87 -56.49 -6.95
C GLY X 88 -39.40 -56.84 -7.03
N ALA X 89 -39.10 -58.04 -7.52
CA ALA X 89 -37.74 -58.54 -7.60
C ALA X 89 -37.18 -58.28 -9.00
N ASP X 90 -35.93 -57.85 -9.07
CA ASP X 90 -35.26 -57.67 -10.35
C ASP X 90 -34.81 -59.03 -10.90
N ASN X 91 -34.00 -58.97 -11.96
CA ASN X 91 -33.46 -60.17 -12.58
C ASN X 91 -32.68 -61.00 -11.57
N ILE X 92 -33.01 -62.28 -11.48
CA ILE X 92 -32.37 -63.19 -10.53
C ILE X 92 -31.47 -64.12 -11.34
N ASN X 93 -30.17 -64.04 -11.06
CA ASN X 93 -29.19 -64.93 -11.70
C ASN X 93 -28.88 -66.06 -10.73
N LEU X 94 -29.42 -67.24 -10.99
CA LEU X 94 -29.19 -68.40 -10.13
C LEU X 94 -27.83 -69.01 -10.36
N UNK X 95 -27.16 -68.60 -11.44
CA UNK X 95 -25.83 -69.10 -11.76
C UNK X 95 -24.77 -68.50 -10.83
N LYS X 96 -25.14 -67.41 -10.15
CA LYS X 96 -24.23 -66.77 -9.21
C LYS X 96 -24.79 -66.78 -7.80
N SER X 97 -25.56 -67.82 -7.49
CA SER X 97 -26.13 -68.02 -6.16
C SER X 97 -25.59 -69.30 -5.54
N THR X 98 -25.53 -69.30 -4.21
CA THR X 98 -24.98 -70.43 -3.46
C THR X 98 -26.00 -70.92 -2.46
N ILE X 99 -26.31 -72.22 -2.51
CA ILE X 99 -27.23 -72.86 -1.58
C ILE X 99 -26.40 -73.56 -0.52
N GLN X 100 -26.72 -73.32 0.75
CA GLN X 100 -26.03 -73.97 1.85
C GLN X 100 -26.76 -75.25 2.23
N TRP X 101 -26.03 -76.36 2.30
CA TRP X 101 -26.61 -77.66 2.66
C TRP X 101 -26.21 -77.98 4.09
N ILE X 102 -27.15 -77.79 5.02
CA ILE X 102 -26.98 -78.26 6.38
C ILE X 102 -27.77 -79.55 6.51
N GLY X 103 -27.11 -80.67 6.23
CA GLY X 103 -27.78 -81.95 6.20
C GLY X 103 -27.52 -82.80 7.42
N PRO X 104 -27.96 -84.07 7.37
CA PRO X 104 -27.71 -84.97 8.51
C PRO X 104 -26.24 -85.21 8.79
N ASP X 105 -25.39 -85.19 7.76
CA ASP X 105 -23.98 -85.49 7.94
C ASP X 105 -23.03 -84.40 7.48
N UNK X 106 -23.30 -83.83 6.30
CA UNK X 106 -22.40 -82.81 5.74
C UNK X 106 -22.92 -81.40 5.99
N ALA X 107 -22.05 -80.42 5.79
CA ALA X 107 -22.41 -79.01 5.93
C ALA X 107 -21.49 -78.16 5.06
N THR X 108 -21.93 -77.88 3.84
CA THR X 108 -21.13 -77.16 2.87
C THR X 108 -21.98 -76.13 2.13
N THR X 109 -21.36 -75.48 1.15
CA THR X 109 -22.02 -74.51 0.28
C THR X 109 -21.87 -75.00 -1.15
N LEU X 110 -22.98 -75.08 -1.88
CA LEU X 110 -22.96 -75.58 -3.24
C LEU X 110 -22.83 -74.43 -4.23
N THR X 111 -21.90 -74.58 -5.17
CA THR X 111 -21.73 -73.64 -6.27
C THR X 111 -22.41 -74.19 -7.52
N TYR X 112 -22.60 -73.33 -8.51
CA TYR X 112 -23.28 -73.71 -9.75
C TYR X 112 -22.36 -74.65 -10.52
N UNK X 113 -22.91 -75.63 -11.24
CA UNK X 113 -22.15 -76.43 -12.19
C UNK X 113 -23.01 -76.87 -13.37
N UNK X 114 -22.38 -77.12 -14.51
CA UNK X 114 -23.10 -77.55 -15.69
C UNK X 114 -23.39 -79.04 -15.62
N UNK X 115 -24.52 -79.44 -16.23
CA UNK X 115 -24.97 -80.83 -16.26
C UNK X 115 -25.08 -81.42 -14.87
N UNK X 120 -23.80 -83.87 -10.58
CA UNK X 120 -23.58 -82.53 -10.05
C UNK X 120 -22.54 -82.56 -8.93
N UNK X 121 -22.32 -83.75 -8.38
CA UNK X 121 -21.36 -83.97 -7.30
C UNK X 121 -21.63 -83.05 -6.10
N GLU X 122 -20.73 -82.10 -5.87
CA GLU X 122 -20.81 -81.21 -4.73
C GLU X 122 -21.32 -79.85 -5.21
N ASN X 123 -22.12 -79.87 -6.27
CA ASN X 123 -22.63 -78.65 -6.89
C ASN X 123 -24.12 -78.82 -7.18
N PHE X 124 -24.69 -77.83 -7.87
CA PHE X 124 -26.09 -77.85 -8.25
C PHE X 124 -26.24 -77.31 -9.67
N THR X 125 -27.34 -77.71 -10.30
CA THR X 125 -27.65 -77.28 -11.67
C THR X 125 -29.11 -76.85 -11.73
N THR X 126 -29.45 -76.09 -12.76
CA THR X 126 -30.81 -75.61 -12.93
C THR X 126 -31.43 -76.09 -14.24
N UNK X 127 -32.70 -76.49 -14.18
CA UNK X 127 -33.43 -76.92 -15.37
C UNK X 127 -34.73 -76.14 -15.51
N SER X 128 -34.94 -75.53 -16.67
CA SER X 128 -36.09 -74.66 -16.88
C SER X 128 -37.41 -75.41 -16.89
N ILE X 129 -38.33 -74.99 -16.03
CA ILE X 129 -39.66 -75.57 -16.00
C ILE X 129 -40.65 -74.69 -16.77
N LYS X 130 -40.63 -73.39 -16.50
CA LYS X 130 -41.50 -72.43 -17.18
C LYS X 130 -40.72 -71.15 -17.43
N GLY X 131 -40.59 -70.78 -18.70
CA GLY X 131 -39.90 -69.55 -19.06
C GLY X 131 -38.94 -69.70 -20.23
N UNK X 132 -38.23 -68.62 -20.55
CA UNK X 132 -37.28 -68.63 -21.64
C UNK X 132 -35.90 -69.06 -21.16
N UNK X 133 -35.45 -68.49 -20.05
CA UNK X 133 -34.15 -68.80 -19.49
C UNK X 133 -34.13 -70.17 -18.83
N UNK X 134 -32.96 -70.60 -18.39
CA UNK X 134 -32.81 -71.87 -17.70
C UNK X 134 -31.95 -71.70 -16.46
N UNK X 135 -31.61 -70.45 -16.15
CA UNK X 135 -30.77 -70.15 -14.99
C UNK X 135 -31.02 -68.73 -14.49
N VAL X 136 -31.85 -67.98 -15.20
CA VAL X 136 -32.13 -66.60 -14.83
C VAL X 136 -33.62 -66.35 -14.70
N LEU X 137 -34.02 -65.68 -13.62
CA LEU X 137 -35.42 -65.31 -13.42
C LEU X 137 -35.63 -63.88 -13.91
N VAL X 138 -36.31 -63.72 -15.04
CA VAL X 138 -36.51 -62.39 -15.63
C VAL X 138 -37.90 -61.84 -15.35
N ASP X 139 -38.94 -62.65 -15.50
CA ASP X 139 -40.30 -62.21 -15.25
C ASP X 139 -40.89 -62.95 -14.05
N GLN X 140 -41.97 -62.39 -13.52
CA GLN X 140 -42.57 -62.94 -12.30
C GLN X 140 -43.11 -64.35 -12.52
N SER X 141 -43.35 -64.74 -13.77
CA SER X 141 -43.90 -66.05 -14.07
C SER X 141 -42.82 -67.12 -14.26
N ASP X 142 -41.54 -66.78 -14.11
CA ASP X 142 -40.49 -67.76 -14.30
C ASP X 142 -40.49 -68.81 -13.19
N ARG X 143 -40.34 -70.06 -13.59
CA ARG X 143 -40.20 -71.19 -12.67
C ARG X 143 -39.09 -72.08 -13.20
N ILE X 144 -37.90 -71.96 -12.61
CA ILE X 144 -36.77 -72.83 -12.95
C ILE X 144 -36.41 -73.66 -11.73
N LYS X 145 -36.23 -74.95 -11.96
CA LYS X 145 -36.02 -75.94 -10.91
C LYS X 145 -34.54 -76.09 -10.61
N VAL X 146 -34.19 -76.13 -9.33
CA VAL X 146 -32.82 -76.34 -8.90
C VAL X 146 -32.64 -77.83 -8.60
N ILE X 147 -31.69 -78.47 -9.27
CA ILE X 147 -31.42 -79.89 -9.06
C ILE X 147 -30.18 -80.05 -8.19
N MET X 148 -30.22 -81.06 -7.31
CA MET X 148 -29.16 -81.33 -6.35
C MET X 148 -29.04 -82.83 -6.17
N TYR X 149 -27.81 -83.35 -6.24
CA TYR X 149 -27.57 -84.78 -6.11
C TYR X 149 -27.36 -85.08 -4.63
N ALA X 150 -28.38 -85.62 -3.99
CA ALA X 150 -28.34 -85.88 -2.55
C ALA X 150 -27.39 -87.02 -2.21
N UNK X 151 -27.22 -87.95 -3.15
CA UNK X 151 -26.34 -89.09 -2.92
C UNK X 151 -24.92 -88.75 -3.36
N UNK X 152 -24.66 -87.46 -3.57
CA UNK X 152 -23.33 -87.00 -3.95
C UNK X 152 -22.83 -85.96 -2.95
N VAL X 153 -23.76 -85.24 -2.34
CA VAL X 153 -23.42 -84.25 -1.33
C VAL X 153 -23.45 -84.90 0.04
N UNK X 154 -24.09 -86.06 0.13
CA UNK X 154 -24.19 -86.81 1.38
C UNK X 154 -24.49 -88.27 1.10
N UNK X 155 -24.63 -89.05 2.16
CA UNK X 155 -24.94 -90.48 2.02
C UNK X 155 -26.44 -90.67 1.78
N UNK X 156 -26.88 -90.39 0.55
CA UNK X 156 -28.29 -90.46 0.18
C UNK X 156 -29.16 -89.63 1.11
N LEU X 157 -30.31 -90.17 1.49
CA LEU X 157 -31.22 -89.49 2.41
C LEU X 157 -32.17 -90.48 3.06
N UNK X 158 -32.05 -90.63 4.38
CA UNK X 158 -32.87 -91.60 5.11
C UNK X 158 -34.17 -90.97 5.61
N UNK X 159 -34.95 -91.75 6.33
CA UNK X 159 -36.24 -91.30 6.84
C UNK X 159 -36.08 -90.30 7.98
N GLY X 160 -36.82 -89.20 7.90
CA GLY X 160 -36.79 -88.17 8.93
C GLY X 160 -35.59 -87.26 8.85
N UNK X 161 -34.61 -87.64 8.04
CA UNK X 161 -33.38 -86.86 7.87
C UNK X 161 -33.69 -85.50 7.25
N GLU X 162 -33.99 -84.53 8.09
CA GLU X 162 -34.30 -83.18 7.63
C GLU X 162 -33.04 -82.49 7.12
N VAL X 163 -33.16 -81.79 6.00
CA VAL X 163 -32.06 -81.04 5.39
C VAL X 163 -32.44 -79.57 5.41
N GLN X 164 -31.57 -78.75 6.01
CA GLN X 164 -31.80 -77.31 6.13
C GLN X 164 -31.03 -76.60 5.02
N LEU X 165 -31.74 -75.90 4.15
CA LEU X 165 -31.13 -75.17 3.05
C LEU X 165 -31.45 -73.69 3.16
N THR X 166 -30.44 -72.85 2.90
CA THR X 166 -30.59 -71.39 2.89
C THR X 166 -30.06 -70.88 1.56
N VAL X 167 -30.96 -70.79 0.57
CA VAL X 167 -30.57 -70.27 -0.74
C VAL X 167 -30.23 -68.79 -0.60
N THR X 168 -29.05 -68.42 -1.11
CA THR X 168 -28.54 -67.07 -0.98
C THR X 168 -28.37 -66.45 -2.36
N THR X 169 -29.17 -65.43 -2.64
CA THR X 169 -29.00 -64.70 -3.89
C THR X 169 -27.73 -63.85 -3.83
N GLN X 170 -27.36 -63.28 -4.98
CA GLN X 170 -26.06 -62.62 -5.08
C GLN X 170 -26.00 -61.37 -4.21
N TYR X 171 -27.01 -60.50 -4.30
CA TYR X 171 -27.00 -59.27 -3.52
C TYR X 171 -27.01 -59.51 -2.02
N GLY X 172 -27.45 -60.68 -1.56
CA GLY X 172 -27.34 -60.98 -0.15
C GLY X 172 -28.59 -61.49 0.51
N SER X 173 -29.74 -61.34 -0.15
CA SER X 173 -30.99 -61.81 0.41
C SER X 173 -30.96 -63.32 0.56
N LYS X 174 -31.46 -63.81 1.69
CA LYS X 174 -31.40 -65.23 2.04
C LYS X 174 -32.79 -65.75 2.33
N THR X 175 -33.09 -66.94 1.81
CA THR X 175 -34.33 -67.64 2.09
C THR X 175 -34.01 -69.06 2.54
N THR X 176 -34.75 -69.53 3.54
CA THR X 176 -34.47 -70.84 4.15
C THR X 176 -35.66 -71.75 3.97
N TYR X 177 -35.39 -73.00 3.58
CA TYR X 177 -36.39 -74.05 3.51
C TYR X 177 -35.89 -75.24 4.32
N TRP X 178 -36.69 -75.67 5.29
CA TRP X 178 -36.36 -76.83 6.13
C TRP X 178 -36.94 -78.10 5.49
N ALA X 179 -36.24 -78.58 4.46
CA ALA X 179 -36.67 -79.79 3.76
C ALA X 179 -36.69 -80.96 4.74
N GLN X 180 -37.89 -81.43 5.08
CA GLN X 180 -38.09 -82.45 6.10
C GLN X 180 -38.71 -83.64 5.38
N VAL X 181 -37.91 -84.68 5.16
CA VAL X 181 -38.38 -85.85 4.41
C VAL X 181 -39.40 -86.62 5.27
N PRO X 182 -40.54 -87.02 4.71
CA PRO X 182 -41.55 -87.69 5.53
C PRO X 182 -41.03 -88.94 6.20
N GLU X 183 -41.54 -89.21 7.40
CA GLU X 183 -41.00 -90.29 8.23
C GLU X 183 -41.15 -91.65 7.56
N SER X 184 -42.19 -91.83 6.76
CA SER X 184 -42.43 -93.08 6.05
C SER X 184 -42.31 -92.86 4.56
N LEU X 185 -41.48 -93.66 3.90
CA LEU X 185 -41.32 -93.61 2.45
C LEU X 185 -41.65 -94.94 1.78
N LYS X 186 -42.37 -95.82 2.46
CA LYS X 186 -42.73 -97.10 1.86
C LYS X 186 -43.74 -96.89 0.73
N ASP X 187 -43.47 -97.50 -0.42
CA ASP X 187 -44.35 -97.44 -1.58
C ASP X 187 -44.61 -96.00 -2.01
N LYS X 188 -43.53 -95.26 -2.26
CA LYS X 188 -43.62 -93.88 -2.73
C LYS X 188 -42.55 -93.67 -3.79
N ASN X 189 -42.95 -93.68 -5.06
CA ASN X 189 -42.02 -93.38 -6.14
C ASN X 189 -41.51 -91.94 -6.03
N ALA X 190 -42.40 -90.99 -5.75
CA ALA X 190 -42.03 -89.60 -5.55
C ALA X 190 -42.56 -89.13 -4.21
N VAL X 191 -41.91 -88.13 -3.65
CA VAL X 191 -42.28 -87.65 -2.32
C VAL X 191 -42.24 -86.13 -2.25
N UNK X 192 -43.04 -85.56 -1.36
CA UNK X 192 -43.05 -84.11 -1.17
C UNK X 192 -42.22 -83.74 0.05
N LEU X 193 -40.96 -83.37 -0.18
CA LEU X 193 -40.05 -83.04 0.89
C LEU X 193 -40.48 -81.78 1.64
N GLN Y 13 80.38 103.74 -25.06
CA GLN Y 13 81.39 102.85 -24.49
C GLN Y 13 80.75 101.73 -23.68
N VAL Y 14 81.08 101.67 -22.40
CA VAL Y 14 80.51 100.64 -21.52
C VAL Y 14 78.99 100.82 -21.41
N GLY Y 15 78.55 102.06 -21.23
CA GLY Y 15 77.11 102.32 -21.16
C GLY Y 15 76.41 102.03 -22.48
N ILE Y 16 77.00 102.47 -23.59
CA ILE Y 16 76.41 102.20 -24.90
C ILE Y 16 76.39 100.70 -25.17
N GLY Y 17 77.49 100.01 -24.87
CA GLY Y 17 77.51 98.57 -25.03
C GLY Y 17 76.48 97.87 -24.17
N THR Y 18 76.27 98.38 -22.95
CA THR Y 18 75.27 97.79 -22.06
C THR Y 18 73.87 97.95 -22.64
N LEU Y 19 73.57 99.11 -23.22
CA LEU Y 19 72.25 99.33 -23.81
C LEU Y 19 72.01 98.41 -24.99
N ILE Y 20 73.03 98.23 -25.85
CA ILE Y 20 72.86 97.39 -27.04
C ILE Y 20 72.63 95.94 -26.64
N VAL Y 21 73.43 95.43 -25.71
CA VAL Y 21 73.29 94.04 -25.31
C VAL Y 21 71.99 93.83 -24.56
N PHE Y 22 71.58 94.80 -23.73
CA PHE Y 22 70.36 94.65 -22.95
C PHE Y 22 69.15 94.42 -23.86
N ILE Y 23 69.13 95.08 -25.02
CA ILE Y 23 68.09 94.80 -26.00
C ILE Y 23 68.19 93.35 -26.47
N ALA Y 24 69.41 92.86 -26.68
CA ALA Y 24 69.59 91.49 -27.13
C ALA Y 24 69.06 90.50 -26.09
N MET Y 25 69.40 90.68 -24.82
CA MET Y 25 68.89 89.79 -23.78
C MET Y 25 67.37 89.82 -23.74
N VAL Y 26 66.78 91.00 -23.96
CA VAL Y 26 65.33 91.08 -24.11
C VAL Y 26 64.86 90.30 -25.33
N LEU Y 27 65.58 90.45 -26.44
CA LEU Y 27 65.20 89.76 -27.67
C LEU Y 27 65.39 88.25 -27.55
N VAL Y 28 66.54 87.82 -27.04
CA VAL Y 28 66.77 86.37 -26.92
C VAL Y 28 65.81 85.76 -25.90
N ALA Y 29 65.39 86.54 -24.91
CA ALA Y 29 64.35 86.07 -24.01
C ALA Y 29 63.01 85.97 -24.72
N ALA Y 30 62.72 86.93 -25.62
CA ALA Y 30 61.44 86.94 -26.31
C ALA Y 30 61.25 85.69 -27.16
N ILE Y 31 62.28 85.32 -27.93
CA ILE Y 31 62.21 84.09 -28.72
C ILE Y 31 62.20 82.87 -27.81
N ALA Y 32 62.97 82.93 -26.72
CA ALA Y 32 62.94 81.85 -25.74
C ALA Y 32 61.57 81.74 -25.09
N ALA Y 33 60.97 82.88 -24.73
CA ALA Y 33 59.62 82.85 -24.20
C ALA Y 33 58.63 82.36 -25.24
N GLY Y 34 58.82 82.77 -26.49
CA GLY Y 34 57.94 82.39 -27.57
C GLY Y 34 57.89 80.90 -27.85
N VAL Y 35 59.06 80.24 -27.85
CA VAL Y 35 59.10 78.82 -28.22
C VAL Y 35 58.39 77.97 -27.17
N LEU Y 36 58.56 78.31 -25.89
CA LEU Y 36 57.89 77.54 -24.85
C LEU Y 36 56.38 77.67 -24.95
N ILE Y 37 55.88 78.90 -25.08
CA ILE Y 37 54.44 79.11 -25.16
C ILE Y 37 53.87 78.49 -26.43
N ASN Y 38 54.55 78.66 -27.56
CA ASN Y 38 54.07 78.08 -28.82
C ASN Y 38 54.08 76.56 -28.76
N THR Y 39 55.11 75.97 -28.15
CA THR Y 39 55.15 74.53 -27.98
C THR Y 39 53.99 74.06 -27.11
N ALA Y 40 53.72 74.78 -26.02
CA ALA Y 40 52.63 74.41 -25.13
C ALA Y 40 51.29 74.51 -25.86
N GLY Y 41 51.15 75.50 -26.74
CA GLY Y 41 49.92 75.63 -27.51
C GLY Y 41 49.66 74.42 -28.39
N TYR Y 42 50.72 73.90 -29.01
CA TYR Y 42 50.58 72.72 -29.85
C TYR Y 42 50.15 71.51 -29.03
N LEU Y 43 50.85 71.26 -27.91
CA LEU Y 43 50.56 70.07 -27.11
C LEU Y 43 49.16 70.14 -26.50
N GLN Y 44 48.65 71.35 -26.22
CA GLN Y 44 47.31 71.48 -25.67
C GLN Y 44 46.27 70.98 -26.68
N SER Y 45 46.50 71.23 -27.97
CA SER Y 45 45.59 70.75 -28.99
C SER Y 45 45.70 69.23 -29.14
N LYS Y 46 46.94 68.72 -29.15
CA LYS Y 46 47.14 67.28 -29.22
C LYS Y 46 46.64 66.59 -27.94
N GLY Y 47 46.90 67.20 -26.78
CA GLY Y 47 46.48 66.59 -25.53
C GLY Y 47 44.97 66.51 -25.41
N SER Y 48 44.28 67.60 -25.73
CA SER Y 48 42.82 67.61 -25.64
C SER Y 48 42.21 66.62 -26.63
N ALA Y 49 42.75 66.56 -27.84
CA ALA Y 49 42.21 65.65 -28.85
C ALA Y 49 42.38 64.19 -28.42
N THR Y 50 43.55 63.85 -27.87
CA THR Y 50 43.80 62.48 -27.43
C THR Y 50 42.86 62.09 -26.29
N GLY Y 51 42.64 63.02 -25.35
CA GLY Y 51 41.76 62.72 -24.23
C GLY Y 51 40.33 62.43 -24.68
N GLU Y 52 39.82 63.24 -25.60
CA GLU Y 52 38.46 63.03 -26.09
C GLU Y 52 38.38 61.77 -26.95
N GLU Y 53 39.37 61.55 -27.82
CA GLU Y 53 39.35 60.38 -28.69
C GLU Y 53 39.47 59.09 -27.90
N ALA Y 54 40.38 59.05 -26.91
CA ALA Y 54 40.55 57.84 -26.12
C ALA Y 54 39.31 57.55 -25.29
N SER Y 55 38.72 58.58 -24.68
CA SER Y 55 37.47 58.38 -23.96
C SER Y 55 36.37 57.94 -24.89
N ALA Y 56 36.33 58.49 -26.10
CA ALA Y 56 35.35 58.04 -27.09
C ALA Y 56 35.59 56.58 -27.47
N GLN Y 57 36.86 56.16 -27.52
CA GLN Y 57 37.17 54.79 -27.88
C GLN Y 57 36.63 53.80 -26.85
N VAL Y 58 36.73 54.15 -25.56
CA VAL Y 58 36.34 53.23 -24.49
C VAL Y 58 34.88 53.37 -24.10
N SER Y 59 34.16 54.34 -24.65
CA SER Y 59 32.78 54.61 -24.23
C SER Y 59 31.77 54.29 -25.32
N ASN Y 60 31.94 54.79 -26.55
CA ASN Y 60 30.95 54.56 -27.59
C ASN Y 60 31.04 53.12 -28.09
N ARG Y 61 30.21 52.25 -27.51
CA ARG Y 61 30.19 50.85 -27.85
C ARG Y 61 28.82 50.50 -28.42
N ILE Y 62 28.75 49.35 -29.08
CA ILE Y 62 27.51 48.87 -29.68
C ILE Y 62 27.07 47.61 -28.95
N ASN Y 63 25.87 47.63 -28.39
CA ASN Y 63 25.31 46.49 -27.69
C ASN Y 63 24.30 45.78 -28.59
N ILE Y 64 24.52 44.50 -28.83
CA ILE Y 64 23.66 43.72 -29.70
C ILE Y 64 22.48 43.19 -28.89
N VAL Y 65 21.31 43.83 -29.02
CA VAL Y 65 20.15 43.44 -28.24
C VAL Y 65 19.71 42.02 -28.61
N SER Y 66 19.60 41.75 -29.90
CA SER Y 66 19.17 40.43 -30.36
C SER Y 66 19.62 40.24 -31.80
N ALA Y 67 19.63 38.98 -32.22
CA ALA Y 67 19.95 38.62 -33.60
C ALA Y 67 19.05 37.48 -34.04
N TYR Y 68 18.37 37.67 -35.17
CA TYR Y 68 17.46 36.66 -35.69
C TYR Y 68 17.66 36.54 -37.20
N GLY Y 69 17.29 35.39 -37.73
CA GLY Y 69 17.51 35.13 -39.14
C GLY Y 69 16.34 34.47 -39.85
N ASN Y 70 16.04 34.92 -41.07
CA ASN Y 70 15.00 34.31 -41.87
C ASN Y 70 15.43 32.92 -42.32
N VAL Y 71 14.46 32.02 -42.43
CA VAL Y 71 14.73 30.65 -42.85
C VAL Y 71 13.86 30.27 -44.05
N UNK Y 72 14.51 30.00 -45.17
CA UNK Y 72 13.83 29.50 -46.36
C UNK Y 72 14.34 28.10 -46.69
N UNK Y 73 13.47 27.26 -47.23
CA UNK Y 73 13.79 25.86 -47.52
C UNK Y 73 14.28 25.16 -46.25
N UNK Y 74 15.57 25.32 -45.95
CA UNK Y 74 16.15 24.74 -44.75
C UNK Y 74 17.46 25.43 -44.40
N UNK Y 75 17.63 26.65 -44.89
CA UNK Y 75 18.86 27.39 -44.63
C UNK Y 75 18.56 28.85 -44.27
N VAL Y 76 19.43 29.44 -43.46
CA VAL Y 76 19.29 30.83 -43.05
C VAL Y 76 19.86 31.75 -44.11
N ASP Y 77 18.99 32.56 -44.73
CA ASP Y 77 19.41 33.45 -45.81
C ASP Y 77 19.86 34.82 -45.30
N TYR Y 78 19.15 35.40 -44.34
CA TYR Y 78 19.47 36.70 -43.79
C TYR Y 78 19.88 36.57 -42.34
N VAL Y 79 20.81 37.43 -41.93
CA VAL Y 79 21.21 37.55 -40.53
C VAL Y 79 21.02 39.01 -40.13
N ASN Y 80 20.07 39.25 -39.23
CA ASN Y 80 19.68 40.60 -38.83
C ASN Y 80 20.13 40.85 -37.40
N LEU Y 81 20.71 42.02 -37.17
CA LEU Y 81 21.27 42.39 -35.87
C LEU Y 81 20.58 43.66 -35.38
N THR Y 82 19.90 43.57 -34.24
CA THR Y 82 19.28 44.74 -33.62
C THR Y 82 20.26 45.34 -32.62
N VAL Y 83 20.93 46.42 -33.00
CA VAL Y 83 21.98 47.02 -32.18
C VAL Y 83 21.38 48.15 -31.37
N ARG Y 84 22.10 48.54 -30.31
CA ARG Y 84 21.66 49.59 -29.41
C ARG Y 84 22.87 50.31 -28.84
N GLN Y 85 22.71 51.61 -28.60
CA GLN Y 85 23.78 52.43 -28.03
C GLN Y 85 24.15 51.92 -26.65
N ALA Y 86 25.45 51.99 -26.33
CA ALA Y 86 25.95 51.54 -25.05
C ALA Y 86 25.68 52.58 -23.96
N ALA Y 87 25.95 52.19 -22.72
CA ALA Y 87 25.74 53.09 -21.60
C ALA Y 87 26.71 54.26 -21.68
N GLY Y 88 26.17 55.47 -21.58
CA GLY Y 88 26.96 56.68 -21.61
C GLY Y 88 27.78 56.86 -22.87
N ALA Y 89 27.19 56.51 -24.01
CA ALA Y 89 27.87 56.62 -25.30
C ALA Y 89 27.44 57.89 -26.03
N ASP Y 90 28.29 58.32 -26.95
CA ASP Y 90 28.05 59.52 -27.75
C ASP Y 90 27.33 59.08 -29.03
N ASN Y 91 27.20 59.98 -30.00
CA ASN Y 91 26.57 59.64 -31.26
C ASN Y 91 27.42 58.61 -32.02
N ILE Y 92 26.82 57.48 -32.35
CA ILE Y 92 27.50 56.39 -33.03
C ILE Y 92 26.95 56.29 -34.45
N ASN Y 93 27.82 56.51 -35.44
CA ASN Y 93 27.44 56.40 -36.84
C ASN Y 93 27.69 54.97 -37.31
N LEU Y 94 26.63 54.30 -37.72
CA LEU Y 94 26.73 52.91 -38.12
C LEU Y 94 27.27 52.75 -39.54
N UNK Y 95 27.34 53.85 -40.28
CA UNK Y 95 27.85 53.82 -41.64
C UNK Y 95 29.37 53.91 -41.64
N LYS Y 96 29.95 54.10 -40.46
CA LYS Y 96 31.41 54.13 -40.32
C LYS Y 96 31.89 52.88 -39.57
N SER Y 97 31.06 51.84 -39.58
CA SER Y 97 31.34 50.63 -38.84
C SER Y 97 31.56 49.46 -39.81
N THR Y 98 32.40 48.53 -39.38
CA THR Y 98 32.72 47.35 -40.18
C THR Y 98 32.53 46.10 -39.32
N ILE Y 99 32.09 45.01 -39.93
CA ILE Y 99 31.77 43.78 -39.25
C ILE Y 99 32.65 42.66 -39.82
N GLN Y 100 33.25 41.88 -38.93
CA GLN Y 100 34.10 40.75 -39.32
C GLN Y 100 33.25 39.48 -39.35
N TRP Y 101 33.00 38.97 -40.56
CA TRP Y 101 32.24 37.73 -40.72
C TRP Y 101 33.24 36.57 -40.77
N ILE Y 102 33.44 35.95 -39.61
CA ILE Y 102 34.23 34.72 -39.53
C ILE Y 102 33.26 33.55 -39.65
N GLY Y 103 33.00 33.11 -40.88
CA GLY Y 103 32.09 32.03 -41.10
C GLY Y 103 32.79 30.69 -41.17
N PRO Y 104 31.97 29.62 -41.18
CA PRO Y 104 32.56 28.28 -41.34
C PRO Y 104 33.25 28.10 -42.69
N ASP Y 105 32.75 28.77 -43.73
CA ASP Y 105 33.28 28.58 -45.08
C ASP Y 105 33.98 29.83 -45.61
N UNK Y 106 33.98 30.90 -44.83
CA UNK Y 106 34.58 32.16 -45.27
C UNK Y 106 35.12 32.96 -44.09
N ALA Y 107 35.81 34.07 -44.39
CA ALA Y 107 36.39 34.92 -43.36
C ALA Y 107 36.72 36.30 -43.90
N THR Y 108 35.68 37.08 -44.20
CA THR Y 108 35.83 38.42 -44.74
C THR Y 108 35.37 39.46 -43.72
N THR Y 109 35.55 40.74 -44.08
CA THR Y 109 35.12 41.87 -43.26
C THR Y 109 34.10 42.66 -44.07
N LEU Y 110 32.93 42.88 -43.48
CA LEU Y 110 31.85 43.56 -44.17
C LEU Y 110 31.95 45.07 -43.99
N THR Y 111 31.48 45.82 -44.98
CA THR Y 111 31.49 47.27 -44.96
C THR Y 111 30.10 47.80 -45.30
N TYR Y 112 29.90 49.09 -45.08
CA TYR Y 112 28.57 49.71 -45.24
C TYR Y 112 28.12 49.77 -46.70
N UNK Y 113 26.80 49.83 -46.89
CA UNK Y 113 26.21 49.97 -48.22
C UNK Y 113 24.84 50.63 -48.14
N UNK Y 114 24.02 50.39 -49.16
CA UNK Y 114 22.67 50.94 -49.22
C UNK Y 114 21.76 50.06 -50.07
N UNK Y 115 20.63 49.67 -49.49
CA UNK Y 115 19.65 48.82 -50.17
C UNK Y 115 20.27 47.54 -50.70
N UNK Y 119 19.78 41.81 -51.73
CA UNK Y 119 21.09 41.45 -52.27
C UNK Y 119 22.14 42.48 -51.86
N UNK Y 120 22.60 42.37 -50.61
CA UNK Y 120 23.60 43.29 -50.08
C UNK Y 120 25.01 42.80 -50.39
N UNK Y 121 25.09 41.63 -51.04
CA UNK Y 121 26.37 41.03 -51.43
C UNK Y 121 27.30 40.82 -50.25
N GLU Y 122 28.46 41.47 -50.30
CA GLU Y 122 29.48 41.34 -49.27
C GLU Y 122 29.42 42.48 -48.26
N ASN Y 123 28.39 43.32 -48.37
CA ASN Y 123 28.22 44.48 -47.52
C ASN Y 123 27.00 44.29 -46.63
N PHE Y 124 26.90 45.12 -45.58
CA PHE Y 124 25.76 45.11 -44.69
C PHE Y 124 24.97 46.41 -44.84
N THR Y 125 23.66 46.31 -44.73
CA THR Y 125 22.75 47.44 -44.88
C THR Y 125 21.98 47.66 -43.59
N THR Y 126 21.75 48.92 -43.24
CA THR Y 126 21.06 49.26 -42.01
C THR Y 126 19.61 49.71 -42.27
N UNK Y 127 18.69 49.18 -41.47
CA UNK Y 127 17.28 49.56 -41.56
C UNK Y 127 16.75 49.89 -40.17
N SER Y 128 16.15 51.07 -40.02
CA SER Y 128 15.72 51.55 -38.70
C SER Y 128 14.55 50.78 -38.14
N ILE Y 129 14.50 50.67 -36.81
CA ILE Y 129 13.38 50.07 -36.10
C ILE Y 129 12.68 51.07 -35.19
N LYS Y 130 13.46 51.84 -34.42
CA LYS Y 130 12.93 52.89 -33.56
C LYS Y 130 13.88 54.06 -33.55
N GLY Y 131 13.37 55.25 -33.86
CA GLY Y 131 14.19 56.45 -33.84
C GLY Y 131 14.00 57.35 -35.05
N UNK Y 132 14.93 58.29 -35.23
CA UNK Y 132 14.85 59.25 -36.33
C UNK Y 132 15.60 58.73 -37.56
N UNK Y 133 16.91 58.90 -37.56
CA UNK Y 133 17.73 58.48 -38.70
C UNK Y 133 17.90 56.97 -38.72
N UNK Y 134 18.32 56.44 -39.87
CA UNK Y 134 18.47 55.00 -40.04
C UNK Y 134 19.93 54.61 -40.28
N UNK Y 135 20.86 55.31 -39.65
CA UNK Y 135 22.27 55.04 -39.82
C UNK Y 135 23.11 55.59 -38.68
N VAL Y 136 22.47 56.01 -37.60
CA VAL Y 136 23.18 56.59 -36.47
C VAL Y 136 22.32 56.56 -35.21
N LEU Y 137 22.91 56.12 -34.10
CA LEU Y 137 22.24 56.14 -32.81
C LEU Y 137 22.43 57.51 -32.17
N VAL Y 138 21.34 58.10 -31.70
CA VAL Y 138 21.37 59.41 -31.06
C VAL Y 138 21.05 59.32 -29.57
N ASP Y 139 19.95 58.66 -29.22
CA ASP Y 139 19.55 58.48 -27.83
C ASP Y 139 19.55 57.00 -27.46
N GLN Y 140 19.40 56.74 -26.17
CA GLN Y 140 19.42 55.35 -25.70
C GLN Y 140 18.27 54.53 -26.25
N SER Y 141 17.15 55.20 -26.59
CA SER Y 141 15.98 54.47 -27.08
C SER Y 141 16.17 53.98 -28.51
N ASP Y 142 17.01 54.65 -29.29
CA ASP Y 142 17.18 54.29 -30.70
C ASP Y 142 17.77 52.90 -30.84
N ARG Y 143 17.22 52.13 -31.82
CA ARG Y 143 17.65 50.75 -32.08
C ARG Y 143 17.47 50.48 -33.57
N ILE Y 144 18.58 50.54 -34.32
CA ILE Y 144 18.55 50.22 -35.75
C ILE Y 144 18.80 48.73 -35.93
N LYS Y 145 18.46 48.21 -37.11
CA LYS Y 145 18.67 46.81 -37.46
C LYS Y 145 19.71 46.71 -38.55
N VAL Y 146 20.60 45.73 -38.42
CA VAL Y 146 21.72 45.54 -39.33
C VAL Y 146 21.39 44.32 -40.19
N ILE Y 147 21.35 44.52 -41.50
CA ILE Y 147 21.01 43.47 -42.44
C ILE Y 147 22.29 42.84 -42.98
N MET Y 148 22.37 41.53 -42.95
CA MET Y 148 23.55 40.81 -43.43
C MET Y 148 23.09 39.57 -44.18
N TYR Y 149 23.24 39.58 -45.50
CA TYR Y 149 22.90 38.41 -46.30
C TYR Y 149 23.88 37.28 -46.01
N ALA Y 150 23.36 36.05 -45.94
CA ALA Y 150 24.19 34.89 -45.65
C ALA Y 150 24.52 34.12 -46.92
N UNK Y 151 23.59 34.09 -47.86
CA UNK Y 151 23.78 33.37 -49.12
C UNK Y 151 24.48 34.25 -50.14
N UNK Y 152 25.16 35.29 -49.65
CA UNK Y 152 25.91 36.19 -50.53
C UNK Y 152 27.36 36.28 -50.04
N VAL Y 153 27.54 36.36 -48.73
CA VAL Y 153 28.87 36.39 -48.14
C VAL Y 153 29.42 34.98 -48.03
N UNK Y 154 28.55 33.99 -48.20
CA UNK Y 154 28.94 32.60 -48.11
C UNK Y 154 27.94 31.71 -48.84
N UNK Y 155 28.07 30.40 -48.67
CA UNK Y 155 27.15 29.45 -49.28
C UNK Y 155 26.02 29.10 -48.32
N UNK Y 156 25.25 30.10 -47.93
CA UNK Y 156 24.13 29.96 -47.00
C UNK Y 156 24.56 29.42 -45.63
N LEU Y 157 23.60 29.26 -44.74
CA LEU Y 157 23.87 28.79 -43.38
C LEU Y 157 23.05 27.55 -43.04
N UNK Y 158 23.73 26.46 -42.75
CA UNK Y 158 23.06 25.23 -42.33
C UNK Y 158 22.98 25.16 -40.82
N UNK Y 159 22.31 24.12 -40.31
CA UNK Y 159 22.14 23.96 -38.88
C UNK Y 159 23.47 23.67 -38.17
N GLY Y 160 23.77 24.47 -37.16
CA GLY Y 160 24.97 24.27 -36.37
C GLY Y 160 26.14 25.12 -36.83
N UNK Y 161 26.04 25.66 -38.04
CA UNK Y 161 27.11 26.49 -38.60
C UNK Y 161 27.29 27.77 -37.80
N GLU Y 162 28.11 27.71 -36.76
CA GLU Y 162 28.38 28.86 -35.91
C GLU Y 162 29.17 29.92 -36.67
N VAL Y 163 28.71 31.16 -36.60
CA VAL Y 163 29.35 32.29 -37.28
C VAL Y 163 29.71 33.33 -36.23
N GLN Y 164 30.94 33.85 -36.31
CA GLN Y 164 31.44 34.81 -35.34
C GLN Y 164 31.46 36.20 -35.97
N LEU Y 165 30.86 37.17 -35.28
CA LEU Y 165 30.83 38.56 -35.74
C LEU Y 165 31.51 39.45 -34.71
N THR Y 166 32.24 40.46 -35.21
CA THR Y 166 32.77 41.54 -34.39
C THR Y 166 32.39 42.85 -35.05
N VAL Y 167 31.55 43.63 -34.38
CA VAL Y 167 31.10 44.92 -34.91
C VAL Y 167 32.05 46.00 -34.40
N THR Y 168 32.93 46.48 -35.28
CA THR Y 168 33.93 47.47 -34.93
C THR Y 168 33.37 48.87 -35.16
N THR Y 169 33.41 49.69 -34.11
CA THR Y 169 32.93 51.05 -34.19
C THR Y 169 33.97 51.92 -34.92
N GLN Y 170 33.58 53.16 -35.23
CA GLN Y 170 34.51 54.09 -35.89
C GLN Y 170 35.70 54.40 -34.98
N TYR Y 171 35.47 54.53 -33.68
CA TYR Y 171 36.51 54.88 -32.74
C TYR Y 171 37.27 53.68 -32.19
N GLY Y 172 36.91 52.47 -32.60
CA GLY Y 172 37.68 51.28 -32.30
C GLY Y 172 37.03 50.31 -31.34
N SER Y 173 35.97 50.73 -30.64
CA SER Y 173 35.31 49.82 -29.70
C SER Y 173 34.69 48.65 -30.44
N LYS Y 174 34.92 47.44 -29.91
CA LYS Y 174 34.54 46.20 -30.58
C LYS Y 174 33.52 45.45 -29.74
N THR Y 175 32.53 44.87 -30.43
CA THR Y 175 31.53 44.01 -29.79
C THR Y 175 31.44 42.72 -30.59
N THR Y 176 31.52 41.58 -29.89
CA THR Y 176 31.48 40.28 -30.54
C THR Y 176 30.16 39.57 -30.22
N TYR Y 177 29.67 38.81 -31.19
CA TYR Y 177 28.45 38.01 -31.03
C TYR Y 177 28.68 36.67 -31.72
N TRP Y 178 28.67 35.59 -30.93
CA TRP Y 178 28.86 34.24 -31.46
C TRP Y 178 27.49 33.72 -31.90
N ALA Y 179 27.03 34.23 -33.05
CA ALA Y 179 25.74 33.84 -33.58
C ALA Y 179 25.77 32.37 -33.98
N GLN Y 180 25.12 31.52 -33.20
CA GLN Y 180 25.09 30.08 -33.43
C GLN Y 180 23.72 29.70 -33.97
N VAL Y 181 23.69 29.10 -35.15
CA VAL Y 181 22.45 28.63 -35.77
C VAL Y 181 21.93 27.46 -34.93
N PRO Y 182 20.62 27.36 -34.71
CA PRO Y 182 20.08 26.20 -33.99
C PRO Y 182 20.41 24.89 -34.68
N GLU Y 183 20.60 23.85 -33.88
CA GLU Y 183 20.99 22.55 -34.42
C GLU Y 183 19.91 21.94 -35.30
N SER Y 184 18.67 22.41 -35.19
CA SER Y 184 17.58 21.95 -36.05
C SER Y 184 16.83 23.15 -36.60
N LEU Y 185 16.51 23.10 -37.90
CA LEU Y 185 15.82 24.18 -38.59
C LEU Y 185 14.53 23.72 -39.26
N LYS Y 186 13.99 22.57 -38.87
CA LYS Y 186 12.82 22.03 -39.56
C LYS Y 186 11.54 22.73 -39.12
N ASP Y 187 10.76 23.21 -40.09
CA ASP Y 187 9.48 23.86 -39.84
C ASP Y 187 9.62 25.06 -38.91
N LYS Y 188 10.71 25.81 -39.07
CA LYS Y 188 10.94 27.06 -38.34
C LYS Y 188 11.10 28.15 -39.39
N ASN Y 189 10.07 28.99 -39.55
CA ASN Y 189 10.13 30.05 -40.55
C ASN Y 189 11.21 31.06 -40.19
N ALA Y 190 11.32 31.40 -38.92
CA ALA Y 190 12.36 32.29 -38.43
C ALA Y 190 12.90 31.76 -37.10
N VAL Y 191 14.23 31.82 -36.96
CA VAL Y 191 14.88 31.34 -35.75
C VAL Y 191 15.70 32.44 -35.11
N UNK Y 192 16.19 32.18 -33.90
CA UNK Y 192 17.01 33.14 -33.17
C UNK Y 192 18.45 32.66 -33.08
N LEU Y 193 19.32 33.25 -33.93
CA LEU Y 193 20.73 32.88 -33.95
C LEU Y 193 21.42 33.27 -32.65
#